data_2QMI
#
_entry.id   2QMI
#
_cell.length_a   100.940
_cell.length_b   105.630
_cell.length_c   112.920
_cell.angle_alpha   72.170
_cell.angle_beta   66.510
_cell.angle_gamma   81.390
#
_symmetry.space_group_name_H-M   'P 1'
#
loop_
_entity.id
_entity.type
_entity.pdbx_description
1 polymer 'Pbp related beta-lactamase'
2 non-polymer 'LUTETIUM (III) ION'
3 non-polymer '10-((2R)-2-HYDROXYPROPYL)-1,4,7,10-TETRAAZACYCLODODECANE 1,4,7-TRIACETIC ACID'
4 water water
#
_entity_poly.entity_id   1
_entity_poly.type   'polypeptide(L)'
_entity_poly.pdbx_seq_one_letter_code
;MDVGKLESFIVEKMAERKVPGISISIIKDGDVVYAKGFGYRNVEARLPSTPETIYGIGSITKSFTALAIMKLVEEGGLSL
DDPVEKFVNIKLRPFGEPVTVHHLLTHSSGIPSLGYAEAFIDGMVGGDNWLPVSTPEETIAFARDMEKWAVAKPGERFFY
LNTGYVLLGKIIEKVSGVSYEEYIKKKILEPLGMNRSYFFKEEVEKDKDVAMGYILDKEGRLVPQPFPYGITADGGLLSS
VLDLAKYLKMYIERDESIVSKEYIEKMETSYIKVPWEIFGGEGYGYGLIIYPNFLGEKLVGHSGSVGMYTGYIGYIPEKK
IGVAVLENSSGYPPSYIAMYALALLLGKNPEKELPFIYRERILKKVEGRYMGYKGTIKFEVKVDGDVVYLRALGRAFTYT
IPLFPEVLEEDFIKCYTLSNGRKMYAEFYIKDNKVDLIFERYRLIKS
;
_entity_poly.pdbx_strand_id   A,B,C,D,E,F,G,H
#
loop_
_chem_comp.id
_chem_comp.type
_chem_comp.name
_chem_comp.formula
DO3 non-polymer '10-((2R)-2-HYDROXYPROPYL)-1,4,7,10-TETRAAZACYCLODODECANE 1,4,7-TRIACETIC ACID' 'C17 H32 N4 O7'
LU non-polymer 'LUTETIUM (III) ION' 'Lu 3'
#
# COMPACT_ATOMS: atom_id res chain seq x y z
N MET A 1 -4.07 43.53 37.02
CA MET A 1 -4.06 42.78 35.73
C MET A 1 -5.32 41.95 35.58
N ASP A 2 -5.75 41.76 34.34
CA ASP A 2 -6.95 40.98 34.03
C ASP A 2 -6.59 39.51 33.85
N VAL A 3 -6.37 38.81 34.97
CA VAL A 3 -6.00 37.40 34.93
C VAL A 3 -6.97 36.51 34.16
N GLY A 4 -8.27 36.77 34.29
CA GLY A 4 -9.25 35.97 33.57
C GLY A 4 -8.95 35.98 32.08
N LYS A 5 -8.61 37.17 31.57
CA LYS A 5 -8.28 37.34 30.17
C LYS A 5 -6.99 36.57 29.84
N LEU A 6 -6.00 36.65 30.74
CA LEU A 6 -4.74 35.97 30.50
C LEU A 6 -4.85 34.43 30.54
N GLU A 7 -5.47 33.91 31.60
CA GLU A 7 -5.62 32.47 31.73
C GLU A 7 -6.48 31.91 30.59
N SER A 8 -7.54 32.63 30.24
CA SER A 8 -8.43 32.22 29.16
C SER A 8 -7.58 32.06 27.89
N PHE A 9 -6.79 33.08 27.60
CA PHE A 9 -5.93 33.09 26.43
C PHE A 9 -4.99 31.88 26.43
N ILE A 10 -4.32 31.67 27.56
CA ILE A 10 -3.37 30.58 27.70
C ILE A 10 -3.96 29.20 27.46
N VAL A 11 -5.12 28.91 28.05
CA VAL A 11 -5.75 27.61 27.89
C VAL A 11 -6.24 27.36 26.46
N GLU A 12 -6.61 28.43 25.77
CA GLU A 12 -7.09 28.31 24.40
C GLU A 12 -5.93 28.03 23.44
N LYS A 13 -4.78 28.64 23.71
CA LYS A 13 -3.62 28.42 22.86
C LYS A 13 -3.06 27.02 23.01
N MET A 14 -3.05 26.53 24.26
CA MET A 14 -2.55 25.17 24.53
C MET A 14 -3.43 24.14 23.85
N ALA A 15 -4.73 24.34 23.91
CA ALA A 15 -5.66 23.41 23.26
C ALA A 15 -5.42 23.42 21.75
N GLU A 16 -5.48 24.61 21.17
CA GLU A 16 -5.29 24.79 19.73
C GLU A 16 -3.95 24.29 19.17
N ARG A 17 -2.86 24.60 19.84
CA ARG A 17 -1.54 24.19 19.34
C ARG A 17 -1.04 22.91 19.99
N LYS A 18 -1.93 22.24 20.72
CA LYS A 18 -1.63 21.00 21.41
C LYS A 18 -0.36 21.06 22.29
N VAL A 19 -0.35 21.96 23.27
CA VAL A 19 0.78 22.09 24.17
C VAL A 19 0.45 21.34 25.46
N PRO A 20 1.37 20.48 25.94
CA PRO A 20 1.18 19.69 27.16
C PRO A 20 1.02 20.51 28.45
N GLY A 21 2.03 21.32 28.76
CA GLY A 21 2.00 22.12 29.97
C GLY A 21 2.77 23.42 29.81
N ILE A 22 2.51 24.38 30.70
CA ILE A 22 3.15 25.68 30.69
C ILE A 22 3.23 26.30 32.08
N SER A 23 4.30 27.06 32.34
CA SER A 23 4.46 27.74 33.62
C SER A 23 4.77 29.21 33.36
N ILE A 24 4.31 30.09 34.24
CA ILE A 24 4.55 31.51 34.09
C ILE A 24 4.60 32.23 35.44
N SER A 25 5.51 33.19 35.55
CA SER A 25 5.60 33.99 36.78
C SER A 25 5.67 35.45 36.35
N ILE A 26 5.06 36.33 37.14
CA ILE A 26 5.05 37.76 36.81
C ILE A 26 5.62 38.61 37.94
N ILE A 27 6.48 39.55 37.57
CA ILE A 27 7.12 40.45 38.53
C ILE A 27 6.64 41.88 38.36
N LYS A 28 6.09 42.44 39.44
CA LYS A 28 5.62 43.81 39.48
C LYS A 28 6.58 44.47 40.46
N ASP A 29 7.50 45.28 39.92
CA ASP A 29 8.54 45.96 40.68
C ASP A 29 9.42 45.00 41.49
N GLY A 30 9.17 44.88 42.80
CA GLY A 30 10.01 44.00 43.61
C GLY A 30 9.36 42.75 44.16
N ASP A 31 8.31 42.25 43.50
CA ASP A 31 7.63 41.08 44.00
C ASP A 31 7.01 40.25 42.89
N VAL A 32 6.94 38.94 43.11
CA VAL A 32 6.31 38.02 42.18
C VAL A 32 4.84 38.19 42.58
N VAL A 33 4.02 38.74 41.69
CA VAL A 33 2.61 38.97 42.02
C VAL A 33 1.66 37.95 41.41
N TYR A 34 2.20 37.02 40.62
CA TYR A 34 1.40 36.01 39.95
C TYR A 34 2.27 34.90 39.40
N ALA A 35 1.98 33.67 39.81
CA ALA A 35 2.72 32.50 39.37
C ALA A 35 1.72 31.39 39.20
N LYS A 36 1.79 30.67 38.08
CA LYS A 36 0.84 29.60 37.86
C LYS A 36 1.32 28.63 36.79
N GLY A 37 0.85 27.39 36.91
CA GLY A 37 1.20 26.35 35.96
C GLY A 37 -0.08 25.91 35.27
N PHE A 38 0.03 25.44 34.04
CA PHE A 38 -1.12 24.97 33.26
C PHE A 38 -0.80 23.66 32.56
N GLY A 39 -1.81 22.80 32.42
CA GLY A 39 -1.60 21.54 31.77
C GLY A 39 -0.76 20.55 32.56
N TYR A 40 -0.21 19.56 31.87
CA TYR A 40 0.57 18.54 32.53
C TYR A 40 2.07 18.67 32.26
N ARG A 41 2.89 18.40 33.28
CA ARG A 41 4.34 18.43 33.10
C ARG A 41 4.76 17.06 32.57
N ASN A 42 3.88 16.09 32.76
CA ASN A 42 4.08 14.73 32.27
C ASN A 42 2.71 14.13 31.98
N VAL A 43 2.44 13.86 30.70
CA VAL A 43 1.15 13.30 30.29
C VAL A 43 0.90 11.86 30.70
N GLU A 44 1.83 10.97 30.37
CA GLU A 44 1.69 9.55 30.72
C GLU A 44 1.37 9.35 32.19
N ALA A 45 2.07 10.11 33.03
CA ALA A 45 1.91 10.03 34.49
C ALA A 45 0.85 11.00 35.01
N ARG A 46 0.26 11.78 34.11
CA ARG A 46 -0.77 12.74 34.47
C ARG A 46 -0.38 13.68 35.61
N LEU A 47 0.84 14.20 35.57
CA LEU A 47 1.32 15.14 36.60
C LEU A 47 1.16 16.56 36.05
N PRO A 48 0.58 17.47 36.85
CA PRO A 48 0.37 18.85 36.43
C PRO A 48 1.60 19.78 36.41
N SER A 49 1.50 20.84 35.62
CA SER A 49 2.55 21.86 35.55
C SER A 49 2.24 22.84 36.68
N THR A 50 3.27 23.23 37.42
CA THR A 50 3.11 24.18 38.53
C THR A 50 4.18 25.26 38.48
N PRO A 51 4.04 26.31 39.30
CA PRO A 51 5.03 27.39 39.32
C PRO A 51 6.44 26.84 39.55
N GLU A 52 6.50 25.74 40.31
CA GLU A 52 7.75 25.09 40.66
C GLU A 52 8.37 24.16 39.60
N THR A 53 7.54 23.49 38.80
CA THR A 53 8.04 22.56 37.77
C THR A 53 9.26 23.07 37.00
N ILE A 54 10.22 22.17 36.79
CA ILE A 54 11.45 22.48 36.11
C ILE A 54 11.45 22.09 34.62
N TYR A 55 11.88 23.03 33.78
CA TYR A 55 11.96 22.83 32.33
C TYR A 55 13.35 23.24 31.87
N GLY A 56 13.68 22.89 30.63
CA GLY A 56 14.96 23.31 30.09
C GLY A 56 14.70 24.73 29.62
N ILE A 57 15.69 25.62 29.68
CA ILE A 57 15.45 26.99 29.26
C ILE A 57 16.16 27.39 27.97
N GLY A 58 17.01 26.50 27.47
CA GLY A 58 17.73 26.80 26.24
C GLY A 58 18.59 28.05 26.25
N SER A 59 18.57 28.78 25.14
CA SER A 59 19.36 29.99 24.99
C SER A 59 19.18 31.06 26.06
N ILE A 60 18.25 30.89 26.99
CA ILE A 60 18.08 31.88 28.04
C ILE A 60 19.33 31.75 28.91
N THR A 61 20.02 30.62 28.74
CA THR A 61 21.25 30.34 29.47
C THR A 61 22.31 31.36 29.02
N LYS A 62 22.22 31.81 27.77
CA LYS A 62 23.19 32.77 27.24
C LYS A 62 23.34 34.02 28.11
N SER A 63 22.23 34.53 28.67
CA SER A 63 22.34 35.71 29.52
C SER A 63 23.24 35.42 30.72
N PHE A 64 23.14 34.21 31.27
CA PHE A 64 23.96 33.81 32.40
C PHE A 64 25.44 33.82 32.00
N THR A 65 25.75 33.22 30.86
CA THR A 65 27.11 33.18 30.36
C THR A 65 27.66 34.60 30.21
N ALA A 66 26.83 35.50 29.70
CA ALA A 66 27.25 36.89 29.50
C ALA A 66 27.51 37.58 30.84
N LEU A 67 26.72 37.23 31.85
CA LEU A 67 26.87 37.83 33.17
C LEU A 67 28.21 37.40 33.76
N ALA A 68 28.51 36.11 33.68
CA ALA A 68 29.76 35.58 34.19
C ALA A 68 30.92 36.36 33.58
N ILE A 69 30.81 36.61 32.29
CA ILE A 69 31.84 37.35 31.55
C ILE A 69 31.97 38.78 32.10
N MET A 70 30.84 39.42 32.42
CA MET A 70 30.87 40.77 32.96
C MET A 70 31.58 40.79 34.29
N LYS A 71 31.33 39.77 35.11
CA LYS A 71 31.94 39.67 36.42
C LYS A 71 33.46 39.60 36.31
N LEU A 72 33.93 38.63 35.53
CA LEU A 72 35.36 38.43 35.33
C LEU A 72 36.02 39.69 34.77
N VAL A 73 35.30 40.45 33.95
CA VAL A 73 35.84 41.69 33.37
C VAL A 73 35.96 42.75 34.47
N GLU A 74 34.90 42.88 35.26
CA GLU A 74 34.88 43.83 36.35
C GLU A 74 35.96 43.54 37.38
N GLU A 75 36.34 42.27 37.50
CA GLU A 75 37.37 41.88 38.44
C GLU A 75 38.75 41.85 37.79
N GLY A 76 38.82 42.38 36.56
CA GLY A 76 40.08 42.43 35.85
C GLY A 76 40.52 41.11 35.22
N GLY A 77 39.69 40.08 35.36
CA GLY A 77 40.02 38.77 34.81
C GLY A 77 40.39 38.82 33.33
N LEU A 78 39.82 39.77 32.60
CA LEU A 78 40.12 39.91 31.18
C LEU A 78 39.51 41.19 30.62
N SER A 79 39.63 41.36 29.31
CA SER A 79 39.10 42.53 28.63
C SER A 79 38.11 42.10 27.54
N LEU A 80 37.08 42.90 27.30
CA LEU A 80 36.08 42.58 26.30
C LEU A 80 36.65 42.69 24.88
N ASP A 81 37.76 43.41 24.75
CA ASP A 81 38.39 43.60 23.44
C ASP A 81 39.49 42.58 23.14
N ASP A 82 39.75 41.66 24.07
CA ASP A 82 40.79 40.64 23.88
C ASP A 82 40.44 39.57 22.85
N PRO A 83 41.42 39.15 22.03
CA PRO A 83 41.21 38.12 21.00
C PRO A 83 40.91 36.77 21.65
N VAL A 84 39.98 36.02 21.08
CA VAL A 84 39.61 34.70 21.61
C VAL A 84 40.82 33.76 21.63
N GLU A 85 41.83 34.06 20.81
CA GLU A 85 43.04 33.25 20.75
C GLU A 85 43.87 33.36 22.04
N LYS A 86 43.61 34.38 22.84
CA LYS A 86 44.35 34.54 24.10
C LYS A 86 43.92 33.50 25.13
N PHE A 87 42.74 32.91 24.94
CA PHE A 87 42.20 31.94 25.89
C PHE A 87 41.90 30.56 25.29
N VAL A 88 41.73 30.51 23.97
CA VAL A 88 41.40 29.25 23.32
C VAL A 88 42.36 28.93 22.20
N ASN A 89 42.83 27.69 22.17
CA ASN A 89 43.75 27.25 21.13
C ASN A 89 42.95 26.88 19.89
N ILE A 90 42.51 27.91 19.18
CA ILE A 90 41.75 27.74 17.96
C ILE A 90 42.10 28.95 17.10
N LYS A 91 41.94 28.82 15.80
CA LYS A 91 42.25 29.92 14.89
C LYS A 91 40.99 30.74 14.63
N LEU A 92 41.00 32.01 15.04
CA LEU A 92 39.88 32.94 14.85
C LEU A 92 40.38 34.34 14.51
N ARG A 93 40.90 34.50 13.30
CA ARG A 93 41.42 35.79 12.83
C ARG A 93 41.09 35.88 11.35
N PRO A 94 39.81 35.72 10.99
CA PRO A 94 39.41 35.78 9.58
C PRO A 94 39.76 37.10 8.90
N PHE A 95 40.23 37.03 7.66
CA PHE A 95 40.59 38.24 6.92
C PHE A 95 41.60 39.07 7.70
N GLY A 96 42.48 38.38 8.43
CA GLY A 96 43.51 39.06 9.19
C GLY A 96 43.11 39.84 10.43
N GLU A 97 41.81 39.95 10.69
CA GLU A 97 41.33 40.68 11.87
C GLU A 97 40.83 39.73 12.97
N PRO A 98 41.29 39.96 14.22
CA PRO A 98 40.92 39.13 15.38
C PRO A 98 39.48 39.21 15.89
N VAL A 99 38.95 38.04 16.29
CA VAL A 99 37.61 37.96 16.86
C VAL A 99 37.80 38.18 18.36
N THR A 100 37.03 39.11 18.93
CA THR A 100 37.15 39.43 20.36
C THR A 100 36.00 38.88 21.20
N VAL A 101 36.16 38.94 22.52
CA VAL A 101 35.13 38.45 23.45
C VAL A 101 33.83 39.22 23.18
N HIS A 102 33.97 40.47 22.76
CA HIS A 102 32.84 41.33 22.45
C HIS A 102 32.12 40.80 21.21
N HIS A 103 32.89 40.43 20.19
CA HIS A 103 32.32 39.90 18.96
C HIS A 103 31.45 38.67 19.25
N LEU A 104 31.97 37.75 20.05
CA LEU A 104 31.24 36.53 20.39
C LEU A 104 29.95 36.83 21.14
N LEU A 105 30.02 37.77 22.08
CA LEU A 105 28.85 38.15 22.87
C LEU A 105 27.75 38.72 21.98
N THR A 106 28.15 39.43 20.92
CA THR A 106 27.21 40.05 20.00
C THR A 106 26.91 39.26 18.73
N HIS A 107 27.46 38.06 18.61
CA HIS A 107 27.25 37.24 17.42
C HIS A 107 27.68 38.03 16.20
N SER A 108 28.83 38.71 16.31
CA SER A 108 29.35 39.51 15.20
C SER A 108 30.74 39.07 14.71
N SER A 109 31.17 37.87 15.09
CA SER A 109 32.48 37.38 14.68
C SER A 109 32.67 37.41 13.16
N GLY A 110 31.55 37.36 12.44
CA GLY A 110 31.61 37.37 10.99
C GLY A 110 31.46 35.97 10.44
N ILE A 111 31.40 35.00 11.34
CA ILE A 111 31.25 33.60 10.99
C ILE A 111 29.80 33.18 11.08
N PRO A 112 29.18 32.79 9.95
CA PRO A 112 27.78 32.38 10.03
C PRO A 112 27.66 31.08 10.82
N SER A 113 26.43 30.80 11.27
CA SER A 113 26.16 29.64 12.08
C SER A 113 26.60 28.31 11.51
N LEU A 114 27.04 27.44 12.41
CA LEU A 114 27.41 26.10 12.04
C LEU A 114 26.09 25.43 12.45
N GLY A 115 25.62 24.42 11.73
CA GLY A 115 24.37 23.80 12.14
C GLY A 115 24.55 22.89 13.33
N TYR A 116 25.55 23.18 14.16
CA TYR A 116 25.86 22.35 15.34
C TYR A 116 24.67 21.98 16.23
N ALA A 117 24.04 22.95 16.86
CA ALA A 117 22.92 22.65 17.75
C ALA A 117 21.75 22.00 17.01
N GLU A 118 21.48 22.46 15.79
CA GLU A 118 20.40 21.90 15.00
C GLU A 118 20.63 20.40 14.76
N ALA A 119 21.84 20.05 14.33
CA ALA A 119 22.19 18.66 14.06
C ALA A 119 22.21 17.80 15.33
N PHE A 120 22.76 18.35 16.41
CA PHE A 120 22.83 17.64 17.68
C PHE A 120 21.45 17.26 18.21
N ILE A 121 20.62 18.27 18.46
CA ILE A 121 19.29 18.03 18.99
C ILE A 121 18.44 17.15 18.09
N ASP A 122 18.52 17.37 16.77
CA ASP A 122 17.73 16.58 15.83
C ASP A 122 17.99 15.08 15.98
N GLY A 123 19.27 14.70 16.00
CA GLY A 123 19.59 13.29 16.13
C GLY A 123 19.21 12.73 17.48
N MET A 124 19.28 13.56 18.51
CA MET A 124 18.95 13.12 19.86
C MET A 124 17.46 12.84 20.05
N VAL A 125 16.63 13.23 19.09
CA VAL A 125 15.18 12.99 19.21
C VAL A 125 14.60 12.13 18.07
N GLY A 126 15.42 11.23 17.53
CA GLY A 126 14.95 10.37 16.46
C GLY A 126 15.12 10.93 15.06
N GLY A 127 15.62 12.15 14.95
CA GLY A 127 15.82 12.76 13.64
C GLY A 127 16.81 12.02 12.76
N ASP A 128 16.97 12.48 11.52
CA ASP A 128 17.88 11.82 10.59
C ASP A 128 19.37 12.20 10.64
N ASN A 129 19.71 13.44 11.01
CA ASN A 129 21.14 13.76 11.07
C ASN A 129 21.75 13.33 12.40
N TRP A 130 23.02 13.68 12.60
CA TRP A 130 23.71 13.25 13.82
C TRP A 130 24.99 14.03 14.07
N LEU A 131 25.22 14.39 15.34
CA LEU A 131 26.42 15.12 15.76
C LEU A 131 26.56 14.86 17.28
N PRO A 132 27.05 13.67 17.65
CA PRO A 132 27.24 13.25 19.03
C PRO A 132 28.28 13.99 19.84
N VAL A 133 28.06 15.28 20.06
CA VAL A 133 29.00 16.10 20.83
C VAL A 133 28.50 16.18 22.27
N SER A 134 28.81 15.14 23.04
CA SER A 134 28.39 15.02 24.43
C SER A 134 29.07 16.00 25.38
N THR A 135 30.04 16.75 24.88
CA THR A 135 30.75 17.71 25.71
C THR A 135 31.22 18.92 24.90
N PRO A 136 31.32 20.10 25.53
CA PRO A 136 31.75 21.34 24.89
C PRO A 136 33.10 21.20 24.19
N GLU A 137 33.96 20.36 24.76
CA GLU A 137 35.26 20.13 24.18
C GLU A 137 35.13 19.48 22.80
N GLU A 138 34.22 18.51 22.69
CA GLU A 138 34.02 17.84 21.41
C GLU A 138 33.47 18.83 20.38
N THR A 139 32.69 19.81 20.85
CA THR A 139 32.10 20.82 19.96
C THR A 139 33.19 21.76 19.43
N ILE A 140 34.12 22.15 20.29
CA ILE A 140 35.21 23.03 19.88
C ILE A 140 36.11 22.28 18.90
N ALA A 141 36.40 21.02 19.19
CA ALA A 141 37.22 20.20 18.31
C ALA A 141 36.57 20.25 16.92
N PHE A 142 35.30 19.87 16.86
CA PHE A 142 34.52 19.89 15.62
C PHE A 142 34.62 21.23 14.87
N ALA A 143 34.50 22.34 15.61
CA ALA A 143 34.56 23.67 15.01
C ALA A 143 35.98 24.19 14.70
N ARG A 144 36.96 23.29 14.68
CA ARG A 144 38.34 23.68 14.43
C ARG A 144 38.59 24.59 13.22
N ASP A 145 37.81 24.42 12.15
CA ASP A 145 38.00 25.22 10.95
C ASP A 145 36.96 26.33 10.76
N MET A 146 36.28 26.72 11.82
CA MET A 146 35.24 27.74 11.71
C MET A 146 35.74 29.08 11.12
N GLU A 147 37.03 29.34 11.23
CA GLU A 147 37.56 30.58 10.69
C GLU A 147 37.36 30.61 9.17
N LYS A 148 37.53 29.47 8.52
CA LYS A 148 37.38 29.36 7.07
C LYS A 148 35.93 29.54 6.63
N TRP A 149 35.02 29.57 7.60
CA TRP A 149 33.60 29.70 7.34
C TRP A 149 33.14 31.17 7.29
N ALA A 150 33.92 32.06 7.90
CA ALA A 150 33.61 33.48 7.95
C ALA A 150 33.25 34.07 6.58
N VAL A 151 32.40 35.08 6.58
CA VAL A 151 31.97 35.74 5.35
C VAL A 151 32.16 37.25 5.43
N ALA A 152 32.31 37.78 6.64
CA ALA A 152 32.53 39.20 6.83
C ALA A 152 33.56 39.41 7.94
N LYS A 153 34.09 40.62 8.06
CA LYS A 153 35.07 40.93 9.10
C LYS A 153 34.36 41.01 10.43
N PRO A 154 35.06 40.72 11.53
CA PRO A 154 34.47 40.78 12.87
C PRO A 154 33.77 42.12 13.13
N GLY A 155 32.54 42.06 13.64
CA GLY A 155 31.81 43.27 13.95
C GLY A 155 31.02 43.94 12.84
N GLU A 156 31.07 43.39 11.63
CA GLU A 156 30.32 43.99 10.53
C GLU A 156 28.89 43.42 10.39
N ARG A 157 28.70 42.15 10.73
CA ARG A 157 27.36 41.56 10.61
C ARG A 157 26.94 40.62 11.74
N PHE A 158 25.63 40.42 11.85
CA PHE A 158 25.06 39.58 12.89
C PHE A 158 24.63 38.21 12.36
N PHE A 159 25.18 37.16 12.95
CA PHE A 159 24.83 35.78 12.61
C PHE A 159 24.74 35.07 13.95
N TYR A 160 23.55 34.60 14.31
CA TYR A 160 23.37 33.90 15.57
C TYR A 160 24.24 32.64 15.55
N LEU A 161 25.24 32.62 16.42
CA LEU A 161 26.17 31.51 16.47
C LEU A 161 26.23 30.86 17.85
N ASN A 162 25.65 29.67 17.99
CA ASN A 162 25.67 28.96 19.27
C ASN A 162 27.11 28.60 19.68
N THR A 163 27.93 28.27 18.70
CA THR A 163 29.32 27.92 18.96
C THR A 163 30.03 29.13 19.60
N GLY A 164 29.46 30.31 19.37
CA GLY A 164 30.03 31.52 19.95
C GLY A 164 29.98 31.48 21.46
N TYR A 165 28.87 31.01 22.03
CA TYR A 165 28.76 30.95 23.49
C TYR A 165 29.40 29.71 24.09
N VAL A 166 29.69 28.73 23.25
CA VAL A 166 30.36 27.54 23.72
C VAL A 166 31.80 28.00 24.01
N LEU A 167 32.32 28.85 23.14
CA LEU A 167 33.66 29.41 23.29
C LEU A 167 33.73 30.31 24.53
N LEU A 168 32.68 31.10 24.74
CA LEU A 168 32.59 31.98 25.91
C LEU A 168 32.62 31.11 27.16
N GLY A 169 32.05 29.92 27.06
CA GLY A 169 32.04 29.01 28.20
C GLY A 169 33.46 28.52 28.51
N LYS A 170 34.25 28.33 27.46
CA LYS A 170 35.63 27.87 27.59
C LYS A 170 36.52 29.00 28.12
N ILE A 171 36.22 30.22 27.69
CA ILE A 171 36.98 31.39 28.13
C ILE A 171 36.77 31.54 29.64
N ILE A 172 35.54 31.29 30.09
CA ILE A 172 35.22 31.39 31.50
C ILE A 172 36.04 30.41 32.33
N GLU A 173 36.18 29.18 31.82
CA GLU A 173 36.96 28.18 32.53
C GLU A 173 38.44 28.56 32.50
N LYS A 174 38.90 29.02 31.34
CA LYS A 174 40.29 29.41 31.17
C LYS A 174 40.67 30.50 32.18
N VAL A 175 39.80 31.48 32.35
CA VAL A 175 40.07 32.59 33.26
C VAL A 175 39.78 32.34 34.73
N SER A 176 38.65 31.69 35.04
CA SER A 176 38.26 31.44 36.43
C SER A 176 39.02 30.28 37.09
N GLY A 177 39.53 29.36 36.29
CA GLY A 177 40.24 28.23 36.84
C GLY A 177 39.34 27.06 37.18
N VAL A 178 38.02 27.26 37.14
CA VAL A 178 37.08 26.18 37.45
C VAL A 178 36.19 25.86 36.23
N SER A 179 35.34 24.85 36.37
CA SER A 179 34.47 24.48 35.25
C SER A 179 33.40 25.56 35.06
N TYR A 180 32.87 25.65 33.85
CA TYR A 180 31.83 26.63 33.53
C TYR A 180 30.60 26.42 34.42
N GLU A 181 30.23 25.16 34.61
CA GLU A 181 29.07 24.83 35.42
C GLU A 181 29.22 25.28 36.86
N GLU A 182 30.37 25.00 37.49
CA GLU A 182 30.56 25.43 38.88
C GLU A 182 30.72 26.94 39.00
N TYR A 183 31.18 27.61 37.95
CA TYR A 183 31.31 29.06 38.03
C TYR A 183 29.92 29.72 38.09
N ILE A 184 29.00 29.24 37.24
CA ILE A 184 27.64 29.76 37.21
C ILE A 184 26.94 29.51 38.55
N LYS A 185 27.10 28.28 39.04
CA LYS A 185 26.52 27.85 40.31
C LYS A 185 27.00 28.70 41.49
N LYS A 186 28.32 28.83 41.60
CA LYS A 186 28.95 29.59 42.68
C LYS A 186 28.82 31.11 42.58
N LYS A 187 29.11 31.67 41.41
CA LYS A 187 29.06 33.12 41.23
C LYS A 187 27.71 33.75 40.87
N ILE A 188 26.69 32.93 40.59
CA ILE A 188 25.39 33.49 40.20
C ILE A 188 24.15 32.86 40.82
N LEU A 189 23.98 31.56 40.65
CA LEU A 189 22.81 30.87 41.17
C LEU A 189 22.65 30.89 42.69
N GLU A 190 23.70 30.54 43.43
CA GLU A 190 23.61 30.53 44.89
C GLU A 190 23.44 31.93 45.47
N PRO A 191 24.27 32.90 45.05
CA PRO A 191 24.10 34.25 45.60
C PRO A 191 22.74 34.87 45.24
N LEU A 192 22.11 34.34 44.20
CA LEU A 192 20.81 34.84 43.77
C LEU A 192 19.66 34.04 44.37
N GLY A 193 20.00 32.98 45.08
CA GLY A 193 18.98 32.16 45.73
C GLY A 193 18.27 31.12 44.87
N MET A 194 18.80 30.89 43.66
CA MET A 194 18.21 29.92 42.74
C MET A 194 18.70 28.52 43.07
N ASN A 195 18.02 27.88 44.03
CA ASN A 195 18.40 26.55 44.48
C ASN A 195 17.76 25.40 43.70
N ARG A 196 17.00 25.72 42.66
CA ARG A 196 16.38 24.68 41.83
C ARG A 196 16.63 24.95 40.35
N SER A 197 17.87 25.33 40.05
CA SER A 197 18.32 25.60 38.69
C SER A 197 19.52 24.66 38.52
N TYR A 198 19.48 23.78 37.53
CA TYR A 198 20.55 22.81 37.36
C TYR A 198 21.23 22.68 36.00
N PHE A 199 22.30 21.89 35.98
CA PHE A 199 23.08 21.57 34.78
C PHE A 199 23.21 20.06 34.65
N PHE A 200 23.52 19.41 35.77
CA PHE A 200 23.74 17.97 35.83
C PHE A 200 22.46 17.15 36.07
N LYS A 201 22.32 16.10 35.26
CA LYS A 201 21.18 15.20 35.32
C LYS A 201 20.99 14.56 36.68
N GLU A 202 22.10 14.33 37.38
CA GLU A 202 22.05 13.72 38.71
C GLU A 202 21.24 14.59 39.69
N GLU A 203 21.40 15.90 39.60
CA GLU A 203 20.67 16.84 40.45
C GLU A 203 19.18 16.90 40.06
N VAL A 204 18.92 16.77 38.77
CA VAL A 204 17.55 16.83 38.24
C VAL A 204 16.70 15.60 38.54
N GLU A 205 17.30 14.42 38.52
CA GLU A 205 16.56 13.20 38.79
C GLU A 205 16.18 13.08 40.26
N LYS A 206 16.74 13.96 41.08
CA LYS A 206 16.44 13.94 42.51
C LYS A 206 15.28 14.89 42.82
N ASP A 207 15.02 15.82 41.90
CA ASP A 207 13.93 16.79 42.07
C ASP A 207 12.55 16.18 41.81
N LYS A 208 11.61 16.49 42.69
CA LYS A 208 10.25 15.94 42.63
C LYS A 208 9.24 16.64 41.74
N ASP A 209 9.65 17.67 41.01
CA ASP A 209 8.76 18.40 40.12
C ASP A 209 9.51 18.84 38.86
N VAL A 210 9.59 17.93 37.90
CA VAL A 210 10.29 18.16 36.64
C VAL A 210 9.39 17.72 35.51
N ALA A 211 9.36 18.50 34.43
CA ALA A 211 8.51 18.18 33.30
C ALA A 211 9.23 17.37 32.24
N MET A 212 8.51 16.44 31.64
CA MET A 212 9.04 15.61 30.58
C MET A 212 8.93 16.46 29.31
N GLY A 213 9.89 16.32 28.40
CA GLY A 213 9.84 17.08 27.17
C GLY A 213 8.88 16.42 26.20
N TYR A 214 8.44 17.17 25.19
CA TYR A 214 7.52 16.64 24.18
C TYR A 214 7.76 17.22 22.79
N ILE A 215 7.70 16.33 21.80
CA ILE A 215 7.88 16.67 20.41
C ILE A 215 6.61 16.16 19.74
N LEU A 216 6.03 16.96 18.86
CA LEU A 216 4.80 16.58 18.17
C LEU A 216 5.19 15.92 16.84
N ASP A 217 4.80 14.66 16.62
CA ASP A 217 5.16 14.00 15.37
C ASP A 217 4.29 14.45 14.20
N LYS A 218 4.62 13.96 13.00
CA LYS A 218 3.89 14.32 11.79
C LYS A 218 2.45 13.86 11.81
N GLU A 219 2.17 12.83 12.60
CA GLU A 219 0.83 12.31 12.74
C GLU A 219 0.10 13.11 13.84
N GLY A 220 0.73 14.19 14.30
CA GLY A 220 0.13 15.03 15.32
C GLY A 220 0.08 14.42 16.72
N ARG A 221 1.01 13.53 17.02
CA ARG A 221 1.03 12.89 18.34
C ARG A 221 2.18 13.46 19.16
N LEU A 222 1.93 13.69 20.45
CA LEU A 222 2.94 14.21 21.35
C LEU A 222 3.82 13.04 21.77
N VAL A 223 5.11 13.14 21.49
CA VAL A 223 6.07 12.10 21.82
C VAL A 223 7.04 12.59 22.87
N PRO A 224 7.11 11.90 24.01
CA PRO A 224 8.02 12.30 25.09
C PRO A 224 9.50 12.18 24.73
N GLN A 225 10.28 13.19 25.11
CA GLN A 225 11.71 13.21 24.83
C GLN A 225 12.42 13.83 26.02
N PRO A 226 13.44 13.13 26.56
CA PRO A 226 14.20 13.63 27.71
C PRO A 226 15.13 14.77 27.30
N PHE A 227 15.56 15.58 28.27
CA PHE A 227 16.46 16.69 28.00
C PHE A 227 17.69 16.16 27.26
N PRO A 228 18.25 16.96 26.33
CA PRO A 228 19.44 16.50 25.59
C PRO A 228 20.72 16.90 26.32
N TYR A 229 20.99 16.26 27.45
CA TYR A 229 22.17 16.53 28.26
C TYR A 229 23.46 16.50 27.45
N GLY A 230 24.22 17.59 27.55
CA GLY A 230 25.48 17.72 26.85
C GLY A 230 25.83 19.16 26.56
N ILE A 231 24.82 19.96 26.23
CA ILE A 231 24.97 21.37 25.91
C ILE A 231 25.16 22.14 27.24
N THR A 232 25.94 23.23 27.22
CA THR A 232 26.19 23.99 28.44
C THR A 232 26.05 25.53 28.40
N ALA A 233 27.14 26.21 28.05
CA ALA A 233 27.16 27.68 28.00
C ALA A 233 26.18 28.33 27.01
N ASP A 234 25.89 27.65 25.91
CA ASP A 234 24.98 28.18 24.90
C ASP A 234 23.50 27.88 25.16
N GLY A 235 23.22 26.98 26.10
CA GLY A 235 21.81 26.69 26.39
C GLY A 235 21.50 25.38 27.10
N GLY A 236 22.20 25.07 28.19
CA GLY A 236 21.94 23.81 28.87
C GLY A 236 21.38 23.88 30.28
N LEU A 237 20.95 25.06 30.68
CA LEU A 237 20.41 25.22 32.03
C LEU A 237 18.93 24.84 32.14
N LEU A 238 18.58 24.15 33.21
CA LEU A 238 17.19 23.77 33.49
C LEU A 238 16.80 24.56 34.74
N SER A 239 15.59 25.10 34.77
CA SER A 239 15.16 25.88 35.91
C SER A 239 13.64 25.93 35.96
N SER A 240 13.11 26.79 36.84
CA SER A 240 11.67 26.97 36.99
C SER A 240 11.39 28.46 36.81
N VAL A 241 10.12 28.83 36.65
CA VAL A 241 9.78 30.24 36.48
C VAL A 241 9.95 31.04 37.76
N LEU A 242 9.86 30.37 38.90
CA LEU A 242 10.06 31.06 40.18
C LEU A 242 11.52 31.46 40.34
N ASP A 243 12.42 30.56 39.96
CA ASP A 243 13.86 30.83 40.04
C ASP A 243 14.24 31.94 39.06
N LEU A 244 13.67 31.88 37.86
CA LEU A 244 13.97 32.90 36.85
C LEU A 244 13.39 34.25 37.27
N ALA A 245 12.40 34.24 38.15
CA ALA A 245 11.81 35.48 38.65
C ALA A 245 12.87 36.17 39.52
N LYS A 246 13.49 35.39 40.41
CA LYS A 246 14.54 35.91 41.28
C LYS A 246 15.65 36.46 40.40
N TYR A 247 15.90 35.76 39.30
CA TYR A 247 16.92 36.13 38.33
C TYR A 247 16.59 37.45 37.65
N LEU A 248 15.33 37.59 37.23
CA LEU A 248 14.87 38.81 36.58
C LEU A 248 14.93 39.97 37.56
N LYS A 249 14.57 39.69 38.82
CA LYS A 249 14.57 40.69 39.88
C LYS A 249 15.90 41.46 39.94
N MET A 250 16.99 40.72 39.77
CA MET A 250 18.32 41.33 39.80
C MET A 250 18.47 42.41 38.74
N TYR A 251 18.13 42.08 37.49
CA TYR A 251 18.25 43.04 36.41
C TYR A 251 17.33 44.24 36.62
N ILE A 252 16.07 43.97 36.94
CA ILE A 252 15.10 45.04 37.14
C ILE A 252 15.55 46.06 38.19
N GLU A 253 15.78 45.58 39.42
CA GLU A 253 16.20 46.44 40.52
C GLU A 253 17.67 46.80 40.43
N ARG A 254 18.27 46.46 39.28
CA ARG A 254 19.68 46.73 39.03
C ARG A 254 20.49 46.51 40.30
N ASP A 255 20.23 45.37 40.93
CA ASP A 255 20.92 44.97 42.15
C ASP A 255 22.37 44.62 41.80
N GLU A 256 23.30 44.91 42.71
CA GLU A 256 24.72 44.66 42.45
C GLU A 256 25.38 43.52 43.22
N SER A 257 24.63 42.45 43.49
CA SER A 257 25.17 41.30 44.19
C SER A 257 26.15 40.51 43.31
N ILE A 258 26.02 40.65 41.98
CA ILE A 258 26.88 39.93 41.05
C ILE A 258 27.87 40.83 40.33
N VAL A 259 27.37 41.97 39.84
CA VAL A 259 28.19 42.94 39.14
C VAL A 259 27.62 44.34 39.38
N SER A 260 28.43 45.37 39.13
CA SER A 260 28.00 46.75 39.27
C SER A 260 26.96 47.06 38.19
N LYS A 261 26.13 48.06 38.46
CA LYS A 261 25.07 48.48 37.55
C LYS A 261 25.60 48.91 36.20
N GLU A 262 26.83 49.43 36.18
CA GLU A 262 27.44 49.87 34.93
C GLU A 262 27.53 48.69 33.97
N TYR A 263 27.69 47.48 34.51
CA TYR A 263 27.80 46.29 33.68
C TYR A 263 26.45 45.81 33.18
N ILE A 264 25.43 45.85 34.05
CA ILE A 264 24.10 45.43 33.65
C ILE A 264 23.67 46.28 32.45
N GLU A 265 24.04 47.55 32.48
CA GLU A 265 23.71 48.46 31.39
C GLU A 265 24.46 48.13 30.12
N LYS A 266 25.64 47.53 30.27
CA LYS A 266 26.41 47.13 29.10
C LYS A 266 25.67 46.02 28.39
N MET A 267 25.11 45.11 29.17
CA MET A 267 24.37 43.96 28.63
C MET A 267 23.07 44.36 27.94
N GLU A 268 22.48 45.46 28.40
CA GLU A 268 21.21 45.95 27.83
C GLU A 268 21.41 46.95 26.71
N THR A 269 22.65 47.10 26.25
CA THR A 269 22.93 48.04 25.17
C THR A 269 22.92 47.38 23.80
N SER A 270 22.19 47.97 22.86
CA SER A 270 22.12 47.41 21.52
C SER A 270 23.39 47.76 20.74
N TYR A 271 24.24 46.75 20.54
CA TYR A 271 25.50 46.94 19.80
C TYR A 271 25.33 46.65 18.32
N ILE A 272 24.32 45.86 17.97
CA ILE A 272 24.13 45.52 16.57
C ILE A 272 22.67 45.17 16.25
N LYS A 273 22.26 45.46 15.02
CA LYS A 273 20.89 45.19 14.57
C LYS A 273 20.71 43.71 14.23
N VAL A 274 19.55 43.17 14.57
CA VAL A 274 19.24 41.77 14.30
C VAL A 274 18.16 41.65 13.21
N PRO A 275 18.09 40.50 12.51
CA PRO A 275 17.10 40.27 11.45
C PRO A 275 15.67 40.25 12.01
N TRP A 276 15.50 39.48 13.08
CA TRP A 276 14.20 39.32 13.76
C TRP A 276 13.52 40.63 14.10
N GLU A 277 12.97 41.29 13.09
CA GLU A 277 12.29 42.56 13.29
C GLU A 277 10.80 42.34 13.50
N ILE A 278 10.33 42.75 14.68
CA ILE A 278 8.92 42.59 15.02
C ILE A 278 8.28 43.93 15.33
N PHE A 279 8.84 44.66 16.28
CA PHE A 279 8.31 45.96 16.67
C PHE A 279 9.07 47.14 16.06
N GLY A 280 10.29 46.91 15.58
CA GLY A 280 11.02 48.03 14.99
C GLY A 280 12.50 47.82 14.77
N GLY A 281 13.32 48.49 15.57
CA GLY A 281 14.76 48.35 15.43
C GLY A 281 15.36 47.54 16.56
N GLU A 282 14.87 46.32 16.77
CA GLU A 282 15.43 45.49 17.82
C GLU A 282 16.86 45.10 17.47
N GLY A 283 17.72 44.99 18.49
CA GLY A 283 19.10 44.64 18.28
C GLY A 283 19.58 43.59 19.28
N TYR A 284 20.89 43.44 19.39
CA TYR A 284 21.46 42.47 20.30
C TYR A 284 22.48 43.11 21.24
N GLY A 285 22.38 42.78 22.52
CA GLY A 285 23.30 43.28 23.52
C GLY A 285 24.18 42.11 23.91
N TYR A 286 24.30 41.83 25.21
CA TYR A 286 25.11 40.69 25.65
C TYR A 286 24.22 39.54 26.12
N GLY A 287 23.99 38.57 25.23
CA GLY A 287 23.15 37.43 25.57
C GLY A 287 21.76 37.93 25.91
N LEU A 288 21.36 39.00 25.22
CA LEU A 288 20.07 39.62 25.48
C LEU A 288 19.60 40.37 24.24
N ILE A 289 18.33 40.17 23.88
CA ILE A 289 17.77 40.86 22.72
C ILE A 289 17.20 42.19 23.18
N ILE A 290 17.36 43.23 22.36
CA ILE A 290 16.88 44.56 22.73
C ILE A 290 15.69 45.00 21.88
N TYR A 291 14.62 45.43 22.53
CA TYR A 291 13.40 45.88 21.84
C TYR A 291 13.11 47.35 22.19
N PRO A 292 13.64 48.30 21.41
CA PRO A 292 13.41 49.72 21.70
C PRO A 292 12.00 50.29 21.45
N ASN A 293 11.23 49.64 20.58
CA ASN A 293 9.89 50.11 20.25
C ASN A 293 8.79 49.10 20.61
N PHE A 294 8.78 48.65 21.86
CA PHE A 294 7.78 47.68 22.32
C PHE A 294 6.63 48.36 23.05
N LEU A 295 5.61 48.79 22.30
CA LEU A 295 4.46 49.46 22.90
C LEU A 295 4.90 50.67 23.71
N GLY A 296 5.76 51.49 23.10
CA GLY A 296 6.26 52.68 23.76
C GLY A 296 7.22 52.44 24.91
N GLU A 297 7.76 51.22 25.01
CA GLU A 297 8.70 50.89 26.08
C GLU A 297 9.96 50.20 25.53
N LYS A 298 11.01 50.16 26.34
CA LYS A 298 12.23 49.47 25.95
C LYS A 298 12.18 48.09 26.61
N LEU A 299 12.08 47.05 25.78
CA LEU A 299 12.00 45.67 26.27
C LEU A 299 13.34 44.93 26.18
N VAL A 300 13.60 44.08 27.17
CA VAL A 300 14.83 43.30 27.18
C VAL A 300 14.44 41.86 27.48
N GLY A 301 14.89 40.93 26.63
CA GLY A 301 14.56 39.54 26.85
C GLY A 301 15.30 38.62 25.91
N HIS A 302 15.03 37.32 26.02
CA HIS A 302 15.67 36.32 25.17
C HIS A 302 14.85 35.05 25.26
N SER A 303 14.68 34.40 24.13
CA SER A 303 13.93 33.15 24.05
C SER A 303 14.92 32.01 24.08
N GLY A 304 14.40 30.80 24.24
CA GLY A 304 15.24 29.62 24.29
C GLY A 304 14.52 28.39 23.78
N SER A 305 15.26 27.51 23.11
CA SER A 305 14.65 26.29 22.61
C SER A 305 15.65 25.14 22.48
N VAL A 306 15.27 23.97 22.96
CA VAL A 306 16.11 22.79 22.85
C VAL A 306 15.30 21.69 22.17
N GLY A 307 14.26 22.12 21.45
CA GLY A 307 13.41 21.18 20.76
C GLY A 307 12.21 20.73 21.56
N MET A 308 12.42 19.94 22.61
CA MET A 308 11.32 19.46 23.43
C MET A 308 10.95 20.39 24.59
N TYR A 309 11.73 21.45 24.79
CA TYR A 309 11.46 22.44 25.84
C TYR A 309 11.74 23.80 25.21
N THR A 310 10.95 24.81 25.56
CA THR A 310 11.17 26.17 25.06
C THR A 310 10.86 27.15 26.19
N GLY A 311 11.35 28.39 26.06
CA GLY A 311 11.09 29.36 27.11
C GLY A 311 11.39 30.79 26.69
N TYR A 312 11.08 31.73 27.58
CA TYR A 312 11.32 33.14 27.33
C TYR A 312 11.28 33.92 28.64
N ILE A 313 12.14 34.92 28.74
CA ILE A 313 12.16 35.79 29.91
C ILE A 313 12.28 37.18 29.33
N GLY A 314 11.66 38.15 29.98
CA GLY A 314 11.72 39.52 29.51
C GLY A 314 11.34 40.47 30.63
N TYR A 315 11.83 41.70 30.55
CA TYR A 315 11.54 42.69 31.56
C TYR A 315 11.66 44.10 31.00
N ILE A 316 10.99 45.04 31.64
CA ILE A 316 11.02 46.42 31.22
C ILE A 316 11.41 47.23 32.46
N PRO A 317 12.72 47.47 32.64
CA PRO A 317 13.31 48.22 33.76
C PRO A 317 12.57 49.51 34.05
N GLU A 318 12.23 50.26 33.00
CA GLU A 318 11.51 51.51 33.17
C GLU A 318 10.24 51.39 33.99
N LYS A 319 9.45 50.36 33.71
CA LYS A 319 8.18 50.14 34.42
C LYS A 319 8.33 49.09 35.52
N LYS A 320 9.56 48.58 35.67
CA LYS A 320 9.86 47.58 36.68
C LYS A 320 8.99 46.33 36.62
N ILE A 321 8.77 45.84 35.41
CA ILE A 321 7.95 44.64 35.22
C ILE A 321 8.78 43.59 34.47
N GLY A 322 8.39 42.32 34.61
CA GLY A 322 9.12 41.26 33.94
C GLY A 322 8.30 39.99 33.91
N VAL A 323 8.55 39.13 32.92
CA VAL A 323 7.80 37.89 32.79
C VAL A 323 8.67 36.70 32.37
N ALA A 324 8.39 35.55 32.98
CA ALA A 324 9.10 34.33 32.67
C ALA A 324 8.05 33.29 32.30
N VAL A 325 8.26 32.64 31.15
CA VAL A 325 7.37 31.60 30.64
C VAL A 325 8.16 30.37 30.19
N LEU A 326 7.80 29.20 30.72
CA LEU A 326 8.47 27.96 30.34
C LEU A 326 7.44 27.02 29.72
N GLU A 327 7.87 26.24 28.73
CA GLU A 327 6.96 25.34 28.04
C GLU A 327 7.52 23.93 27.75
N ASN A 328 6.61 22.96 27.90
CA ASN A 328 6.85 21.53 27.71
C ASN A 328 6.97 21.05 26.26
N SER A 329 7.19 21.99 25.33
CA SER A 329 7.31 21.66 23.92
C SER A 329 7.50 22.96 23.15
N SER A 330 7.28 22.94 21.83
CA SER A 330 7.42 24.15 21.04
C SER A 330 6.12 24.38 20.26
N GLY A 331 5.00 23.99 20.87
CA GLY A 331 3.71 24.14 20.24
C GLY A 331 3.27 25.59 20.04
N TYR A 332 3.59 26.44 21.01
CA TYR A 332 3.25 27.86 20.93
C TYR A 332 4.40 28.68 21.53
N PRO A 333 4.88 29.70 20.79
CA PRO A 333 5.98 30.56 21.25
C PRO A 333 5.79 31.19 22.63
N PRO A 334 6.64 30.82 23.60
CA PRO A 334 6.55 31.37 24.95
C PRO A 334 6.63 32.90 24.94
N SER A 335 7.43 33.44 24.01
CA SER A 335 7.60 34.88 23.91
C SER A 335 6.24 35.56 23.69
N TYR A 336 5.40 34.96 22.85
CA TYR A 336 4.08 35.50 22.56
C TYR A 336 3.24 35.57 23.82
N ILE A 337 3.31 34.52 24.63
CA ILE A 337 2.58 34.49 25.90
C ILE A 337 3.15 35.57 26.83
N ALA A 338 4.48 35.64 26.92
CA ALA A 338 5.14 36.62 27.77
C ALA A 338 4.70 38.03 27.39
N MET A 339 4.73 38.35 26.10
CA MET A 339 4.37 39.67 25.63
C MET A 339 2.89 40.01 25.86
N TYR A 340 2.03 39.00 25.83
CA TYR A 340 0.60 39.18 26.06
C TYR A 340 0.42 39.68 27.50
N ALA A 341 1.14 39.07 28.43
CA ALA A 341 1.07 39.45 29.83
C ALA A 341 1.66 40.86 30.01
N LEU A 342 2.85 41.09 29.45
CA LEU A 342 3.47 42.40 29.54
C LEU A 342 2.55 43.50 29.06
N ALA A 343 1.87 43.26 27.94
CA ALA A 343 0.93 44.24 27.39
C ALA A 343 -0.18 44.56 28.39
N LEU A 344 -0.74 43.52 29.01
CA LEU A 344 -1.80 43.71 29.99
C LEU A 344 -1.32 44.59 31.14
N LEU A 345 -0.14 44.24 31.66
CA LEU A 345 0.47 44.99 32.75
C LEU A 345 0.74 46.45 32.36
N LEU A 346 1.01 46.68 31.08
CA LEU A 346 1.26 48.02 30.57
C LEU A 346 -0.04 48.73 30.22
N GLY A 347 -1.17 48.10 30.56
CA GLY A 347 -2.46 48.69 30.30
C GLY A 347 -2.86 48.76 28.83
N LYS A 348 -2.25 47.94 27.99
CA LYS A 348 -2.58 47.92 26.56
C LYS A 348 -3.31 46.64 26.16
N ASN A 349 -4.17 46.74 25.15
CA ASN A 349 -4.92 45.57 24.67
C ASN A 349 -4.02 44.76 23.73
N PRO A 350 -3.63 43.55 24.15
CA PRO A 350 -2.76 42.69 23.33
C PRO A 350 -3.44 42.27 22.03
N GLU A 351 -4.74 42.02 22.12
CA GLU A 351 -5.53 41.59 20.97
C GLU A 351 -5.46 42.59 19.80
N LYS A 352 -4.95 43.79 20.06
CA LYS A 352 -4.87 44.81 19.01
C LYS A 352 -3.47 45.41 18.80
N GLU A 353 -2.64 45.36 19.84
CA GLU A 353 -1.29 45.93 19.79
C GLU A 353 -0.17 44.96 19.41
N LEU A 354 -0.42 43.66 19.55
CA LEU A 354 0.59 42.66 19.22
C LEU A 354 0.27 42.03 17.86
N PRO A 355 1.05 42.37 16.83
CA PRO A 355 0.87 41.85 15.47
C PRO A 355 0.67 40.35 15.34
N PHE A 356 1.50 39.56 16.02
CA PHE A 356 1.37 38.11 15.92
C PHE A 356 0.05 37.58 16.45
N ILE A 357 -0.70 38.42 17.15
CA ILE A 357 -1.99 37.97 17.69
C ILE A 357 -3.20 38.23 16.78
N TYR A 358 -3.35 39.45 16.25
CA TYR A 358 -4.50 39.71 15.38
C TYR A 358 -4.32 39.12 13.99
N ARG A 359 -3.06 39.03 13.55
CA ARG A 359 -2.76 38.46 12.23
C ARG A 359 -3.15 36.98 12.19
N GLU A 360 -2.89 36.25 13.27
CA GLU A 360 -3.23 34.84 13.32
C GLU A 360 -4.74 34.62 13.30
N ARG A 361 -5.45 35.46 14.05
CA ARG A 361 -6.90 35.36 14.14
C ARG A 361 -7.56 35.73 12.82
N ILE A 362 -7.11 36.83 12.20
CA ILE A 362 -7.68 37.27 10.93
C ILE A 362 -7.41 36.26 9.81
N LEU A 363 -6.19 35.74 9.74
CA LEU A 363 -5.84 34.76 8.71
C LEU A 363 -6.63 33.46 8.85
N LYS A 364 -6.95 33.07 10.08
CA LYS A 364 -7.72 31.84 10.27
C LYS A 364 -9.05 31.90 9.56
N LYS A 365 -9.58 33.11 9.40
CA LYS A 365 -10.86 33.31 8.74
C LYS A 365 -10.84 33.00 7.24
N VAL A 366 -9.65 33.10 6.64
CA VAL A 366 -9.48 32.90 5.21
C VAL A 366 -9.32 31.45 4.76
N GLU A 367 -9.09 30.54 5.71
CA GLU A 367 -8.93 29.13 5.37
C GLU A 367 -10.29 28.50 5.09
N GLY A 368 -10.31 27.51 4.21
CA GLY A 368 -11.54 26.83 3.84
C GLY A 368 -11.58 26.42 2.37
N ARG A 369 -12.76 26.02 1.91
CA ARG A 369 -12.95 25.60 0.52
C ARG A 369 -13.68 26.72 -0.23
N TYR A 370 -13.20 27.04 -1.42
CA TYR A 370 -13.78 28.11 -2.22
C TYR A 370 -14.34 27.59 -3.55
N MET A 371 -15.53 28.05 -3.93
CA MET A 371 -16.17 27.64 -5.18
C MET A 371 -16.39 28.78 -6.17
N GLY A 372 -16.32 28.44 -7.45
CA GLY A 372 -16.55 29.44 -8.48
C GLY A 372 -18.03 29.55 -8.74
N TYR A 373 -18.40 30.23 -9.82
CA TYR A 373 -19.80 30.41 -10.20
C TYR A 373 -20.50 29.04 -10.27
N LYS A 374 -21.52 28.88 -9.42
CA LYS A 374 -22.26 27.63 -9.38
C LYS A 374 -21.36 26.38 -9.32
N GLY A 375 -20.29 26.46 -8.54
CA GLY A 375 -19.38 25.34 -8.37
C GLY A 375 -18.55 24.83 -9.55
N THR A 376 -18.22 25.69 -10.50
CA THR A 376 -17.42 25.26 -11.64
C THR A 376 -16.00 24.83 -11.24
N ILE A 377 -15.29 25.71 -10.52
CA ILE A 377 -13.94 25.39 -10.08
C ILE A 377 -13.86 25.41 -8.56
N LYS A 378 -13.00 24.54 -8.02
CA LYS A 378 -12.85 24.41 -6.57
C LYS A 378 -11.43 24.65 -6.09
N PHE A 379 -11.31 25.43 -5.01
CA PHE A 379 -10.02 25.76 -4.42
C PHE A 379 -10.08 25.63 -2.90
N GLU A 380 -8.93 25.39 -2.28
CA GLU A 380 -8.88 25.32 -0.83
C GLU A 380 -7.77 26.23 -0.33
N VAL A 381 -8.09 27.05 0.67
CA VAL A 381 -7.11 27.95 1.25
C VAL A 381 -6.63 27.41 2.60
N LYS A 382 -5.32 27.29 2.74
CA LYS A 382 -4.72 26.82 3.97
C LYS A 382 -3.64 27.82 4.34
N VAL A 383 -3.56 28.17 5.62
CA VAL A 383 -2.54 29.11 6.07
C VAL A 383 -1.33 28.35 6.64
N ASP A 384 -0.15 28.94 6.48
CA ASP A 384 1.06 28.32 7.02
C ASP A 384 1.94 29.37 7.67
N GLY A 385 1.73 29.55 8.97
CA GLY A 385 2.50 30.55 9.67
C GLY A 385 2.11 31.89 9.11
N ASP A 386 3.00 32.50 8.34
CA ASP A 386 2.76 33.83 7.77
C ASP A 386 2.33 33.81 6.30
N VAL A 387 2.29 32.63 5.68
CA VAL A 387 1.94 32.54 4.27
C VAL A 387 0.57 31.91 4.03
N VAL A 388 -0.08 32.39 2.98
CA VAL A 388 -1.39 31.88 2.61
C VAL A 388 -1.23 31.12 1.31
N TYR A 389 -1.68 29.86 1.29
CA TYR A 389 -1.56 29.04 0.09
C TYR A 389 -2.91 28.80 -0.57
N LEU A 390 -2.97 29.01 -1.88
CA LEU A 390 -4.19 28.78 -2.64
C LEU A 390 -3.93 27.61 -3.60
N ARG A 391 -4.64 26.50 -3.40
CA ARG A 391 -4.44 25.34 -4.26
C ARG A 391 -5.72 24.90 -4.98
N ALA A 392 -5.55 24.24 -6.12
CA ALA A 392 -6.67 23.78 -6.91
C ALA A 392 -7.01 22.32 -6.65
N LEU A 393 -8.28 22.04 -6.36
CA LEU A 393 -8.69 20.66 -6.13
C LEU A 393 -8.54 19.97 -7.49
N GLY A 394 -8.90 18.70 -7.55
CA GLY A 394 -8.77 17.96 -8.80
C GLY A 394 -7.51 17.13 -8.75
N ARG A 395 -7.66 15.81 -8.76
CA ARG A 395 -6.53 14.88 -8.70
C ARG A 395 -5.76 14.86 -10.01
N ALA A 396 -6.25 15.59 -11.00
CA ALA A 396 -5.60 15.63 -12.32
C ALA A 396 -4.87 16.94 -12.56
N PHE A 397 -5.40 18.03 -11.99
CA PHE A 397 -4.80 19.34 -12.17
C PHE A 397 -4.76 20.19 -10.90
N THR A 398 -4.20 19.63 -9.83
CA THR A 398 -4.11 20.35 -8.54
C THR A 398 -2.78 21.10 -8.44
N TYR A 399 -2.82 22.44 -8.54
CA TYR A 399 -1.59 23.24 -8.43
C TYR A 399 -1.67 24.21 -7.24
N THR A 400 -0.51 24.70 -6.78
CA THR A 400 -0.44 25.60 -5.62
C THR A 400 0.27 26.95 -5.82
N ILE A 401 -0.26 27.98 -5.16
CA ILE A 401 0.27 29.34 -5.22
C ILE A 401 0.58 29.90 -3.83
N PRO A 402 1.75 30.57 -3.68
CA PRO A 402 2.15 31.17 -2.41
C PRO A 402 1.72 32.63 -2.35
N LEU A 403 0.94 33.01 -1.33
CA LEU A 403 0.47 34.39 -1.19
C LEU A 403 1.03 35.11 0.03
N PHE A 404 1.56 36.31 -0.19
CA PHE A 404 2.13 37.11 0.89
C PHE A 404 1.20 38.26 1.27
N PRO A 405 0.72 38.27 2.52
CA PRO A 405 -0.17 39.35 2.95
C PRO A 405 0.57 40.69 2.94
N GLU A 406 0.00 41.68 2.23
CA GLU A 406 0.59 43.01 2.13
C GLU A 406 -0.30 43.97 2.88
N VAL A 407 -1.53 43.54 3.16
CA VAL A 407 -2.48 44.38 3.87
C VAL A 407 -3.46 43.54 4.69
N LEU A 408 -3.45 43.72 6.01
CA LEU A 408 -4.36 42.97 6.88
C LEU A 408 -5.27 43.86 7.70
N GLU A 409 -6.56 43.55 7.65
CA GLU A 409 -7.57 44.27 8.39
C GLU A 409 -8.59 43.22 8.78
N GLU A 410 -9.47 43.56 9.70
CA GLU A 410 -10.51 42.64 10.19
C GLU A 410 -11.42 42.04 9.13
N ASP A 411 -11.76 42.84 8.13
CA ASP A 411 -12.68 42.42 7.07
C ASP A 411 -12.01 42.36 5.71
N PHE A 412 -10.71 42.62 5.65
CA PHE A 412 -10.02 42.65 4.38
C PHE A 412 -8.55 42.24 4.45
N ILE A 413 -8.15 41.33 3.57
CA ILE A 413 -6.76 40.87 3.49
C ILE A 413 -6.32 40.93 2.03
N LYS A 414 -5.28 41.72 1.74
CA LYS A 414 -4.78 41.83 0.38
C LYS A 414 -3.44 41.09 0.32
N CYS A 415 -3.32 40.14 -0.58
CA CYS A 415 -2.09 39.36 -0.72
C CYS A 415 -1.56 39.51 -2.14
N TYR A 416 -0.34 39.01 -2.35
CA TYR A 416 0.27 39.06 -3.67
C TYR A 416 1.21 37.89 -3.81
N THR A 417 1.42 37.47 -5.04
CA THR A 417 2.31 36.36 -5.33
C THR A 417 3.22 36.80 -6.46
N LEU A 418 3.92 35.85 -7.07
CA LEU A 418 4.82 36.20 -8.16
C LEU A 418 4.25 35.84 -9.52
N SER A 419 4.30 36.80 -10.44
CA SER A 419 3.78 36.64 -11.80
C SER A 419 4.82 37.14 -12.80
N ASN A 420 5.41 36.22 -13.55
CA ASN A 420 6.43 36.56 -14.55
C ASN A 420 7.46 37.57 -14.06
N GLY A 421 7.44 37.91 -12.77
CA GLY A 421 8.41 38.88 -12.26
C GLY A 421 7.86 40.08 -11.51
N ARG A 422 6.55 40.29 -11.57
CA ARG A 422 5.92 41.41 -10.87
C ARG A 422 4.91 40.81 -9.90
N LYS A 423 4.51 41.58 -8.90
CA LYS A 423 3.56 41.08 -7.92
C LYS A 423 2.11 41.17 -8.40
N MET A 424 1.42 40.03 -8.34
CA MET A 424 0.03 39.90 -8.74
C MET A 424 -0.77 39.75 -7.44
N TYR A 425 -1.88 40.48 -7.29
CA TYR A 425 -2.63 40.43 -6.04
C TYR A 425 -3.91 39.62 -5.97
N ALA A 426 -4.24 39.25 -4.73
CA ALA A 426 -5.47 38.51 -4.43
C ALA A 426 -6.12 39.31 -3.30
N GLU A 427 -7.45 39.22 -3.19
CA GLU A 427 -8.17 39.95 -2.14
C GLU A 427 -9.23 39.08 -1.49
N PHE A 428 -9.23 39.09 -0.15
CA PHE A 428 -10.19 38.32 0.64
C PHE A 428 -11.15 39.31 1.31
N TYR A 429 -12.45 39.14 1.09
CA TYR A 429 -13.44 40.01 1.70
C TYR A 429 -14.23 39.21 2.74
N ILE A 430 -14.01 39.49 4.02
CA ILE A 430 -14.71 38.78 5.09
C ILE A 430 -15.98 39.53 5.51
N LYS A 431 -17.13 38.87 5.40
CA LYS A 431 -18.40 39.50 5.74
C LYS A 431 -19.53 38.45 5.85
N ASP A 432 -20.39 38.62 6.86
CA ASP A 432 -21.52 37.73 7.12
C ASP A 432 -21.17 36.23 7.11
N ASN A 433 -20.28 35.81 8.01
CA ASN A 433 -19.86 34.41 8.09
C ASN A 433 -19.62 33.86 6.68
N LYS A 434 -19.03 34.70 5.81
CA LYS A 434 -18.73 34.34 4.42
C LYS A 434 -17.49 35.11 3.95
N VAL A 435 -16.82 34.57 2.93
CA VAL A 435 -15.61 35.22 2.39
C VAL A 435 -15.53 35.16 0.87
N ASP A 436 -15.28 36.33 0.25
CA ASP A 436 -15.14 36.42 -1.20
C ASP A 436 -13.67 36.57 -1.58
N LEU A 437 -13.18 35.68 -2.43
CA LEU A 437 -11.80 35.75 -2.88
C LEU A 437 -11.77 36.22 -4.34
N ILE A 438 -11.04 37.30 -4.59
CA ILE A 438 -10.91 37.83 -5.95
C ILE A 438 -9.45 37.65 -6.32
N PHE A 439 -9.17 36.73 -7.25
CA PHE A 439 -7.80 36.47 -7.66
C PHE A 439 -7.66 36.52 -9.19
N GLU A 440 -6.99 37.56 -9.66
CA GLU A 440 -6.80 37.79 -11.09
C GLU A 440 -8.16 37.82 -11.80
N ARG A 441 -8.44 36.81 -12.62
CA ARG A 441 -9.71 36.77 -13.36
C ARG A 441 -10.89 36.17 -12.60
N TYR A 442 -10.61 35.34 -11.60
CA TYR A 442 -11.68 34.66 -10.89
C TYR A 442 -12.29 35.30 -9.64
N ARG A 443 -13.46 34.80 -9.28
CA ARG A 443 -14.17 35.19 -8.07
C ARG A 443 -14.49 33.82 -7.45
N LEU A 444 -14.18 33.67 -6.16
CA LEU A 444 -14.42 32.41 -5.46
C LEU A 444 -15.07 32.69 -4.10
N ILE A 445 -16.02 31.85 -3.69
CA ILE A 445 -16.70 32.06 -2.43
C ILE A 445 -16.59 30.85 -1.51
N LYS A 446 -16.00 31.09 -0.34
CA LYS A 446 -15.78 30.06 0.67
C LYS A 446 -17.02 29.23 1.01
N SER A 447 -16.88 27.90 1.04
CA SER A 447 -17.96 27.00 1.40
C SER A 447 -18.29 27.11 2.89
N MET B 1 52.12 14.43 19.00
CA MET B 1 50.98 14.04 18.15
C MET B 1 50.04 15.22 18.00
N ASP B 2 49.48 15.36 16.79
CA ASP B 2 48.56 16.46 16.49
C ASP B 2 47.13 16.08 16.89
N VAL B 3 46.84 16.21 18.18
CA VAL B 3 45.53 15.88 18.74
C VAL B 3 44.35 16.58 18.07
N GLY B 4 44.40 17.89 17.99
CA GLY B 4 43.31 18.62 17.35
C GLY B 4 42.93 17.91 16.07
N LYS B 5 43.92 17.41 15.34
CA LYS B 5 43.66 16.72 14.09
C LYS B 5 42.94 15.37 14.30
N LEU B 6 43.39 14.63 15.31
CA LEU B 6 42.80 13.32 15.60
C LEU B 6 41.35 13.46 16.09
N GLU B 7 41.12 14.43 16.97
CA GLU B 7 39.79 14.65 17.51
C GLU B 7 38.79 15.05 16.43
N SER B 8 39.20 15.93 15.52
CA SER B 8 38.29 16.34 14.45
C SER B 8 37.91 15.12 13.64
N PHE B 9 38.89 14.26 13.35
CA PHE B 9 38.65 13.06 12.58
C PHE B 9 37.54 12.22 13.20
N ILE B 10 37.72 11.90 14.48
CA ILE B 10 36.76 11.08 15.20
C ILE B 10 35.35 11.68 15.25
N VAL B 11 35.23 12.96 15.60
CA VAL B 11 33.90 13.56 15.65
C VAL B 11 33.26 13.56 14.26
N GLU B 12 34.04 13.85 13.24
CA GLU B 12 33.53 13.90 11.88
C GLU B 12 33.03 12.55 11.38
N LYS B 13 33.74 11.47 11.71
CA LYS B 13 33.31 10.14 11.29
C LYS B 13 32.09 9.68 12.08
N MET B 14 32.09 9.94 13.39
CA MET B 14 30.95 9.55 14.23
C MET B 14 29.67 10.19 13.70
N ALA B 15 29.80 11.40 13.18
CA ALA B 15 28.65 12.12 12.63
C ALA B 15 28.28 11.49 11.27
N GLU B 16 29.29 11.36 10.41
CA GLU B 16 29.08 10.79 9.07
C GLU B 16 28.48 9.40 9.06
N ARG B 17 28.90 8.56 10.00
CA ARG B 17 28.44 7.16 10.08
C ARG B 17 27.37 6.87 11.13
N LYS B 18 26.97 7.89 11.87
CA LYS B 18 25.97 7.74 12.92
C LYS B 18 26.43 6.76 14.00
N VAL B 19 27.58 7.06 14.60
CA VAL B 19 28.13 6.25 15.67
C VAL B 19 27.77 6.97 16.96
N PRO B 20 27.15 6.28 17.92
CA PRO B 20 26.75 6.89 19.19
C PRO B 20 27.89 7.22 20.17
N GLY B 21 28.85 6.32 20.29
CA GLY B 21 29.94 6.57 21.22
C GLY B 21 31.25 5.87 20.93
N ILE B 22 32.34 6.49 21.37
CA ILE B 22 33.66 5.95 21.18
C ILE B 22 34.58 6.34 22.32
N SER B 23 35.45 5.41 22.70
CA SER B 23 36.44 5.64 23.74
C SER B 23 37.76 5.23 23.14
N ILE B 24 38.84 5.90 23.54
CA ILE B 24 40.16 5.58 23.02
C ILE B 24 41.25 5.88 24.03
N SER B 25 42.29 5.06 24.03
CA SER B 25 43.42 5.26 24.94
C SER B 25 44.67 5.11 24.09
N ILE B 26 45.69 5.88 24.43
CA ILE B 26 46.95 5.84 23.70
C ILE B 26 48.11 5.65 24.67
N ILE B 27 48.99 4.70 24.35
CA ILE B 27 50.14 4.41 25.19
C ILE B 27 51.46 4.72 24.49
N LYS B 28 52.32 5.45 25.19
CA LYS B 28 53.64 5.79 24.67
C LYS B 28 54.71 5.50 25.71
N ASP B 29 55.62 4.60 25.34
CA ASP B 29 56.72 4.12 26.16
C ASP B 29 56.47 4.10 27.67
N GLY B 30 55.54 3.24 28.10
CA GLY B 30 55.27 3.09 29.52
C GLY B 30 54.11 3.80 30.19
N ASP B 31 53.52 4.80 29.53
CA ASP B 31 52.41 5.51 30.17
C ASP B 31 51.26 5.77 29.21
N VAL B 32 50.09 5.98 29.79
CA VAL B 32 48.88 6.31 29.05
C VAL B 32 48.95 7.81 28.92
N VAL B 33 49.23 8.32 27.73
CA VAL B 33 49.33 9.77 27.56
C VAL B 33 48.07 10.39 26.99
N TYR B 34 47.09 9.56 26.67
CA TYR B 34 45.85 10.07 26.09
C TYR B 34 44.71 9.06 26.21
N ALA B 35 43.70 9.43 26.97
CA ALA B 35 42.52 8.61 27.16
C ALA B 35 41.37 9.60 27.10
N LYS B 36 40.40 9.34 26.24
CA LYS B 36 39.29 10.27 26.11
C LYS B 36 38.07 9.61 25.48
N GLY B 37 36.88 9.99 25.95
CA GLY B 37 35.65 9.43 25.41
C GLY B 37 34.95 10.43 24.50
N PHE B 38 34.14 9.94 23.57
CA PHE B 38 33.41 10.79 22.62
C PHE B 38 31.96 10.32 22.47
N GLY B 39 31.04 11.26 22.34
CA GLY B 39 29.66 10.89 22.15
C GLY B 39 28.98 10.28 23.37
N TYR B 40 28.00 9.42 23.10
CA TYR B 40 27.20 8.80 24.13
C TYR B 40 27.31 7.28 24.29
N ARG B 41 27.42 6.83 25.55
CA ARG B 41 27.49 5.41 25.84
C ARG B 41 26.05 4.91 25.87
N ASN B 42 25.14 5.81 26.22
CA ASN B 42 23.72 5.48 26.26
C ASN B 42 22.94 6.71 25.78
N VAL B 43 22.39 6.62 24.57
CA VAL B 43 21.65 7.73 23.99
C VAL B 43 20.32 8.05 24.68
N GLU B 44 19.53 7.04 25.02
CA GLU B 44 18.24 7.29 25.66
C GLU B 44 18.39 7.99 27.00
N ALA B 45 19.42 7.60 27.77
CA ALA B 45 19.67 8.18 29.08
C ALA B 45 20.60 9.40 29.03
N ARG B 46 21.13 9.70 27.85
CA ARG B 46 22.02 10.83 27.66
C ARG B 46 23.32 10.65 28.46
N LEU B 47 23.82 9.42 28.53
CA LEU B 47 25.05 9.17 29.27
C LEU B 47 26.24 9.22 28.31
N PRO B 48 27.24 10.04 28.61
CA PRO B 48 28.44 10.19 27.77
C PRO B 48 29.43 9.04 27.86
N SER B 49 30.18 8.84 26.79
CA SER B 49 31.21 7.79 26.75
C SER B 49 32.46 8.38 27.42
N THR B 50 33.10 7.60 28.29
CA THR B 50 34.30 8.08 28.97
C THR B 50 35.43 7.07 28.88
N PRO B 51 36.64 7.46 29.31
CA PRO B 51 37.79 6.54 29.27
C PRO B 51 37.51 5.23 30.00
N GLU B 52 36.61 5.27 30.98
CA GLU B 52 36.27 4.05 31.73
C GLU B 52 35.06 3.29 31.21
N THR B 53 34.36 3.82 30.22
CA THR B 53 33.19 3.14 29.68
C THR B 53 33.48 1.69 29.26
N ILE B 54 32.61 0.77 29.67
CA ILE B 54 32.76 -0.63 29.34
C ILE B 54 32.01 -0.95 28.05
N TYR B 55 32.65 -1.75 27.20
CA TYR B 55 32.08 -2.17 25.91
C TYR B 55 32.38 -3.66 25.70
N GLY B 56 31.77 -4.24 24.68
CA GLY B 56 32.07 -5.62 24.38
C GLY B 56 33.32 -5.48 23.52
N ILE B 57 34.29 -6.37 23.68
CA ILE B 57 35.52 -6.25 22.87
C ILE B 57 35.61 -7.29 21.74
N GLY B 58 34.67 -8.22 21.73
CA GLY B 58 34.66 -9.22 20.70
C GLY B 58 35.91 -10.08 20.56
N SER B 59 36.38 -10.24 19.32
CA SER B 59 37.54 -11.07 19.03
C SER B 59 38.86 -10.61 19.62
N ILE B 60 38.86 -9.48 20.32
CA ILE B 60 40.08 -9.03 20.95
C ILE B 60 40.33 -10.01 22.10
N THR B 61 39.26 -10.70 22.48
CA THR B 61 39.29 -11.70 23.54
C THR B 61 40.15 -12.90 23.11
N LYS B 62 40.29 -13.11 21.81
CA LYS B 62 41.08 -14.23 21.31
C LYS B 62 42.53 -14.20 21.81
N SER B 63 43.12 -13.01 21.87
CA SER B 63 44.49 -12.87 22.33
C SER B 63 44.61 -13.28 23.80
N PHE B 64 43.56 -13.01 24.58
CA PHE B 64 43.54 -13.40 25.99
C PHE B 64 43.58 -14.91 26.06
N THR B 65 42.77 -15.55 25.22
CA THR B 65 42.70 -17.00 25.16
C THR B 65 44.05 -17.59 24.75
N ALA B 66 44.71 -16.94 23.80
CA ALA B 66 46.01 -17.39 23.31
C ALA B 66 47.08 -17.25 24.38
N LEU B 67 47.03 -16.15 25.13
CA LEU B 67 48.00 -15.90 26.19
C LEU B 67 47.90 -16.97 27.28
N ALA B 68 46.67 -17.37 27.59
CA ALA B 68 46.43 -18.39 28.62
C ALA B 68 47.04 -19.72 28.17
N ILE B 69 46.99 -19.99 26.87
CA ILE B 69 47.55 -21.22 26.33
C ILE B 69 49.07 -21.18 26.50
N MET B 70 49.67 -20.03 26.21
CA MET B 70 51.11 -19.86 26.36
C MET B 70 51.56 -20.19 27.79
N LYS B 71 50.80 -19.70 28.77
CA LYS B 71 51.10 -19.94 30.17
C LYS B 71 51.06 -21.45 30.49
N LEU B 72 49.94 -22.09 30.14
CA LEU B 72 49.79 -23.52 30.38
C LEU B 72 50.90 -24.31 29.68
N VAL B 73 51.35 -23.83 28.51
CA VAL B 73 52.40 -24.51 27.78
C VAL B 73 53.74 -24.32 28.50
N GLU B 74 54.00 -23.11 28.97
CA GLU B 74 55.25 -22.83 29.68
C GLU B 74 55.30 -23.65 30.97
N GLU B 75 54.14 -24.02 31.50
CA GLU B 75 54.09 -24.80 32.72
C GLU B 75 54.16 -26.30 32.46
N GLY B 76 54.18 -26.69 31.20
CA GLY B 76 54.23 -28.10 30.87
C GLY B 76 52.85 -28.76 30.92
N GLY B 77 51.81 -27.93 30.88
CA GLY B 77 50.46 -28.45 30.92
C GLY B 77 50.12 -29.13 29.62
N LEU B 78 50.66 -28.62 28.52
CA LEU B 78 50.41 -29.19 27.20
C LEU B 78 51.39 -28.63 26.17
N SER B 79 51.38 -29.24 24.99
CA SER B 79 52.26 -28.83 23.91
C SER B 79 51.44 -28.28 22.74
N LEU B 80 52.01 -27.31 22.04
CA LEU B 80 51.34 -26.70 20.90
C LEU B 80 51.15 -27.68 19.74
N ASP B 81 51.88 -28.79 19.76
CA ASP B 81 51.77 -29.79 18.71
C ASP B 81 50.82 -30.93 19.08
N ASP B 82 50.25 -30.89 20.29
CA ASP B 82 49.31 -31.93 20.71
C ASP B 82 48.04 -31.88 19.87
N PRO B 83 47.46 -33.05 19.56
CA PRO B 83 46.23 -33.01 18.76
C PRO B 83 45.09 -32.62 19.70
N VAL B 84 44.11 -31.88 19.16
CA VAL B 84 42.98 -31.43 19.95
C VAL B 84 42.25 -32.58 20.66
N GLU B 85 42.08 -33.71 19.95
CA GLU B 85 41.38 -34.89 20.48
C GLU B 85 41.95 -35.36 21.83
N LYS B 86 43.14 -34.88 22.15
CA LYS B 86 43.75 -35.27 23.41
C LYS B 86 43.05 -34.59 24.59
N PHE B 87 42.44 -33.43 24.36
CA PHE B 87 41.79 -32.67 25.43
C PHE B 87 40.27 -32.55 25.38
N VAL B 88 39.70 -32.56 24.18
CA VAL B 88 38.26 -32.46 24.00
C VAL B 88 37.76 -33.74 23.35
N ASN B 89 36.53 -34.14 23.69
CA ASN B 89 35.94 -35.34 23.10
C ASN B 89 35.18 -34.94 21.84
N ILE B 90 35.88 -34.97 20.73
CA ILE B 90 35.31 -34.58 19.44
C ILE B 90 36.27 -35.04 18.36
N LYS B 91 35.76 -35.36 17.18
CA LYS B 91 36.60 -35.82 16.09
C LYS B 91 37.24 -34.68 15.30
N LEU B 92 38.57 -34.64 15.30
CA LEU B 92 39.29 -33.59 14.58
C LEU B 92 40.54 -34.10 13.88
N ARG B 93 40.34 -35.02 12.95
CA ARG B 93 41.43 -35.60 12.20
C ARG B 93 40.98 -35.70 10.73
N PRO B 94 40.71 -34.54 10.10
CA PRO B 94 40.27 -34.49 8.70
C PRO B 94 41.32 -35.00 7.73
N PHE B 95 40.89 -35.82 6.78
CA PHE B 95 41.77 -36.40 5.77
C PHE B 95 42.88 -37.22 6.42
N GLY B 96 42.69 -37.63 7.67
CA GLY B 96 43.70 -38.43 8.35
C GLY B 96 44.80 -37.65 9.05
N GLU B 97 44.65 -36.33 9.18
CA GLU B 97 45.65 -35.51 9.84
C GLU B 97 45.07 -34.88 11.10
N PRO B 98 45.83 -34.92 12.22
CA PRO B 98 45.37 -34.36 13.49
C PRO B 98 45.41 -32.84 13.54
N VAL B 99 44.33 -32.23 14.01
CA VAL B 99 44.32 -30.79 14.16
C VAL B 99 44.99 -30.59 15.51
N THR B 100 45.96 -29.68 15.59
CA THR B 100 46.64 -29.45 16.86
C THR B 100 46.27 -28.11 17.49
N VAL B 101 46.82 -27.87 18.67
CA VAL B 101 46.57 -26.63 19.39
C VAL B 101 47.07 -25.50 18.50
N HIS B 102 48.23 -25.70 17.89
CA HIS B 102 48.82 -24.70 17.01
C HIS B 102 47.86 -24.36 15.87
N HIS B 103 47.22 -25.38 15.29
CA HIS B 103 46.29 -25.17 14.19
C HIS B 103 45.09 -24.32 14.60
N LEU B 104 44.57 -24.56 15.80
CA LEU B 104 43.43 -23.82 16.31
C LEU B 104 43.77 -22.35 16.50
N LEU B 105 44.93 -22.09 17.10
CA LEU B 105 45.40 -20.73 17.37
C LEU B 105 45.62 -19.92 16.09
N THR B 106 46.11 -20.58 15.04
CA THR B 106 46.39 -19.92 13.76
C THR B 106 45.25 -20.04 12.72
N HIS B 107 44.11 -20.57 13.13
CA HIS B 107 42.96 -20.76 12.24
C HIS B 107 43.38 -21.59 11.01
N SER B 108 44.21 -22.61 11.19
CA SER B 108 44.65 -23.42 10.05
C SER B 108 44.23 -24.88 10.10
N SER B 109 43.18 -25.20 10.85
CA SER B 109 42.70 -26.57 10.96
C SER B 109 42.28 -27.20 9.63
N GLY B 110 41.96 -26.35 8.65
CA GLY B 110 41.53 -26.82 7.35
C GLY B 110 40.01 -26.84 7.27
N ILE B 111 39.38 -26.29 8.29
CA ILE B 111 37.93 -26.22 8.42
C ILE B 111 37.43 -24.78 8.30
N PRO B 112 36.66 -24.47 7.24
CA PRO B 112 36.14 -23.11 7.05
C PRO B 112 35.14 -22.75 8.15
N SER B 113 34.84 -21.46 8.27
CA SER B 113 33.91 -20.95 9.27
C SER B 113 32.59 -21.72 9.31
N LEU B 114 32.11 -22.05 10.52
CA LEU B 114 30.84 -22.74 10.65
C LEU B 114 29.71 -21.70 10.64
N GLY B 115 30.09 -20.43 10.69
CA GLY B 115 29.10 -19.37 10.69
C GLY B 115 28.22 -19.34 11.92
N TYR B 116 28.61 -20.06 12.98
CA TYR B 116 27.78 -20.11 14.18
C TYR B 116 27.54 -18.74 14.85
N ALA B 117 28.59 -17.95 15.03
CA ALA B 117 28.49 -16.65 15.69
C ALA B 117 27.63 -15.67 14.91
N GLU B 118 27.65 -15.77 13.59
CA GLU B 118 26.85 -14.89 12.76
C GLU B 118 25.38 -15.22 13.00
N ALA B 119 25.04 -16.51 12.96
CA ALA B 119 23.68 -16.96 13.21
C ALA B 119 23.22 -16.58 14.61
N PHE B 120 24.06 -16.89 15.59
CA PHE B 120 23.75 -16.58 16.99
C PHE B 120 23.40 -15.13 17.26
N ILE B 121 24.32 -14.21 16.97
CA ILE B 121 24.09 -12.79 17.19
C ILE B 121 22.96 -12.25 16.35
N ASP B 122 22.84 -12.70 15.10
CA ASP B 122 21.77 -12.20 14.23
C ASP B 122 20.40 -12.46 14.86
N GLY B 123 20.25 -13.63 15.48
CA GLY B 123 18.99 -13.97 16.11
C GLY B 123 18.75 -13.20 17.39
N MET B 124 19.82 -12.89 18.11
CA MET B 124 19.73 -12.15 19.37
C MET B 124 19.44 -10.66 19.18
N VAL B 125 19.52 -10.18 17.95
CA VAL B 125 19.27 -8.77 17.67
C VAL B 125 17.99 -8.56 16.83
N GLY B 126 17.19 -9.62 16.71
CA GLY B 126 15.95 -9.51 15.95
C GLY B 126 16.05 -9.93 14.50
N GLY B 127 17.14 -10.59 14.12
CA GLY B 127 17.31 -11.03 12.74
C GLY B 127 16.47 -12.25 12.41
N ASP B 128 16.47 -12.66 11.13
CA ASP B 128 15.69 -13.81 10.73
C ASP B 128 16.44 -15.12 10.94
N ASN B 129 17.55 -15.05 11.67
CA ASN B 129 18.35 -16.23 11.95
C ASN B 129 18.09 -16.71 13.37
N TRP B 130 18.61 -17.87 13.72
CA TRP B 130 18.44 -18.41 15.07
C TRP B 130 19.33 -19.64 15.37
N LEU B 131 20.14 -19.51 16.41
CA LEU B 131 21.05 -20.56 16.89
C LEU B 131 21.27 -20.27 18.36
N PRO B 132 20.37 -20.78 19.22
CA PRO B 132 20.43 -20.58 20.66
C PRO B 132 21.48 -21.36 21.45
N VAL B 133 22.75 -21.08 21.18
CA VAL B 133 23.83 -21.74 21.90
C VAL B 133 24.20 -20.78 23.04
N SER B 134 23.55 -20.96 24.20
CA SER B 134 23.77 -20.10 25.35
C SER B 134 25.02 -20.41 26.17
N THR B 135 25.77 -21.44 25.78
CA THR B 135 27.00 -21.80 26.47
C THR B 135 27.96 -22.42 25.45
N PRO B 136 29.27 -22.41 25.76
CA PRO B 136 30.26 -22.99 24.84
C PRO B 136 30.06 -24.49 24.71
N GLU B 137 29.49 -25.10 25.74
CA GLU B 137 29.21 -26.52 25.73
C GLU B 137 28.20 -26.81 24.62
N GLU B 138 27.16 -25.99 24.55
CA GLU B 138 26.12 -26.15 23.55
C GLU B 138 26.70 -25.95 22.15
N THR B 139 27.61 -24.98 22.03
CA THR B 139 28.27 -24.68 20.77
C THR B 139 29.13 -25.88 20.31
N ILE B 140 29.88 -26.47 21.22
CA ILE B 140 30.71 -27.62 20.87
C ILE B 140 29.81 -28.78 20.41
N ALA B 141 28.65 -28.92 21.04
CA ALA B 141 27.71 -29.97 20.67
C ALA B 141 27.25 -29.79 19.22
N PHE B 142 26.93 -28.54 18.88
CA PHE B 142 26.48 -28.19 17.54
C PHE B 142 27.58 -28.43 16.51
N ALA B 143 28.82 -28.15 16.91
CA ALA B 143 29.99 -28.32 16.05
C ALA B 143 30.49 -29.76 16.02
N ARG B 144 29.68 -30.67 16.54
CA ARG B 144 30.06 -32.08 16.62
C ARG B 144 30.61 -32.71 15.34
N ASP B 145 30.04 -32.34 14.20
CA ASP B 145 30.48 -32.91 12.93
C ASP B 145 31.34 -31.99 12.07
N MET B 146 31.94 -30.97 12.70
CA MET B 146 32.77 -30.01 11.99
C MET B 146 33.95 -30.63 11.22
N GLU B 147 34.31 -31.86 11.54
CA GLU B 147 35.42 -32.51 10.83
C GLU B 147 35.06 -32.74 9.36
N LYS B 148 33.78 -32.98 9.10
CA LYS B 148 33.30 -33.23 7.74
C LYS B 148 33.18 -31.94 6.91
N TRP B 149 33.32 -30.80 7.56
CA TRP B 149 33.22 -29.50 6.88
C TRP B 149 34.54 -29.15 6.22
N ALA B 150 35.61 -29.82 6.66
CA ALA B 150 36.97 -29.62 6.16
C ALA B 150 37.15 -29.71 4.65
N VAL B 151 37.93 -28.79 4.10
CA VAL B 151 38.23 -28.72 2.67
C VAL B 151 39.75 -28.73 2.42
N ALA B 152 40.55 -28.77 3.49
CA ALA B 152 41.99 -28.78 3.36
C ALA B 152 42.67 -29.53 4.50
N LYS B 153 43.94 -29.84 4.32
CA LYS B 153 44.70 -30.53 5.35
C LYS B 153 45.21 -29.51 6.35
N PRO B 154 45.29 -29.90 7.63
CA PRO B 154 45.76 -29.02 8.70
C PRO B 154 47.05 -28.26 8.39
N GLY B 155 47.00 -26.93 8.51
CA GLY B 155 48.16 -26.11 8.27
C GLY B 155 48.39 -25.54 6.87
N GLU B 156 47.57 -25.95 5.90
CA GLU B 156 47.73 -25.45 4.54
C GLU B 156 46.94 -24.18 4.19
N ARG B 157 45.77 -24.01 4.79
CA ARG B 157 44.94 -22.84 4.49
C ARG B 157 44.38 -22.10 5.69
N PHE B 158 44.26 -20.78 5.56
CA PHE B 158 43.71 -19.93 6.60
C PHE B 158 42.21 -19.70 6.41
N PHE B 159 41.43 -19.99 7.44
CA PHE B 159 39.98 -19.79 7.46
C PHE B 159 39.64 -19.33 8.88
N TYR B 160 39.34 -18.03 9.06
CA TYR B 160 38.99 -17.51 10.38
C TYR B 160 37.83 -18.31 10.98
N LEU B 161 38.10 -19.05 12.05
CA LEU B 161 37.09 -19.90 12.68
C LEU B 161 36.87 -19.62 14.17
N ASN B 162 35.70 -19.08 14.51
CA ASN B 162 35.40 -18.77 15.91
C ASN B 162 35.33 -20.01 16.78
N THR B 163 34.76 -21.09 16.24
CA THR B 163 34.64 -22.35 16.98
C THR B 163 36.02 -22.85 17.37
N GLY B 164 37.04 -22.49 16.59
CA GLY B 164 38.40 -22.90 16.88
C GLY B 164 38.84 -22.41 18.25
N TYR B 165 38.47 -21.18 18.58
CA TYR B 165 38.85 -20.62 19.86
C TYR B 165 37.91 -21.08 20.96
N VAL B 166 36.72 -21.52 20.59
CA VAL B 166 35.76 -22.04 21.55
C VAL B 166 36.38 -23.35 22.07
N LEU B 167 37.04 -24.07 21.19
CA LEU B 167 37.70 -25.32 21.54
C LEU B 167 38.92 -25.06 22.44
N LEU B 168 39.66 -23.98 22.16
CA LEU B 168 40.81 -23.63 22.97
C LEU B 168 40.34 -23.33 24.38
N GLY B 169 39.17 -22.70 24.49
CA GLY B 169 38.62 -22.39 25.80
C GLY B 169 38.38 -23.67 26.58
N LYS B 170 37.90 -24.70 25.88
CA LYS B 170 37.63 -26.00 26.52
C LYS B 170 38.94 -26.69 26.89
N ILE B 171 39.97 -26.48 26.10
CA ILE B 171 41.28 -27.06 26.35
C ILE B 171 41.87 -26.44 27.63
N ILE B 172 41.65 -25.14 27.81
CA ILE B 172 42.15 -24.45 29.00
C ILE B 172 41.50 -25.05 30.24
N GLU B 173 40.20 -25.35 30.16
CA GLU B 173 39.47 -25.93 31.28
C GLU B 173 40.01 -27.31 31.60
N LYS B 174 40.03 -28.18 30.60
CA LYS B 174 40.52 -29.53 30.76
C LYS B 174 41.89 -29.56 31.45
N VAL B 175 42.84 -28.79 30.93
CA VAL B 175 44.18 -28.75 31.50
C VAL B 175 44.25 -28.05 32.85
N SER B 176 43.82 -26.78 32.90
CA SER B 176 43.88 -26.01 34.14
C SER B 176 43.07 -26.57 35.30
N GLY B 177 41.91 -27.17 35.01
CA GLY B 177 41.08 -27.70 36.07
C GLY B 177 40.02 -26.73 36.56
N VAL B 178 40.01 -25.52 36.02
CA VAL B 178 39.01 -24.51 36.39
C VAL B 178 38.25 -24.07 35.15
N SER B 179 37.25 -23.20 35.33
CA SER B 179 36.49 -22.69 34.20
C SER B 179 37.32 -21.65 33.46
N TYR B 180 37.06 -21.51 32.17
CA TYR B 180 37.79 -20.56 31.32
C TYR B 180 37.77 -19.15 31.89
N GLU B 181 36.59 -18.70 32.34
CA GLU B 181 36.45 -17.37 32.90
C GLU B 181 37.28 -17.16 34.16
N GLU B 182 37.33 -18.17 35.02
CA GLU B 182 38.12 -18.07 36.24
C GLU B 182 39.61 -18.01 35.94
N TYR B 183 40.06 -18.85 35.02
CA TYR B 183 41.46 -18.88 34.64
C TYR B 183 41.92 -17.53 34.11
N ILE B 184 41.15 -16.96 33.18
CA ILE B 184 41.46 -15.67 32.59
C ILE B 184 41.49 -14.57 33.66
N LYS B 185 40.51 -14.63 34.56
CA LYS B 185 40.37 -13.66 35.64
C LYS B 185 41.53 -13.75 36.61
N LYS B 186 41.82 -14.98 37.02
CA LYS B 186 42.87 -15.25 37.98
C LYS B 186 44.32 -15.16 37.47
N LYS B 187 44.57 -15.68 36.27
CA LYS B 187 45.91 -15.69 35.70
C LYS B 187 46.28 -14.51 34.80
N ILE B 188 45.30 -13.69 34.42
CA ILE B 188 45.59 -12.55 33.55
C ILE B 188 45.00 -11.21 34.01
N LEU B 189 43.69 -11.14 34.12
CA LEU B 189 43.04 -9.90 34.53
C LEU B 189 43.57 -9.34 35.84
N GLU B 190 43.46 -10.12 36.91
CA GLU B 190 43.93 -9.68 38.21
C GLU B 190 45.41 -9.29 38.30
N PRO B 191 46.32 -10.19 37.90
CA PRO B 191 47.74 -9.81 37.98
C PRO B 191 48.13 -8.58 37.13
N LEU B 192 47.28 -8.22 36.18
CA LEU B 192 47.52 -7.07 35.32
C LEU B 192 46.72 -5.85 35.78
N GLY B 193 46.03 -5.98 36.91
CA GLY B 193 45.24 -4.88 37.46
C GLY B 193 44.01 -4.45 36.68
N MET B 194 43.56 -5.29 35.76
CA MET B 194 42.38 -4.99 34.95
C MET B 194 41.14 -5.40 35.73
N ASN B 195 40.80 -4.56 36.70
CA ASN B 195 39.66 -4.81 37.58
C ASN B 195 38.27 -4.51 37.03
N ARG B 196 38.22 -3.93 35.84
CA ARG B 196 36.92 -3.64 35.22
C ARG B 196 36.76 -4.36 33.88
N SER B 197 37.23 -5.61 33.85
CA SER B 197 37.13 -6.47 32.68
C SER B 197 36.31 -7.67 33.15
N TYR B 198 35.10 -7.82 32.60
CA TYR B 198 34.21 -8.90 33.00
C TYR B 198 33.80 -9.84 31.89
N PHE B 199 33.08 -10.88 32.31
CA PHE B 199 32.54 -11.92 31.44
C PHE B 199 31.07 -12.10 31.81
N PHE B 200 30.80 -12.02 33.11
CA PHE B 200 29.47 -12.22 33.66
C PHE B 200 28.61 -10.97 33.72
N LYS B 201 27.34 -11.12 33.33
CA LYS B 201 26.40 -10.02 33.33
C LYS B 201 26.15 -9.49 34.76
N GLU B 202 26.23 -10.38 35.75
CA GLU B 202 26.03 -9.99 37.15
C GLU B 202 27.08 -8.94 37.54
N GLU B 203 28.32 -9.15 37.11
CA GLU B 203 29.38 -8.20 37.40
C GLU B 203 29.08 -6.89 36.66
N VAL B 204 28.84 -7.00 35.36
CA VAL B 204 28.55 -5.84 34.51
C VAL B 204 27.40 -4.97 35.00
N GLU B 205 26.35 -5.61 35.52
CA GLU B 205 25.20 -4.87 36.05
C GLU B 205 25.61 -3.97 37.19
N LYS B 206 26.56 -4.44 37.99
CA LYS B 206 27.05 -3.67 39.13
C LYS B 206 27.78 -2.39 38.71
N ASP B 207 28.53 -2.45 37.61
CA ASP B 207 29.30 -1.29 37.16
C ASP B 207 28.43 -0.10 36.75
N LYS B 208 28.89 1.10 37.11
CA LYS B 208 28.14 2.32 36.85
C LYS B 208 28.42 3.02 35.52
N ASP B 209 29.53 2.68 34.89
CA ASP B 209 29.90 3.32 33.62
C ASP B 209 29.94 2.25 32.51
N VAL B 210 28.77 1.88 32.01
CA VAL B 210 28.64 0.86 30.97
C VAL B 210 27.90 1.39 29.74
N ALA B 211 28.37 1.02 28.56
CA ALA B 211 27.74 1.46 27.33
C ALA B 211 26.73 0.47 26.77
N MET B 212 25.59 1.01 26.35
CA MET B 212 24.53 0.22 25.74
C MET B 212 25.00 0.07 24.29
N GLY B 213 24.70 -1.07 23.68
CA GLY B 213 25.09 -1.31 22.30
C GLY B 213 24.05 -0.82 21.31
N TYR B 214 24.46 -0.61 20.07
CA TYR B 214 23.55 -0.12 19.05
C TYR B 214 23.79 -0.70 17.68
N ILE B 215 22.70 -0.88 16.95
CA ILE B 215 22.73 -1.38 15.60
C ILE B 215 21.80 -0.45 14.82
N LEU B 216 22.23 -0.07 13.63
CA LEU B 216 21.45 0.82 12.79
C LEU B 216 20.53 0.00 11.90
N ASP B 217 19.23 0.28 11.95
CA ASP B 217 18.26 -0.48 11.16
C ASP B 217 18.13 0.02 9.73
N LYS B 218 17.44 -0.76 8.90
CA LYS B 218 17.24 -0.44 7.47
C LYS B 218 16.82 1.02 7.21
N GLU B 219 16.38 1.72 8.26
CA GLU B 219 15.94 3.11 8.12
C GLU B 219 16.93 4.13 8.70
N GLY B 220 18.13 3.69 9.03
CA GLY B 220 19.10 4.63 9.57
C GLY B 220 18.79 5.14 10.98
N ARG B 221 18.03 4.35 11.73
CA ARG B 221 17.68 4.71 13.10
C ARG B 221 18.40 3.79 14.08
N LEU B 222 19.16 4.38 15.01
CA LEU B 222 19.90 3.63 16.01
C LEU B 222 18.97 2.86 16.93
N VAL B 223 19.17 1.55 17.00
CA VAL B 223 18.35 0.67 17.83
C VAL B 223 19.20 0.08 18.96
N PRO B 224 18.81 0.31 20.22
CA PRO B 224 19.61 -0.25 21.31
C PRO B 224 19.54 -1.78 21.33
N GLN B 225 20.68 -2.40 21.62
CA GLN B 225 20.78 -3.85 21.67
C GLN B 225 21.76 -4.25 22.77
N PRO B 226 21.30 -5.04 23.76
CA PRO B 226 22.16 -5.48 24.86
C PRO B 226 23.16 -6.54 24.40
N PHE B 227 24.27 -6.67 25.13
CA PHE B 227 25.30 -7.64 24.83
C PHE B 227 24.73 -9.06 24.80
N PRO B 228 25.13 -9.87 23.81
CA PRO B 228 24.66 -11.25 23.65
C PRO B 228 25.38 -12.25 24.54
N TYR B 229 25.10 -12.23 25.83
CA TYR B 229 25.72 -13.15 26.77
C TYR B 229 25.62 -14.60 26.33
N GLY B 230 26.74 -15.31 26.41
CA GLY B 230 26.79 -16.71 26.02
C GLY B 230 28.13 -17.05 25.41
N ILE B 231 28.67 -16.13 24.63
CA ILE B 231 29.97 -16.31 23.97
C ILE B 231 31.08 -16.09 25.00
N THR B 232 32.14 -16.90 24.95
CA THR B 232 33.23 -16.76 25.91
C THR B 232 34.64 -16.64 25.35
N ALA B 233 35.31 -17.79 25.22
CA ALA B 233 36.68 -17.84 24.74
C ALA B 233 36.99 -17.23 23.37
N ASP B 234 35.97 -17.06 22.53
CA ASP B 234 36.20 -16.48 21.21
C ASP B 234 35.87 -14.98 21.11
N GLY B 235 35.13 -14.45 22.08
CA GLY B 235 34.81 -13.02 22.02
C GLY B 235 33.79 -12.50 23.03
N GLY B 236 33.76 -13.04 24.24
CA GLY B 236 32.81 -12.62 25.23
C GLY B 236 33.23 -11.60 26.28
N LEU B 237 34.48 -11.15 26.24
CA LEU B 237 34.95 -10.20 27.23
C LEU B 237 34.47 -8.76 27.01
N LEU B 238 34.22 -8.07 28.11
CA LEU B 238 33.81 -6.67 28.08
C LEU B 238 34.85 -5.92 28.90
N SER B 239 35.35 -4.81 28.36
CA SER B 239 36.37 -4.04 29.04
C SER B 239 36.31 -2.55 28.67
N SER B 240 37.30 -1.80 29.12
CA SER B 240 37.41 -0.37 28.84
C SER B 240 38.76 -0.12 28.17
N VAL B 241 38.96 1.06 27.60
CA VAL B 241 40.24 1.33 26.96
C VAL B 241 41.36 1.54 27.98
N LEU B 242 41.00 1.82 29.24
CA LEU B 242 42.01 2.00 30.28
C LEU B 242 42.51 0.61 30.70
N ASP B 243 41.61 -0.36 30.81
CA ASP B 243 42.01 -1.72 31.17
C ASP B 243 42.83 -2.31 30.02
N LEU B 244 42.44 -2.01 28.79
CA LEU B 244 43.16 -2.50 27.63
C LEU B 244 44.52 -1.79 27.56
N ALA B 245 44.62 -0.63 28.19
CA ALA B 245 45.86 0.13 28.21
C ALA B 245 46.89 -0.66 29.02
N LYS B 246 46.46 -1.20 30.15
CA LYS B 246 47.34 -2.00 30.99
C LYS B 246 47.70 -3.28 30.26
N TYR B 247 46.75 -3.79 29.48
CA TYR B 247 46.95 -5.03 28.72
C TYR B 247 48.01 -4.80 27.64
N LEU B 248 47.84 -3.73 26.88
CA LEU B 248 48.80 -3.42 25.83
C LEU B 248 50.19 -3.14 26.38
N LYS B 249 50.26 -2.52 27.56
CA LYS B 249 51.56 -2.23 28.17
C LYS B 249 52.40 -3.48 28.37
N MET B 250 51.76 -4.57 28.81
CA MET B 250 52.47 -5.83 29.02
C MET B 250 53.18 -6.30 27.74
N TYR B 251 52.44 -6.31 26.64
CA TYR B 251 52.99 -6.72 25.35
C TYR B 251 54.14 -5.85 24.87
N ILE B 252 53.92 -4.54 24.84
CA ILE B 252 54.91 -3.57 24.37
C ILE B 252 56.24 -3.66 25.14
N GLU B 253 56.13 -3.60 26.46
CA GLU B 253 57.31 -3.64 27.30
C GLU B 253 57.80 -5.06 27.57
N ARG B 254 57.18 -6.05 26.93
CA ARG B 254 57.54 -7.45 27.11
C ARG B 254 57.57 -7.82 28.58
N ASP B 255 56.58 -7.32 29.32
CA ASP B 255 56.46 -7.60 30.73
C ASP B 255 56.16 -9.09 30.96
N GLU B 256 56.95 -9.73 31.81
CA GLU B 256 56.80 -11.15 32.10
C GLU B 256 55.97 -11.48 33.33
N SER B 257 54.93 -10.69 33.60
CA SER B 257 54.06 -10.94 34.75
C SER B 257 53.30 -12.25 34.59
N ILE B 258 52.93 -12.57 33.35
CA ILE B 258 52.18 -13.79 33.08
C ILE B 258 53.01 -14.88 32.44
N VAL B 259 53.81 -14.51 31.43
CA VAL B 259 54.66 -15.46 30.73
C VAL B 259 56.01 -14.85 30.32
N SER B 260 57.00 -15.71 30.08
CA SER B 260 58.31 -15.24 29.67
C SER B 260 58.17 -14.51 28.34
N LYS B 261 59.07 -13.55 28.09
CA LYS B 261 59.02 -12.78 26.87
C LYS B 261 59.10 -13.66 25.61
N GLU B 262 59.80 -14.79 25.68
CA GLU B 262 59.91 -15.69 24.53
C GLU B 262 58.54 -16.12 24.00
N TYR B 263 57.57 -16.27 24.90
CA TYR B 263 56.23 -16.69 24.51
C TYR B 263 55.43 -15.57 23.87
N ILE B 264 55.68 -14.34 24.31
CA ILE B 264 54.98 -13.19 23.73
C ILE B 264 55.41 -13.09 22.28
N GLU B 265 56.65 -13.47 22.01
CA GLU B 265 57.19 -13.40 20.66
C GLU B 265 56.61 -14.49 19.77
N LYS B 266 56.23 -15.60 20.38
CA LYS B 266 55.61 -16.70 19.66
C LYS B 266 54.26 -16.22 19.14
N MET B 267 53.62 -15.37 19.94
CA MET B 267 52.32 -14.81 19.61
C MET B 267 52.39 -13.75 18.50
N GLU B 268 53.54 -13.06 18.41
CA GLU B 268 53.73 -12.02 17.41
C GLU B 268 54.38 -12.53 16.14
N THR B 269 54.53 -13.84 16.04
CA THR B 269 55.13 -14.43 14.85
C THR B 269 54.08 -14.73 13.80
N SER B 270 54.35 -14.33 12.57
CA SER B 270 53.44 -14.56 11.45
C SER B 270 53.61 -16.01 10.97
N TYR B 271 52.60 -16.84 11.21
CA TYR B 271 52.65 -18.26 10.84
C TYR B 271 51.99 -18.60 9.51
N ILE B 272 50.96 -17.84 9.15
CA ILE B 272 50.23 -18.08 7.92
C ILE B 272 49.67 -16.75 7.39
N LYS B 273 49.74 -16.56 6.07
CA LYS B 273 49.25 -15.33 5.49
C LYS B 273 47.72 -15.31 5.56
N VAL B 274 47.14 -14.11 5.60
CA VAL B 274 45.70 -13.96 5.66
C VAL B 274 45.18 -13.20 4.44
N PRO B 275 43.88 -13.35 4.13
CA PRO B 275 43.34 -12.64 2.96
C PRO B 275 42.99 -11.18 3.24
N TRP B 276 43.49 -10.65 4.35
CA TRP B 276 43.21 -9.26 4.71
C TRP B 276 44.41 -8.36 4.38
N GLU B 277 44.92 -8.43 3.15
CA GLU B 277 46.08 -7.61 2.80
C GLU B 277 45.70 -6.14 2.64
N ILE B 278 46.23 -5.30 3.51
CA ILE B 278 45.96 -3.87 3.48
C ILE B 278 47.22 -3.12 3.05
N PHE B 279 48.30 -3.35 3.78
CA PHE B 279 49.56 -2.70 3.51
C PHE B 279 50.53 -3.65 2.78
N GLY B 280 50.23 -4.95 2.86
CA GLY B 280 51.06 -5.94 2.21
C GLY B 280 51.65 -7.00 3.11
N GLY B 281 51.43 -8.26 2.75
CA GLY B 281 51.96 -9.39 3.50
C GLY B 281 51.50 -9.60 4.93
N GLU B 282 50.26 -9.22 5.25
CA GLU B 282 49.78 -9.41 6.61
C GLU B 282 49.60 -10.90 6.90
N GLY B 283 49.84 -11.27 8.15
CA GLY B 283 49.70 -12.67 8.55
C GLY B 283 48.99 -12.81 9.89
N TYR B 284 48.98 -14.04 10.42
CA TYR B 284 48.35 -14.32 11.70
C TYR B 284 49.30 -15.03 12.67
N GLY B 285 49.25 -14.61 13.93
CA GLY B 285 50.09 -15.20 14.97
C GLY B 285 49.16 -16.03 15.84
N TYR B 286 49.15 -15.78 17.14
CA TYR B 286 48.24 -16.51 18.04
C TYR B 286 47.26 -15.48 18.62
N GLY B 287 46.08 -15.38 18.00
CA GLY B 287 45.11 -14.41 18.48
C GLY B 287 45.46 -12.98 18.13
N LEU B 288 46.51 -12.79 17.33
CA LEU B 288 46.95 -11.45 16.90
C LEU B 288 47.21 -11.43 15.40
N ILE B 289 46.97 -10.27 14.77
CA ILE B 289 47.21 -10.13 13.33
C ILE B 289 48.52 -9.37 13.15
N ILE B 290 49.34 -9.86 12.22
CA ILE B 290 50.65 -9.27 11.93
C ILE B 290 50.66 -8.44 10.64
N TYR B 291 51.18 -7.23 10.72
CA TYR B 291 51.28 -6.34 9.55
C TYR B 291 52.77 -5.99 9.42
N PRO B 292 53.53 -6.77 8.62
CA PRO B 292 54.95 -6.53 8.44
C PRO B 292 55.30 -5.20 7.78
N ASN B 293 54.34 -4.58 7.11
CA ASN B 293 54.60 -3.32 6.44
C ASN B 293 53.68 -2.17 6.78
N PHE B 294 53.51 -1.88 8.07
CA PHE B 294 52.66 -0.75 8.45
C PHE B 294 53.52 0.51 8.58
N LEU B 295 53.48 1.37 7.57
CA LEU B 295 54.25 2.60 7.60
C LEU B 295 55.69 2.34 8.03
N GLY B 296 56.35 1.40 7.36
CA GLY B 296 57.72 1.07 7.69
C GLY B 296 57.91 0.44 9.05
N GLU B 297 56.85 -0.11 9.62
CA GLU B 297 56.93 -0.74 10.94
C GLU B 297 56.16 -2.05 10.97
N LYS B 298 56.38 -2.82 12.04
CA LYS B 298 55.66 -4.07 12.21
C LYS B 298 54.54 -3.81 13.20
N LEU B 299 53.30 -3.83 12.73
CA LEU B 299 52.15 -3.60 13.59
C LEU B 299 51.56 -4.92 14.06
N VAL B 300 51.10 -4.94 15.30
CA VAL B 300 50.49 -6.13 15.88
C VAL B 300 49.15 -5.71 16.50
N GLY B 301 48.07 -6.39 16.11
CA GLY B 301 46.77 -6.05 16.66
C GLY B 301 45.65 -7.00 16.28
N HIS B 302 44.44 -6.66 16.70
CA HIS B 302 43.27 -7.48 16.40
C HIS B 302 41.99 -6.68 16.57
N SER B 303 41.05 -6.88 15.65
CA SER B 303 39.77 -6.19 15.72
C SER B 303 38.82 -7.09 16.49
N GLY B 304 37.63 -6.57 16.76
CA GLY B 304 36.63 -7.34 17.46
C GLY B 304 35.26 -6.81 17.12
N SER B 305 34.26 -7.68 17.12
CA SER B 305 32.92 -7.26 16.80
C SER B 305 31.88 -8.29 17.23
N VAL B 306 30.83 -7.79 17.87
CA VAL B 306 29.74 -8.64 18.32
C VAL B 306 28.44 -8.02 17.77
N GLY B 307 28.59 -7.21 16.73
CA GLY B 307 27.45 -6.56 16.11
C GLY B 307 27.13 -5.16 16.64
N MET B 308 26.71 -5.09 17.90
CA MET B 308 26.37 -3.80 18.50
C MET B 308 27.54 -3.13 19.22
N TYR B 309 28.69 -3.80 19.23
CA TYR B 309 29.90 -3.28 19.85
C TYR B 309 31.06 -3.68 18.93
N THR B 310 32.04 -2.81 18.76
CA THR B 310 33.20 -3.11 17.94
C THR B 310 34.42 -2.55 18.64
N GLY B 311 35.61 -3.04 18.28
CA GLY B 311 36.80 -2.53 18.91
C GLY B 311 38.08 -2.91 18.20
N TYR B 312 39.20 -2.42 18.72
CA TYR B 312 40.50 -2.72 18.16
C TYR B 312 41.64 -2.32 19.09
N ILE B 313 42.71 -3.11 19.06
CA ILE B 313 43.91 -2.82 19.83
C ILE B 313 45.09 -3.17 18.92
N GLY B 314 46.08 -2.29 18.90
CA GLY B 314 47.25 -2.52 18.08
C GLY B 314 48.47 -1.84 18.69
N TYR B 315 49.64 -2.40 18.44
CA TYR B 315 50.87 -1.82 18.96
C TYR B 315 52.06 -2.09 18.05
N ILE B 316 53.05 -1.22 18.17
CA ILE B 316 54.27 -1.29 17.41
C ILE B 316 55.38 -1.42 18.45
N PRO B 317 55.72 -2.66 18.83
CA PRO B 317 56.76 -2.96 19.83
C PRO B 317 58.00 -2.07 19.71
N GLU B 318 58.49 -1.93 18.48
CA GLU B 318 59.68 -1.14 18.25
C GLU B 318 59.59 0.34 18.58
N LYS B 319 58.40 0.91 18.51
CA LYS B 319 58.24 2.33 18.81
C LYS B 319 57.63 2.50 20.18
N LYS B 320 57.40 1.38 20.86
CA LYS B 320 56.82 1.39 22.20
C LYS B 320 55.49 2.14 22.25
N ILE B 321 54.74 2.11 21.15
CA ILE B 321 53.45 2.79 21.08
C ILE B 321 52.29 1.82 20.80
N GLY B 322 51.16 2.08 21.44
CA GLY B 322 50.00 1.23 21.27
C GLY B 322 48.73 2.03 21.43
N VAL B 323 47.65 1.57 20.79
CA VAL B 323 46.37 2.25 20.86
C VAL B 323 45.20 1.28 21.01
N ALA B 324 44.20 1.69 21.78
CA ALA B 324 43.00 0.88 21.99
C ALA B 324 41.78 1.74 21.67
N VAL B 325 40.81 1.16 20.96
CA VAL B 325 39.58 1.89 20.61
C VAL B 325 38.37 0.98 20.81
N LEU B 326 37.30 1.56 21.35
CA LEU B 326 36.07 0.82 21.59
C LEU B 326 34.89 1.66 21.11
N GLU B 327 33.92 1.00 20.48
CA GLU B 327 32.76 1.68 19.91
C GLU B 327 31.48 0.88 20.18
N ASN B 328 30.38 1.58 20.44
CA ASN B 328 29.11 0.89 20.72
C ASN B 328 28.16 0.85 19.52
N SER B 329 28.74 0.47 18.38
CA SER B 329 28.00 0.30 17.13
C SER B 329 29.05 -0.18 16.13
N SER B 330 28.62 -0.47 14.91
CA SER B 330 29.52 -0.94 13.89
C SER B 330 29.65 0.09 12.77
N GLY B 331 29.34 1.35 13.09
CA GLY B 331 29.37 2.41 12.10
C GLY B 331 30.67 2.68 11.37
N TYR B 332 31.75 2.86 12.12
CA TYR B 332 33.05 3.11 11.51
C TYR B 332 34.11 2.19 12.10
N PRO B 333 34.90 1.52 11.25
CA PRO B 333 35.95 0.61 11.71
C PRO B 333 36.88 1.23 12.75
N PRO B 334 36.86 0.68 13.98
CA PRO B 334 37.71 1.16 15.08
C PRO B 334 39.19 1.05 14.73
N SER B 335 39.53 0.08 13.87
CA SER B 335 40.91 -0.10 13.47
C SER B 335 41.39 1.12 12.69
N TYR B 336 40.50 1.69 11.87
CA TYR B 336 40.84 2.87 11.07
C TYR B 336 41.15 4.07 11.96
N ILE B 337 40.43 4.18 13.08
CA ILE B 337 40.67 5.27 14.00
C ILE B 337 42.02 4.98 14.66
N ALA B 338 42.17 3.77 15.17
CA ALA B 338 43.41 3.37 15.82
C ALA B 338 44.64 3.58 14.92
N MET B 339 44.50 3.27 13.64
CA MET B 339 45.61 3.43 12.70
C MET B 339 45.86 4.90 12.39
N TYR B 340 44.81 5.71 12.46
CA TYR B 340 44.92 7.14 12.22
C TYR B 340 45.85 7.68 13.31
N ALA B 341 45.52 7.35 14.56
CA ALA B 341 46.31 7.78 15.72
C ALA B 341 47.76 7.30 15.65
N LEU B 342 47.94 6.03 15.29
CA LEU B 342 49.28 5.46 15.19
C LEU B 342 50.13 6.21 14.19
N ALA B 343 49.54 6.53 13.04
CA ALA B 343 50.24 7.27 12.01
C ALA B 343 50.73 8.60 12.56
N LEU B 344 49.85 9.34 13.25
CA LEU B 344 50.23 10.62 13.83
C LEU B 344 51.42 10.43 14.77
N LEU B 345 51.35 9.40 15.62
CA LEU B 345 52.42 9.10 16.56
C LEU B 345 53.72 8.79 15.83
N LEU B 346 53.63 8.21 14.64
CA LEU B 346 54.80 7.86 13.84
C LEU B 346 55.39 9.04 13.07
N GLY B 347 54.75 10.20 13.15
CA GLY B 347 55.23 11.39 12.46
C GLY B 347 54.79 11.40 11.01
N LYS B 348 53.75 10.61 10.71
CA LYS B 348 53.21 10.47 9.36
C LYS B 348 51.80 11.05 9.21
N ASN B 349 51.50 11.57 8.02
CA ASN B 349 50.19 12.14 7.70
C ASN B 349 49.24 11.01 7.30
N PRO B 350 48.26 10.70 8.16
CA PRO B 350 47.29 9.63 7.89
C PRO B 350 46.37 9.91 6.70
N GLU B 351 46.38 11.14 6.23
CA GLU B 351 45.54 11.53 5.10
C GLU B 351 46.20 11.15 3.77
N LYS B 352 47.52 10.93 3.80
CA LYS B 352 48.28 10.56 2.62
C LYS B 352 48.89 9.16 2.73
N GLU B 353 48.96 8.64 3.95
CA GLU B 353 49.55 7.32 4.20
C GLU B 353 48.57 6.16 4.32
N LEU B 354 47.36 6.43 4.80
CA LEU B 354 46.37 5.38 4.97
C LEU B 354 45.37 5.28 3.80
N PRO B 355 45.49 4.21 2.98
CA PRO B 355 44.62 4.00 1.83
C PRO B 355 43.12 4.12 2.12
N PHE B 356 42.64 3.36 3.09
CA PHE B 356 41.21 3.39 3.44
C PHE B 356 40.68 4.78 3.76
N ILE B 357 41.58 5.75 3.94
CA ILE B 357 41.16 7.11 4.24
C ILE B 357 41.12 8.03 3.02
N TYR B 358 42.19 8.10 2.24
CA TYR B 358 42.11 8.97 1.06
C TYR B 358 41.25 8.33 -0.01
N ARG B 359 41.32 7.01 -0.12
CA ARG B 359 40.51 6.29 -1.10
C ARG B 359 39.03 6.62 -0.86
N GLU B 360 38.65 6.88 0.39
CA GLU B 360 37.24 7.20 0.70
C GLU B 360 36.94 8.65 0.36
N ARG B 361 37.92 9.52 0.55
CA ARG B 361 37.75 10.93 0.26
C ARG B 361 37.62 11.14 -1.25
N ILE B 362 38.55 10.58 -2.00
CA ILE B 362 38.56 10.70 -3.45
C ILE B 362 37.31 10.16 -4.13
N LEU B 363 36.83 9.00 -3.66
CA LEU B 363 35.64 8.39 -4.25
C LEU B 363 34.36 9.18 -4.06
N LYS B 364 34.22 9.86 -2.92
CA LYS B 364 33.03 10.66 -2.67
C LYS B 364 32.79 11.73 -3.75
N LYS B 365 33.88 12.30 -4.25
CA LYS B 365 33.81 13.35 -5.26
C LYS B 365 33.16 12.94 -6.58
N VAL B 366 33.00 11.65 -6.79
CA VAL B 366 32.42 11.14 -8.03
C VAL B 366 30.94 10.81 -7.93
N GLU B 367 30.40 10.84 -6.72
CA GLU B 367 28.99 10.53 -6.53
C GLU B 367 28.12 11.68 -7.01
N GLY B 368 26.90 11.35 -7.44
CA GLY B 368 25.99 12.37 -7.92
C GLY B 368 25.29 11.98 -9.20
N ARG B 369 24.66 12.97 -9.84
CA ARG B 369 23.96 12.72 -11.10
C ARG B 369 24.76 13.27 -12.28
N TYR B 370 24.85 12.49 -13.35
CA TYR B 370 25.58 12.89 -14.56
C TYR B 370 24.61 13.03 -15.73
N MET B 371 24.90 13.96 -16.64
CA MET B 371 24.03 14.22 -17.78
C MET B 371 24.77 14.15 -19.12
N GLY B 372 24.15 13.53 -20.12
CA GLY B 372 24.78 13.43 -21.44
C GLY B 372 24.66 14.76 -22.16
N TYR B 373 24.95 14.78 -23.46
CA TYR B 373 24.85 16.00 -24.25
C TYR B 373 23.51 16.71 -24.07
N LYS B 374 23.56 17.98 -23.69
CA LYS B 374 22.36 18.80 -23.48
C LYS B 374 21.24 18.05 -22.77
N GLY B 375 21.60 17.24 -21.79
CA GLY B 375 20.63 16.50 -21.01
C GLY B 375 19.83 15.39 -21.66
N THR B 376 20.36 14.77 -22.71
CA THR B 376 19.65 13.69 -23.39
C THR B 376 19.44 12.49 -22.49
N ILE B 377 20.54 11.91 -21.99
CA ILE B 377 20.47 10.73 -21.11
C ILE B 377 20.96 11.06 -19.70
N LYS B 378 20.40 10.38 -18.72
CA LYS B 378 20.79 10.63 -17.34
C LYS B 378 21.28 9.40 -16.58
N PHE B 379 22.27 9.63 -15.70
CA PHE B 379 22.86 8.59 -14.87
C PHE B 379 23.13 9.11 -13.47
N GLU B 380 23.22 8.19 -12.52
CA GLU B 380 23.53 8.54 -11.15
C GLU B 380 24.64 7.61 -10.71
N VAL B 381 25.66 8.17 -10.08
CA VAL B 381 26.79 7.39 -9.60
C VAL B 381 26.74 7.34 -8.09
N LYS B 382 26.87 6.13 -7.55
CA LYS B 382 26.85 5.94 -6.10
C LYS B 382 27.95 4.97 -5.67
N VAL B 383 28.64 5.30 -4.58
CA VAL B 383 29.71 4.47 -4.08
C VAL B 383 29.31 3.69 -2.84
N ASP B 384 29.48 2.37 -2.90
CA ASP B 384 29.15 1.52 -1.77
C ASP B 384 30.45 0.89 -1.31
N GLY B 385 31.05 1.47 -0.27
CA GLY B 385 32.29 0.94 0.24
C GLY B 385 33.43 1.21 -0.73
N ASP B 386 33.88 0.17 -1.42
CA ASP B 386 34.98 0.31 -2.36
C ASP B 386 34.63 0.14 -3.84
N VAL B 387 33.34 0.01 -4.14
CA VAL B 387 32.87 -0.17 -5.52
C VAL B 387 32.06 1.02 -5.99
N VAL B 388 32.23 1.40 -7.25
CA VAL B 388 31.49 2.52 -7.81
C VAL B 388 30.37 1.99 -8.71
N TYR B 389 29.13 2.31 -8.36
CA TYR B 389 27.99 1.84 -9.14
C TYR B 389 27.42 2.90 -10.07
N LEU B 390 27.38 2.57 -11.36
CA LEU B 390 26.85 3.45 -12.40
C LEU B 390 25.48 2.96 -12.88
N ARG B 391 24.44 3.72 -12.55
CA ARG B 391 23.06 3.39 -12.89
C ARG B 391 22.40 4.43 -13.81
N ALA B 392 21.64 3.94 -14.78
CA ALA B 392 20.96 4.79 -15.74
C ALA B 392 19.57 5.18 -15.23
N LEU B 393 19.27 6.48 -15.25
CA LEU B 393 17.98 6.98 -14.78
C LEU B 393 16.83 6.82 -15.75
N GLY B 394 15.75 6.25 -15.23
CA GLY B 394 14.55 5.98 -15.99
C GLY B 394 13.79 4.97 -15.15
N ARG B 395 12.50 5.20 -14.93
CA ARG B 395 11.70 4.29 -14.11
C ARG B 395 11.32 3.03 -14.88
N ALA B 396 11.06 3.19 -16.18
CA ALA B 396 10.68 2.06 -17.01
C ALA B 396 11.85 1.12 -17.21
N PHE B 397 13.06 1.67 -17.33
CA PHE B 397 14.27 0.88 -17.54
C PHE B 397 15.36 1.33 -16.56
N THR B 398 16.33 0.47 -16.26
CA THR B 398 17.37 0.87 -15.33
C THR B 398 18.43 -0.22 -15.07
N TYR B 399 19.56 -0.11 -15.78
CA TYR B 399 20.65 -1.07 -15.64
C TYR B 399 21.75 -0.46 -14.77
N THR B 400 22.38 -1.31 -13.94
CA THR B 400 23.46 -0.87 -13.04
C THR B 400 24.77 -1.56 -13.39
N ILE B 401 25.82 -0.75 -13.54
CA ILE B 401 27.14 -1.28 -13.88
C ILE B 401 28.13 -1.19 -12.71
N PRO B 402 28.71 -2.32 -12.29
CA PRO B 402 29.67 -2.30 -11.18
C PRO B 402 31.05 -1.89 -11.65
N LEU B 403 31.57 -0.81 -11.07
CA LEU B 403 32.89 -0.35 -11.47
C LEU B 403 33.93 -0.55 -10.36
N PHE B 404 35.06 -1.15 -10.73
CA PHE B 404 36.16 -1.42 -9.81
C PHE B 404 37.30 -0.44 -10.11
N PRO B 405 37.66 0.41 -9.13
CA PRO B 405 38.75 1.37 -9.32
C PRO B 405 40.10 0.72 -9.57
N GLU B 406 40.78 1.12 -10.65
CA GLU B 406 42.11 0.57 -10.96
C GLU B 406 43.12 1.67 -10.64
N VAL B 407 43.02 2.82 -11.32
CA VAL B 407 43.92 3.94 -11.05
C VAL B 407 43.14 4.96 -10.21
N LEU B 408 43.70 5.35 -9.07
CA LEU B 408 43.05 6.28 -8.16
C LEU B 408 43.93 7.49 -7.84
N GLU B 409 43.54 8.67 -8.33
CA GLU B 409 44.33 9.87 -8.04
C GLU B 409 43.40 11.01 -7.61
N GLU B 410 43.99 12.10 -7.13
CA GLU B 410 43.22 13.26 -6.66
C GLU B 410 42.26 13.88 -7.70
N ASP B 411 42.68 13.84 -8.96
CA ASP B 411 41.91 14.42 -10.05
C ASP B 411 41.57 13.42 -11.15
N PHE B 412 41.81 12.14 -10.90
CA PHE B 412 41.55 11.13 -11.93
C PHE B 412 41.36 9.72 -11.38
N ILE B 413 40.22 9.12 -11.70
CA ILE B 413 39.90 7.76 -11.27
C ILE B 413 39.58 6.92 -12.50
N LYS B 414 40.29 5.83 -12.69
CA LYS B 414 40.04 4.95 -13.81
C LYS B 414 39.48 3.65 -13.24
N CYS B 415 38.26 3.30 -13.64
CA CYS B 415 37.62 2.09 -13.15
C CYS B 415 37.39 1.14 -14.30
N TYR B 416 36.99 -0.09 -13.99
CA TYR B 416 36.73 -1.07 -15.02
C TYR B 416 35.61 -1.98 -14.59
N THR B 417 34.90 -2.51 -15.59
CA THR B 417 33.82 -3.45 -15.36
C THR B 417 34.13 -4.59 -16.32
N LEU B 418 33.37 -5.67 -16.22
CA LEU B 418 33.61 -6.80 -17.09
C LEU B 418 32.47 -6.93 -18.10
N SER B 419 32.80 -7.43 -19.28
CA SER B 419 31.81 -7.64 -20.33
C SER B 419 32.51 -8.48 -21.40
N ASN B 420 31.90 -9.61 -21.73
CA ASN B 420 32.45 -10.51 -22.73
C ASN B 420 33.72 -11.20 -22.20
N GLY B 421 34.03 -10.99 -20.92
CA GLY B 421 35.21 -11.60 -20.34
C GLY B 421 36.44 -10.70 -20.34
N ARG B 422 36.24 -9.46 -20.75
CA ARG B 422 37.34 -8.50 -20.78
C ARG B 422 36.90 -7.24 -20.03
N LYS B 423 37.88 -6.54 -19.47
CA LYS B 423 37.57 -5.33 -18.72
C LYS B 423 37.38 -4.13 -19.65
N MET B 424 36.40 -3.31 -19.31
CA MET B 424 36.09 -2.11 -20.08
C MET B 424 36.20 -0.94 -19.11
N TYR B 425 36.93 0.09 -19.50
CA TYR B 425 37.16 1.23 -18.63
C TYR B 425 36.20 2.42 -18.65
N ALA B 426 36.18 3.11 -17.50
CA ALA B 426 35.37 4.30 -17.29
C ALA B 426 36.34 5.26 -16.62
N GLU B 427 36.52 6.44 -17.21
CA GLU B 427 37.43 7.44 -16.65
C GLU B 427 36.69 8.61 -16.02
N PHE B 428 37.12 8.99 -14.82
CA PHE B 428 36.53 10.11 -14.10
C PHE B 428 37.60 11.21 -14.02
N TYR B 429 37.33 12.35 -14.66
CA TYR B 429 38.23 13.50 -14.62
C TYR B 429 37.61 14.52 -13.66
N ILE B 430 38.25 14.71 -12.51
CA ILE B 430 37.76 15.64 -11.50
C ILE B 430 38.44 17.00 -11.59
N LYS B 431 37.63 18.06 -11.70
CA LYS B 431 38.17 19.42 -11.81
C LYS B 431 37.14 20.47 -11.39
N ASP B 432 37.65 21.52 -10.71
CA ASP B 432 36.86 22.64 -10.21
C ASP B 432 35.37 22.41 -9.99
N ASN B 433 35.04 21.60 -8.98
CA ASN B 433 33.64 21.31 -8.63
C ASN B 433 32.84 20.52 -9.65
N LYS B 434 33.50 19.94 -10.64
CA LYS B 434 32.81 19.17 -11.66
C LYS B 434 33.62 17.98 -12.11
N VAL B 435 32.91 16.97 -12.62
CA VAL B 435 33.53 15.74 -13.05
C VAL B 435 33.04 15.33 -14.43
N ASP B 436 33.95 14.82 -15.25
CA ASP B 436 33.63 14.35 -16.59
C ASP B 436 33.77 12.84 -16.60
N LEU B 437 32.72 12.14 -17.00
CA LEU B 437 32.76 10.70 -17.06
C LEU B 437 32.84 10.22 -18.50
N ILE B 438 33.83 9.39 -18.80
CA ILE B 438 34.00 8.84 -20.13
C ILE B 438 33.85 7.33 -19.99
N PHE B 439 32.72 6.81 -20.47
CA PHE B 439 32.45 5.37 -20.40
C PHE B 439 32.01 4.85 -21.76
N GLU B 440 32.79 3.93 -22.30
CA GLU B 440 32.53 3.35 -23.62
C GLU B 440 32.36 4.45 -24.67
N ARG B 441 31.17 4.52 -25.27
CA ARG B 441 30.90 5.54 -26.30
C ARG B 441 30.45 6.89 -25.73
N TYR B 442 29.97 6.88 -24.49
CA TYR B 442 29.44 8.08 -23.86
C TYR B 442 30.37 8.99 -23.10
N ARG B 443 29.86 10.21 -22.93
CA ARG B 443 30.51 11.26 -22.17
C ARG B 443 29.38 11.79 -21.31
N LEU B 444 29.58 11.77 -20.00
CA LEU B 444 28.57 12.25 -19.07
C LEU B 444 29.24 13.28 -18.19
N ILE B 445 28.54 14.36 -17.88
CA ILE B 445 29.08 15.42 -17.06
C ILE B 445 28.26 15.66 -15.79
N LYS B 446 28.96 15.77 -14.66
CA LYS B 446 28.29 16.01 -13.39
C LYS B 446 28.26 17.48 -12.98
N SER B 447 27.07 17.90 -12.51
CA SER B 447 26.76 19.26 -12.04
C SER B 447 27.73 20.38 -12.40
N MET C 1 24.29 -43.79 27.16
CA MET C 1 23.37 -43.29 26.10
C MET C 1 24.19 -42.43 25.16
N ASP C 2 23.76 -42.33 23.91
CA ASP C 2 24.47 -41.53 22.91
C ASP C 2 24.08 -40.06 23.12
N VAL C 3 24.64 -39.43 24.15
CA VAL C 3 24.30 -38.04 24.43
C VAL C 3 24.63 -37.10 23.26
N GLY C 4 25.77 -37.32 22.62
CA GLY C 4 26.17 -36.49 21.50
C GLY C 4 25.08 -36.43 20.43
N LYS C 5 24.51 -37.58 20.11
CA LYS C 5 23.46 -37.64 19.11
C LYS C 5 22.21 -36.95 19.62
N LEU C 6 21.97 -37.04 20.92
CA LEU C 6 20.80 -36.42 21.50
C LEU C 6 20.90 -34.90 21.47
N GLU C 7 22.03 -34.38 21.94
CA GLU C 7 22.23 -32.94 21.96
C GLU C 7 22.23 -32.30 20.58
N SER C 8 22.80 -32.99 19.59
CA SER C 8 22.80 -32.45 18.23
C SER C 8 21.37 -32.37 17.69
N PHE C 9 20.57 -33.39 17.99
CA PHE C 9 19.20 -33.41 17.55
C PHE C 9 18.44 -32.23 18.16
N ILE C 10 18.62 -32.03 19.47
CA ILE C 10 17.93 -30.94 20.15
C ILE C 10 18.27 -29.55 19.62
N VAL C 11 19.56 -29.20 19.60
CA VAL C 11 19.98 -27.89 19.10
C VAL C 11 19.52 -27.64 17.66
N GLU C 12 19.63 -28.65 16.80
CA GLU C 12 19.21 -28.51 15.41
C GLU C 12 17.71 -28.24 15.27
N LYS C 13 16.90 -28.85 16.12
CA LYS C 13 15.46 -28.61 16.06
C LYS C 13 15.11 -27.22 16.62
N MET C 14 15.89 -26.77 17.60
CA MET C 14 15.67 -25.45 18.18
C MET C 14 15.98 -24.36 17.18
N ALA C 15 17.04 -24.54 16.40
CA ALA C 15 17.44 -23.56 15.39
C ALA C 15 16.37 -23.51 14.29
N GLU C 16 15.98 -24.70 13.84
CA GLU C 16 14.97 -24.87 12.80
C GLU C 16 13.62 -24.23 13.09
N ARG C 17 13.03 -24.60 14.23
CA ARG C 17 11.73 -24.11 14.62
C ARG C 17 11.80 -22.83 15.45
N LYS C 18 13.01 -22.29 15.59
CA LYS C 18 13.20 -21.07 16.34
C LYS C 18 12.67 -21.21 17.77
N VAL C 19 13.21 -22.18 18.50
CA VAL C 19 12.79 -22.40 19.87
C VAL C 19 13.78 -21.66 20.76
N PRO C 20 13.29 -20.78 21.63
CA PRO C 20 14.21 -20.05 22.51
C PRO C 20 14.93 -20.92 23.54
N GLY C 21 14.20 -21.74 24.28
CA GLY C 21 14.83 -22.56 25.29
C GLY C 21 14.17 -23.90 25.60
N ILE C 22 14.97 -24.85 26.09
CA ILE C 22 14.50 -26.19 26.42
C ILE C 22 15.25 -26.81 27.59
N SER C 23 14.51 -27.49 28.46
CA SER C 23 15.10 -28.17 29.61
C SER C 23 14.67 -29.63 29.54
N ILE C 24 15.55 -30.52 29.96
CA ILE C 24 15.27 -31.95 29.91
C ILE C 24 15.95 -32.72 31.04
N SER C 25 15.32 -33.81 31.47
CA SER C 25 15.87 -34.64 32.54
C SER C 25 15.51 -36.10 32.26
N ILE C 26 16.47 -36.99 32.45
CA ILE C 26 16.23 -38.42 32.23
C ILE C 26 16.31 -39.19 33.53
N ILE C 27 15.43 -40.18 33.67
CA ILE C 27 15.38 -41.02 34.86
C ILE C 27 15.71 -42.48 34.56
N LYS C 28 16.73 -43.02 35.23
CA LYS C 28 17.07 -44.42 35.04
C LYS C 28 17.44 -45.08 36.36
N ASP C 29 16.83 -46.25 36.62
CA ASP C 29 17.06 -47.04 37.83
C ASP C 29 16.84 -46.23 39.12
N GLY C 30 16.01 -45.21 39.04
CA GLY C 30 15.73 -44.39 40.22
C GLY C 30 16.63 -43.19 40.37
N ASP C 31 17.51 -42.97 39.41
CA ASP C 31 18.42 -41.82 39.48
C ASP C 31 18.30 -40.91 38.26
N VAL C 32 18.48 -39.61 38.47
CA VAL C 32 18.45 -38.66 37.37
C VAL C 32 19.84 -38.81 36.77
N VAL C 33 19.92 -39.45 35.61
CA VAL C 33 21.21 -39.70 34.95
C VAL C 33 21.62 -38.62 33.95
N TYR C 34 20.72 -37.67 33.69
CA TYR C 34 20.99 -36.60 32.73
C TYR C 34 20.00 -35.46 32.93
N ALA C 35 20.50 -34.23 32.93
CA ALA C 35 19.66 -33.05 33.10
C ALA C 35 20.35 -31.81 32.56
N LYS C 36 19.88 -31.30 31.42
CA LYS C 36 20.49 -30.11 30.84
C LYS C 36 19.50 -29.08 30.35
N GLY C 37 19.98 -27.86 30.24
CA GLY C 37 19.17 -26.76 29.74
C GLY C 37 19.82 -26.30 28.44
N PHE C 38 19.00 -25.88 27.47
CA PHE C 38 19.49 -25.42 26.17
C PHE C 38 18.85 -24.08 25.79
N GLY C 39 19.60 -23.22 25.14
CA GLY C 39 19.05 -21.94 24.72
C GLY C 39 18.81 -20.96 25.85
N TYR C 40 17.82 -20.09 25.68
CA TYR C 40 17.50 -19.05 26.65
C TYR C 40 16.12 -19.12 27.31
N ARG C 41 16.09 -18.99 28.63
CA ARG C 41 14.83 -18.99 29.34
C ARG C 41 14.19 -17.60 29.16
N ASN C 42 15.04 -16.62 28.86
CA ASN C 42 14.61 -15.24 28.62
C ASN C 42 15.58 -14.64 27.59
N VAL C 43 15.10 -14.45 26.37
CA VAL C 43 15.93 -13.91 25.30
C VAL C 43 16.41 -12.48 25.53
N GLU C 44 15.49 -11.60 25.93
CA GLU C 44 15.82 -10.20 26.19
C GLU C 44 16.86 -9.98 27.28
N ALA C 45 16.78 -10.75 28.36
CA ALA C 45 17.71 -10.61 29.47
C ALA C 45 18.93 -11.52 29.33
N ARG C 46 18.98 -12.26 28.22
CA ARG C 46 20.07 -13.18 27.92
C ARG C 46 20.28 -14.25 28.99
N LEU C 47 19.23 -14.66 29.67
CA LEU C 47 19.33 -15.69 30.71
C LEU C 47 19.17 -17.09 30.11
N PRO C 48 20.10 -18.02 30.43
CA PRO C 48 20.04 -19.38 29.90
C PRO C 48 19.02 -20.30 30.56
N SER C 49 18.68 -21.38 29.86
CA SER C 49 17.76 -22.38 30.39
C SER C 49 18.62 -23.32 31.24
N THR C 50 18.04 -23.89 32.28
CA THR C 50 18.78 -24.82 33.13
C THR C 50 17.84 -25.91 33.59
N PRO C 51 18.37 -26.97 34.22
CA PRO C 51 17.50 -28.06 34.69
C PRO C 51 16.54 -27.52 35.75
N GLU C 52 16.94 -26.42 36.38
CA GLU C 52 16.12 -25.81 37.43
C GLU C 52 15.04 -24.89 36.89
N THR C 53 15.22 -24.38 35.67
CA THR C 53 14.27 -23.46 35.09
C THR C 53 12.80 -23.86 35.20
N ILE C 54 11.95 -22.90 35.54
CA ILE C 54 10.53 -23.15 35.68
C ILE C 54 9.75 -22.76 34.41
N TYR C 55 8.84 -23.64 34.01
CA TYR C 55 8.01 -23.44 32.84
C TYR C 55 6.58 -23.85 33.19
N GLY C 56 5.62 -23.39 32.39
CA GLY C 56 4.25 -23.79 32.62
C GLY C 56 4.22 -25.20 32.05
N ILE C 57 3.49 -26.11 32.67
CA ILE C 57 3.47 -27.47 32.16
C ILE C 57 2.19 -27.88 31.45
N GLY C 58 1.15 -27.06 31.56
CA GLY C 58 -0.10 -27.35 30.91
C GLY C 58 -0.85 -28.57 31.41
N SER C 59 -1.40 -29.34 30.47
CA SER C 59 -2.16 -30.55 30.78
C SER C 59 -1.42 -31.64 31.55
N ILE C 60 -0.13 -31.47 31.76
CA ILE C 60 0.60 -32.47 32.53
C ILE C 60 0.05 -32.37 33.95
N THR C 61 -0.56 -31.22 34.25
CA THR C 61 -1.18 -30.96 35.55
C THR C 61 -2.30 -31.97 35.78
N LYS C 62 -3.00 -32.33 34.70
CA LYS C 62 -4.10 -33.27 34.78
C LYS C 62 -3.77 -34.55 35.54
N SER C 63 -2.52 -35.02 35.38
CA SER C 63 -2.10 -36.25 36.07
C SER C 63 -2.08 -36.04 37.58
N PHE C 64 -1.78 -34.81 38.01
CA PHE C 64 -1.75 -34.48 39.43
C PHE C 64 -3.18 -34.50 39.95
N THR C 65 -4.07 -33.89 39.18
CA THR C 65 -5.48 -33.84 39.53
C THR C 65 -6.03 -35.27 39.66
N ALA C 66 -5.62 -36.14 38.75
CA ALA C 66 -6.05 -37.55 38.76
C ALA C 66 -5.61 -38.26 40.05
N LEU C 67 -4.34 -38.09 40.39
CA LEU C 67 -3.77 -38.71 41.59
C LEU C 67 -4.51 -38.26 42.86
N ALA C 68 -4.87 -36.99 42.93
CA ALA C 68 -5.58 -36.46 44.09
C ALA C 68 -6.93 -37.17 44.21
N ILE C 69 -7.61 -37.38 43.08
CA ILE C 69 -8.89 -38.08 43.09
C ILE C 69 -8.70 -39.51 43.60
N MET C 70 -7.55 -40.11 43.30
CA MET C 70 -7.26 -41.47 43.74
C MET C 70 -7.09 -41.47 45.25
N LYS C 71 -6.45 -40.45 45.78
CA LYS C 71 -6.20 -40.35 47.22
C LYS C 71 -7.54 -40.25 47.95
N LEU C 72 -8.37 -39.29 47.56
CA LEU C 72 -9.67 -39.11 48.20
C LEU C 72 -10.47 -40.41 48.11
N VAL C 73 -10.43 -41.08 46.97
CA VAL C 73 -11.13 -42.35 46.81
C VAL C 73 -10.57 -43.41 47.75
N GLU C 74 -9.25 -43.54 47.81
CA GLU C 74 -8.62 -44.51 48.69
C GLU C 74 -9.06 -44.23 50.12
N GLU C 75 -9.10 -42.96 50.49
CA GLU C 75 -9.50 -42.57 51.84
C GLU C 75 -11.00 -42.75 52.10
N GLY C 76 -11.75 -43.05 51.04
CA GLY C 76 -13.18 -43.24 51.18
C GLY C 76 -13.99 -41.96 51.10
N GLY C 77 -13.35 -40.90 50.61
CA GLY C 77 -14.04 -39.62 50.50
C GLY C 77 -15.13 -39.65 49.42
N LEU C 78 -15.00 -40.60 48.50
CA LEU C 78 -15.98 -40.73 47.41
C LEU C 78 -15.67 -41.94 46.53
N SER C 79 -16.56 -42.21 45.59
CA SER C 79 -16.40 -43.34 44.67
C SER C 79 -16.08 -42.85 43.26
N LEU C 80 -15.44 -43.70 42.47
CA LEU C 80 -15.10 -43.34 41.10
C LEU C 80 -16.35 -43.37 40.24
N ASP C 81 -17.42 -43.92 40.80
CA ASP C 81 -18.69 -44.03 40.11
C ASP C 81 -19.72 -43.01 40.60
N ASP C 82 -19.36 -42.19 41.57
CA ASP C 82 -20.29 -41.19 42.07
C ASP C 82 -20.64 -40.17 40.99
N PRO C 83 -21.91 -39.76 40.93
CA PRO C 83 -22.32 -38.77 39.94
C PRO C 83 -21.74 -37.39 40.26
N VAL C 84 -21.32 -36.68 39.21
CA VAL C 84 -20.74 -35.35 39.36
C VAL C 84 -21.71 -34.38 40.05
N GLU C 85 -23.01 -34.53 39.77
CA GLU C 85 -24.03 -33.68 40.38
C GLU C 85 -24.04 -33.84 41.90
N LYS C 86 -23.55 -34.97 42.39
CA LYS C 86 -23.52 -35.21 43.82
C LYS C 86 -22.56 -34.25 44.54
N PHE C 87 -21.64 -33.66 43.77
CA PHE C 87 -20.64 -32.75 44.34
C PHE C 87 -20.69 -31.32 43.79
N VAL C 88 -21.11 -31.17 42.54
CA VAL C 88 -21.17 -29.84 41.94
C VAL C 88 -22.61 -29.46 41.60
N ASN C 89 -22.96 -28.21 41.85
CA ASN C 89 -24.30 -27.70 41.57
C ASN C 89 -24.41 -27.38 40.08
N ILE C 90 -24.58 -28.42 39.28
CA ILE C 90 -24.70 -28.27 37.83
C ILE C 90 -25.40 -29.50 37.25
N LYS C 91 -26.14 -29.31 36.16
CA LYS C 91 -26.85 -30.43 35.54
C LYS C 91 -25.93 -31.23 34.61
N LEU C 92 -25.68 -32.49 34.96
CA LEU C 92 -24.85 -33.38 34.15
C LEU C 92 -25.47 -34.77 34.07
N ARG C 93 -26.56 -34.88 33.34
CA ARG C 93 -27.25 -36.14 33.18
C ARG C 93 -27.78 -36.25 31.75
N PRO C 94 -26.88 -36.12 30.75
CA PRO C 94 -27.28 -36.20 29.35
C PRO C 94 -27.98 -37.50 28.96
N PHE C 95 -29.11 -37.36 28.26
CA PHE C 95 -29.88 -38.51 27.80
C PHE C 95 -30.41 -39.39 28.94
N GLY C 96 -30.54 -38.79 30.12
CA GLY C 96 -31.03 -39.51 31.27
C GLY C 96 -29.96 -40.28 32.05
N GLU C 97 -28.71 -40.19 31.61
CA GLU C 97 -27.61 -40.90 32.26
C GLU C 97 -26.63 -39.94 32.94
N PRO C 98 -26.26 -40.22 34.19
CA PRO C 98 -25.32 -39.35 34.92
C PRO C 98 -23.85 -39.52 34.57
N VAL C 99 -23.13 -38.40 34.55
CA VAL C 99 -21.70 -38.39 34.28
C VAL C 99 -21.02 -38.70 35.60
N THR C 100 -20.07 -39.62 35.60
CA THR C 100 -19.38 -39.99 36.84
C THR C 100 -17.99 -39.38 36.90
N VAL C 101 -17.31 -39.58 38.03
CA VAL C 101 -15.96 -39.07 38.17
C VAL C 101 -15.11 -39.83 37.16
N HIS C 102 -15.40 -41.11 36.99
CA HIS C 102 -14.68 -41.96 36.07
C HIS C 102 -14.81 -41.45 34.62
N HIS C 103 -15.95 -40.87 34.30
CA HIS C 103 -16.18 -40.33 32.96
C HIS C 103 -15.32 -39.07 32.74
N LEU C 104 -15.34 -38.17 33.72
CA LEU C 104 -14.57 -36.93 33.60
C LEU C 104 -13.09 -37.24 33.45
N LEU C 105 -12.61 -38.17 34.27
CA LEU C 105 -11.19 -38.57 34.26
C LEU C 105 -10.71 -39.11 32.91
N THR C 106 -11.59 -39.81 32.22
CA THR C 106 -11.28 -40.42 30.93
C THR C 106 -11.88 -39.66 29.74
N HIS C 107 -12.36 -38.44 29.97
CA HIS C 107 -12.94 -37.64 28.89
C HIS C 107 -14.02 -38.42 28.14
N SER C 108 -14.85 -39.16 28.87
CA SER C 108 -15.91 -39.94 28.27
C SER C 108 -17.31 -39.50 28.72
N SER C 109 -17.46 -38.27 29.19
CA SER C 109 -18.77 -37.80 29.63
C SER C 109 -19.79 -37.83 28.48
N GLY C 110 -19.29 -37.69 27.26
CA GLY C 110 -20.15 -37.67 26.08
C GLY C 110 -20.30 -36.26 25.56
N ILE C 111 -19.57 -35.33 26.19
CA ILE C 111 -19.62 -33.93 25.82
C ILE C 111 -18.34 -33.45 25.15
N PRO C 112 -18.43 -33.02 23.88
CA PRO C 112 -17.22 -32.55 23.19
C PRO C 112 -16.71 -31.23 23.78
N SER C 113 -15.46 -30.92 23.47
CA SER C 113 -14.81 -29.70 23.96
C SER C 113 -15.65 -28.43 23.82
N LEU C 114 -15.54 -27.55 24.81
CA LEU C 114 -16.27 -26.29 24.79
C LEU C 114 -15.36 -25.22 24.20
N GLY C 115 -14.11 -25.58 23.96
CA GLY C 115 -13.15 -24.64 23.40
C GLY C 115 -12.86 -23.46 24.30
N TYR C 116 -13.12 -23.63 25.60
CA TYR C 116 -12.88 -22.56 26.54
C TYR C 116 -11.37 -22.24 26.68
N ALA C 117 -10.55 -23.26 26.87
CA ALA C 117 -9.11 -23.02 27.02
C ALA C 117 -8.53 -22.32 25.79
N GLU C 118 -9.00 -22.70 24.61
CA GLU C 118 -8.52 -22.09 23.36
C GLU C 118 -8.88 -20.61 23.31
N ALA C 119 -10.13 -20.28 23.61
CA ALA C 119 -10.58 -18.89 23.59
C ALA C 119 -9.87 -18.09 24.68
N PHE C 120 -9.72 -18.69 25.85
CA PHE C 120 -9.05 -18.01 26.96
C PHE C 120 -7.61 -17.65 26.64
N ILE C 121 -6.81 -18.63 26.24
CA ILE C 121 -5.40 -18.40 25.94
C ILE C 121 -5.19 -17.52 24.71
N ASP C 122 -5.98 -17.73 23.66
CA ASP C 122 -5.84 -16.93 22.46
C ASP C 122 -6.03 -15.44 22.81
N GLY C 123 -7.01 -15.18 23.67
CA GLY C 123 -7.28 -13.82 24.08
C GLY C 123 -6.16 -13.24 24.92
N MET C 124 -5.63 -14.03 25.84
CA MET C 124 -4.56 -13.58 26.73
C MET C 124 -3.24 -13.27 26.02
N VAL C 125 -3.05 -13.78 24.80
CA VAL C 125 -1.81 -13.51 24.09
C VAL C 125 -1.96 -12.50 22.93
N GLY C 126 -3.05 -11.75 22.93
CA GLY C 126 -3.25 -10.78 21.88
C GLY C 126 -4.05 -11.24 20.67
N GLY C 127 -4.63 -12.43 20.74
CA GLY C 127 -5.43 -12.96 19.64
C GLY C 127 -6.79 -12.29 19.53
N ASP C 128 -7.65 -12.79 18.64
CA ASP C 128 -8.98 -12.21 18.46
C ASP C 128 -10.06 -12.71 19.44
N ASN C 129 -9.96 -13.97 19.86
CA ASN C 129 -10.96 -14.50 20.77
C ASN C 129 -10.87 -13.78 22.12
N TRP C 130 -11.69 -14.21 23.07
CA TRP C 130 -11.73 -13.62 24.41
C TRP C 130 -12.75 -14.33 25.30
N LEU C 131 -12.25 -14.85 26.42
CA LEU C 131 -13.05 -15.53 27.43
C LEU C 131 -12.26 -15.28 28.71
N PRO C 132 -12.58 -14.19 29.44
CA PRO C 132 -11.90 -13.79 30.68
C PRO C 132 -12.31 -14.54 31.93
N VAL C 133 -12.08 -15.84 31.95
CA VAL C 133 -12.40 -16.65 33.11
C VAL C 133 -11.16 -16.76 34.00
N SER C 134 -10.99 -15.75 34.86
CA SER C 134 -9.85 -15.68 35.77
C SER C 134 -9.86 -16.68 36.92
N THR C 135 -10.95 -17.44 37.07
CA THR C 135 -11.04 -18.44 38.13
C THR C 135 -11.85 -19.66 37.64
N PRO C 136 -11.54 -20.86 38.13
CA PRO C 136 -12.32 -22.02 37.66
C PRO C 136 -13.82 -21.83 37.88
N GLU C 137 -14.16 -21.07 38.92
CA GLU C 137 -15.54 -20.77 39.24
C GLU C 137 -16.25 -20.06 38.09
N GLU C 138 -15.55 -19.12 37.45
CA GLU C 138 -16.14 -18.43 36.32
C GLU C 138 -16.26 -19.38 35.13
N THR C 139 -15.29 -20.28 34.96
CA THR C 139 -15.33 -21.25 33.87
C THR C 139 -16.53 -22.19 34.04
N ILE C 140 -16.76 -22.62 35.27
CA ILE C 140 -17.89 -23.52 35.54
C ILE C 140 -19.23 -22.83 35.33
N ALA C 141 -19.32 -21.56 35.71
CA ALA C 141 -20.56 -20.82 35.52
C ALA C 141 -20.85 -20.73 34.02
N PHE C 142 -19.79 -20.47 33.26
CA PHE C 142 -19.86 -20.36 31.81
C PHE C 142 -20.36 -21.66 31.16
N ALA C 143 -19.95 -22.80 31.69
CA ALA C 143 -20.33 -24.11 31.14
C ALA C 143 -21.63 -24.65 31.74
N ARG C 144 -22.40 -23.75 32.35
CA ARG C 144 -23.66 -24.10 32.97
C ARG C 144 -24.57 -24.95 32.07
N ASP C 145 -24.53 -24.70 30.77
CA ASP C 145 -25.36 -25.43 29.82
C ASP C 145 -24.61 -26.48 29.01
N MET C 146 -23.51 -27.01 29.56
CA MET C 146 -22.73 -28.01 28.86
C MET C 146 -23.45 -29.34 28.62
N GLU C 147 -24.54 -29.60 29.34
CA GLU C 147 -25.26 -30.85 29.12
C GLU C 147 -25.95 -30.83 27.75
N LYS C 148 -26.35 -29.64 27.32
CA LYS C 148 -27.02 -29.48 26.04
C LYS C 148 -26.07 -29.61 24.87
N TRP C 149 -24.79 -29.82 25.18
CA TRP C 149 -23.75 -29.92 24.17
C TRP C 149 -23.44 -31.38 23.84
N ALA C 150 -23.77 -32.27 24.78
CA ALA C 150 -23.53 -33.71 24.63
C ALA C 150 -23.97 -34.29 23.27
N VAL C 151 -23.26 -35.31 22.80
CA VAL C 151 -23.59 -35.95 21.54
C VAL C 151 -23.59 -37.47 21.67
N ALA C 152 -23.42 -37.97 22.89
CA ALA C 152 -23.42 -39.41 23.15
C ALA C 152 -23.55 -39.67 24.65
N LYS C 153 -24.04 -40.86 25.00
CA LYS C 153 -24.20 -41.22 26.40
C LYS C 153 -22.85 -41.43 27.07
N PRO C 154 -22.73 -41.05 28.35
CA PRO C 154 -21.51 -41.16 29.15
C PRO C 154 -20.77 -42.49 28.99
N GLY C 155 -19.52 -42.43 28.54
CA GLY C 155 -18.70 -43.61 28.40
C GLY C 155 -18.61 -44.25 27.02
N GLU C 156 -19.35 -43.74 26.06
CA GLU C 156 -19.33 -44.31 24.73
C GLU C 156 -18.25 -43.75 23.82
N ARG C 157 -18.02 -42.43 23.86
CA ARG C 157 -17.03 -41.82 22.98
C ARG C 157 -16.01 -40.90 23.67
N PHE C 158 -14.84 -40.75 23.07
CA PHE C 158 -13.79 -39.91 23.64
C PHE C 158 -13.76 -38.52 23.03
N PHE C 159 -13.70 -37.51 23.90
CA PHE C 159 -13.64 -36.12 23.50
C PHE C 159 -12.81 -35.43 24.58
N TYR C 160 -11.62 -34.96 24.22
CA TYR C 160 -10.74 -34.28 25.17
C TYR C 160 -11.42 -32.99 25.65
N LEU C 161 -11.84 -32.99 26.91
CA LEU C 161 -12.53 -31.87 27.54
C LEU C 161 -11.82 -31.27 28.75
N ASN C 162 -11.17 -30.13 28.56
CA ASN C 162 -10.46 -29.47 29.65
C ASN C 162 -11.44 -29.15 30.79
N THR C 163 -12.66 -28.78 30.43
CA THR C 163 -13.70 -28.45 31.41
C THR C 163 -13.97 -29.61 32.38
N GLY C 164 -13.78 -30.85 31.91
CA GLY C 164 -14.01 -32.00 32.77
C GLY C 164 -13.07 -32.01 33.96
N TYR C 165 -11.85 -31.53 33.74
CA TYR C 165 -10.86 -31.49 34.80
C TYR C 165 -11.03 -30.26 35.70
N VAL C 166 -11.72 -29.26 35.18
CA VAL C 166 -11.97 -28.05 35.97
C VAL C 166 -13.01 -28.49 37.00
N LEU C 167 -13.90 -29.38 36.58
CA LEU C 167 -14.94 -29.92 37.45
C LEU C 167 -14.33 -30.86 38.49
N LEU C 168 -13.33 -31.63 38.08
CA LEU C 168 -12.66 -32.55 38.98
C LEU C 168 -11.96 -31.76 40.08
N GLY C 169 -11.45 -30.58 39.72
CA GLY C 169 -10.78 -29.76 40.70
C GLY C 169 -11.79 -29.28 41.73
N LYS C 170 -13.00 -28.98 41.25
CA LYS C 170 -14.07 -28.50 42.12
C LYS C 170 -14.51 -29.61 43.06
N ILE C 171 -14.47 -30.84 42.56
CA ILE C 171 -14.87 -32.00 43.36
C ILE C 171 -13.88 -32.21 44.51
N ILE C 172 -12.62 -31.85 44.30
CA ILE C 172 -11.60 -31.99 45.33
C ILE C 172 -11.82 -30.96 46.44
N GLU C 173 -12.17 -29.74 46.04
CA GLU C 173 -12.43 -28.69 47.01
C GLU C 173 -13.64 -29.06 47.86
N LYS C 174 -14.66 -29.65 47.22
CA LYS C 174 -15.87 -30.04 47.93
C LYS C 174 -15.65 -31.17 48.93
N VAL C 175 -14.92 -32.21 48.49
CA VAL C 175 -14.64 -33.38 49.31
C VAL C 175 -13.48 -33.24 50.31
N SER C 176 -12.49 -32.40 50.00
CA SER C 176 -11.36 -32.23 50.90
C SER C 176 -11.54 -31.10 51.91
N GLY C 177 -12.40 -30.14 51.58
CA GLY C 177 -12.63 -29.03 52.49
C GLY C 177 -11.64 -27.89 52.33
N VAL C 178 -10.70 -28.04 51.39
CA VAL C 178 -9.70 -26.99 51.15
C VAL C 178 -9.68 -26.62 49.67
N SER C 179 -8.82 -25.69 49.28
CA SER C 179 -8.74 -25.29 47.88
C SER C 179 -7.95 -26.35 47.11
N TYR C 180 -8.23 -26.46 45.82
CA TYR C 180 -7.53 -27.41 44.95
C TYR C 180 -6.02 -27.20 45.07
N GLU C 181 -5.61 -25.95 44.97
CA GLU C 181 -4.20 -25.58 45.07
C GLU C 181 -3.55 -26.13 46.35
N GLU C 182 -4.11 -25.78 47.50
CA GLU C 182 -3.55 -26.22 48.78
C GLU C 182 -3.47 -27.74 48.88
N TYR C 183 -4.45 -28.43 48.33
CA TYR C 183 -4.45 -29.88 48.39
C TYR C 183 -3.21 -30.42 47.65
N ILE C 184 -3.15 -30.20 46.34
CA ILE C 184 -2.01 -30.66 45.55
C ILE C 184 -0.68 -30.33 46.25
N LYS C 185 -0.58 -29.10 46.77
CA LYS C 185 0.62 -28.66 47.48
C LYS C 185 0.94 -29.50 48.72
N LYS C 186 0.00 -29.56 49.67
CA LYS C 186 0.20 -30.30 50.91
C LYS C 186 0.09 -31.82 50.78
N LYS C 187 -0.73 -32.30 49.85
CA LYS C 187 -0.90 -33.74 49.69
C LYS C 187 -0.04 -34.41 48.62
N ILE C 188 0.53 -33.64 47.70
CA ILE C 188 1.36 -34.25 46.64
C ILE C 188 2.74 -33.63 46.50
N LEU C 189 2.77 -32.33 46.26
CA LEU C 189 4.01 -31.61 46.04
C LEU C 189 5.02 -31.67 47.19
N GLU C 190 4.57 -31.48 48.43
CA GLU C 190 5.50 -31.50 49.55
C GLU C 190 5.96 -32.90 49.96
N PRO C 191 5.04 -33.87 50.03
CA PRO C 191 5.50 -35.20 50.41
C PRO C 191 6.42 -35.82 49.36
N LEU C 192 6.51 -35.21 48.19
CA LEU C 192 7.36 -35.73 47.13
C LEU C 192 8.64 -34.90 46.98
N GLY C 193 8.72 -33.79 47.71
CA GLY C 193 9.90 -32.94 47.68
C GLY C 193 9.97 -31.91 46.57
N MET C 194 8.87 -31.74 45.85
CA MET C 194 8.83 -30.77 44.75
C MET C 194 8.69 -29.35 45.28
N ASN C 195 9.82 -28.78 45.65
CA ASN C 195 9.90 -27.44 46.22
C ASN C 195 9.80 -26.28 45.25
N ARG C 196 9.74 -26.57 43.95
CA ARG C 196 9.65 -25.49 42.96
C ARG C 196 8.60 -25.76 41.90
N SER C 197 7.41 -26.11 42.38
CA SER C 197 6.25 -26.36 41.55
C SER C 197 5.20 -25.41 42.14
N TYR C 198 4.79 -24.41 41.36
CA TYR C 198 3.84 -23.41 41.86
C TYR C 198 2.57 -23.21 41.02
N PHE C 199 1.63 -22.52 41.65
CA PHE C 199 0.36 -22.15 41.06
C PHE C 199 0.23 -20.63 41.06
N PHE C 200 0.63 -20.00 42.16
CA PHE C 200 0.53 -18.55 42.31
C PHE C 200 1.67 -17.70 41.77
N LYS C 201 1.30 -16.63 41.08
CA LYS C 201 2.26 -15.70 40.50
C LYS C 201 3.14 -15.06 41.57
N GLU C 202 2.60 -14.90 42.78
CA GLU C 202 3.33 -14.32 43.90
C GLU C 202 4.49 -15.20 44.31
N GLU C 203 4.35 -16.51 44.12
CA GLU C 203 5.39 -17.48 44.45
C GLU C 203 6.42 -17.50 43.31
N VAL C 204 5.89 -17.58 42.09
CA VAL C 204 6.71 -17.62 40.90
C VAL C 204 7.56 -16.35 40.77
N GLU C 205 6.96 -15.19 41.08
CA GLU C 205 7.66 -13.92 40.98
C GLU C 205 8.90 -13.85 41.87
N LYS C 206 8.91 -14.67 42.92
CA LYS C 206 10.07 -14.68 43.81
C LYS C 206 11.21 -15.52 43.21
N ASP C 207 10.89 -16.72 42.73
CA ASP C 207 11.90 -17.58 42.14
C ASP C 207 12.81 -16.83 41.18
N LYS C 208 14.10 -17.17 41.19
CA LYS C 208 15.07 -16.51 40.31
C LYS C 208 15.31 -17.20 38.96
N ASP C 209 14.97 -18.48 38.86
CA ASP C 209 15.17 -19.21 37.61
C ASP C 209 13.82 -19.60 37.00
N VAL C 210 13.23 -18.67 36.26
CA VAL C 210 11.92 -18.86 35.62
C VAL C 210 11.98 -18.44 34.15
N ALA C 211 11.37 -19.23 33.29
CA ALA C 211 11.38 -18.92 31.87
C ALA C 211 10.23 -18.02 31.42
N MET C 212 10.57 -17.06 30.57
CA MET C 212 9.59 -16.15 30.00
C MET C 212 9.00 -16.95 28.84
N GLY C 213 7.69 -16.82 28.63
CA GLY C 213 7.03 -17.54 27.54
C GLY C 213 7.20 -16.82 26.22
N TYR C 214 7.11 -17.55 25.11
CA TYR C 214 7.28 -16.95 23.79
C TYR C 214 6.35 -17.50 22.73
N ILE C 215 5.96 -16.62 21.81
CA ILE C 215 5.08 -16.99 20.70
C ILE C 215 5.60 -16.35 19.42
N LEU C 216 5.80 -17.17 18.41
CA LEU C 216 6.31 -16.74 17.10
C LEU C 216 5.20 -16.08 16.29
N ASP C 217 5.37 -14.81 15.93
CA ASP C 217 4.34 -14.10 15.17
C ASP C 217 4.42 -14.35 13.67
N LYS C 218 3.44 -13.81 12.95
CA LYS C 218 3.36 -13.96 11.50
C LYS C 218 4.60 -13.43 10.79
N GLU C 219 5.34 -12.55 11.45
CA GLU C 219 6.55 -12.00 10.86
C GLU C 219 7.71 -12.90 11.22
N GLY C 220 7.42 -13.95 11.98
CA GLY C 220 8.44 -14.89 12.39
C GLY C 220 9.35 -14.46 13.52
N ARG C 221 8.90 -13.56 14.39
CA ARG C 221 9.73 -13.14 15.51
C ARG C 221 9.16 -13.53 16.88
N LEU C 222 10.05 -13.84 17.80
CA LEU C 222 9.64 -14.25 19.13
C LEU C 222 9.04 -13.10 19.92
N VAL C 223 7.80 -13.29 20.35
CA VAL C 223 7.10 -12.28 21.12
C VAL C 223 6.86 -12.81 22.53
N PRO C 224 7.49 -12.19 23.54
CA PRO C 224 7.33 -12.61 24.93
C PRO C 224 5.89 -12.52 25.44
N GLN C 225 5.46 -13.56 26.15
CA GLN C 225 4.11 -13.62 26.72
C GLN C 225 4.22 -14.26 28.10
N PRO C 226 3.71 -13.59 29.13
CA PRO C 226 3.77 -14.13 30.49
C PRO C 226 2.74 -15.24 30.65
N PHE C 227 2.92 -16.07 31.67
CA PHE C 227 2.01 -17.17 31.93
C PHE C 227 0.60 -16.59 32.11
N PRO C 228 -0.43 -17.25 31.54
CA PRO C 228 -1.83 -16.78 31.65
C PRO C 228 -2.52 -17.24 32.94
N TYR C 229 -2.07 -16.70 34.07
CA TYR C 229 -2.63 -17.06 35.37
C TYR C 229 -4.16 -17.01 35.36
N GLY C 230 -4.77 -18.01 35.99
CA GLY C 230 -6.22 -18.10 36.05
C GLY C 230 -6.67 -19.55 36.02
N ILE C 231 -6.11 -20.32 35.09
CA ILE C 231 -6.43 -21.75 34.94
C ILE C 231 -5.79 -22.57 36.09
N THR C 232 -6.44 -23.65 36.52
CA THR C 232 -5.91 -24.44 37.63
C THR C 232 -5.80 -25.96 37.46
N ALA C 233 -6.86 -26.69 37.79
CA ALA C 233 -6.85 -28.16 37.73
C ALA C 233 -6.68 -28.81 36.36
N ASP C 234 -6.94 -28.07 35.29
CA ASP C 234 -6.81 -28.63 33.94
C ASP C 234 -5.45 -28.35 33.32
N GLY C 235 -4.67 -27.45 33.93
CA GLY C 235 -3.35 -27.16 33.38
C GLY C 235 -2.67 -25.87 33.82
N GLY C 236 -2.77 -25.52 35.09
CA GLY C 236 -2.15 -24.29 35.55
C GLY C 236 -0.92 -24.41 36.44
N LEU C 237 -0.35 -25.60 36.50
CA LEU C 237 0.83 -25.85 37.32
C LEU C 237 2.14 -25.48 36.62
N LEU C 238 3.04 -24.84 37.36
CA LEU C 238 4.35 -24.46 36.84
C LEU C 238 5.40 -25.23 37.64
N SER C 239 6.39 -25.80 36.96
CA SER C 239 7.40 -26.60 37.64
C SER C 239 8.67 -26.71 36.79
N SER C 240 9.61 -27.56 37.20
CA SER C 240 10.85 -27.75 36.46
C SER C 240 11.06 -29.22 36.11
N VAL C 241 12.07 -29.52 35.29
CA VAL C 241 12.33 -30.91 34.92
C VAL C 241 12.93 -31.72 36.08
N LEU C 242 13.57 -31.05 37.03
CA LEU C 242 14.12 -31.75 38.19
C LEU C 242 12.96 -32.15 39.09
N ASP C 243 12.00 -31.24 39.29
CA ASP C 243 10.84 -31.53 40.11
C ASP C 243 10.00 -32.62 39.44
N LEU C 244 9.73 -32.47 38.14
CA LEU C 244 8.94 -33.45 37.43
C LEU C 244 9.65 -34.81 37.46
N ALA C 245 10.97 -34.79 37.57
CA ALA C 245 11.78 -36.01 37.64
C ALA C 245 11.42 -36.72 38.94
N LYS C 246 11.41 -35.96 40.04
CA LYS C 246 11.03 -36.51 41.34
C LYS C 246 9.64 -37.12 41.20
N TYR C 247 8.76 -36.40 40.51
CA TYR C 247 7.38 -36.82 40.28
C TYR C 247 7.33 -38.12 39.49
N LEU C 248 8.03 -38.18 38.36
CA LEU C 248 8.06 -39.39 37.55
C LEU C 248 8.62 -40.58 38.34
N LYS C 249 9.63 -40.32 39.17
CA LYS C 249 10.24 -41.38 39.95
C LYS C 249 9.22 -42.16 40.79
N MET C 250 8.24 -41.46 41.35
CA MET C 250 7.21 -42.10 42.16
C MET C 250 6.44 -43.15 41.38
N TYR C 251 5.94 -42.76 40.22
CA TYR C 251 5.19 -43.68 39.40
C TYR C 251 6.07 -44.88 39.04
N ILE C 252 7.25 -44.58 38.50
CA ILE C 252 8.18 -45.62 38.09
C ILE C 252 8.50 -46.66 39.16
N GLU C 253 8.74 -46.21 40.39
CA GLU C 253 9.07 -47.13 41.48
C GLU C 253 7.85 -47.51 42.32
N ARG C 254 6.65 -47.27 41.80
CA ARG C 254 5.43 -47.59 42.54
C ARG C 254 5.47 -47.10 43.98
N ASP C 255 6.23 -46.05 44.25
CA ASP C 255 6.30 -45.55 45.61
C ASP C 255 4.87 -45.28 46.09
N GLU C 256 4.56 -45.70 47.32
CA GLU C 256 3.21 -45.54 47.86
C GLU C 256 3.04 -44.46 48.92
N SER C 257 3.84 -43.42 48.86
CA SER C 257 3.75 -42.34 49.84
C SER C 257 2.50 -41.46 49.69
N ILE C 258 1.85 -41.53 48.52
CA ILE C 258 0.65 -40.74 48.26
C ILE C 258 -0.57 -41.64 48.21
N VAL C 259 -0.51 -42.66 47.36
CA VAL C 259 -1.60 -43.61 47.21
C VAL C 259 -1.00 -45.01 47.11
N SER C 260 -1.83 -46.03 47.18
CA SER C 260 -1.36 -47.40 47.09
C SER C 260 -1.11 -47.74 45.63
N LYS C 261 -0.13 -48.60 45.39
CA LYS C 261 0.22 -49.01 44.04
C LYS C 261 -0.99 -49.41 43.20
N GLU C 262 -1.92 -50.14 43.79
CA GLU C 262 -3.11 -50.56 43.05
C GLU C 262 -3.82 -49.37 42.40
N TYR C 263 -3.62 -48.18 42.95
CA TYR C 263 -4.25 -47.00 42.39
C TYR C 263 -3.44 -46.46 41.22
N ILE C 264 -2.13 -46.59 41.34
CA ILE C 264 -1.24 -46.16 40.28
C ILE C 264 -1.53 -46.98 39.03
N GLU C 265 -1.87 -48.26 39.24
CA GLU C 265 -2.16 -49.13 38.13
C GLU C 265 -3.50 -48.76 37.50
N LYS C 266 -4.40 -48.23 38.33
CA LYS C 266 -5.71 -47.79 37.88
C LYS C 266 -5.50 -46.63 36.92
N MET C 267 -4.58 -45.74 37.29
CA MET C 267 -4.28 -44.58 36.46
C MET C 267 -3.61 -45.02 35.16
N GLU C 268 -2.83 -46.09 35.22
CA GLU C 268 -2.12 -46.59 34.04
C GLU C 268 -2.92 -47.52 33.14
N THR C 269 -4.16 -47.81 33.54
CA THR C 269 -5.02 -48.69 32.75
C THR C 269 -5.69 -47.91 31.61
N SER C 270 -5.62 -48.45 30.41
CA SER C 270 -6.24 -47.80 29.25
C SER C 270 -7.72 -48.12 29.23
N TYR C 271 -8.54 -47.14 29.61
CA TYR C 271 -9.99 -47.33 29.67
C TYR C 271 -10.73 -47.12 28.35
N ILE C 272 -10.21 -46.24 27.50
CA ILE C 272 -10.85 -45.94 26.23
C ILE C 272 -9.83 -45.49 25.20
N LYS C 273 -10.07 -45.82 23.94
CA LYS C 273 -9.14 -45.47 22.87
C LYS C 273 -9.23 -43.99 22.48
N VAL C 274 -8.09 -43.41 22.14
CA VAL C 274 -8.04 -42.01 21.72
C VAL C 274 -7.80 -41.99 20.22
N PRO C 275 -8.18 -40.90 19.54
CA PRO C 275 -7.99 -40.82 18.09
C PRO C 275 -6.52 -40.62 17.67
N TRP C 276 -5.72 -40.03 18.56
CA TRP C 276 -4.30 -39.78 18.27
C TRP C 276 -3.42 -41.02 18.26
N GLU C 277 -3.65 -41.89 17.28
CA GLU C 277 -2.86 -43.12 17.16
C GLU C 277 -1.53 -42.82 16.46
N ILE C 278 -0.42 -43.22 17.08
CA ILE C 278 0.90 -43.01 16.51
C ILE C 278 1.62 -44.35 16.30
N PHE C 279 1.71 -45.13 17.37
CA PHE C 279 2.36 -46.43 17.31
C PHE C 279 1.32 -47.54 17.29
N GLY C 280 0.06 -47.17 17.56
CA GLY C 280 -1.01 -48.16 17.55
C GLY C 280 -1.71 -48.42 18.85
N GLY C 281 -3.05 -48.35 18.80
CA GLY C 281 -3.86 -48.61 19.99
C GLY C 281 -3.75 -47.68 21.18
N GLU C 282 -3.32 -46.44 20.95
CA GLU C 282 -3.20 -45.48 22.06
C GLU C 282 -4.55 -45.27 22.74
N GLY C 283 -4.52 -45.14 24.06
CA GLY C 283 -5.75 -44.95 24.80
C GLY C 283 -5.58 -43.90 25.87
N TYR C 284 -6.50 -43.85 26.83
CA TYR C 284 -6.42 -42.87 27.90
C TYR C 284 -6.74 -43.50 29.26
N GLY C 285 -5.85 -43.32 30.22
CA GLY C 285 -6.07 -43.83 31.56
C GLY C 285 -6.69 -42.72 32.38
N TYR C 286 -6.12 -42.42 33.55
CA TYR C 286 -6.63 -41.33 34.36
C TYR C 286 -5.65 -40.17 34.29
N GLY C 287 -5.95 -39.19 33.44
CA GLY C 287 -5.08 -38.04 33.28
C GLY C 287 -3.74 -38.44 32.70
N LEU C 288 -3.73 -39.55 31.97
CA LEU C 288 -2.51 -40.07 31.36
C LEU C 288 -2.83 -40.73 30.02
N ILE C 289 -1.88 -40.71 29.11
CA ILE C 289 -2.04 -41.33 27.80
C ILE C 289 -1.30 -42.66 27.79
N ILE C 290 -1.95 -43.70 27.30
CA ILE C 290 -1.35 -45.04 27.28
C ILE C 290 -0.95 -45.47 25.87
N TYR C 291 0.32 -45.82 25.69
CA TYR C 291 0.81 -46.26 24.37
C TYR C 291 1.23 -47.73 24.54
N PRO C 292 0.33 -48.67 24.23
CA PRO C 292 0.60 -50.10 24.35
C PRO C 292 1.71 -50.64 23.43
N ASN C 293 1.92 -49.99 22.28
CA ASN C 293 2.93 -50.42 21.33
C ASN C 293 4.08 -49.44 21.08
N PHE C 294 4.70 -48.93 22.13
CA PHE C 294 5.81 -48.00 21.94
C PHE C 294 7.13 -48.75 21.86
N LEU C 295 7.69 -48.90 20.66
CA LEU C 295 8.96 -49.58 20.50
C LEU C 295 9.06 -50.90 21.27
N GLY C 296 7.98 -51.67 21.27
CA GLY C 296 7.97 -52.94 21.97
C GLY C 296 7.78 -52.82 23.48
N GLU C 297 7.59 -51.58 23.96
CA GLU C 297 7.38 -51.32 25.38
C GLU C 297 6.00 -50.71 25.57
N LYS C 298 5.61 -50.51 26.82
CA LYS C 298 4.32 -49.90 27.16
C LYS C 298 4.66 -48.54 27.74
N LEU C 299 4.32 -47.48 27.01
CA LEU C 299 4.62 -46.13 27.46
C LEU C 299 3.43 -45.45 28.11
N VAL C 300 3.73 -44.64 29.12
CA VAL C 300 2.71 -43.87 29.83
C VAL C 300 3.21 -42.44 29.90
N GLY C 301 2.38 -41.50 29.45
CA GLY C 301 2.77 -40.11 29.46
C GLY C 301 1.62 -39.17 29.13
N HIS C 302 1.93 -37.89 28.97
CA HIS C 302 0.92 -36.88 28.67
C HIS C 302 1.66 -35.59 28.31
N SER C 303 1.12 -34.84 27.37
CA SER C 303 1.75 -33.58 26.97
C SER C 303 0.99 -32.40 27.61
N GLY C 304 1.51 -31.20 27.39
CA GLY C 304 0.90 -30.01 27.94
C GLY C 304 1.23 -28.78 27.11
N SER C 305 0.30 -27.84 27.08
CA SER C 305 0.50 -26.60 26.32
C SER C 305 -0.44 -25.49 26.77
N VAL C 306 0.12 -24.29 26.88
CA VAL C 306 -0.66 -23.12 27.24
C VAL C 306 -0.27 -22.03 26.26
N GLY C 307 0.28 -22.45 25.12
CA GLY C 307 0.68 -21.50 24.10
C GLY C 307 2.13 -21.07 24.16
N MET C 308 2.49 -20.26 25.15
CA MET C 308 3.87 -19.78 25.29
C MET C 308 4.79 -20.74 26.06
N TYR C 309 4.22 -21.86 26.51
CA TYR C 309 4.95 -22.90 27.25
C TYR C 309 4.38 -24.25 26.86
N THR C 310 5.24 -25.23 26.65
CA THR C 310 4.80 -26.58 26.33
C THR C 310 5.67 -27.59 27.06
N GLY C 311 5.14 -28.79 27.26
CA GLY C 311 5.91 -29.81 27.94
C GLY C 311 5.42 -31.22 27.71
N TYR C 312 6.16 -32.18 28.25
CA TYR C 312 5.81 -33.58 28.12
C TYR C 312 6.59 -34.43 29.11
N ILE C 313 5.93 -35.48 29.60
CA ILE C 313 6.56 -36.44 30.52
C ILE C 313 6.07 -37.82 30.10
N GLY C 314 6.98 -38.78 30.10
CA GLY C 314 6.64 -40.14 29.73
C GLY C 314 7.52 -41.10 30.50
N TYR C 315 7.01 -42.30 30.77
CA TYR C 315 7.80 -43.28 31.48
C TYR C 315 7.39 -44.69 31.11
N ILE C 316 8.35 -45.60 31.11
CA ILE C 316 8.09 -46.99 30.78
C ILE C 316 8.37 -47.81 32.03
N PRO C 317 7.33 -48.06 32.84
CA PRO C 317 7.36 -48.82 34.10
C PRO C 317 8.29 -50.03 34.11
N GLU C 318 8.11 -50.91 33.13
CA GLU C 318 8.95 -52.11 33.04
C GLU C 318 10.43 -51.84 32.87
N LYS C 319 10.79 -50.86 32.04
CA LYS C 319 12.19 -50.56 31.81
C LYS C 319 12.80 -49.62 32.84
N LYS C 320 11.99 -49.12 33.77
CA LYS C 320 12.48 -48.24 34.82
C LYS C 320 13.07 -46.92 34.32
N ILE C 321 12.60 -46.44 33.19
CA ILE C 321 13.12 -45.20 32.62
C ILE C 321 12.01 -44.16 32.48
N GLY C 322 12.38 -42.89 32.57
CA GLY C 322 11.41 -41.81 32.43
C GLY C 322 12.08 -40.58 31.86
N VAL C 323 11.28 -39.71 31.22
CA VAL C 323 11.82 -38.49 30.62
C VAL C 323 10.86 -37.31 30.77
N ALA C 324 11.44 -36.14 31.01
CA ALA C 324 10.67 -34.91 31.16
C ALA C 324 11.31 -33.80 30.32
N VAL C 325 10.47 -33.04 29.63
CA VAL C 325 10.93 -31.94 28.78
C VAL C 325 9.98 -30.74 28.87
N LEU C 326 10.54 -29.55 29.05
CA LEU C 326 9.74 -28.32 29.12
C LEU C 326 10.26 -27.36 28.05
N GLU C 327 9.35 -26.63 27.40
CA GLU C 327 9.76 -25.70 26.34
C GLU C 327 9.24 -24.27 26.51
N ASN C 328 10.03 -23.32 26.02
CA ASN C 328 9.75 -21.88 26.07
C ASN C 328 8.83 -21.33 24.98
N SER C 329 8.15 -22.22 24.27
CA SER C 329 7.21 -21.85 23.21
C SER C 329 6.67 -23.14 22.63
N SER C 330 6.04 -23.07 21.46
CA SER C 330 5.47 -24.26 20.83
C SER C 330 6.16 -24.64 19.53
N GLY C 331 7.42 -24.22 19.38
CA GLY C 331 8.17 -24.52 18.17
C GLY C 331 8.23 -25.98 17.78
N TYR C 332 8.71 -26.82 18.70
CA TYR C 332 8.84 -28.25 18.44
C TYR C 332 8.19 -29.04 19.57
N PRO C 333 7.40 -30.06 19.23
CA PRO C 333 6.70 -30.90 20.22
C PRO C 333 7.62 -31.57 21.24
N PRO C 334 7.53 -31.17 22.51
CA PRO C 334 8.39 -31.79 23.54
C PRO C 334 8.33 -33.31 23.55
N SER C 335 7.15 -33.86 23.24
CA SER C 335 6.99 -35.32 23.24
C SER C 335 7.92 -35.95 22.22
N TYR C 336 8.20 -35.25 21.12
CA TYR C 336 9.10 -35.75 20.09
C TYR C 336 10.54 -35.82 20.60
N ILE C 337 10.94 -34.84 21.38
CA ILE C 337 12.28 -34.83 21.95
C ILE C 337 12.34 -35.95 23.00
N ALA C 338 11.33 -35.98 23.87
CA ALA C 338 11.26 -37.01 24.91
C ALA C 338 11.31 -38.41 24.32
N MET C 339 10.53 -38.66 23.26
CA MET C 339 10.52 -39.96 22.63
C MET C 339 11.85 -40.29 21.94
N TYR C 340 12.55 -39.25 21.49
CA TYR C 340 13.85 -39.43 20.84
C TYR C 340 14.78 -40.03 21.89
N ALA C 341 14.80 -39.42 23.08
CA ALA C 341 15.63 -39.87 24.19
C ALA C 341 15.23 -41.25 24.67
N LEU C 342 13.93 -41.48 24.85
CA LEU C 342 13.45 -42.78 25.30
C LEU C 342 13.89 -43.90 24.35
N ALA C 343 13.94 -43.61 23.06
CA ALA C 343 14.37 -44.62 22.09
C ALA C 343 15.85 -44.91 22.30
N LEU C 344 16.63 -43.86 22.55
CA LEU C 344 18.06 -44.01 22.78
C LEU C 344 18.30 -44.82 24.05
N LEU C 345 17.45 -44.65 25.05
CA LEU C 345 17.58 -45.39 26.29
C LEU C 345 17.16 -46.85 26.09
N LEU C 346 16.37 -47.09 25.06
CA LEU C 346 15.91 -48.44 24.76
C LEU C 346 16.83 -49.14 23.78
N GLY C 347 17.83 -48.40 23.29
CA GLY C 347 18.76 -48.97 22.34
C GLY C 347 18.18 -49.05 20.94
N LYS C 348 17.17 -48.24 20.67
CA LYS C 348 16.54 -48.23 19.34
C LYS C 348 16.98 -46.94 18.64
N ASN C 349 17.07 -46.96 17.32
CA ASN C 349 17.46 -45.77 16.55
C ASN C 349 16.21 -44.92 16.31
N PRO C 350 16.13 -43.76 16.98
CA PRO C 350 14.97 -42.87 16.82
C PRO C 350 14.78 -42.34 15.40
N GLU C 351 15.86 -42.29 14.62
CA GLU C 351 15.80 -41.80 13.25
C GLU C 351 15.12 -42.79 12.30
N LYS C 352 15.07 -44.06 12.69
CA LYS C 352 14.43 -45.08 11.87
C LYS C 352 13.19 -45.68 12.53
N GLU C 353 13.09 -45.54 13.85
CA GLU C 353 11.96 -46.12 14.57
C GLU C 353 10.81 -45.18 14.96
N LEU C 354 11.04 -43.88 14.95
CA LEU C 354 9.97 -42.94 15.29
C LEU C 354 9.41 -42.33 14.00
N PRO C 355 8.13 -42.62 13.68
CA PRO C 355 7.44 -42.12 12.48
C PRO C 355 7.58 -40.62 12.20
N PHE C 356 7.26 -39.80 13.20
CA PHE C 356 7.32 -38.36 13.02
C PHE C 356 8.70 -37.80 12.69
N ILE C 357 9.75 -38.54 13.05
CA ILE C 357 11.11 -38.09 12.77
C ILE C 357 11.50 -38.29 11.32
N TYR C 358 11.47 -39.53 10.83
CA TYR C 358 11.86 -39.76 9.44
C TYR C 358 10.82 -39.21 8.46
N ARG C 359 9.56 -39.20 8.88
CA ARG C 359 8.50 -38.65 8.04
C ARG C 359 8.92 -37.22 7.66
N GLU C 360 9.35 -36.43 8.64
CA GLU C 360 9.78 -35.06 8.37
C GLU C 360 11.04 -34.99 7.50
N ARG C 361 11.97 -35.92 7.73
CA ARG C 361 13.22 -35.93 6.97
C ARG C 361 13.00 -36.19 5.47
N ILE C 362 12.21 -37.23 5.18
CA ILE C 362 11.93 -37.60 3.80
C ILE C 362 11.16 -36.51 3.05
N LEU C 363 9.98 -36.19 3.58
CA LEU C 363 9.11 -35.19 2.97
C LEU C 363 9.82 -33.88 2.66
N LYS C 364 10.75 -33.48 3.52
CA LYS C 364 11.49 -32.24 3.31
C LYS C 364 12.34 -32.28 2.05
N LYS C 365 12.78 -33.46 1.64
CA LYS C 365 13.61 -33.57 0.43
C LYS C 365 12.81 -33.34 -0.85
N VAL C 366 11.49 -33.29 -0.71
CA VAL C 366 10.59 -33.12 -1.86
C VAL C 366 10.16 -31.67 -2.11
N GLU C 367 10.48 -30.77 -1.17
CA GLU C 367 10.12 -29.36 -1.32
C GLU C 367 11.06 -28.67 -2.31
N GLY C 368 10.54 -27.68 -3.03
CA GLY C 368 11.37 -26.97 -3.99
C GLY C 368 10.71 -26.63 -5.32
N ARG C 369 11.52 -26.17 -6.27
CA ARG C 369 11.06 -25.79 -7.61
C ARG C 369 11.04 -26.98 -8.58
N TYR C 370 9.97 -27.09 -9.35
CA TYR C 370 9.81 -28.17 -10.32
C TYR C 370 9.52 -27.63 -11.72
N MET C 371 10.15 -28.24 -12.72
CA MET C 371 9.98 -27.81 -14.11
C MET C 371 9.72 -28.96 -15.08
N GLY C 372 8.88 -28.68 -16.08
CA GLY C 372 8.58 -29.66 -17.11
C GLY C 372 9.64 -29.61 -18.19
N TYR C 373 9.41 -30.29 -19.31
CA TYR C 373 10.35 -30.34 -20.43
C TYR C 373 10.85 -28.96 -20.86
N LYS C 374 12.17 -28.75 -20.82
CA LYS C 374 12.76 -27.47 -21.21
C LYS C 374 12.17 -26.27 -20.46
N GLY C 375 11.63 -26.50 -19.26
CA GLY C 375 11.06 -25.41 -18.47
C GLY C 375 9.74 -24.81 -18.92
N THR C 376 8.94 -25.58 -19.65
CA THR C 376 7.63 -25.12 -20.14
C THR C 376 6.70 -24.71 -19.01
N ILE C 377 6.39 -25.65 -18.12
CA ILE C 377 5.49 -25.40 -17.00
C ILE C 377 6.27 -25.45 -15.69
N LYS C 378 5.93 -24.54 -14.76
CA LYS C 378 6.63 -24.43 -13.48
C LYS C 378 5.76 -24.74 -12.26
N PHE C 379 6.34 -25.48 -11.30
CA PHE C 379 5.62 -25.85 -10.08
C PHE C 379 6.45 -25.69 -8.79
N GLU C 380 5.75 -25.48 -7.68
CA GLU C 380 6.39 -25.36 -6.37
C GLU C 380 5.79 -26.39 -5.41
N VAL C 381 6.65 -27.05 -4.64
CA VAL C 381 6.20 -28.05 -3.68
C VAL C 381 6.53 -27.55 -2.27
N LYS C 382 5.48 -27.43 -1.46
CA LYS C 382 5.61 -26.98 -0.08
C LYS C 382 4.95 -28.00 0.83
N VAL C 383 5.59 -28.32 1.94
CA VAL C 383 5.03 -29.29 2.89
C VAL C 383 4.51 -28.63 4.16
N ASP C 384 3.33 -29.06 4.61
CA ASP C 384 2.71 -28.52 5.82
C ASP C 384 2.27 -29.73 6.66
N GLY C 385 2.98 -29.98 7.76
CA GLY C 385 2.62 -31.13 8.56
C GLY C 385 2.88 -32.36 7.72
N ASP C 386 1.88 -33.23 7.57
CA ASP C 386 2.06 -34.41 6.73
C ASP C 386 1.36 -34.27 5.38
N VAL C 387 1.09 -33.03 4.98
CA VAL C 387 0.43 -32.73 3.71
C VAL C 387 1.40 -32.06 2.73
N VAL C 388 1.47 -32.60 1.51
CA VAL C 388 2.35 -32.05 0.49
C VAL C 388 1.50 -31.26 -0.50
N TYR C 389 1.79 -29.97 -0.63
CA TYR C 389 1.04 -29.12 -1.56
C TYR C 389 1.81 -28.88 -2.86
N LEU C 390 1.11 -29.08 -3.98
CA LEU C 390 1.69 -28.88 -5.31
C LEU C 390 1.00 -27.66 -5.90
N ARG C 391 1.75 -26.56 -6.04
CA ARG C 391 1.18 -25.31 -6.55
C ARG C 391 1.69 -24.88 -7.92
N ALA C 392 0.80 -24.32 -8.72
CA ALA C 392 1.12 -23.84 -10.05
C ALA C 392 1.78 -22.46 -9.95
N LEU C 393 2.92 -22.33 -10.60
CA LEU C 393 3.64 -21.09 -10.58
C LEU C 393 3.14 -20.17 -11.69
N GLY C 394 2.31 -19.20 -11.31
CA GLY C 394 1.75 -18.26 -12.27
C GLY C 394 0.95 -17.24 -11.50
N ARG C 395 1.21 -15.96 -11.77
CA ARG C 395 0.52 -14.87 -11.08
C ARG C 395 -0.90 -14.73 -11.57
N ALA C 396 -1.13 -15.12 -12.82
CA ALA C 396 -2.47 -15.03 -13.42
C ALA C 396 -3.25 -16.28 -13.04
N PHE C 397 -2.61 -17.43 -13.22
CA PHE C 397 -3.20 -18.73 -12.90
C PHE C 397 -2.28 -19.40 -11.86
N THR C 398 -2.86 -20.04 -10.85
CA THR C 398 -2.03 -20.66 -9.80
C THR C 398 -2.78 -21.58 -8.84
N TYR C 399 -3.31 -22.70 -9.35
CA TYR C 399 -4.03 -23.62 -8.47
C TYR C 399 -3.05 -24.33 -7.53
N THR C 400 -3.58 -25.03 -6.53
CA THR C 400 -2.77 -25.74 -5.55
C THR C 400 -3.44 -27.06 -5.22
N ILE C 401 -2.69 -28.16 -5.34
CA ILE C 401 -3.25 -29.47 -5.07
C ILE C 401 -2.73 -30.04 -3.75
N PRO C 402 -3.63 -30.61 -2.94
CA PRO C 402 -3.26 -31.20 -1.66
C PRO C 402 -3.00 -32.68 -1.88
N LEU C 403 -1.79 -33.14 -1.61
CA LEU C 403 -1.43 -34.54 -1.81
C LEU C 403 -1.19 -35.27 -0.48
N PHE C 404 -1.85 -36.41 -0.32
CA PHE C 404 -1.70 -37.21 0.89
C PHE C 404 -0.72 -38.37 0.65
N PRO C 405 0.30 -38.50 1.51
CA PRO C 405 1.30 -39.56 1.37
C PRO C 405 0.75 -40.94 1.76
N GLU C 406 0.77 -41.89 0.84
CA GLU C 406 0.29 -43.23 1.10
C GLU C 406 1.43 -44.24 1.20
N VAL C 407 2.56 -43.90 0.58
CA VAL C 407 3.75 -44.74 0.63
C VAL C 407 4.95 -43.82 0.81
N LEU C 408 5.74 -44.08 1.84
CA LEU C 408 6.89 -43.24 2.12
C LEU C 408 8.15 -44.06 2.42
N GLU C 409 9.15 -43.93 1.56
CA GLU C 409 10.41 -44.65 1.67
C GLU C 409 11.51 -43.61 1.54
N GLU C 410 12.75 -44.04 1.75
CA GLU C 410 13.91 -43.16 1.68
C GLU C 410 14.02 -42.38 0.37
N ASP C 411 13.92 -43.11 -0.75
CA ASP C 411 14.04 -42.47 -2.06
C ASP C 411 12.77 -42.59 -2.92
N PHE C 412 11.60 -42.55 -2.29
CA PHE C 412 10.34 -42.66 -3.03
C PHE C 412 9.14 -42.32 -2.16
N ILE C 413 8.17 -41.62 -2.74
CA ILE C 413 6.95 -41.23 -2.03
C ILE C 413 5.74 -41.24 -2.96
N LYS C 414 4.72 -42.03 -2.63
CA LYS C 414 3.54 -42.09 -3.45
C LYS C 414 2.35 -41.45 -2.73
N CYS C 415 1.89 -40.33 -3.27
CA CYS C 415 0.78 -39.57 -2.71
C CYS C 415 -0.45 -39.64 -3.62
N TYR C 416 -1.56 -39.10 -3.14
CA TYR C 416 -2.80 -39.08 -3.91
C TYR C 416 -3.67 -37.91 -3.49
N THR C 417 -4.53 -37.47 -4.39
CA THR C 417 -5.41 -36.35 -4.12
C THR C 417 -6.82 -36.71 -4.56
N LEU C 418 -7.66 -35.71 -4.81
CA LEU C 418 -9.03 -35.93 -5.24
C LEU C 418 -9.36 -35.41 -6.63
N SER C 419 -9.98 -36.28 -7.43
CA SER C 419 -10.40 -35.97 -8.78
C SER C 419 -11.67 -36.73 -9.05
N ASN C 420 -12.81 -36.10 -8.74
CA ASN C 420 -14.10 -36.73 -8.95
C ASN C 420 -14.21 -38.03 -8.14
N GLY C 421 -14.20 -37.91 -6.81
CA GLY C 421 -14.32 -39.08 -5.95
C GLY C 421 -13.20 -40.09 -6.01
N ARG C 422 -12.46 -40.11 -7.12
CA ARG C 422 -11.35 -41.05 -7.28
C ARG C 422 -10.00 -40.44 -6.87
N LYS C 423 -9.13 -41.27 -6.31
CA LYS C 423 -7.81 -40.83 -5.88
C LYS C 423 -6.80 -41.05 -6.99
N MET C 424 -6.14 -39.98 -7.42
CA MET C 424 -5.11 -40.10 -8.44
C MET C 424 -3.77 -39.84 -7.77
N TYR C 425 -2.80 -40.69 -8.08
CA TYR C 425 -1.49 -40.57 -7.46
C TYR C 425 -0.42 -39.73 -8.14
N ALA C 426 0.55 -39.31 -7.34
CA ALA C 426 1.71 -38.55 -7.77
C ALA C 426 2.87 -39.34 -7.16
N GLU C 427 3.95 -39.54 -7.91
CA GLU C 427 5.10 -40.30 -7.39
C GLU C 427 6.39 -39.49 -7.44
N PHE C 428 7.02 -39.36 -6.27
CA PHE C 428 8.29 -38.64 -6.12
C PHE C 428 9.47 -39.62 -6.14
N TYR C 429 10.40 -39.42 -7.07
CA TYR C 429 11.58 -40.30 -7.17
C TYR C 429 12.83 -39.50 -6.81
N ILE C 430 13.36 -39.76 -5.62
CA ILE C 430 14.53 -39.03 -5.10
C ILE C 430 15.85 -39.71 -5.45
N LYS C 431 16.79 -38.95 -6.03
CA LYS C 431 18.09 -39.48 -6.41
C LYS C 431 19.05 -38.37 -6.89
N ASP C 432 20.33 -38.49 -6.52
CA ASP C 432 21.36 -37.50 -6.90
C ASP C 432 20.93 -36.06 -6.67
N ASN C 433 20.58 -35.71 -5.44
CA ASN C 433 20.12 -34.36 -5.12
C ASN C 433 19.13 -33.83 -6.18
N LYS C 434 18.46 -34.77 -6.84
CA LYS C 434 17.47 -34.42 -7.85
C LYS C 434 16.21 -35.22 -7.54
N VAL C 435 15.06 -34.69 -7.92
CA VAL C 435 13.81 -35.39 -7.68
C VAL C 435 12.92 -35.36 -8.94
N ASP C 436 12.40 -36.52 -9.32
CA ASP C 436 11.52 -36.62 -10.48
C ASP C 436 10.10 -36.77 -9.96
N LEU C 437 9.22 -35.89 -10.40
CA LEU C 437 7.83 -35.95 -9.98
C LEU C 437 6.94 -36.37 -11.13
N ILE C 438 6.19 -37.44 -10.95
CA ILE C 438 5.27 -37.92 -11.97
C ILE C 438 3.86 -37.73 -11.43
N PHE C 439 3.12 -36.83 -12.05
CA PHE C 439 1.76 -36.55 -11.64
C PHE C 439 0.82 -36.55 -12.85
N GLU C 440 -0.08 -37.53 -12.88
CA GLU C 440 -1.02 -37.69 -13.98
C GLU C 440 -0.26 -37.75 -15.32
N ARG C 441 -0.57 -36.84 -16.23
CA ARG C 441 0.07 -36.79 -17.55
C ARG C 441 1.46 -36.18 -17.52
N TYR C 442 1.78 -35.43 -16.47
CA TYR C 442 3.05 -34.72 -16.40
C TYR C 442 4.26 -35.37 -15.74
N ARG C 443 5.42 -34.89 -16.16
CA ARG C 443 6.70 -35.27 -15.59
C ARG C 443 7.33 -33.93 -15.18
N LEU C 444 7.68 -33.82 -13.90
CA LEU C 444 8.26 -32.59 -13.38
C LEU C 444 9.60 -32.89 -12.71
N ILE C 445 10.60 -32.07 -12.98
CA ILE C 445 11.92 -32.29 -12.41
C ILE C 445 12.42 -31.14 -11.54
N LYS C 446 12.80 -31.47 -10.31
CA LYS C 446 13.35 -30.48 -9.39
C LYS C 446 14.85 -30.42 -9.65
N MET D 1 -32.86 -14.92 44.73
CA MET D 1 -32.28 -14.70 43.37
C MET D 1 -31.40 -15.86 42.90
N ASP D 2 -31.38 -16.08 41.59
CA ASP D 2 -30.59 -17.15 41.00
C ASP D 2 -29.31 -16.55 40.42
N VAL D 3 -28.18 -16.76 41.09
CA VAL D 3 -26.92 -16.21 40.61
C VAL D 3 -26.51 -16.90 39.31
N GLY D 4 -26.68 -18.22 39.25
CA GLY D 4 -26.32 -18.96 38.05
C GLY D 4 -26.69 -18.21 36.79
N LYS D 5 -27.94 -17.74 36.73
CA LYS D 5 -28.42 -17.01 35.58
C LYS D 5 -27.66 -15.69 35.41
N LEU D 6 -27.42 -14.98 36.51
CA LEU D 6 -26.71 -13.69 36.47
C LEU D 6 -25.22 -13.85 36.18
N GLU D 7 -24.61 -14.86 36.76
CA GLU D 7 -23.19 -15.10 36.56
C GLU D 7 -22.87 -15.56 35.13
N SER D 8 -23.77 -16.35 34.54
CA SER D 8 -23.57 -16.81 33.18
C SER D 8 -23.77 -15.60 32.26
N PHE D 9 -24.73 -14.75 32.63
CA PHE D 9 -25.02 -13.57 31.84
C PHE D 9 -23.79 -12.71 31.72
N ILE D 10 -23.21 -12.39 32.87
CA ILE D 10 -22.02 -11.56 32.95
C ILE D 10 -20.85 -12.11 32.15
N VAL D 11 -20.47 -13.37 32.39
CA VAL D 11 -19.36 -13.96 31.65
C VAL D 11 -19.60 -13.90 30.15
N GLU D 12 -20.81 -14.27 29.72
CA GLU D 12 -21.15 -14.27 28.31
C GLU D 12 -21.05 -12.88 27.67
N LYS D 13 -21.47 -11.85 28.38
CA LYS D 13 -21.41 -10.49 27.85
C LYS D 13 -19.98 -9.96 27.80
N MET D 14 -19.17 -10.37 28.77
CA MET D 14 -17.77 -9.96 28.82
C MET D 14 -17.02 -10.56 27.63
N ALA D 15 -17.30 -11.83 27.33
CA ALA D 15 -16.66 -12.52 26.21
C ALA D 15 -17.14 -11.88 24.91
N GLU D 16 -18.45 -11.81 24.80
CA GLU D 16 -19.13 -11.27 23.65
C GLU D 16 -18.70 -9.84 23.27
N ARG D 17 -18.37 -9.02 24.28
CA ARG D 17 -17.99 -7.64 24.04
C ARG D 17 -16.51 -7.32 24.27
N LYS D 18 -15.75 -8.32 24.68
CA LYS D 18 -14.34 -8.15 24.96
C LYS D 18 -14.08 -7.24 26.15
N VAL D 19 -14.78 -7.52 27.26
CA VAL D 19 -14.62 -6.75 28.49
C VAL D 19 -13.62 -7.51 29.36
N PRO D 20 -12.48 -6.88 29.70
CA PRO D 20 -11.47 -7.54 30.54
C PRO D 20 -11.89 -7.89 31.97
N GLY D 21 -12.46 -6.93 32.70
CA GLY D 21 -12.86 -7.19 34.07
C GLY D 21 -14.10 -6.47 34.58
N ILE D 22 -14.78 -7.09 35.53
CA ILE D 22 -16.01 -6.54 36.11
C ILE D 22 -16.25 -6.94 37.58
N SER D 23 -16.65 -5.96 38.38
CA SER D 23 -16.97 -6.20 39.79
C SER D 23 -18.41 -5.79 40.05
N ILE D 24 -19.06 -6.48 40.99
CA ILE D 24 -20.46 -6.20 41.32
C ILE D 24 -20.78 -6.52 42.78
N SER D 25 -21.67 -5.72 43.37
CA SER D 25 -22.10 -5.87 44.75
C SER D 25 -23.61 -5.74 44.81
N ILE D 26 -24.25 -6.54 45.66
CA ILE D 26 -25.71 -6.49 45.79
C ILE D 26 -26.17 -6.30 47.23
N ILE D 27 -27.00 -5.28 47.45
CA ILE D 27 -27.53 -4.96 48.79
C ILE D 27 -29.00 -5.37 48.94
N LYS D 28 -29.28 -6.14 49.99
CA LYS D 28 -30.64 -6.61 50.26
C LYS D 28 -30.93 -6.49 51.76
N ASP D 29 -31.79 -5.54 52.13
CA ASP D 29 -32.15 -5.33 53.54
C ASP D 29 -30.96 -5.02 54.44
N GLY D 30 -30.27 -3.93 54.14
CA GLY D 30 -29.15 -3.51 54.95
C GLY D 30 -27.87 -4.32 54.85
N ASP D 31 -27.87 -5.40 54.08
CA ASP D 31 -26.66 -6.21 53.96
C ASP D 31 -26.22 -6.55 52.54
N VAL D 32 -24.90 -6.71 52.39
CA VAL D 32 -24.33 -7.08 51.11
C VAL D 32 -24.53 -8.58 51.05
N VAL D 33 -25.43 -9.04 50.20
CA VAL D 33 -25.71 -10.45 50.12
C VAL D 33 -24.97 -11.13 48.96
N TYR D 34 -24.21 -10.35 48.21
CA TYR D 34 -23.47 -10.90 47.08
C TYR D 34 -22.43 -9.90 46.58
N ALA D 35 -21.23 -10.39 46.32
CA ALA D 35 -20.15 -9.55 45.84
C ALA D 35 -19.08 -10.38 45.17
N LYS D 36 -18.91 -10.19 43.86
CA LYS D 36 -17.91 -10.96 43.12
C LYS D 36 -17.15 -10.17 42.06
N GLY D 37 -16.02 -10.74 41.64
CA GLY D 37 -15.21 -10.14 40.61
C GLY D 37 -15.15 -11.12 39.44
N PHE D 38 -15.08 -10.59 38.23
CA PHE D 38 -15.02 -11.39 37.01
C PHE D 38 -13.93 -10.83 36.12
N GLY D 39 -13.22 -11.72 35.42
CA GLY D 39 -12.18 -11.26 34.52
C GLY D 39 -10.91 -10.77 35.19
N TYR D 40 -10.20 -9.89 34.49
CA TYR D 40 -8.93 -9.35 34.97
C TYR D 40 -8.93 -7.84 35.18
N ARG D 41 -8.33 -7.39 36.29
CA ARG D 41 -8.27 -5.96 36.55
C ARG D 41 -7.01 -5.45 35.84
N ASN D 42 -6.16 -6.39 35.48
CA ASN D 42 -4.93 -6.08 34.73
C ASN D 42 -4.62 -7.29 33.83
N VAL D 43 -4.71 -7.10 32.52
CA VAL D 43 -4.46 -8.18 31.58
C VAL D 43 -2.98 -8.53 31.45
N GLU D 44 -2.13 -7.51 31.38
CA GLU D 44 -0.70 -7.75 31.25
C GLU D 44 -0.13 -8.47 32.47
N ALA D 45 -0.57 -8.04 33.66
CA ALA D 45 -0.11 -8.62 34.91
C ALA D 45 -0.97 -9.82 35.34
N ARG D 46 -2.00 -10.13 34.56
CA ARG D 46 -2.88 -11.25 34.87
C ARG D 46 -3.46 -11.16 36.28
N LEU D 47 -3.80 -9.96 36.73
CA LEU D 47 -4.38 -9.80 38.06
C LEU D 47 -5.90 -9.83 37.89
N PRO D 48 -6.60 -10.61 38.72
CA PRO D 48 -8.07 -10.74 38.66
C PRO D 48 -8.85 -9.58 39.29
N SER D 49 -10.10 -9.40 38.85
CA SER D 49 -10.97 -8.38 39.40
C SER D 49 -11.62 -9.00 40.62
N THR D 50 -11.70 -8.23 41.69
CA THR D 50 -12.29 -8.72 42.94
C THR D 50 -13.26 -7.70 43.50
N PRO D 51 -14.05 -8.09 44.51
CA PRO D 51 -15.01 -7.15 45.10
C PRO D 51 -14.31 -5.92 45.66
N GLU D 52 -12.99 -6.02 45.89
CA GLU D 52 -12.21 -4.89 46.44
C GLU D 52 -11.62 -3.99 45.36
N THR D 53 -11.43 -4.54 44.17
CA THR D 53 -10.84 -3.78 43.07
C THR D 53 -11.37 -2.35 42.91
N ILE D 54 -10.44 -1.43 42.73
CA ILE D 54 -10.75 -0.03 42.55
C ILE D 54 -10.81 0.35 41.07
N TYR D 55 -11.88 1.04 40.68
CA TYR D 55 -12.07 1.51 39.31
C TYR D 55 -12.43 2.99 39.36
N GLY D 56 -12.36 3.67 38.22
CA GLY D 56 -12.77 5.05 38.18
C GLY D 56 -14.28 4.93 38.08
N ILE D 57 -15.03 5.76 38.78
CA ILE D 57 -16.48 5.64 38.72
C ILE D 57 -17.17 6.69 37.87
N GLY D 58 -16.38 7.58 37.28
CA GLY D 58 -16.94 8.60 36.42
C GLY D 58 -18.00 9.50 37.03
N SER D 59 -19.12 9.67 36.32
CA SER D 59 -20.21 10.54 36.78
C SER D 59 -21.02 10.08 37.99
N ILE D 60 -20.68 8.93 38.56
CA ILE D 60 -21.38 8.46 39.74
C ILE D 60 -20.98 9.44 40.85
N THR D 61 -19.88 10.16 40.59
CA THR D 61 -19.37 11.16 41.52
C THR D 61 -20.36 12.31 41.72
N LYS D 62 -21.18 12.57 40.72
CA LYS D 62 -22.16 13.65 40.79
C LYS D 62 -23.11 13.56 41.98
N SER D 63 -23.53 12.35 42.33
CA SER D 63 -24.44 12.17 43.45
C SER D 63 -23.73 12.57 44.74
N PHE D 64 -22.40 12.48 44.75
CA PHE D 64 -21.59 12.84 45.90
C PHE D 64 -21.57 14.36 46.01
N THR D 65 -21.37 15.03 44.87
CA THR D 65 -21.34 16.49 44.84
C THR D 65 -22.71 17.03 45.26
N ALA D 66 -23.76 16.34 44.80
CA ALA D 66 -25.13 16.72 45.10
C ALA D 66 -25.41 16.51 46.58
N LEU D 67 -24.84 15.46 47.17
CA LEU D 67 -25.06 15.17 48.58
C LEU D 67 -24.36 16.22 49.43
N ALA D 68 -23.14 16.59 49.04
CA ALA D 68 -22.39 17.60 49.76
C ALA D 68 -23.16 18.91 49.73
N ILE D 69 -23.77 19.22 48.59
CA ILE D 69 -24.55 20.44 48.43
C ILE D 69 -25.75 20.41 49.38
N MET D 70 -26.46 19.29 49.43
CA MET D 70 -27.60 19.18 50.32
C MET D 70 -27.16 19.47 51.76
N LYS D 71 -25.95 19.02 52.10
CA LYS D 71 -25.40 19.22 53.43
C LYS D 71 -25.17 20.69 53.74
N LEU D 72 -24.43 21.38 52.88
CA LEU D 72 -24.15 22.79 53.07
C LEU D 72 -25.46 23.58 53.14
N VAL D 73 -26.46 23.11 52.40
CA VAL D 73 -27.77 23.75 52.39
C VAL D 73 -28.48 23.53 53.73
N GLU D 74 -28.57 22.28 54.16
CA GLU D 74 -29.24 21.97 55.42
C GLU D 74 -28.62 22.74 56.57
N GLU D 75 -27.37 23.19 56.39
CA GLU D 75 -26.66 23.95 57.43
C GLU D 75 -26.79 25.46 57.24
N GLY D 76 -27.62 25.87 56.29
CA GLY D 76 -27.79 27.29 56.05
C GLY D 76 -26.61 27.99 55.41
N GLY D 77 -25.76 27.24 54.73
CA GLY D 77 -24.60 27.85 54.09
C GLY D 77 -24.97 28.47 52.75
N LEU D 78 -26.08 28.03 52.19
CA LEU D 78 -26.55 28.54 50.92
C LEU D 78 -27.94 28.04 50.65
N SER D 79 -28.59 28.61 49.63
CA SER D 79 -29.93 28.21 49.24
C SER D 79 -29.90 27.70 47.82
N LEU D 80 -30.67 26.64 47.56
CA LEU D 80 -30.73 26.05 46.24
C LEU D 80 -31.17 27.08 45.21
N ASP D 81 -31.79 28.16 45.69
CA ASP D 81 -32.26 29.22 44.81
C ASP D 81 -31.29 30.40 44.68
N ASP D 82 -30.10 30.28 45.26
CA ASP D 82 -29.11 31.36 45.16
C ASP D 82 -28.46 31.34 43.78
N PRO D 83 -28.23 32.52 43.18
CA PRO D 83 -27.59 32.53 41.87
C PRO D 83 -26.17 31.98 42.02
N VAL D 84 -25.66 31.34 40.97
CA VAL D 84 -24.33 30.77 41.00
C VAL D 84 -23.30 31.90 41.07
N GLU D 85 -23.67 33.07 40.53
CA GLU D 85 -22.78 34.22 40.52
C GLU D 85 -22.44 34.75 41.92
N LYS D 86 -23.21 34.39 42.92
CA LYS D 86 -22.92 34.88 44.26
C LYS D 86 -21.89 34.03 44.98
N PHE D 87 -21.27 33.11 44.24
CA PHE D 87 -20.27 32.20 44.81
C PHE D 87 -19.08 32.05 43.88
N VAL D 88 -19.31 32.23 42.59
CA VAL D 88 -18.25 32.06 41.60
C VAL D 88 -18.17 33.27 40.69
N ASN D 89 -16.96 33.74 40.44
CA ASN D 89 -16.78 34.90 39.59
C ASN D 89 -16.85 34.56 38.11
N ILE D 90 -18.05 34.26 37.63
CA ILE D 90 -18.26 33.93 36.23
C ILE D 90 -19.64 34.42 35.84
N LYS D 91 -19.77 34.92 34.61
CA LYS D 91 -21.04 35.40 34.13
C LYS D 91 -21.99 34.23 33.84
N LEU D 92 -23.13 34.22 34.53
CA LEU D 92 -24.14 33.17 34.35
C LEU D 92 -25.54 33.74 34.55
N ARG D 93 -25.89 34.72 33.71
CA ARG D 93 -27.20 35.35 33.78
C ARG D 93 -27.65 35.48 32.32
N PRO D 94 -27.81 34.34 31.62
CA PRO D 94 -28.23 34.35 30.22
C PRO D 94 -29.65 34.89 30.05
N PHE D 95 -29.85 35.69 29.01
CA PHE D 95 -31.15 36.28 28.71
C PHE D 95 -31.71 37.04 29.92
N GLY D 96 -30.83 37.49 30.80
CA GLY D 96 -31.24 38.24 31.97
C GLY D 96 -31.72 37.42 33.16
N GLU D 97 -31.76 36.10 33.01
CA GLU D 97 -32.20 35.22 34.09
C GLU D 97 -31.00 34.47 34.68
N PRO D 98 -30.81 34.57 36.00
CA PRO D 98 -29.71 33.93 36.71
C PRO D 98 -29.76 32.41 36.78
N VAL D 99 -28.60 31.77 36.66
CA VAL D 99 -28.54 30.33 36.77
C VAL D 99 -28.37 30.07 38.27
N THR D 100 -29.31 29.34 38.86
CA THR D 100 -29.22 29.05 40.30
C THR D 100 -28.55 27.72 40.54
N VAL D 101 -28.27 27.42 41.80
CA VAL D 101 -27.63 26.16 42.17
C VAL D 101 -28.55 25.02 41.76
N HIS D 102 -29.85 25.21 41.91
CA HIS D 102 -30.83 24.19 41.54
C HIS D 102 -30.66 23.80 40.07
N HIS D 103 -30.52 24.81 39.20
CA HIS D 103 -30.34 24.57 37.77
C HIS D 103 -29.12 23.69 37.49
N LEU D 104 -27.98 24.05 38.05
CA LEU D 104 -26.75 23.27 37.86
C LEU D 104 -27.00 21.81 38.20
N LEU D 105 -27.58 21.59 39.38
CA LEU D 105 -27.88 20.24 39.85
C LEU D 105 -28.76 19.45 38.90
N THR D 106 -29.72 20.14 38.26
CA THR D 106 -30.64 19.49 37.34
C THR D 106 -30.31 19.71 35.86
N HIS D 107 -29.09 20.15 35.60
CA HIS D 107 -28.62 20.40 34.23
C HIS D 107 -29.66 21.18 33.44
N SER D 108 -30.25 22.20 34.06
CA SER D 108 -31.27 23.01 33.41
C SER D 108 -30.89 24.48 33.30
N SER D 109 -29.59 24.79 33.30
CA SER D 109 -29.14 26.18 33.21
C SER D 109 -29.48 26.84 31.87
N GLY D 110 -29.78 26.01 30.87
CA GLY D 110 -30.11 26.53 29.55
C GLY D 110 -28.88 26.53 28.67
N ILE D 111 -27.78 26.02 29.21
CA ILE D 111 -26.50 25.97 28.52
C ILE D 111 -26.09 24.54 28.15
N PRO D 112 -26.14 24.20 26.85
CA PRO D 112 -25.78 22.85 26.40
C PRO D 112 -24.29 22.52 26.63
N SER D 113 -23.95 21.25 26.57
CA SER D 113 -22.59 20.77 26.78
C SER D 113 -21.49 21.54 26.06
N LEU D 114 -20.43 21.82 26.80
CA LEU D 114 -19.29 22.54 26.23
C LEU D 114 -18.40 21.51 25.56
N GLY D 115 -18.65 20.24 25.85
CA GLY D 115 -17.86 19.16 25.28
C GLY D 115 -16.45 19.15 25.84
N TYR D 116 -16.26 19.80 26.99
CA TYR D 116 -14.94 19.87 27.60
C TYR D 116 -14.41 18.50 28.04
N ALA D 117 -15.24 17.72 28.72
CA ALA D 117 -14.82 16.42 29.22
C ALA D 117 -14.44 15.46 28.08
N GLU D 118 -15.17 15.49 26.98
CA GLU D 118 -14.90 14.62 25.85
C GLU D 118 -13.56 14.92 25.18
N ALA D 119 -13.25 16.21 25.03
CA ALA D 119 -11.99 16.61 24.43
C ALA D 119 -10.82 16.23 25.34
N PHE D 120 -10.93 16.60 26.61
CA PHE D 120 -9.90 16.31 27.60
C PHE D 120 -9.52 14.82 27.62
N ILE D 121 -10.51 13.97 27.84
CA ILE D 121 -10.27 12.53 27.90
C ILE D 121 -9.72 11.97 26.58
N ASP D 122 -10.32 12.38 25.46
CA ASP D 122 -9.87 11.92 24.15
C ASP D 122 -8.38 12.20 23.97
N GLY D 123 -7.95 13.38 24.42
CA GLY D 123 -6.55 13.75 24.29
C GLY D 123 -5.60 12.96 25.17
N MET D 124 -6.06 12.66 26.38
CA MET D 124 -5.25 11.91 27.35
C MET D 124 -5.17 10.43 27.01
N VAL D 125 -5.90 10.01 25.98
CA VAL D 125 -5.91 8.61 25.59
C VAL D 125 -5.31 8.37 24.19
N GLY D 126 -4.76 9.42 23.60
CA GLY D 126 -4.17 9.27 22.29
C GLY D 126 -5.02 9.81 21.16
N GLY D 127 -6.21 10.30 21.50
CA GLY D 127 -7.12 10.84 20.50
C GLY D 127 -6.53 12.04 19.78
N ASP D 128 -7.32 12.60 18.85
CA ASP D 128 -6.88 13.74 18.06
C ASP D 128 -6.96 15.10 18.71
N ASN D 129 -7.98 15.35 19.52
CA ASN D 129 -8.07 16.67 20.14
C ASN D 129 -7.23 16.79 21.40
N TRP D 130 -7.30 17.97 22.00
CA TRP D 130 -6.49 18.27 23.18
C TRP D 130 -7.05 19.47 23.95
N LEU D 131 -7.26 19.26 25.25
CA LEU D 131 -7.75 20.28 26.18
C LEU D 131 -7.06 19.93 27.50
N PRO D 132 -5.83 20.45 27.72
CA PRO D 132 -5.03 20.21 28.91
C PRO D 132 -5.45 20.96 30.17
N VAL D 133 -6.62 20.60 30.71
CA VAL D 133 -7.11 21.24 31.93
C VAL D 133 -6.86 20.31 33.12
N SER D 134 -5.62 20.34 33.61
CA SER D 134 -5.19 19.50 34.72
C SER D 134 -5.89 19.78 36.06
N THR D 135 -6.56 20.92 36.18
CA THR D 135 -7.27 21.26 37.41
C THR D 135 -8.63 21.90 37.10
N PRO D 136 -9.61 21.75 38.00
CA PRO D 136 -10.94 22.33 37.78
C PRO D 136 -10.82 23.81 37.49
N GLU D 137 -9.82 24.44 38.11
CA GLU D 137 -9.57 25.87 37.93
C GLU D 137 -9.39 26.24 36.46
N GLU D 138 -8.59 25.46 35.73
CA GLU D 138 -8.33 25.72 34.32
C GLU D 138 -9.57 25.48 33.46
N THR D 139 -10.42 24.55 33.89
CA THR D 139 -11.64 24.27 33.15
C THR D 139 -12.55 25.50 33.21
N ILE D 140 -12.74 26.04 34.42
CA ILE D 140 -13.58 27.22 34.62
C ILE D 140 -13.07 28.38 33.78
N ALA D 141 -11.76 28.60 33.78
CA ALA D 141 -11.18 29.67 33.00
C ALA D 141 -11.56 29.48 31.52
N PHE D 142 -11.54 28.22 31.07
CA PHE D 142 -11.89 27.91 29.69
C PHE D 142 -13.37 28.21 29.45
N ALA D 143 -14.21 27.85 30.41
CA ALA D 143 -15.65 28.05 30.34
C ALA D 143 -16.08 29.48 30.62
N ARG D 144 -15.14 30.41 30.53
CA ARG D 144 -15.42 31.81 30.82
C ARG D 144 -16.60 32.40 30.07
N ASP D 145 -16.69 32.13 28.76
CA ASP D 145 -17.78 32.67 27.95
C ASP D 145 -18.94 31.70 27.73
N MET D 146 -19.10 30.76 28.67
CA MET D 146 -20.16 29.75 28.56
C MET D 146 -21.58 30.34 28.58
N GLU D 147 -21.73 31.62 28.88
CA GLU D 147 -23.06 32.23 28.91
C GLU D 147 -23.55 32.51 27.50
N LYS D 148 -22.61 32.61 26.57
CA LYS D 148 -22.93 32.87 25.17
C LYS D 148 -23.31 31.58 24.45
N TRP D 149 -23.14 30.45 25.14
CA TRP D 149 -23.46 29.14 24.58
C TRP D 149 -24.93 28.87 24.80
N ALA D 150 -25.50 29.55 25.79
CA ALA D 150 -26.90 29.41 26.16
C ALA D 150 -27.83 29.50 24.95
N VAL D 151 -28.84 28.62 24.92
CA VAL D 151 -29.81 28.61 23.85
C VAL D 151 -31.22 28.63 24.41
N ALA D 152 -31.32 28.64 25.73
CA ALA D 152 -32.62 28.65 26.39
C ALA D 152 -32.52 29.29 27.78
N LYS D 153 -33.64 29.80 28.27
CA LYS D 153 -33.66 30.43 29.60
C LYS D 153 -33.56 29.35 30.65
N PRO D 154 -32.97 29.67 31.82
CA PRO D 154 -32.81 28.71 32.92
C PRO D 154 -34.09 27.99 33.34
N GLY D 155 -33.96 26.69 33.58
CA GLY D 155 -35.08 25.88 34.02
C GLY D 155 -36.01 25.32 32.95
N GLU D 156 -35.82 25.74 31.70
CA GLU D 156 -36.71 25.27 30.64
C GLU D 156 -36.32 23.96 29.95
N ARG D 157 -35.04 23.78 29.63
CA ARG D 157 -34.61 22.53 28.98
C ARG D 157 -33.50 21.81 29.72
N PHE D 158 -33.31 20.53 29.39
CA PHE D 158 -32.28 19.70 30.01
C PHE D 158 -31.15 19.42 29.03
N PHE D 159 -29.92 19.65 29.48
CA PHE D 159 -28.71 19.42 28.68
C PHE D 159 -27.62 18.93 29.65
N TYR D 160 -27.26 17.65 29.58
CA TYR D 160 -26.23 17.14 30.47
C TYR D 160 -24.99 18.02 30.32
N LEU D 161 -24.65 18.74 31.39
CA LEU D 161 -23.52 19.66 31.40
C LEU D 161 -22.49 19.38 32.50
N ASN D 162 -21.36 18.77 32.14
CA ASN D 162 -20.30 18.44 33.10
C ASN D 162 -19.77 19.68 33.81
N THR D 163 -19.52 20.74 33.04
CA THR D 163 -19.03 21.99 33.59
C THR D 163 -19.97 22.48 34.71
N GLY D 164 -21.23 22.07 34.63
CA GLY D 164 -22.20 22.46 35.63
C GLY D 164 -21.82 21.96 37.00
N TYR D 165 -21.40 20.71 37.09
CA TYR D 165 -21.01 20.14 38.38
C TYR D 165 -19.61 20.59 38.75
N VAL D 166 -18.85 21.02 37.75
CA VAL D 166 -17.51 21.53 38.00
C VAL D 166 -17.74 22.84 38.78
N LEU D 167 -18.70 23.64 38.32
CA LEU D 167 -19.02 24.90 39.00
C LEU D 167 -19.53 24.58 40.40
N LEU D 168 -20.34 23.53 40.53
CA LEU D 168 -20.86 23.12 41.84
C LEU D 168 -19.70 22.79 42.78
N GLY D 169 -18.66 22.17 42.25
CA GLY D 169 -17.50 21.83 43.06
C GLY D 169 -16.80 23.08 43.55
N LYS D 170 -16.75 24.10 42.70
CA LYS D 170 -16.12 25.38 43.05
C LYS D 170 -16.97 26.09 44.09
N ILE D 171 -18.27 25.84 44.06
CA ILE D 171 -19.18 26.47 45.01
C ILE D 171 -18.96 25.86 46.39
N ILE D 172 -18.72 24.56 46.44
CA ILE D 172 -18.49 23.88 47.71
C ILE D 172 -17.23 24.37 48.41
N GLU D 173 -16.21 24.75 47.64
CA GLU D 173 -14.96 25.23 48.22
C GLU D 173 -15.15 26.66 48.74
N LYS D 174 -16.00 27.42 48.06
CA LYS D 174 -16.30 28.79 48.45
C LYS D 174 -17.02 28.87 49.80
N VAL D 175 -18.07 28.07 49.95
CA VAL D 175 -18.87 28.03 51.17
C VAL D 175 -18.22 27.30 52.34
N SER D 176 -17.60 26.15 52.07
CA SER D 176 -16.96 25.33 53.12
C SER D 176 -15.60 25.81 53.62
N GLY D 177 -14.87 26.55 52.77
CA GLY D 177 -13.56 27.01 53.16
C GLY D 177 -12.43 26.03 52.83
N VAL D 178 -12.78 24.78 52.50
CA VAL D 178 -11.79 23.76 52.16
C VAL D 178 -11.91 23.31 50.70
N SER D 179 -11.05 22.39 50.27
CA SER D 179 -11.09 21.91 48.90
C SER D 179 -12.22 20.92 48.69
N TYR D 180 -12.68 20.83 47.45
CA TYR D 180 -13.77 19.90 47.11
C TYR D 180 -13.46 18.48 47.58
N GLU D 181 -12.27 17.99 47.24
CA GLU D 181 -11.86 16.64 47.62
C GLU D 181 -11.86 16.45 49.11
N GLU D 182 -11.34 17.43 49.85
CA GLU D 182 -11.30 17.30 51.29
C GLU D 182 -12.70 17.27 51.89
N TYR D 183 -13.60 18.11 51.38
CA TYR D 183 -14.96 18.14 51.90
C TYR D 183 -15.61 16.76 51.76
N ILE D 184 -15.59 16.22 50.54
CA ILE D 184 -16.18 14.91 50.27
C ILE D 184 -15.49 13.83 51.09
N LYS D 185 -14.19 14.01 51.30
CA LYS D 185 -13.40 13.06 52.06
C LYS D 185 -13.83 13.10 53.53
N LYS D 186 -13.82 14.31 54.09
CA LYS D 186 -14.15 14.51 55.50
C LYS D 186 -15.63 14.40 55.85
N LYS D 187 -16.49 14.99 55.02
CA LYS D 187 -17.94 15.02 55.28
C LYS D 187 -18.81 13.88 54.74
N ILE D 188 -18.26 13.02 53.87
CA ILE D 188 -19.05 11.93 53.32
C ILE D 188 -18.35 10.57 53.35
N LEU D 189 -17.16 10.49 52.77
CA LEU D 189 -16.42 9.24 52.73
C LEU D 189 -16.12 8.67 54.12
N GLU D 190 -15.39 9.42 54.94
CA GLU D 190 -15.07 8.95 56.28
C GLU D 190 -16.30 8.52 57.12
N PRO D 191 -17.31 9.41 57.24
CA PRO D 191 -18.51 9.08 58.02
C PRO D 191 -19.19 7.77 57.61
N LEU D 192 -19.10 7.44 56.33
CA LEU D 192 -19.69 6.22 55.80
C LEU D 192 -18.74 5.02 55.86
N GLY D 193 -17.51 5.26 56.30
CA GLY D 193 -16.54 4.18 56.40
C GLY D 193 -16.04 3.72 55.04
N MET D 194 -16.08 4.61 54.05
CA MET D 194 -15.61 4.28 52.70
C MET D 194 -14.14 4.67 52.65
N ASN D 195 -13.31 3.78 53.17
CA ASN D 195 -11.88 4.02 53.26
C ASN D 195 -11.03 3.70 52.04
N ARG D 196 -11.67 3.27 50.95
CA ARG D 196 -10.92 2.99 49.74
C ARG D 196 -11.52 3.69 48.53
N SER D 197 -11.86 4.95 48.76
CA SER D 197 -12.43 5.83 47.74
C SER D 197 -11.45 6.99 47.68
N TYR D 198 -10.73 7.09 46.56
CA TYR D 198 -9.73 8.14 46.42
C TYR D 198 -10.01 9.18 45.35
N PHE D 199 -9.23 10.25 45.39
CA PHE D 199 -9.31 11.33 44.42
C PHE D 199 -7.92 11.59 43.87
N PHE D 200 -6.90 11.33 44.71
CA PHE D 200 -5.50 11.57 44.34
C PHE D 200 -4.72 10.31 43.97
N LYS D 201 -3.87 10.44 42.95
CA LYS D 201 -3.05 9.32 42.48
C LYS D 201 -2.18 8.74 43.59
N GLU D 202 -1.55 9.60 44.39
CA GLU D 202 -0.69 9.14 45.49
C GLU D 202 -1.34 8.04 46.34
N GLU D 203 -2.58 8.26 46.72
CA GLU D 203 -3.32 7.30 47.53
C GLU D 203 -3.63 6.01 46.76
N VAL D 204 -3.86 6.15 45.45
CA VAL D 204 -4.17 4.97 44.64
C VAL D 204 -2.93 4.10 44.45
N GLU D 205 -1.79 4.74 44.19
CA GLU D 205 -0.52 4.05 44.00
C GLU D 205 -0.27 3.17 45.22
N LYS D 206 -0.74 3.62 46.37
CA LYS D 206 -0.56 2.89 47.61
C LYS D 206 -1.52 1.73 47.82
N ASP D 207 -2.58 1.64 47.02
CA ASP D 207 -3.52 0.53 47.17
C ASP D 207 -3.05 -0.70 46.39
N LYS D 208 -3.29 -1.87 46.99
CA LYS D 208 -2.89 -3.14 46.43
C LYS D 208 -3.81 -3.77 45.38
N ASP D 209 -5.05 -3.30 45.28
CA ASP D 209 -5.99 -3.87 44.32
C ASP D 209 -6.65 -2.80 43.45
N VAL D 210 -5.97 -2.41 42.37
CA VAL D 210 -6.48 -1.40 41.46
C VAL D 210 -6.47 -1.89 40.00
N ALA D 211 -7.58 -1.67 39.29
CA ALA D 211 -7.72 -2.08 37.91
C ALA D 211 -7.11 -1.08 36.94
N MET D 212 -6.54 -1.61 35.86
CA MET D 212 -5.96 -0.78 34.81
C MET D 212 -7.11 -0.48 33.85
N GLY D 213 -7.00 0.64 33.14
CA GLY D 213 -8.03 1.02 32.20
C GLY D 213 -7.77 0.42 30.83
N TYR D 214 -8.84 0.23 30.05
CA TYR D 214 -8.72 -0.35 28.72
C TYR D 214 -9.71 0.26 27.74
N ILE D 215 -9.25 0.43 26.50
CA ILE D 215 -10.04 0.94 25.40
C ILE D 215 -9.70 0.08 24.20
N LEU D 216 -10.73 -0.38 23.51
CA LEU D 216 -10.61 -1.23 22.34
C LEU D 216 -10.25 -0.36 21.12
N ASP D 217 -9.07 -0.56 20.54
CA ASP D 217 -8.67 0.25 19.38
C ASP D 217 -9.53 -0.06 18.15
N LYS D 218 -9.12 0.45 17.00
CA LYS D 218 -9.87 0.23 15.76
C LYS D 218 -9.72 -1.19 15.23
N GLU D 219 -8.70 -1.89 15.69
CA GLU D 219 -8.46 -3.25 15.27
C GLU D 219 -8.87 -4.30 16.33
N GLY D 220 -9.73 -3.88 17.26
CA GLY D 220 -10.21 -4.78 18.29
C GLY D 220 -9.23 -5.28 19.34
N ARG D 221 -8.15 -4.56 19.56
CA ARG D 221 -7.17 -4.99 20.56
C ARG D 221 -7.23 -4.10 21.80
N LEU D 222 -7.30 -4.71 22.99
CA LEU D 222 -7.36 -3.93 24.23
C LEU D 222 -6.06 -3.19 24.47
N VAL D 223 -6.15 -1.89 24.70
CA VAL D 223 -5.00 -1.05 24.95
C VAL D 223 -5.12 -0.44 26.36
N PRO D 224 -4.09 -0.63 27.19
CA PRO D 224 -4.13 -0.08 28.55
C PRO D 224 -4.11 1.45 28.56
N GLN D 225 -4.91 2.04 29.44
CA GLN D 225 -4.98 3.49 29.56
C GLN D 225 -5.15 3.84 31.03
N PRO D 226 -4.26 4.71 31.56
CA PRO D 226 -4.32 5.13 32.96
C PRO D 226 -5.43 6.17 33.19
N PHE D 227 -6.00 6.17 34.39
CA PHE D 227 -7.03 7.13 34.74
C PHE D 227 -6.51 8.54 34.41
N PRO D 228 -7.35 9.40 33.82
CA PRO D 228 -6.94 10.75 33.47
C PRO D 228 -7.13 11.72 34.62
N TYR D 229 -6.21 11.70 35.58
CA TYR D 229 -6.28 12.60 36.74
C TYR D 229 -6.39 14.07 36.34
N GLY D 230 -7.32 14.77 36.98
CA GLY D 230 -7.52 16.18 36.70
C GLY D 230 -8.97 16.52 36.98
N ILE D 231 -9.85 15.67 36.49
CA ILE D 231 -11.29 15.80 36.67
C ILE D 231 -11.63 15.62 38.15
N THR D 232 -12.61 16.36 38.66
CA THR D 232 -12.96 16.24 40.07
C THR D 232 -14.43 16.06 40.45
N ALA D 233 -15.14 17.18 40.64
CA ALA D 233 -16.53 17.17 41.06
C ALA D 233 -17.53 16.63 40.05
N ASP D 234 -17.12 16.51 38.78
CA ASP D 234 -18.00 15.99 37.74
C ASP D 234 -17.80 14.49 37.49
N GLY D 235 -16.65 13.96 37.90
CA GLY D 235 -16.41 12.53 37.71
C GLY D 235 -15.01 12.00 37.98
N GLY D 236 -14.32 12.53 38.98
CA GLY D 236 -12.97 12.07 39.26
C GLY D 236 -12.74 11.08 40.39
N LEU D 237 -13.81 10.64 41.04
CA LEU D 237 -13.67 9.70 42.15
C LEU D 237 -13.43 8.25 41.72
N LEU D 238 -12.50 7.59 42.40
CA LEU D 238 -12.20 6.18 42.14
C LEU D 238 -12.68 5.43 43.40
N SER D 239 -13.21 4.23 43.23
CA SER D 239 -13.73 3.47 44.37
C SER D 239 -13.99 2.01 44.02
N SER D 240 -14.49 1.25 45.00
CA SER D 240 -14.79 -0.17 44.79
C SER D 240 -16.27 -0.42 45.02
N VAL D 241 -16.77 -1.56 44.55
CA VAL D 241 -18.18 -1.89 44.72
C VAL D 241 -18.56 -2.07 46.19
N LEU D 242 -17.59 -2.45 47.02
CA LEU D 242 -17.83 -2.64 48.45
C LEU D 242 -18.07 -1.29 49.10
N ASP D 243 -17.22 -0.30 48.80
CA ASP D 243 -17.37 1.05 49.33
C ASP D 243 -18.70 1.62 48.81
N LEU D 244 -18.98 1.36 47.52
CA LEU D 244 -20.22 1.84 46.92
C LEU D 244 -21.42 1.17 47.56
N ALA D 245 -21.21 0.00 48.15
CA ALA D 245 -22.29 -0.72 48.81
C ALA D 245 -22.66 0.03 50.10
N LYS D 246 -21.67 0.63 50.75
CA LYS D 246 -21.90 1.40 51.97
C LYS D 246 -22.62 2.70 51.61
N TYR D 247 -22.26 3.26 50.45
CA TYR D 247 -22.85 4.49 49.95
C TYR D 247 -24.34 4.29 49.68
N LEU D 248 -24.65 3.24 48.93
CA LEU D 248 -26.04 2.92 48.60
C LEU D 248 -26.95 2.61 49.78
N LYS D 249 -26.42 1.97 50.82
CA LYS D 249 -27.27 1.64 51.97
C LYS D 249 -27.71 2.88 52.74
N MET D 250 -26.93 3.96 52.64
CA MET D 250 -27.27 5.21 53.31
C MET D 250 -28.52 5.81 52.65
N TYR D 251 -28.65 5.62 51.34
CA TYR D 251 -29.81 6.14 50.61
C TYR D 251 -31.02 5.24 50.81
N ILE D 252 -30.79 3.94 50.71
CA ILE D 252 -31.84 2.96 50.87
C ILE D 252 -32.46 2.95 52.27
N GLU D 253 -31.63 2.83 53.29
CA GLU D 253 -32.12 2.82 54.66
C GLU D 253 -32.59 4.20 55.13
N ARG D 254 -32.07 5.24 54.48
CA ARG D 254 -32.38 6.64 54.81
C ARG D 254 -31.61 7.04 56.06
N ASP D 255 -30.41 6.49 56.19
CA ASP D 255 -29.54 6.78 57.31
C ASP D 255 -29.32 8.30 57.33
N GLU D 256 -29.28 8.90 58.52
CA GLU D 256 -29.12 10.34 58.62
C GLU D 256 -27.79 10.85 59.14
N SER D 257 -26.73 10.09 58.91
CA SER D 257 -25.40 10.48 59.36
C SER D 257 -24.92 11.72 58.60
N ILE D 258 -25.37 11.87 57.36
CA ILE D 258 -24.92 12.99 56.55
C ILE D 258 -25.98 14.07 56.37
N VAL D 259 -27.22 13.67 56.16
CA VAL D 259 -28.31 14.64 56.02
C VAL D 259 -29.61 14.00 56.43
N SER D 260 -30.59 14.83 56.77
CA SER D 260 -31.89 14.34 57.18
C SER D 260 -32.59 13.70 55.97
N LYS D 261 -33.46 12.74 56.22
CA LYS D 261 -34.16 12.06 55.14
C LYS D 261 -34.81 13.02 54.16
N GLU D 262 -35.28 14.16 54.66
CA GLU D 262 -35.93 15.17 53.81
C GLU D 262 -35.07 15.62 52.65
N TYR D 263 -33.77 15.75 52.90
CA TYR D 263 -32.83 16.16 51.85
C TYR D 263 -32.54 15.00 50.92
N ILE D 264 -32.62 13.78 51.45
CA ILE D 264 -32.39 12.60 50.63
C ILE D 264 -33.56 12.53 49.65
N GLU D 265 -34.74 12.90 50.12
CA GLU D 265 -35.93 12.87 49.29
C GLU D 265 -35.88 13.94 48.17
N LYS D 266 -35.15 15.02 48.41
CA LYS D 266 -35.01 16.08 47.41
C LYS D 266 -34.17 15.60 46.24
N MET D 267 -33.18 14.77 46.53
CA MET D 267 -32.30 14.25 45.49
C MET D 267 -33.04 13.23 44.63
N GLU D 268 -33.92 12.46 45.27
CA GLU D 268 -34.69 11.43 44.58
C GLU D 268 -35.91 11.94 43.82
N THR D 269 -36.16 13.25 43.90
CA THR D 269 -37.31 13.86 43.23
C THR D 269 -36.96 14.24 41.78
N SER D 270 -37.87 13.95 40.85
CA SER D 270 -37.66 14.24 39.43
C SER D 270 -38.11 15.66 39.06
N TYR D 271 -37.15 16.54 38.76
CA TYR D 271 -37.43 17.94 38.43
C TYR D 271 -37.59 18.26 36.94
N ILE D 272 -36.98 17.45 36.08
CA ILE D 272 -37.05 17.69 34.66
C ILE D 272 -36.89 16.37 33.93
N LYS D 273 -37.53 16.25 32.76
CA LYS D 273 -37.46 15.04 31.97
C LYS D 273 -36.18 14.92 31.16
N VAL D 274 -35.62 13.71 31.15
CA VAL D 274 -34.40 13.44 30.40
C VAL D 274 -34.74 12.76 29.07
N PRO D 275 -33.93 12.99 28.04
CA PRO D 275 -34.19 12.38 26.74
C PRO D 275 -33.84 10.89 26.69
N TRP D 276 -33.31 10.38 27.80
CA TRP D 276 -32.93 8.96 27.90
C TRP D 276 -34.07 8.10 28.43
N GLU D 277 -35.16 8.04 27.69
CA GLU D 277 -36.31 7.24 28.09
C GLU D 277 -36.03 5.77 27.78
N ILE D 278 -36.52 4.86 28.62
CA ILE D 278 -36.29 3.44 28.42
C ILE D 278 -37.53 2.70 28.85
N PHE D 279 -38.00 3.03 30.05
CA PHE D 279 -39.20 2.41 30.59
C PHE D 279 -40.32 3.45 30.56
N GLY D 280 -39.96 4.69 30.23
CA GLY D 280 -40.94 5.76 30.15
C GLY D 280 -41.01 6.68 31.36
N GLY D 281 -40.99 7.98 31.09
CA GLY D 281 -41.08 8.96 32.16
C GLY D 281 -39.81 9.27 32.93
N GLU D 282 -38.67 8.78 32.45
CA GLU D 282 -37.40 9.03 33.15
C GLU D 282 -37.15 10.53 33.35
N GLY D 283 -36.54 10.86 34.49
CA GLY D 283 -36.24 12.25 34.80
C GLY D 283 -34.94 12.42 35.58
N TYR D 284 -34.61 13.65 35.95
CA TYR D 284 -33.38 13.92 36.70
C TYR D 284 -33.67 14.61 38.02
N GLY D 285 -33.01 14.15 39.09
CA GLY D 285 -33.18 14.76 40.39
C GLY D 285 -31.91 15.55 40.69
N TYR D 286 -31.22 15.23 41.78
CA TYR D 286 -29.97 15.92 42.08
C TYR D 286 -28.82 14.92 41.95
N GLY D 287 -28.18 14.91 40.78
CA GLY D 287 -27.08 13.99 40.55
C GLY D 287 -27.54 12.55 40.50
N LEU D 288 -28.82 12.36 40.21
CA LEU D 288 -29.42 11.03 40.13
C LEU D 288 -30.50 11.02 39.05
N ILE D 289 -30.63 9.87 38.37
CA ILE D 289 -31.63 9.69 37.32
C ILE D 289 -32.82 8.96 37.93
N ILE D 290 -34.03 9.45 37.67
CA ILE D 290 -35.24 8.83 38.22
C ILE D 290 -35.95 7.99 37.17
N TYR D 291 -36.36 6.78 37.55
CA TYR D 291 -37.08 5.86 36.66
C TYR D 291 -38.39 5.47 37.35
N PRO D 292 -39.47 6.23 37.13
CA PRO D 292 -40.74 5.89 37.78
C PRO D 292 -41.41 4.59 37.35
N ASN D 293 -41.06 4.09 36.17
CA ASN D 293 -41.66 2.86 35.69
C ASN D 293 -40.73 1.68 35.45
N PHE D 294 -39.80 1.43 36.36
CA PHE D 294 -38.90 0.29 36.19
C PHE D 294 -39.54 -0.97 36.76
N LEU D 295 -40.16 -1.76 35.88
CA LEU D 295 -40.80 -3.00 36.30
C LEU D 295 -41.74 -2.82 37.49
N GLY D 296 -42.58 -1.79 37.44
CA GLY D 296 -43.53 -1.54 38.50
C GLY D 296 -43.00 -0.83 39.73
N GLU D 297 -41.71 -0.52 39.74
CA GLU D 297 -41.12 0.16 40.89
C GLU D 297 -40.48 1.50 40.49
N LYS D 298 -39.99 2.24 41.49
CA LYS D 298 -39.32 3.51 41.26
C LYS D 298 -37.83 3.24 41.48
N LEU D 299 -37.05 3.38 40.42
CA LEU D 299 -35.62 3.15 40.49
C LEU D 299 -34.86 4.46 40.55
N VAL D 300 -33.75 4.47 41.26
CA VAL D 300 -32.92 5.66 41.35
C VAL D 300 -31.49 5.20 41.12
N GLY D 301 -30.78 5.93 40.29
CA GLY D 301 -29.40 5.56 40.01
C GLY D 301 -28.73 6.51 39.05
N HIS D 302 -27.50 6.19 38.68
CA HIS D 302 -26.74 7.02 37.76
C HIS D 302 -25.56 6.22 37.24
N SER D 303 -25.16 6.49 36.00
CA SER D 303 -24.03 5.79 35.40
C SER D 303 -22.81 6.69 35.38
N GLY D 304 -21.71 6.13 34.90
CA GLY D 304 -20.49 6.89 34.82
C GLY D 304 -19.56 6.36 33.75
N SER D 305 -18.77 7.26 33.20
CA SER D 305 -17.82 6.90 32.17
C SER D 305 -16.69 7.91 32.10
N VAL D 306 -15.48 7.39 31.97
CA VAL D 306 -14.30 8.21 31.86
C VAL D 306 -13.49 7.62 30.71
N GLY D 307 -14.17 6.82 29.88
CA GLY D 307 -13.52 6.21 28.73
C GLY D 307 -13.00 4.81 29.00
N MET D 308 -11.91 4.71 29.74
CA MET D 308 -11.32 3.41 30.07
C MET D 308 -11.96 2.76 31.30
N TYR D 309 -12.92 3.45 31.91
CA TYR D 309 -13.63 2.90 33.08
C TYR D 309 -15.08 3.33 32.97
N THR D 310 -15.97 2.45 33.43
CA THR D 310 -17.39 2.74 33.41
C THR D 310 -18.05 2.11 34.63
N GLY D 311 -19.27 2.54 34.94
CA GLY D 311 -19.98 2.00 36.07
C GLY D 311 -21.41 2.47 36.20
N TYR D 312 -22.10 1.90 37.18
CA TYR D 312 -23.49 2.24 37.44
C TYR D 312 -23.87 1.82 38.85
N ILE D 313 -24.73 2.60 39.48
CA ILE D 313 -25.26 2.27 40.80
C ILE D 313 -26.76 2.56 40.73
N GLY D 314 -27.56 1.72 41.37
CA GLY D 314 -28.99 1.92 41.36
C GLY D 314 -29.61 1.24 42.57
N TYR D 315 -30.71 1.80 43.05
CA TYR D 315 -31.39 1.21 44.20
C TYR D 315 -32.87 1.46 44.10
N ILE D 316 -33.64 0.59 44.75
CA ILE D 316 -35.09 0.70 44.80
C ILE D 316 -35.42 0.67 46.30
N PRO D 317 -35.65 1.85 46.90
CA PRO D 317 -35.96 1.96 48.33
C PRO D 317 -37.17 1.21 48.88
N GLU D 318 -38.31 1.26 48.19
CA GLU D 318 -39.48 0.56 48.71
C GLU D 318 -39.23 -0.94 48.82
N LYS D 319 -38.24 -1.45 48.10
CA LYS D 319 -37.92 -2.88 48.13
C LYS D 319 -36.59 -3.16 48.82
N LYS D 320 -36.01 -2.12 49.39
CA LYS D 320 -34.74 -2.20 50.12
C LYS D 320 -33.62 -2.92 49.36
N ILE D 321 -33.53 -2.69 48.05
CA ILE D 321 -32.50 -3.36 47.25
C ILE D 321 -31.62 -2.40 46.45
N GLY D 322 -30.35 -2.76 46.35
CA GLY D 322 -29.40 -1.94 45.61
C GLY D 322 -28.37 -2.78 44.88
N VAL D 323 -27.72 -2.19 43.87
CA VAL D 323 -26.69 -2.88 43.11
C VAL D 323 -25.59 -1.93 42.63
N ALA D 324 -24.35 -2.39 42.68
CA ALA D 324 -23.22 -1.60 42.22
C ALA D 324 -22.37 -2.43 41.26
N VAL D 325 -21.98 -1.82 40.14
CA VAL D 325 -21.17 -2.49 39.11
C VAL D 325 -20.12 -1.56 38.54
N LEU D 326 -18.87 -2.02 38.52
CA LEU D 326 -17.77 -1.24 37.97
C LEU D 326 -17.12 -2.08 36.86
N GLU D 327 -16.52 -1.42 35.88
CA GLU D 327 -15.92 -2.08 34.72
C GLU D 327 -14.72 -1.30 34.21
N ASN D 328 -13.64 -1.99 33.84
CA ASN D 328 -12.45 -1.30 33.34
C ASN D 328 -12.35 -1.21 31.81
N SER D 329 -13.41 -0.67 31.22
CA SER D 329 -13.54 -0.45 29.78
C SER D 329 -14.99 -0.07 29.56
N SER D 330 -15.35 0.23 28.33
CA SER D 330 -16.73 0.61 28.05
C SER D 330 -17.35 -0.41 27.10
N GLY D 331 -16.99 -1.68 27.29
CA GLY D 331 -17.49 -2.73 26.42
C GLY D 331 -18.99 -3.00 26.49
N TYR D 332 -19.50 -3.16 27.71
CA TYR D 332 -20.92 -3.43 27.90
C TYR D 332 -21.42 -2.49 28.99
N PRO D 333 -22.56 -1.82 28.75
CA PRO D 333 -23.11 -0.88 29.74
C PRO D 333 -23.33 -1.47 31.14
N PRO D 334 -22.68 -0.89 32.15
CA PRO D 334 -22.83 -1.36 33.54
C PRO D 334 -24.29 -1.36 33.98
N SER D 335 -25.03 -0.34 33.55
CA SER D 335 -26.44 -0.22 33.88
C SER D 335 -27.24 -1.45 33.46
N TYR D 336 -26.87 -2.07 32.35
CA TYR D 336 -27.59 -3.26 31.89
C TYR D 336 -27.38 -4.43 32.84
N ILE D 337 -26.15 -4.61 33.33
CA ILE D 337 -25.85 -5.69 34.26
C ILE D 337 -26.55 -5.45 35.59
N ALA D 338 -26.55 -4.20 36.03
CA ALA D 338 -27.20 -3.84 37.29
C ALA D 338 -28.71 -4.10 37.21
N MET D 339 -29.32 -3.70 36.10
CA MET D 339 -30.75 -3.90 35.92
C MET D 339 -31.11 -5.37 35.73
N TYR D 340 -30.16 -6.18 35.26
CA TYR D 340 -30.41 -7.61 35.05
C TYR D 340 -30.60 -8.25 36.42
N ALA D 341 -29.76 -7.86 37.37
CA ALA D 341 -29.83 -8.38 38.74
C ALA D 341 -31.02 -7.80 39.50
N LEU D 342 -31.24 -6.49 39.35
CA LEU D 342 -32.38 -5.87 40.05
C LEU D 342 -33.65 -6.61 39.66
N ALA D 343 -33.77 -6.92 38.37
CA ALA D 343 -34.92 -7.64 37.87
C ALA D 343 -35.01 -8.99 38.59
N LEU D 344 -33.88 -9.70 38.63
CA LEU D 344 -33.82 -11.00 39.30
C LEU D 344 -34.25 -10.90 40.76
N LEU D 345 -33.88 -9.80 41.41
CA LEU D 345 -34.24 -9.58 42.80
C LEU D 345 -35.73 -9.26 42.95
N LEU D 346 -36.36 -8.88 41.84
CA LEU D 346 -37.78 -8.54 41.86
C LEU D 346 -38.64 -9.74 41.48
N GLY D 347 -38.00 -10.86 41.18
CA GLY D 347 -38.75 -12.04 40.80
C GLY D 347 -39.22 -11.94 39.36
N LYS D 348 -38.58 -11.05 38.61
CA LYS D 348 -38.92 -10.84 37.20
C LYS D 348 -37.88 -11.52 36.33
N ASN D 349 -38.24 -11.82 35.08
CA ASN D 349 -37.31 -12.46 34.15
C ASN D 349 -36.72 -11.39 33.22
N PRO D 350 -35.47 -10.96 33.48
CA PRO D 350 -34.81 -9.95 32.66
C PRO D 350 -34.89 -10.24 31.17
N GLU D 351 -34.72 -11.51 30.81
CA GLU D 351 -34.79 -11.93 29.41
C GLU D 351 -36.12 -11.51 28.77
N LYS D 352 -37.14 -11.29 29.59
CA LYS D 352 -38.46 -10.91 29.08
C LYS D 352 -38.87 -9.49 29.40
N GLU D 353 -38.38 -8.94 30.50
CA GLU D 353 -38.73 -7.59 30.91
C GLU D 353 -37.78 -6.47 30.52
N LEU D 354 -36.51 -6.77 30.34
CA LEU D 354 -35.57 -5.72 29.97
C LEU D 354 -35.43 -5.63 28.45
N PRO D 355 -36.01 -4.58 27.84
CA PRO D 355 -36.00 -4.33 26.39
C PRO D 355 -34.65 -4.48 25.71
N PHE D 356 -33.63 -3.86 26.29
CA PHE D 356 -32.29 -3.92 25.73
C PHE D 356 -31.69 -5.32 25.76
N ILE D 357 -32.33 -6.24 26.47
CA ILE D 357 -31.83 -7.62 26.54
C ILE D 357 -32.35 -8.42 25.34
N TYR D 358 -33.65 -8.65 25.30
CA TYR D 358 -34.19 -9.41 24.19
C TYR D 358 -34.00 -8.70 22.84
N ARG D 359 -34.03 -7.37 22.85
CA ARG D 359 -33.86 -6.63 21.62
C ARG D 359 -32.51 -6.92 20.96
N GLU D 360 -31.48 -7.15 21.78
CA GLU D 360 -30.14 -7.44 21.26
C GLU D 360 -30.12 -8.86 20.70
N ARG D 361 -30.70 -9.76 21.46
CA ARG D 361 -30.77 -11.16 21.09
C ARG D 361 -31.62 -11.39 19.84
N ILE D 362 -32.79 -10.76 19.79
CA ILE D 362 -33.69 -10.91 18.66
C ILE D 362 -33.16 -10.29 17.37
N LEU D 363 -32.44 -9.18 17.47
CA LEU D 363 -31.89 -8.52 16.28
C LEU D 363 -30.69 -9.30 15.75
N LYS D 364 -29.94 -9.90 16.67
CA LYS D 364 -28.76 -10.68 16.34
C LYS D 364 -29.12 -11.74 15.28
N LYS D 365 -30.32 -12.31 15.39
CA LYS D 365 -30.82 -13.34 14.47
C LYS D 365 -31.06 -12.84 13.04
N VAL D 366 -31.09 -11.53 12.85
CA VAL D 366 -31.35 -10.97 11.53
C VAL D 366 -30.07 -10.74 10.73
N GLU D 367 -28.95 -10.66 11.44
CA GLU D 367 -27.67 -10.43 10.79
C GLU D 367 -27.28 -11.60 9.89
N GLY D 368 -26.58 -11.28 8.81
CA GLY D 368 -26.17 -12.34 7.90
C GLY D 368 -26.10 -11.97 6.44
N ARG D 369 -26.08 -13.01 5.61
CA ARG D 369 -26.00 -12.86 4.17
C ARG D 369 -27.31 -13.33 3.53
N TYR D 370 -27.95 -12.43 2.78
CA TYR D 370 -29.21 -12.71 2.10
C TYR D 370 -29.03 -12.80 0.59
N MET D 371 -29.76 -13.73 -0.02
CA MET D 371 -29.67 -13.94 -1.45
C MET D 371 -31.04 -13.88 -2.13
N GLY D 372 -31.05 -13.41 -3.37
CA GLY D 372 -32.30 -13.33 -4.11
C GLY D 372 -32.61 -14.65 -4.81
N TYR D 373 -33.68 -14.66 -5.60
CA TYR D 373 -34.09 -15.86 -6.34
C TYR D 373 -32.87 -16.50 -7.01
N LYS D 374 -32.55 -17.71 -6.59
CA LYS D 374 -31.42 -18.46 -7.13
C LYS D 374 -30.10 -17.67 -7.15
N GLY D 375 -29.89 -16.87 -6.12
CA GLY D 375 -28.67 -16.10 -6.02
C GLY D 375 -28.43 -14.98 -7.01
N THR D 376 -29.48 -14.39 -7.56
CA THR D 376 -29.29 -13.29 -8.52
C THR D 376 -28.58 -12.12 -7.86
N ILE D 377 -29.26 -11.48 -6.92
CA ILE D 377 -28.68 -10.34 -6.21
C ILE D 377 -28.16 -10.78 -4.83
N LYS D 378 -27.23 -10.01 -4.28
CA LYS D 378 -26.65 -10.33 -2.99
C LYS D 378 -26.68 -9.16 -2.00
N PHE D 379 -27.10 -9.45 -0.76
CA PHE D 379 -27.19 -8.43 0.28
C PHE D 379 -26.59 -8.87 1.60
N GLU D 380 -26.23 -7.91 2.43
CA GLU D 380 -25.64 -8.18 3.73
C GLU D 380 -26.38 -7.37 4.79
N VAL D 381 -26.76 -8.03 5.87
CA VAL D 381 -27.46 -7.33 6.95
C VAL D 381 -26.55 -7.26 8.15
N LYS D 382 -26.40 -6.05 8.70
CA LYS D 382 -25.56 -5.86 9.87
C LYS D 382 -26.21 -4.89 10.85
N VAL D 383 -26.24 -5.30 12.11
CA VAL D 383 -26.83 -4.46 13.14
C VAL D 383 -25.78 -3.66 13.89
N ASP D 384 -26.13 -2.41 14.21
CA ASP D 384 -25.23 -1.54 14.96
C ASP D 384 -26.09 -0.73 15.91
N GLY D 385 -26.10 -1.14 17.17
CA GLY D 385 -26.86 -0.45 18.19
C GLY D 385 -28.24 0.04 17.80
N ASP D 386 -29.22 -0.87 17.86
CA ASP D 386 -30.61 -0.54 17.54
C ASP D 386 -30.94 -0.50 16.05
N VAL D 387 -30.11 0.15 15.25
CA VAL D 387 -30.33 0.26 13.81
C VAL D 387 -29.88 -0.96 12.99
N VAL D 388 -30.67 -1.33 11.99
CA VAL D 388 -30.32 -2.46 11.12
C VAL D 388 -29.87 -1.94 9.75
N TYR D 389 -28.66 -2.31 9.34
CA TYR D 389 -28.13 -1.87 8.05
C TYR D 389 -28.25 -2.89 6.93
N LEU D 390 -28.94 -2.50 5.85
CA LEU D 390 -29.13 -3.36 4.69
C LEU D 390 -28.22 -2.90 3.56
N ARG D 391 -27.19 -3.67 3.25
CA ARG D 391 -26.26 -3.32 2.18
C ARG D 391 -26.22 -4.34 1.04
N ALA D 392 -26.24 -3.84 -0.19
CA ALA D 392 -26.22 -4.68 -1.38
C ALA D 392 -24.76 -4.87 -1.81
N LEU D 393 -24.36 -6.13 -2.00
CA LEU D 393 -23.00 -6.44 -2.40
C LEU D 393 -22.80 -6.29 -3.90
N GLY D 394 -21.54 -6.12 -4.32
CA GLY D 394 -21.24 -5.97 -5.74
C GLY D 394 -19.85 -5.44 -5.99
N ARG D 395 -19.29 -4.76 -5.00
CA ARG D 395 -17.95 -4.19 -5.10
C ARG D 395 -17.93 -3.01 -6.07
N ALA D 396 -18.43 -3.22 -7.29
CA ALA D 396 -18.46 -2.13 -8.25
C ALA D 396 -19.47 -1.11 -7.75
N PHE D 397 -20.48 -1.62 -7.04
CA PHE D 397 -21.56 -0.80 -6.46
C PHE D 397 -21.71 -1.18 -4.98
N THR D 398 -22.58 -0.48 -4.25
CA THR D 398 -22.85 -0.77 -2.84
C THR D 398 -23.60 0.33 -2.10
N TYR D 399 -24.93 0.22 -2.08
CA TYR D 399 -25.70 1.20 -1.35
C TYR D 399 -26.16 0.58 -0.03
N THR D 400 -26.37 1.42 0.97
CA THR D 400 -26.78 0.97 2.29
C THR D 400 -28.07 1.64 2.75
N ILE D 401 -28.98 0.82 3.26
CA ILE D 401 -30.26 1.33 3.74
C ILE D 401 -30.33 1.15 5.26
N PRO D 402 -30.54 2.26 5.99
CA PRO D 402 -30.62 2.16 7.44
C PRO D 402 -32.08 1.83 7.79
N LEU D 403 -32.29 0.82 8.64
CA LEU D 403 -33.64 0.42 9.03
C LEU D 403 -33.95 0.60 10.53
N PHE D 404 -35.07 1.24 10.84
CA PHE D 404 -35.47 1.45 12.23
C PHE D 404 -36.53 0.44 12.68
N PRO D 405 -36.18 -0.44 13.62
CA PRO D 405 -37.12 -1.43 14.13
C PRO D 405 -38.34 -0.77 14.76
N GLU D 406 -39.52 -1.04 14.20
CA GLU D 406 -40.76 -0.47 14.72
C GLU D 406 -41.60 -1.55 15.38
N VAL D 407 -41.32 -2.81 15.05
CA VAL D 407 -42.04 -3.94 15.63
C VAL D 407 -41.09 -5.11 15.83
N LEU D 408 -40.90 -5.48 17.10
CA LEU D 408 -40.04 -6.59 17.46
C LEU D 408 -40.85 -7.70 18.10
N GLU D 409 -40.64 -8.91 17.61
CA GLU D 409 -41.31 -10.11 18.11
C GLU D 409 -40.27 -11.23 17.99
N GLU D 410 -40.43 -12.31 18.74
CA GLU D 410 -39.47 -13.41 18.70
C GLU D 410 -39.17 -13.97 17.31
N ASP D 411 -40.15 -13.96 16.43
CA ASP D 411 -39.95 -14.51 15.10
C ASP D 411 -40.38 -13.58 13.98
N PHE D 412 -40.45 -12.28 14.26
CA PHE D 412 -40.87 -11.33 13.25
C PHE D 412 -40.48 -9.91 13.64
N ILE D 413 -39.78 -9.23 12.73
CA ILE D 413 -39.34 -7.86 12.97
C ILE D 413 -39.71 -6.98 11.79
N LYS D 414 -40.34 -5.85 12.09
CA LYS D 414 -40.75 -4.92 11.05
C LYS D 414 -40.00 -3.60 11.24
N CYS D 415 -39.28 -3.18 10.21
CA CYS D 415 -38.52 -1.94 10.27
C CYS D 415 -38.88 -1.05 9.10
N TYR D 416 -38.43 0.20 9.17
CA TYR D 416 -38.70 1.14 8.10
C TYR D 416 -37.49 2.03 7.85
N THR D 417 -37.49 2.65 6.68
CA THR D 417 -36.43 3.54 6.31
C THR D 417 -37.18 4.74 5.78
N LEU D 418 -36.49 5.83 5.47
CA LEU D 418 -37.18 6.97 4.91
C LEU D 418 -36.97 6.92 3.42
N SER D 419 -38.09 6.74 2.72
CA SER D 419 -38.13 6.63 1.27
C SER D 419 -38.75 7.85 0.63
N ASN D 420 -38.02 8.97 0.70
CA ASN D 420 -38.47 10.21 0.09
C ASN D 420 -39.69 10.84 0.78
N GLY D 421 -39.55 11.07 2.08
CA GLY D 421 -40.64 11.67 2.85
C GLY D 421 -41.47 10.71 3.68
N ARG D 422 -41.58 9.47 3.22
CA ARG D 422 -42.40 8.49 3.94
C ARG D 422 -41.62 7.24 4.39
N LYS D 423 -42.27 6.45 5.23
CA LYS D 423 -41.69 5.21 5.74
C LYS D 423 -41.78 4.12 4.66
N MET D 424 -40.68 3.41 4.45
CA MET D 424 -40.60 2.32 3.48
C MET D 424 -40.29 1.14 4.40
N TYR D 425 -41.24 0.22 4.53
CA TYR D 425 -41.05 -0.92 5.43
C TYR D 425 -40.36 -2.17 4.88
N ALA D 426 -39.70 -2.88 5.80
CA ALA D 426 -39.01 -4.12 5.50
C ALA D 426 -39.45 -5.11 6.59
N GLU D 427 -39.73 -6.35 6.20
CA GLU D 427 -40.14 -7.35 7.17
C GLU D 427 -39.19 -8.54 7.19
N PHE D 428 -38.82 -8.96 8.39
CA PHE D 428 -37.93 -10.11 8.57
C PHE D 428 -38.78 -11.20 9.20
N TYR D 429 -38.84 -12.35 8.55
CA TYR D 429 -39.59 -13.50 9.06
C TYR D 429 -38.58 -14.55 9.48
N ILE D 430 -38.54 -14.84 10.78
CA ILE D 430 -37.60 -15.80 11.35
C ILE D 430 -38.27 -17.13 11.70
N LYS D 431 -37.81 -18.20 11.06
CA LYS D 431 -38.39 -19.52 11.32
C LYS D 431 -37.50 -20.64 10.80
N ASP D 432 -37.62 -21.81 11.44
CA ASP D 432 -36.84 -23.00 11.06
C ASP D 432 -35.38 -22.71 10.78
N ASN D 433 -34.82 -21.78 11.53
CA ASN D 433 -33.42 -21.39 11.41
C ASN D 433 -33.01 -20.88 10.03
N LYS D 434 -33.91 -20.12 9.44
CA LYS D 434 -33.73 -19.48 8.15
C LYS D 434 -34.41 -18.14 8.36
N VAL D 435 -34.08 -17.13 7.57
CA VAL D 435 -34.72 -15.83 7.72
C VAL D 435 -35.18 -15.33 6.35
N ASP D 436 -36.38 -14.77 6.31
CA ASP D 436 -36.97 -14.22 5.08
C ASP D 436 -37.14 -12.72 5.18
N LEU D 437 -36.46 -11.97 4.30
CA LEU D 437 -36.55 -10.52 4.29
C LEU D 437 -37.39 -10.05 3.11
N ILE D 438 -38.35 -9.18 3.39
CA ILE D 438 -39.18 -8.63 2.34
C ILE D 438 -38.99 -7.11 2.38
N PHE D 439 -38.33 -6.57 1.37
CA PHE D 439 -38.10 -5.14 1.29
C PHE D 439 -38.50 -4.62 -0.09
N GLU D 440 -39.49 -3.73 -0.11
CA GLU D 440 -40.02 -3.15 -1.33
C GLU D 440 -40.44 -4.24 -2.31
N ARG D 441 -39.75 -4.31 -3.45
CA ARG D 441 -40.06 -5.30 -4.49
C ARG D 441 -39.37 -6.66 -4.30
N TYR D 442 -38.32 -6.67 -3.49
CA TYR D 442 -37.53 -7.88 -3.28
C TYR D 442 -37.87 -8.82 -2.13
N ARG D 443 -37.50 -10.08 -2.35
CA ARG D 443 -37.64 -11.12 -1.34
C ARG D 443 -36.21 -11.64 -1.27
N LEU D 444 -35.64 -11.68 -0.07
CA LEU D 444 -34.27 -12.16 0.08
C LEU D 444 -34.21 -13.20 1.20
N ILE D 445 -33.32 -14.17 1.04
CA ILE D 445 -33.19 -15.24 2.03
C ILE D 445 -31.76 -15.39 2.55
N LYS D 446 -31.61 -15.48 3.86
CA LYS D 446 -30.30 -15.63 4.47
C LYS D 446 -29.70 -16.98 4.09
N MET E 1 17.82 36.90 -39.92
CA MET E 1 17.51 36.20 -38.66
C MET E 1 18.43 35.00 -38.42
N ASP E 2 18.88 34.85 -37.18
CA ASP E 2 19.74 33.75 -36.79
C ASP E 2 18.82 32.54 -36.54
N VAL E 3 18.53 31.80 -37.61
CA VAL E 3 17.65 30.64 -37.54
C VAL E 3 18.17 29.49 -36.68
N GLY E 4 19.46 29.20 -36.76
CA GLY E 4 20.02 28.12 -35.97
C GLY E 4 19.80 28.32 -34.48
N LYS E 5 19.91 29.57 -34.04
CA LYS E 5 19.71 29.88 -32.63
C LYS E 5 18.24 29.66 -32.26
N LEU E 6 17.34 29.94 -33.20
CA LEU E 6 15.90 29.75 -32.97
C LEU E 6 15.52 28.26 -32.97
N GLU E 7 16.02 27.50 -33.94
CA GLU E 7 15.69 26.09 -34.02
C GLU E 7 16.30 25.28 -32.87
N SER E 8 17.48 25.69 -32.38
CA SER E 8 18.09 25.02 -31.25
C SER E 8 17.26 25.31 -30.01
N PHE E 9 16.77 26.54 -29.92
CA PHE E 9 15.94 26.97 -28.79
C PHE E 9 14.67 26.14 -28.67
N ILE E 10 13.96 26.01 -29.79
CA ILE E 10 12.71 25.25 -29.85
C ILE E 10 12.92 23.77 -29.48
N VAL E 11 13.87 23.11 -30.12
CA VAL E 11 14.11 21.70 -29.83
C VAL E 11 14.46 21.48 -28.36
N GLU E 12 15.34 22.31 -27.82
CA GLU E 12 15.75 22.21 -26.42
C GLU E 12 14.55 22.40 -25.48
N LYS E 13 13.72 23.39 -25.77
CA LYS E 13 12.53 23.65 -24.95
C LYS E 13 11.50 22.54 -25.02
N MET E 14 11.36 21.93 -26.20
CA MET E 14 10.40 20.84 -26.38
C MET E 14 10.87 19.61 -25.63
N ALA E 15 12.17 19.41 -25.58
CA ALA E 15 12.76 18.29 -24.86
C ALA E 15 12.59 18.55 -23.36
N GLU E 16 12.94 19.75 -22.94
CA GLU E 16 12.85 20.13 -21.54
C GLU E 16 11.45 20.03 -20.94
N ARG E 17 10.44 20.45 -21.70
CA ARG E 17 9.06 20.44 -21.23
C ARG E 17 8.21 19.28 -21.72
N LYS E 18 8.81 18.38 -22.49
CA LYS E 18 8.10 17.24 -23.05
C LYS E 18 6.90 17.65 -23.93
N VAL E 19 7.18 18.54 -24.89
CA VAL E 19 6.18 19.01 -25.83
C VAL E 19 6.23 18.08 -27.04
N PRO E 20 5.08 17.56 -27.49
CA PRO E 20 5.06 16.65 -28.65
C PRO E 20 5.45 17.29 -29.99
N GLY E 21 4.76 18.35 -30.38
CA GLY E 21 5.05 18.99 -31.65
C GLY E 21 4.72 20.47 -31.70
N ILE E 22 5.45 21.21 -32.53
CA ILE E 22 5.26 22.64 -32.68
C ILE E 22 5.41 23.08 -34.13
N SER E 23 4.57 24.03 -34.53
CA SER E 23 4.63 24.58 -35.88
C SER E 23 4.73 26.09 -35.74
N ILE E 24 5.45 26.71 -36.66
CA ILE E 24 5.64 28.15 -36.62
C ILE E 24 5.82 28.77 -38.00
N SER E 25 5.27 29.97 -38.16
CA SER E 25 5.42 30.70 -39.41
C SER E 25 5.85 32.12 -39.04
N ILE E 26 6.60 32.74 -39.93
CA ILE E 26 7.09 34.11 -39.71
C ILE E 26 6.79 34.90 -40.98
N ILE E 27 6.07 36.00 -40.82
CA ILE E 27 5.75 36.82 -41.97
C ILE E 27 6.53 38.12 -41.86
N LYS E 28 7.09 38.56 -43.00
CA LYS E 28 7.86 39.80 -43.06
C LYS E 28 7.60 40.49 -44.40
N ASP E 29 7.12 41.72 -44.33
CA ASP E 29 6.80 42.53 -45.51
C ASP E 29 5.81 41.90 -46.46
N GLY E 30 4.92 41.08 -45.91
CA GLY E 30 3.90 40.46 -46.75
C GLY E 30 4.28 39.11 -47.30
N ASP E 31 5.48 38.64 -46.99
CA ASP E 31 5.94 37.33 -47.46
C ASP E 31 6.20 36.39 -46.28
N VAL E 32 5.84 35.11 -46.46
CA VAL E 32 6.11 34.11 -45.44
C VAL E 32 7.58 33.79 -45.67
N VAL E 33 8.45 34.36 -44.84
CA VAL E 33 9.89 34.15 -44.99
C VAL E 33 10.42 32.94 -44.23
N TYR E 34 9.55 32.30 -43.46
CA TYR E 34 9.97 31.14 -42.66
C TYR E 34 8.77 30.37 -42.14
N ALA E 35 8.78 29.05 -42.29
CA ALA E 35 7.68 28.22 -41.81
C ALA E 35 8.15 26.77 -41.66
N LYS E 36 8.14 26.27 -40.44
CA LYS E 36 8.56 24.90 -40.16
C LYS E 36 7.81 24.22 -39.03
N GLY E 37 7.82 22.89 -39.05
CA GLY E 37 7.17 22.10 -38.04
C GLY E 37 8.22 21.28 -37.31
N PHE E 38 8.05 21.12 -36.00
CA PHE E 38 9.00 20.36 -35.20
C PHE E 38 8.26 19.26 -34.42
N GLY E 39 8.95 18.16 -34.15
CA GLY E 39 8.33 17.11 -33.39
C GLY E 39 7.19 16.35 -34.05
N TYR E 40 6.32 15.81 -33.21
CA TYR E 40 5.21 14.99 -33.69
C TYR E 40 3.79 15.53 -33.58
N ARG E 41 3.08 15.36 -34.69
CA ARG E 41 1.68 15.73 -34.89
C ARG E 41 0.88 14.71 -34.06
N ASN E 42 1.27 13.45 -34.19
CA ASN E 42 0.64 12.34 -33.49
C ASN E 42 1.74 11.38 -33.04
N VAL E 43 2.02 11.35 -31.75
CA VAL E 43 3.05 10.47 -31.22
C VAL E 43 2.77 9.00 -31.54
N GLU E 44 1.60 8.50 -31.15
CA GLU E 44 1.22 7.09 -31.38
C GLU E 44 1.42 6.62 -32.82
N ALA E 45 1.02 7.46 -33.78
CA ALA E 45 1.15 7.12 -35.19
C ALA E 45 2.48 7.61 -35.79
N ARG E 46 3.24 8.37 -35.01
CA ARG E 46 4.52 8.91 -35.46
C ARG E 46 4.42 9.76 -36.73
N LEU E 47 3.50 10.73 -36.73
CA LEU E 47 3.33 11.63 -37.87
C LEU E 47 3.97 12.95 -37.47
N PRO E 48 4.86 13.50 -38.31
CA PRO E 48 5.54 14.76 -38.02
C PRO E 48 4.68 16.00 -38.08
N SER E 49 5.01 16.99 -37.26
CA SER E 49 4.28 18.25 -37.30
C SER E 49 4.89 18.97 -38.50
N THR E 50 4.06 19.68 -39.24
CA THR E 50 4.49 20.41 -40.43
C THR E 50 3.85 21.79 -40.44
N PRO E 51 4.29 22.68 -41.35
CA PRO E 51 3.72 24.03 -41.42
C PRO E 51 2.20 23.94 -41.71
N GLU E 52 1.76 22.84 -42.31
CA GLU E 52 0.35 22.64 -42.65
C GLU E 52 -0.49 22.05 -41.53
N THR E 53 0.18 21.42 -40.57
CA THR E 53 -0.49 20.78 -39.44
C THR E 53 -1.55 21.66 -38.77
N ILE E 54 -2.71 21.08 -38.51
CA ILE E 54 -3.82 21.80 -37.89
C ILE E 54 -3.89 21.58 -36.39
N TYR E 55 -4.10 22.66 -35.65
CA TYR E 55 -4.19 22.64 -34.19
C TYR E 55 -5.33 23.53 -33.73
N GLY E 56 -5.84 23.29 -32.52
CA GLY E 56 -6.87 24.18 -32.00
C GLY E 56 -6.10 25.46 -31.71
N ILE E 57 -6.67 26.62 -32.00
CA ILE E 57 -5.96 27.88 -31.73
C ILE E 57 -6.44 28.56 -30.45
N GLY E 58 -7.44 27.95 -29.81
CA GLY E 58 -7.96 28.53 -28.58
C GLY E 58 -8.47 29.95 -28.67
N SER E 59 -8.12 30.76 -27.69
CA SER E 59 -8.56 32.15 -27.62
C SER E 59 -8.06 33.08 -28.72
N ILE E 60 -7.27 32.55 -29.65
CA ILE E 60 -6.81 33.36 -30.77
C ILE E 60 -8.11 33.58 -31.55
N THR E 61 -9.08 32.69 -31.34
CA THR E 61 -10.37 32.79 -32.00
C THR E 61 -11.07 34.10 -31.64
N LYS E 62 -10.78 34.62 -30.45
CA LYS E 62 -11.38 35.86 -29.98
C LYS E 62 -11.21 37.04 -30.92
N SER E 63 -10.01 37.17 -31.50
CA SER E 63 -9.74 38.27 -32.43
C SER E 63 -10.62 38.17 -33.69
N PHE E 64 -11.08 36.96 -34.01
CA PHE E 64 -11.93 36.76 -35.19
C PHE E 64 -13.33 37.26 -34.85
N THR E 65 -13.76 36.97 -33.63
CA THR E 65 -15.07 37.39 -33.18
C THR E 65 -15.09 38.92 -33.13
N ALA E 66 -13.99 39.51 -32.66
CA ALA E 66 -13.89 40.96 -32.58
C ALA E 66 -13.96 41.59 -33.97
N LEU E 67 -13.21 41.03 -34.92
CA LEU E 67 -13.21 41.52 -36.29
C LEU E 67 -14.60 41.43 -36.92
N ALA E 68 -15.33 40.37 -36.59
CA ALA E 68 -16.69 40.17 -37.10
C ALA E 68 -17.60 41.27 -36.57
N ILE E 69 -17.42 41.63 -35.30
CA ILE E 69 -18.22 42.68 -34.69
C ILE E 69 -17.89 44.03 -35.34
N MET E 70 -16.62 44.24 -35.67
CA MET E 70 -16.23 45.50 -36.29
C MET E 70 -16.91 45.67 -37.64
N LYS E 71 -17.02 44.59 -38.40
CA LYS E 71 -17.65 44.66 -39.72
C LYS E 71 -19.13 45.02 -39.61
N LEU E 72 -19.82 44.33 -38.73
CA LEU E 72 -21.25 44.56 -38.50
C LEU E 72 -21.50 45.98 -38.03
N VAL E 73 -20.58 46.52 -37.25
CA VAL E 73 -20.72 47.89 -36.74
C VAL E 73 -20.56 48.88 -37.90
N GLU E 74 -19.55 48.63 -38.73
CA GLU E 74 -19.26 49.47 -39.89
C GLU E 74 -20.44 49.44 -40.87
N GLU E 75 -21.12 48.31 -40.95
CA GLU E 75 -22.26 48.18 -41.85
C GLU E 75 -23.55 48.70 -41.23
N GLY E 76 -23.44 49.26 -40.03
CA GLY E 76 -24.60 49.79 -39.33
C GLY E 76 -25.47 48.77 -38.61
N GLY E 77 -25.03 47.53 -38.57
CA GLY E 77 -25.79 46.48 -37.90
C GLY E 77 -26.04 46.77 -36.43
N LEU E 78 -25.07 47.41 -35.78
CA LEU E 78 -25.22 47.73 -34.36
C LEU E 78 -24.20 48.77 -33.90
N SER E 79 -24.27 49.15 -32.63
CA SER E 79 -23.35 50.13 -32.07
C SER E 79 -22.52 49.48 -30.97
N LEU E 80 -21.28 49.91 -30.82
CA LEU E 80 -20.41 49.35 -29.79
C LEU E 80 -20.93 49.68 -28.40
N ASP E 81 -21.72 50.74 -28.28
CA ASP E 81 -22.28 51.13 -26.99
C ASP E 81 -23.68 50.54 -26.73
N ASP E 82 -24.13 49.65 -27.62
CA ASP E 82 -25.44 49.02 -27.44
C ASP E 82 -25.45 48.02 -26.31
N PRO E 83 -26.49 48.05 -25.46
CA PRO E 83 -26.57 47.10 -24.35
C PRO E 83 -26.65 45.72 -24.99
N VAL E 84 -26.01 44.71 -24.41
CA VAL E 84 -26.09 43.39 -25.01
C VAL E 84 -27.51 42.81 -24.88
N GLU E 85 -28.28 43.32 -23.91
CA GLU E 85 -29.65 42.84 -23.69
C GLU E 85 -30.54 43.14 -24.89
N LYS E 86 -30.13 44.12 -25.68
CA LYS E 86 -30.88 44.49 -26.86
C LYS E 86 -30.83 43.38 -27.93
N PHE E 87 -29.88 42.47 -27.78
CA PHE E 87 -29.71 41.38 -28.76
C PHE E 87 -29.90 39.99 -28.15
N VAL E 88 -29.56 39.85 -26.88
CA VAL E 88 -29.66 38.56 -26.22
C VAL E 88 -30.66 38.55 -25.08
N ASN E 89 -31.39 37.44 -24.97
CA ASN E 89 -32.38 37.27 -23.93
C ASN E 89 -31.76 36.82 -22.61
N ILE E 90 -31.13 37.76 -21.91
CA ILE E 90 -30.47 37.47 -20.64
C ILE E 90 -30.37 38.77 -19.81
N LYS E 91 -30.40 38.66 -18.49
CA LYS E 91 -30.29 39.82 -17.61
C LYS E 91 -28.83 40.26 -17.47
N LEU E 92 -28.48 41.44 -17.97
CA LEU E 92 -27.12 41.93 -17.83
C LEU E 92 -27.04 43.42 -17.46
N ARG E 93 -27.65 43.77 -16.33
CA ARG E 93 -27.61 45.15 -15.85
C ARG E 93 -27.08 45.18 -14.44
N PRO E 94 -25.84 44.69 -14.24
CA PRO E 94 -25.26 44.69 -12.90
C PRO E 94 -25.24 46.10 -12.33
N PHE E 95 -25.65 46.24 -11.08
CA PHE E 95 -25.67 47.52 -10.38
C PHE E 95 -26.53 48.57 -11.08
N GLY E 96 -27.54 48.13 -11.82
CA GLY E 96 -28.41 49.06 -12.51
C GLY E 96 -27.80 49.68 -13.76
N GLU E 97 -26.73 49.07 -14.29
CA GLU E 97 -26.09 49.58 -15.50
C GLU E 97 -25.83 48.48 -16.53
N PRO E 98 -26.39 48.64 -17.74
CA PRO E 98 -26.24 47.67 -18.83
C PRO E 98 -24.82 47.41 -19.38
N VAL E 99 -24.53 46.13 -19.57
CA VAL E 99 -23.26 45.71 -20.13
C VAL E 99 -23.39 45.94 -21.63
N THR E 100 -22.48 46.72 -22.21
CA THR E 100 -22.52 47.01 -23.64
C THR E 100 -21.65 46.07 -24.46
N VAL E 101 -21.75 46.15 -25.78
CA VAL E 101 -20.94 45.32 -26.66
C VAL E 101 -19.47 45.63 -26.39
N HIS E 102 -19.19 46.90 -26.16
CA HIS E 102 -17.83 47.37 -25.89
C HIS E 102 -17.27 46.71 -24.63
N HIS E 103 -18.09 46.62 -23.60
CA HIS E 103 -17.67 46.02 -22.34
C HIS E 103 -17.27 44.55 -22.52
N LEU E 104 -18.02 43.80 -23.33
CA LEU E 104 -17.70 42.40 -23.54
C LEU E 104 -16.36 42.27 -24.27
N LEU E 105 -16.20 43.06 -25.33
CA LEU E 105 -14.98 43.07 -26.13
C LEU E 105 -13.72 43.28 -25.28
N THR E 106 -13.81 44.15 -24.27
CA THR E 106 -12.69 44.45 -23.41
C THR E 106 -12.64 43.73 -22.08
N HIS E 107 -13.56 42.78 -21.87
CA HIS E 107 -13.62 42.01 -20.63
C HIS E 107 -13.78 42.95 -19.43
N SER E 108 -14.64 43.95 -19.56
CA SER E 108 -14.85 44.92 -18.50
C SER E 108 -16.31 45.04 -18.06
N SER E 109 -17.08 43.97 -18.24
CA SER E 109 -18.48 43.98 -17.87
C SER E 109 -18.69 44.17 -16.37
N GLY E 110 -17.63 43.91 -15.59
CA GLY E 110 -17.72 43.99 -14.14
C GLY E 110 -17.96 42.62 -13.56
N ILE E 111 -18.04 41.61 -14.44
CA ILE E 111 -18.29 40.22 -14.05
C ILE E 111 -17.04 39.34 -14.14
N PRO E 112 -16.58 38.81 -13.01
CA PRO E 112 -15.39 37.93 -13.01
C PRO E 112 -15.67 36.61 -13.72
N SER E 113 -14.62 35.88 -14.08
CA SER E 113 -14.75 34.61 -14.78
C SER E 113 -15.68 33.62 -14.11
N LEU E 114 -16.49 32.95 -14.93
CA LEU E 114 -17.44 31.95 -14.43
C LEU E 114 -16.77 30.59 -14.32
N GLY E 115 -15.55 30.49 -14.84
CA GLY E 115 -14.82 29.23 -14.81
C GLY E 115 -15.46 28.11 -15.60
N TYR E 116 -16.32 28.48 -16.56
CA TYR E 116 -17.02 27.50 -17.39
C TYR E 116 -16.07 26.72 -18.29
N ALA E 117 -15.15 27.43 -18.95
CA ALA E 117 -14.19 26.77 -19.84
C ALA E 117 -13.27 25.84 -19.08
N GLU E 118 -12.82 26.27 -17.91
CA GLU E 118 -11.94 25.44 -17.10
C GLU E 118 -12.66 24.16 -16.70
N ALA E 119 -13.90 24.28 -16.25
CA ALA E 119 -14.69 23.11 -15.85
C ALA E 119 -14.97 22.19 -17.04
N PHE E 120 -15.36 22.79 -18.16
CA PHE E 120 -15.68 22.05 -19.37
C PHE E 120 -14.52 21.16 -19.83
N ILE E 121 -13.41 21.80 -20.16
CA ILE E 121 -12.22 21.11 -20.63
C ILE E 121 -11.67 20.10 -19.64
N ASP E 122 -11.67 20.47 -18.36
CA ASP E 122 -11.18 19.56 -17.34
C ASP E 122 -11.93 18.24 -17.42
N GLY E 123 -13.26 18.33 -17.48
CA GLY E 123 -14.08 17.13 -17.57
C GLY E 123 -13.87 16.36 -18.85
N MET E 124 -13.68 17.08 -19.96
CA MET E 124 -13.49 16.46 -21.27
C MET E 124 -12.15 15.75 -21.44
N VAL E 125 -11.27 15.90 -20.45
CA VAL E 125 -9.96 15.27 -20.48
C VAL E 125 -9.82 14.24 -19.35
N GLY E 126 -10.94 13.84 -18.77
CA GLY E 126 -10.91 12.86 -17.70
C GLY E 126 -10.59 13.43 -16.32
N GLY E 127 -10.78 14.74 -16.15
CA GLY E 127 -10.51 15.36 -14.87
C GLY E 127 -11.67 15.22 -13.90
N ASP E 128 -11.65 15.99 -12.81
CA ASP E 128 -12.70 15.89 -11.82
C ASP E 128 -14.01 16.63 -12.02
N ASN E 129 -13.98 17.89 -12.46
CA ASN E 129 -15.28 18.52 -12.62
C ASN E 129 -15.94 18.11 -13.89
N TRP E 130 -17.10 18.71 -14.15
CA TRP E 130 -17.91 18.38 -15.31
C TRP E 130 -18.93 19.48 -15.52
N LEU E 131 -19.00 19.98 -16.76
CA LEU E 131 -19.94 21.00 -17.18
C LEU E 131 -20.15 20.64 -18.65
N PRO E 132 -21.18 19.83 -18.93
CA PRO E 132 -21.51 19.37 -20.28
C PRO E 132 -22.20 20.36 -21.22
N VAL E 133 -21.53 21.45 -21.57
CA VAL E 133 -22.08 22.45 -22.47
C VAL E 133 -21.60 22.15 -23.89
N SER E 134 -22.31 21.26 -24.57
CA SER E 134 -21.94 20.86 -25.93
C SER E 134 -22.18 21.93 -27.01
N THR E 135 -22.95 22.96 -26.68
CA THR E 135 -23.23 24.04 -27.62
C THR E 135 -23.18 25.38 -26.87
N PRO E 136 -22.87 26.48 -27.59
CA PRO E 136 -22.81 27.78 -26.91
C PRO E 136 -24.15 28.22 -26.34
N GLU E 137 -25.24 27.74 -26.94
CA GLU E 137 -26.57 28.08 -26.46
C GLU E 137 -26.74 27.52 -25.04
N GLU E 138 -26.14 26.36 -24.81
CA GLU E 138 -26.22 25.70 -23.51
C GLU E 138 -25.42 26.47 -22.45
N THR E 139 -24.27 26.99 -22.85
CA THR E 139 -23.43 27.77 -21.95
C THR E 139 -24.18 29.03 -21.50
N ILE E 140 -24.87 29.67 -22.44
CA ILE E 140 -25.62 30.88 -22.13
C ILE E 140 -26.71 30.61 -21.10
N ALA E 141 -27.40 29.48 -21.25
CA ALA E 141 -28.43 29.09 -20.30
C ALA E 141 -27.78 28.94 -18.92
N PHE E 142 -26.62 28.29 -18.88
CA PHE E 142 -25.87 28.10 -17.65
C PHE E 142 -25.50 29.46 -17.07
N ALA E 143 -25.18 30.41 -17.94
CA ALA E 143 -24.77 31.75 -17.51
C ALA E 143 -25.93 32.67 -17.13
N ARG E 144 -27.14 32.11 -17.11
CA ARG E 144 -28.36 32.84 -16.79
C ARG E 144 -28.30 33.77 -15.58
N ASP E 145 -27.54 33.41 -14.54
CA ASP E 145 -27.46 34.26 -13.34
C ASP E 145 -26.17 35.08 -13.27
N MET E 146 -25.42 35.14 -14.36
CA MET E 146 -24.15 35.87 -14.33
C MET E 146 -24.24 37.31 -13.82
N GLU E 147 -25.37 37.99 -14.03
CA GLU E 147 -25.47 39.37 -13.55
C GLU E 147 -25.22 39.43 -12.06
N LYS E 148 -25.76 38.45 -11.33
CA LYS E 148 -25.61 38.38 -9.88
C LYS E 148 -24.17 38.12 -9.45
N TRP E 149 -23.33 37.71 -10.40
CA TRP E 149 -21.92 37.40 -10.12
C TRP E 149 -21.01 38.63 -10.15
N ALA E 150 -21.51 39.75 -10.66
CA ALA E 150 -20.73 40.98 -10.78
C ALA E 150 -20.26 41.56 -9.44
N VAL E 151 -19.10 42.22 -9.47
CA VAL E 151 -18.49 42.83 -8.28
C VAL E 151 -18.08 44.28 -8.51
N ALA E 152 -18.16 44.73 -9.77
CA ALA E 152 -17.81 46.09 -10.13
C ALA E 152 -18.73 46.62 -11.22
N LYS E 153 -18.84 47.94 -11.28
CA LYS E 153 -19.69 48.61 -12.28
C LYS E 153 -19.04 48.38 -13.65
N PRO E 154 -19.85 48.21 -14.71
CA PRO E 154 -19.30 48.00 -16.05
C PRO E 154 -18.25 49.06 -16.40
N GLY E 155 -17.15 48.62 -16.99
CA GLY E 155 -16.08 49.52 -17.40
C GLY E 155 -15.04 49.94 -16.37
N GLU E 156 -15.12 49.41 -15.15
CA GLU E 156 -14.15 49.79 -14.10
C GLU E 156 -12.97 48.83 -14.02
N ARG E 157 -13.24 47.53 -14.08
CA ARG E 157 -12.18 46.54 -13.96
C ARG E 157 -12.13 45.52 -15.09
N PHE E 158 -11.00 44.82 -15.14
CA PHE E 158 -10.75 43.79 -16.12
C PHE E 158 -10.82 42.40 -15.48
N PHE E 159 -11.55 41.51 -16.14
CA PHE E 159 -11.70 40.13 -15.69
C PHE E 159 -11.88 39.33 -16.97
N TYR E 160 -10.85 38.59 -17.36
CA TYR E 160 -10.94 37.79 -18.56
C TYR E 160 -12.17 36.87 -18.41
N LEU E 161 -13.15 37.06 -19.28
CA LEU E 161 -14.38 36.29 -19.23
C LEU E 161 -14.69 35.61 -20.56
N ASN E 162 -14.51 34.30 -20.64
CA ASN E 162 -14.79 33.56 -21.88
C ASN E 162 -16.27 33.65 -22.25
N THR E 163 -17.15 33.66 -21.25
CA THR E 163 -18.58 33.76 -21.50
C THR E 163 -18.86 35.08 -22.23
N GLY E 164 -18.00 36.06 -22.04
CA GLY E 164 -18.17 37.34 -22.71
C GLY E 164 -18.16 37.17 -24.22
N TYR E 165 -17.18 36.43 -24.73
CA TYR E 165 -17.11 36.22 -26.17
C TYR E 165 -18.13 35.20 -26.67
N VAL E 166 -18.68 34.42 -25.75
CA VAL E 166 -19.72 33.47 -26.12
C VAL E 166 -20.95 34.31 -26.45
N LEU E 167 -21.22 35.31 -25.60
CA LEU E 167 -22.36 36.21 -25.81
C LEU E 167 -22.18 36.99 -27.13
N LEU E 168 -20.95 37.37 -27.44
CA LEU E 168 -20.65 38.09 -28.68
C LEU E 168 -20.95 37.21 -29.88
N GLY E 169 -20.64 35.93 -29.78
CA GLY E 169 -20.91 35.02 -30.88
C GLY E 169 -22.40 34.98 -31.17
N LYS E 170 -23.20 35.07 -30.10
CA LYS E 170 -24.65 35.04 -30.22
C LYS E 170 -25.15 36.37 -30.77
N ILE E 171 -24.50 37.46 -30.38
CA ILE E 171 -24.86 38.79 -30.89
C ILE E 171 -24.66 38.82 -32.40
N ILE E 172 -23.54 38.26 -32.85
CA ILE E 172 -23.23 38.20 -34.27
C ILE E 172 -24.33 37.46 -35.01
N GLU E 173 -24.82 36.38 -34.40
CA GLU E 173 -25.88 35.60 -35.03
C GLU E 173 -27.15 36.42 -35.13
N LYS E 174 -27.54 37.08 -34.03
CA LYS E 174 -28.75 37.89 -33.98
C LYS E 174 -28.77 38.97 -35.08
N VAL E 175 -27.67 39.69 -35.21
CA VAL E 175 -27.57 40.76 -36.19
C VAL E 175 -27.52 40.28 -37.65
N SER E 176 -26.59 39.39 -37.96
CA SER E 176 -26.44 38.91 -39.33
C SER E 176 -27.58 38.03 -39.84
N GLY E 177 -28.15 37.21 -38.97
CA GLY E 177 -29.22 36.32 -39.38
C GLY E 177 -28.74 34.93 -39.72
N VAL E 178 -27.42 34.72 -39.72
CA VAL E 178 -26.86 33.40 -39.98
C VAL E 178 -26.08 33.00 -38.73
N SER E 179 -25.60 31.77 -38.70
CA SER E 179 -24.86 31.25 -37.56
C SER E 179 -23.46 31.84 -37.48
N TYR E 180 -22.91 31.88 -36.26
CA TYR E 180 -21.56 32.40 -36.05
C TYR E 180 -20.52 31.71 -36.94
N GLU E 181 -20.56 30.39 -37.03
CA GLU E 181 -19.61 29.65 -37.86
C GLU E 181 -19.67 30.09 -39.33
N GLU E 182 -20.89 30.19 -39.88
CA GLU E 182 -21.05 30.59 -41.27
C GLU E 182 -20.61 32.03 -41.48
N TYR E 183 -20.91 32.91 -40.53
CA TYR E 183 -20.52 34.30 -40.68
C TYR E 183 -19.00 34.45 -40.74
N ILE E 184 -18.29 33.74 -39.86
CA ILE E 184 -16.83 33.82 -39.84
C ILE E 184 -16.22 33.20 -41.11
N LYS E 185 -16.77 32.06 -41.54
CA LYS E 185 -16.25 31.42 -42.74
C LYS E 185 -16.49 32.25 -43.99
N LYS E 186 -17.69 32.80 -44.15
CA LYS E 186 -18.01 33.58 -45.34
C LYS E 186 -17.48 35.01 -45.36
N LYS E 187 -17.47 35.67 -44.21
CA LYS E 187 -17.00 37.05 -44.12
C LYS E 187 -15.51 37.23 -43.82
N ILE E 188 -14.88 36.22 -43.22
CA ILE E 188 -13.46 36.34 -42.88
C ILE E 188 -12.52 35.31 -43.53
N LEU E 189 -12.72 34.04 -43.22
CA LEU E 189 -11.86 32.98 -43.76
C LEU E 189 -11.79 32.92 -45.29
N GLU E 190 -12.94 32.89 -45.97
CA GLU E 190 -12.97 32.80 -47.42
C GLU E 190 -12.34 33.98 -48.14
N PRO E 191 -12.71 35.21 -47.78
CA PRO E 191 -12.07 36.33 -48.48
C PRO E 191 -10.56 36.43 -48.28
N LEU E 192 -10.05 35.88 -47.17
CA LEU E 192 -8.61 35.91 -46.88
C LEU E 192 -7.90 34.67 -47.42
N GLY E 193 -8.65 33.77 -48.04
CA GLY E 193 -8.08 32.56 -48.59
C GLY E 193 -7.68 31.52 -47.55
N MET E 194 -8.22 31.63 -46.34
CA MET E 194 -7.91 30.69 -45.27
C MET E 194 -8.78 29.46 -45.45
N ASN E 195 -8.32 28.57 -46.33
CA ASN E 195 -9.07 27.37 -46.67
C ASN E 195 -8.89 26.17 -45.75
N ARG E 196 -7.92 26.22 -44.83
CA ARG E 196 -7.75 25.10 -43.92
C ARG E 196 -7.93 25.50 -42.45
N SER E 197 -8.98 26.30 -42.23
CA SER E 197 -9.36 26.77 -40.90
C SER E 197 -10.80 26.29 -40.70
N TYR E 198 -11.02 25.48 -39.66
CA TYR E 198 -12.33 24.89 -39.41
C TYR E 198 -12.95 25.07 -38.02
N PHE E 199 -14.24 24.76 -37.94
CA PHE E 199 -15.00 24.79 -36.70
C PHE E 199 -15.58 23.39 -36.48
N PHE E 200 -16.07 22.79 -37.57
CA PHE E 200 -16.70 21.48 -37.52
C PHE E 200 -15.79 20.27 -37.67
N LYS E 201 -16.04 19.27 -36.83
CA LYS E 201 -15.26 18.04 -36.84
C LYS E 201 -15.40 17.26 -38.15
N GLU E 202 -16.54 17.39 -38.81
CA GLU E 202 -16.76 16.69 -40.07
C GLU E 202 -15.75 17.14 -41.12
N GLU E 203 -15.28 18.39 -40.98
CA GLU E 203 -14.31 18.93 -41.91
C GLU E 203 -12.89 18.54 -41.51
N VAL E 204 -12.59 18.61 -40.22
CA VAL E 204 -11.27 18.27 -39.72
C VAL E 204 -10.95 16.80 -39.98
N GLU E 205 -11.96 15.95 -39.89
CA GLU E 205 -11.79 14.52 -40.11
C GLU E 205 -11.34 14.20 -41.53
N LYS E 206 -11.61 15.11 -42.45
CA LYS E 206 -11.25 14.90 -43.85
C LYS E 206 -9.91 15.53 -44.24
N ASP E 207 -9.29 16.25 -43.30
CA ASP E 207 -8.00 16.88 -43.55
C ASP E 207 -6.89 15.87 -43.25
N LYS E 208 -5.90 15.77 -44.15
CA LYS E 208 -4.82 14.80 -43.98
C LYS E 208 -3.66 15.19 -43.05
N ASP E 209 -3.61 16.45 -42.63
CA ASP E 209 -2.54 16.89 -41.73
C ASP E 209 -3.17 17.58 -40.53
N VAL E 210 -3.46 16.80 -39.51
CA VAL E 210 -4.09 17.29 -38.28
C VAL E 210 -3.38 16.68 -37.08
N ALA E 211 -3.18 17.49 -36.05
CA ALA E 211 -2.51 17.00 -34.85
C ALA E 211 -3.45 16.51 -33.75
N MET E 212 -2.96 15.55 -32.97
CA MET E 212 -3.70 15.01 -31.85
C MET E 212 -3.30 15.86 -30.65
N GLY E 213 -4.23 16.09 -29.74
CA GLY E 213 -3.93 16.87 -28.55
C GLY E 213 -3.26 16.01 -27.51
N TYR E 214 -2.57 16.63 -26.56
CA TYR E 214 -1.86 15.91 -25.50
C TYR E 214 -1.80 16.67 -24.18
N ILE E 215 -1.91 15.90 -23.09
CA ILE E 215 -1.85 16.44 -21.75
C ILE E 215 -0.91 15.54 -20.96
N LEU E 216 -0.04 16.15 -20.17
CA LEU E 216 0.94 15.41 -19.38
C LEU E 216 0.32 15.04 -18.04
N ASP E 217 0.24 13.75 -17.73
CA ASP E 217 -0.35 13.31 -16.46
C ASP E 217 0.64 13.48 -15.32
N LYS E 218 0.36 12.87 -14.18
CA LYS E 218 1.24 13.02 -13.02
C LYS E 218 2.46 12.10 -12.99
N GLU E 219 2.48 11.11 -13.87
CA GLU E 219 3.62 10.21 -13.97
C GLU E 219 4.59 10.77 -15.02
N GLY E 220 4.19 11.85 -15.68
CA GLY E 220 5.04 12.44 -16.71
C GLY E 220 4.78 11.80 -18.07
N ARG E 221 3.60 11.22 -18.22
CA ARG E 221 3.23 10.58 -19.47
C ARG E 221 2.39 11.51 -20.33
N LEU E 222 2.58 11.43 -21.65
CA LEU E 222 1.80 12.24 -22.58
C LEU E 222 0.55 11.45 -22.88
N VAL E 223 -0.61 12.03 -22.57
CA VAL E 223 -1.88 11.36 -22.80
C VAL E 223 -2.64 12.05 -23.93
N PRO E 224 -2.91 11.30 -25.02
CA PRO E 224 -3.63 11.85 -26.17
C PRO E 224 -5.07 12.23 -25.82
N GLN E 225 -5.49 13.40 -26.29
CA GLN E 225 -6.84 13.91 -26.05
C GLN E 225 -7.32 14.67 -27.29
N PRO E 226 -8.45 14.27 -27.87
CA PRO E 226 -8.97 14.96 -29.05
C PRO E 226 -9.59 16.31 -28.70
N PHE E 227 -9.66 17.20 -29.69
CA PHE E 227 -10.25 18.53 -29.49
C PHE E 227 -11.63 18.42 -28.84
N PRO E 228 -11.92 19.30 -27.86
CA PRO E 228 -13.21 19.29 -27.17
C PRO E 228 -14.30 20.08 -27.91
N TYR E 229 -14.77 19.53 -29.03
CA TYR E 229 -15.80 20.19 -29.83
C TYR E 229 -17.00 20.64 -29.00
N GLY E 230 -17.45 21.85 -29.28
CA GLY E 230 -18.58 22.43 -28.56
C GLY E 230 -18.40 23.93 -28.44
N ILE E 231 -17.20 24.36 -28.04
CA ILE E 231 -16.90 25.78 -27.90
C ILE E 231 -16.78 26.44 -29.26
N THR E 232 -17.16 27.71 -29.36
CA THR E 232 -17.11 28.41 -30.64
C THR E 232 -16.50 29.81 -30.68
N ALA E 233 -17.29 30.83 -30.35
CA ALA E 233 -16.85 32.22 -30.41
C ALA E 233 -15.68 32.60 -29.51
N ASP E 234 -15.58 31.97 -28.34
CA ASP E 234 -14.49 32.27 -27.42
C ASP E 234 -13.20 31.50 -27.73
N GLY E 235 -13.29 30.44 -28.53
CA GLY E 235 -12.08 29.69 -28.84
C GLY E 235 -12.21 28.34 -29.51
N GLY E 236 -13.15 28.17 -30.42
CA GLY E 236 -13.34 26.87 -31.05
C GLY E 236 -12.77 26.70 -32.46
N LEU E 237 -11.92 27.63 -32.88
CA LEU E 237 -11.37 27.54 -34.21
C LEU E 237 -10.10 26.67 -34.27
N LEU E 238 -9.98 25.90 -35.34
CA LEU E 238 -8.79 25.08 -35.57
C LEU E 238 -8.16 25.60 -36.87
N SER E 239 -6.84 25.69 -36.89
CA SER E 239 -6.15 26.19 -38.08
C SER E 239 -4.68 25.80 -38.09
N SER E 240 -3.92 26.37 -39.02
CA SER E 240 -2.49 26.08 -39.12
C SER E 240 -1.73 27.39 -39.17
N VAL E 241 -0.41 27.33 -39.03
CA VAL E 241 0.43 28.52 -39.05
C VAL E 241 0.45 29.21 -40.41
N LEU E 242 0.24 28.46 -41.49
CA LEU E 242 0.23 29.07 -42.82
C LEU E 242 -1.04 29.89 -43.05
N ASP E 243 -2.16 29.42 -42.52
CA ASP E 243 -3.42 30.15 -42.65
C ASP E 243 -3.36 31.37 -41.72
N LEU E 244 -2.73 31.20 -40.56
CA LEU E 244 -2.61 32.30 -39.60
C LEU E 244 -1.68 33.40 -40.11
N ALA E 245 -0.74 33.05 -40.97
CA ALA E 245 0.16 34.05 -41.51
C ALA E 245 -0.66 34.92 -42.46
N LYS E 246 -1.65 34.34 -43.11
CA LYS E 246 -2.51 35.09 -44.03
C LYS E 246 -3.35 36.06 -43.20
N TYR E 247 -3.82 35.57 -42.07
CA TYR E 247 -4.61 36.35 -41.14
C TYR E 247 -3.78 37.53 -40.60
N LEU E 248 -2.56 37.25 -40.15
CA LEU E 248 -1.67 38.30 -39.63
C LEU E 248 -1.36 39.36 -40.69
N LYS E 249 -1.14 38.92 -41.92
CA LYS E 249 -0.83 39.84 -43.02
C LYS E 249 -1.87 40.94 -43.16
N MET E 250 -3.14 40.58 -43.00
CA MET E 250 -4.22 41.56 -43.13
C MET E 250 -4.07 42.70 -42.14
N TYR E 251 -3.83 42.37 -40.87
CA TYR E 251 -3.66 43.38 -39.84
C TYR E 251 -2.39 44.21 -40.06
N ILE E 252 -1.29 43.53 -40.33
CA ILE E 252 -0.01 44.19 -40.53
C ILE E 252 -0.01 45.23 -41.62
N GLU E 253 -0.49 44.85 -42.79
CA GLU E 253 -0.53 45.75 -43.93
C GLU E 253 -1.78 46.62 -43.93
N ARG E 254 -2.65 46.39 -42.96
CA ARG E 254 -3.91 47.13 -42.86
C ARG E 254 -4.76 46.91 -44.11
N ASP E 255 -4.79 45.69 -44.63
CA ASP E 255 -5.63 45.38 -45.79
C ASP E 255 -7.07 45.72 -45.40
N GLU E 256 -7.83 46.30 -46.32
CA GLU E 256 -9.20 46.69 -46.00
C GLU E 256 -10.27 45.83 -46.67
N SER E 257 -9.92 44.61 -47.05
CA SER E 257 -10.88 43.73 -47.69
C SER E 257 -11.98 43.21 -46.76
N ILE E 258 -11.79 43.38 -45.44
CA ILE E 258 -12.82 42.94 -44.48
C ILE E 258 -13.44 44.15 -43.81
N VAL E 259 -12.60 45.04 -43.29
CA VAL E 259 -13.04 46.27 -42.62
C VAL E 259 -12.06 47.39 -43.00
N SER E 260 -12.44 48.64 -42.73
CA SER E 260 -11.59 49.78 -43.03
C SER E 260 -10.52 49.88 -41.95
N LYS E 261 -9.37 50.45 -42.32
CA LYS E 261 -8.24 50.59 -41.42
C LYS E 261 -8.54 51.31 -40.13
N GLU E 262 -9.57 52.15 -40.13
CA GLU E 262 -9.93 52.86 -38.92
C GLU E 262 -10.45 51.83 -37.88
N TYR E 263 -11.05 50.76 -38.37
CA TYR E 263 -11.58 49.72 -37.49
C TYR E 263 -10.50 48.75 -36.97
N ILE E 264 -9.43 48.62 -37.72
CA ILE E 264 -8.32 47.77 -37.30
C ILE E 264 -7.65 48.55 -36.17
N GLU E 265 -7.53 49.87 -36.35
CA GLU E 265 -6.92 50.73 -35.35
C GLU E 265 -7.79 50.76 -34.07
N LYS E 266 -9.08 50.49 -34.20
CA LYS E 266 -9.97 50.47 -33.04
C LYS E 266 -9.64 49.22 -32.22
N MET E 267 -9.46 48.10 -32.91
CA MET E 267 -9.13 46.83 -32.28
C MET E 267 -7.78 46.89 -31.56
N GLU E 268 -6.82 47.63 -32.12
CA GLU E 268 -5.48 47.75 -31.57
C GLU E 268 -5.31 48.87 -30.53
N THR E 269 -6.42 49.46 -30.10
CA THR E 269 -6.35 50.52 -29.11
C THR E 269 -6.45 49.94 -27.70
N SER E 270 -5.53 50.35 -26.83
CA SER E 270 -5.53 49.86 -25.46
C SER E 270 -6.62 50.59 -24.66
N TYR E 271 -7.73 49.90 -24.40
CA TYR E 271 -8.85 50.48 -23.66
C TYR E 271 -8.77 50.32 -22.15
N ILE E 272 -8.13 49.25 -21.69
CA ILE E 272 -7.99 48.99 -20.26
C ILE E 272 -6.74 48.18 -19.94
N LYS E 273 -6.16 48.40 -18.77
CA LYS E 273 -4.96 47.69 -18.38
C LYS E 273 -5.25 46.29 -17.86
N VAL E 274 -4.30 45.37 -18.10
CA VAL E 274 -4.40 43.98 -17.68
C VAL E 274 -3.36 43.72 -16.59
N PRO E 275 -3.54 42.66 -15.80
CA PRO E 275 -2.61 42.31 -14.71
C PRO E 275 -1.40 41.53 -15.22
N TRP E 276 -1.48 41.07 -16.47
CA TRP E 276 -0.39 40.31 -17.11
C TRP E 276 0.73 41.24 -17.62
N GLU E 277 1.26 42.07 -16.74
CA GLU E 277 2.32 43.02 -17.10
C GLU E 277 3.70 42.42 -17.22
N ILE E 278 4.11 42.13 -18.46
CA ILE E 278 5.42 41.52 -18.73
C ILE E 278 6.51 42.55 -19.01
N PHE E 279 6.23 43.43 -19.97
CA PHE E 279 7.19 44.45 -20.35
C PHE E 279 6.84 45.84 -19.83
N GLY E 280 5.60 46.01 -19.39
CA GLY E 280 5.16 47.29 -18.86
C GLY E 280 4.07 47.96 -19.67
N GLY E 281 2.94 48.23 -19.02
CA GLY E 281 1.83 48.88 -19.67
C GLY E 281 0.85 48.03 -20.47
N GLU E 282 1.01 46.71 -20.45
CA GLU E 282 0.11 45.83 -21.21
C GLU E 282 -1.37 46.17 -20.98
N GLY E 283 -2.14 46.19 -22.07
CA GLY E 283 -3.55 46.50 -21.99
C GLY E 283 -4.33 45.60 -22.93
N TYR E 284 -5.65 45.79 -22.99
CA TYR E 284 -6.48 44.96 -23.86
C TYR E 284 -7.31 45.82 -24.80
N GLY E 285 -7.31 45.43 -26.08
CA GLY E 285 -8.10 46.15 -27.07
C GLY E 285 -9.36 45.35 -27.36
N TYR E 286 -9.55 44.97 -28.62
CA TYR E 286 -10.71 44.16 -28.99
C TYR E 286 -10.24 42.76 -29.41
N GLY E 287 -10.24 41.84 -28.45
CA GLY E 287 -9.81 40.48 -28.72
C GLY E 287 -8.32 40.41 -28.97
N LEU E 288 -7.62 41.45 -28.50
CA LEU E 288 -6.17 41.57 -28.69
C LEU E 288 -5.49 42.16 -27.45
N ILE E 289 -4.30 41.66 -27.14
CA ILE E 289 -3.55 42.18 -26.00
C ILE E 289 -2.57 43.20 -26.58
N ILE E 290 -2.40 44.32 -25.89
CA ILE E 290 -1.50 45.38 -26.36
C ILE E 290 -0.25 45.53 -25.48
N TYR E 291 0.92 45.39 -26.11
CA TYR E 291 2.19 45.51 -25.42
C TYR E 291 2.86 46.78 -25.92
N PRO E 292 2.70 47.91 -25.18
CA PRO E 292 3.34 49.14 -25.66
C PRO E 292 4.87 49.22 -25.53
N ASN E 293 5.45 48.40 -24.65
CA ASN E 293 6.91 48.44 -24.48
C ASN E 293 7.63 47.12 -24.76
N PHE E 294 7.40 46.53 -25.92
CA PHE E 294 8.05 45.28 -26.29
C PHE E 294 9.32 45.59 -27.08
N LEU E 295 10.47 45.56 -26.40
CA LEU E 295 11.75 45.82 -27.05
C LEU E 295 11.77 47.15 -27.81
N GLY E 296 11.11 48.16 -27.24
CA GLY E 296 11.04 49.47 -27.87
C GLY E 296 10.09 49.53 -29.06
N GLU E 297 9.07 48.67 -29.04
CA GLU E 297 8.11 48.62 -30.13
C GLU E 297 6.72 48.35 -29.55
N LYS E 298 5.70 48.52 -30.37
CA LYS E 298 4.34 48.23 -29.95
C LYS E 298 3.93 46.91 -30.58
N LEU E 299 3.77 45.91 -29.74
CA LEU E 299 3.38 44.57 -30.19
C LEU E 299 1.89 44.38 -29.98
N VAL E 300 1.27 43.60 -30.86
CA VAL E 300 -0.15 43.29 -30.73
C VAL E 300 -0.26 41.78 -30.89
N GLY E 301 -1.01 41.14 -30.01
CA GLY E 301 -1.17 39.71 -30.09
C GLY E 301 -2.11 39.12 -29.06
N HIS E 302 -2.28 37.80 -29.11
CA HIS E 302 -3.15 37.09 -28.18
C HIS E 302 -2.79 35.61 -28.20
N SER E 303 -2.87 35.00 -27.02
CA SER E 303 -2.55 33.58 -26.88
C SER E 303 -3.85 32.77 -26.87
N GLY E 304 -3.71 31.46 -26.85
CA GLY E 304 -4.88 30.59 -26.82
C GLY E 304 -4.52 29.25 -26.20
N SER E 305 -5.51 28.62 -25.59
CA SER E 305 -5.31 27.31 -24.97
C SER E 305 -6.64 26.59 -24.85
N VAL E 306 -6.63 25.29 -25.17
CA VAL E 306 -7.83 24.49 -25.07
C VAL E 306 -7.48 23.29 -24.19
N GLY E 307 -6.33 23.41 -23.53
CA GLY E 307 -5.84 22.35 -22.67
C GLY E 307 -4.85 21.45 -23.37
N MET E 308 -5.31 20.74 -24.40
CA MET E 308 -4.44 19.85 -25.15
C MET E 308 -3.83 20.55 -26.36
N TYR E 309 -4.16 21.83 -26.56
CA TYR E 309 -3.62 22.63 -27.67
C TYR E 309 -3.40 24.06 -27.19
N THR E 310 -2.33 24.69 -27.65
CA THR E 310 -2.05 26.08 -27.28
C THR E 310 -1.48 26.77 -28.50
N GLY E 311 -1.47 28.10 -28.46
CA GLY E 311 -0.94 28.85 -29.59
C GLY E 311 -0.80 30.34 -29.28
N TYR E 312 -0.19 31.06 -30.21
CA TYR E 312 0.00 32.48 -30.07
C TYR E 312 0.24 33.15 -31.42
N ILE E 313 -0.28 34.36 -31.56
CA ILE E 313 -0.05 35.14 -32.77
C ILE E 313 0.33 36.53 -32.27
N GLY E 314 1.28 37.14 -32.95
CA GLY E 314 1.72 38.47 -32.56
C GLY E 314 2.33 39.19 -33.75
N TYR E 315 2.09 40.49 -33.84
CA TYR E 315 2.65 41.28 -34.92
C TYR E 315 3.05 42.68 -34.45
N ILE E 316 3.98 43.29 -35.18
CA ILE E 316 4.46 44.64 -34.88
C ILE E 316 4.27 45.42 -36.18
N PRO E 317 3.12 46.09 -36.31
CA PRO E 317 2.76 46.89 -37.49
C PRO E 317 3.92 47.72 -38.07
N GLU E 318 4.51 48.56 -37.22
CA GLU E 318 5.61 49.43 -37.64
C GLU E 318 6.79 48.73 -38.30
N LYS E 319 7.07 47.49 -37.90
CA LYS E 319 8.18 46.74 -38.47
C LYS E 319 7.75 45.69 -39.49
N LYS E 320 6.47 45.71 -39.85
CA LYS E 320 5.91 44.77 -40.83
C LYS E 320 6.29 43.32 -40.59
N ILE E 321 6.37 42.92 -39.32
CA ILE E 321 6.73 41.54 -39.01
C ILE E 321 5.70 40.91 -38.10
N GLY E 322 5.38 39.64 -38.37
CA GLY E 322 4.41 38.91 -37.55
C GLY E 322 4.84 37.47 -37.34
N VAL E 323 4.39 36.87 -36.24
CA VAL E 323 4.76 35.48 -35.96
C VAL E 323 3.58 34.66 -35.41
N ALA E 324 3.50 33.41 -35.85
CA ALA E 324 2.46 32.50 -35.38
C ALA E 324 3.06 31.17 -34.96
N VAL E 325 2.67 30.70 -33.78
CA VAL E 325 3.16 29.43 -33.25
C VAL E 325 2.01 28.62 -32.64
N LEU E 326 1.91 27.35 -33.04
CA LEU E 326 0.87 26.46 -32.55
C LEU E 326 1.54 25.24 -31.90
N GLU E 327 0.92 24.71 -30.86
CA GLU E 327 1.46 23.58 -30.10
C GLU E 327 0.36 22.58 -29.70
N ASN E 328 0.68 21.28 -29.68
CA ASN E 328 -0.33 20.30 -29.30
C ASN E 328 -0.21 19.76 -27.86
N SER E 329 -0.04 20.71 -26.93
CA SER E 329 0.03 20.48 -25.49
C SER E 329 0.30 21.85 -24.87
N SER E 330 0.41 21.93 -23.55
CA SER E 330 0.69 23.22 -22.92
C SER E 330 2.02 23.19 -22.19
N GLY E 331 2.94 22.38 -22.69
CA GLY E 331 4.25 22.26 -22.08
C GLY E 331 5.08 23.54 -21.98
N TYR E 332 5.12 24.31 -23.07
CA TYR E 332 5.90 25.54 -23.08
C TYR E 332 5.10 26.67 -23.76
N PRO E 333 4.93 27.81 -23.07
CA PRO E 333 4.18 28.95 -23.62
C PRO E 333 4.57 29.29 -25.05
N PRO E 334 3.66 29.07 -26.00
CA PRO E 334 3.97 29.40 -27.39
C PRO E 334 4.30 30.89 -27.61
N SER E 335 3.84 31.74 -26.69
CA SER E 335 4.11 33.17 -26.80
C SER E 335 5.60 33.44 -26.58
N TYR E 336 6.22 32.63 -25.72
CA TYR E 336 7.65 32.75 -25.44
C TYR E 336 8.48 32.42 -26.69
N ILE E 337 8.04 31.42 -27.45
CA ILE E 337 8.74 31.03 -28.67
C ILE E 337 8.55 32.14 -29.70
N ALA E 338 7.31 32.60 -29.84
CA ALA E 338 7.00 33.67 -30.78
C ALA E 338 7.81 34.94 -30.48
N MET E 339 7.89 35.30 -29.21
CA MET E 339 8.63 36.49 -28.83
C MET E 339 10.12 36.30 -29.00
N TYR E 340 10.59 35.07 -28.90
CA TYR E 340 12.02 34.77 -29.08
C TYR E 340 12.36 35.13 -30.51
N ALA E 341 11.51 34.67 -31.43
CA ALA E 341 11.68 34.91 -32.85
C ALA E 341 11.56 36.40 -33.19
N LEU E 342 10.56 37.08 -32.63
CA LEU E 342 10.39 38.50 -32.90
C LEU E 342 11.63 39.26 -32.44
N ALA E 343 12.19 38.85 -31.30
CA ALA E 343 13.38 39.48 -30.76
C ALA E 343 14.52 39.33 -31.78
N LEU E 344 14.65 38.14 -32.37
CA LEU E 344 15.69 37.94 -33.37
C LEU E 344 15.40 38.82 -34.59
N LEU E 345 14.14 38.89 -35.00
CA LEU E 345 13.76 39.69 -36.16
C LEU E 345 13.99 41.18 -35.93
N LEU E 346 14.18 41.56 -34.68
CA LEU E 346 14.42 42.96 -34.32
C LEU E 346 15.90 43.28 -34.10
N GLY E 347 16.75 42.28 -34.33
CA GLY E 347 18.18 42.47 -34.14
C GLY E 347 18.54 42.54 -32.66
N LYS E 348 17.70 41.93 -31.83
CA LYS E 348 17.94 41.94 -30.39
C LYS E 348 18.32 40.54 -29.94
N ASN E 349 18.86 40.44 -28.72
CA ASN E 349 19.25 39.16 -28.16
C ASN E 349 18.17 38.70 -27.17
N PRO E 350 17.32 37.73 -27.56
CA PRO E 350 16.27 37.24 -26.67
C PRO E 350 16.79 36.70 -25.34
N GLU E 351 18.00 36.14 -25.36
CA GLU E 351 18.60 35.56 -24.18
C GLU E 351 18.90 36.62 -23.13
N LYS E 352 19.00 37.88 -23.55
CA LYS E 352 19.29 38.95 -22.62
C LYS E 352 18.15 39.95 -22.47
N GLU E 353 17.22 39.98 -23.41
CA GLU E 353 16.13 40.93 -23.32
C GLU E 353 14.75 40.38 -22.95
N LEU E 354 14.55 39.06 -23.07
CA LEU E 354 13.26 38.48 -22.70
C LEU E 354 13.39 37.96 -21.26
N PRO E 355 12.72 38.63 -20.30
CA PRO E 355 12.73 38.27 -18.87
C PRO E 355 12.50 36.79 -18.59
N PHE E 356 11.37 36.26 -19.07
CA PHE E 356 11.04 34.86 -18.85
C PHE E 356 12.15 33.94 -19.35
N ILE E 357 13.04 34.45 -20.19
CA ILE E 357 14.13 33.62 -20.69
C ILE E 357 15.32 33.59 -19.74
N TYR E 358 15.90 34.74 -19.39
CA TYR E 358 17.05 34.72 -18.51
C TYR E 358 16.71 34.36 -17.07
N ARG E 359 15.58 34.84 -16.58
CA ARG E 359 15.18 34.51 -15.22
C ARG E 359 15.10 33.00 -15.03
N GLU E 360 14.61 32.28 -16.03
CA GLU E 360 14.50 30.84 -15.93
C GLU E 360 15.87 30.16 -15.98
N ARG E 361 16.78 30.74 -16.76
CA ARG E 361 18.12 30.18 -16.88
C ARG E 361 18.91 30.39 -15.59
N ILE E 362 18.74 31.56 -14.99
CA ILE E 362 19.44 31.90 -13.76
C ILE E 362 18.88 31.19 -12.52
N LEU E 363 17.56 31.17 -12.38
CA LEU E 363 16.93 30.48 -11.24
C LEU E 363 17.26 28.99 -11.30
N LYS E 364 17.70 28.53 -12.45
CA LYS E 364 18.04 27.13 -12.63
C LYS E 364 19.37 26.79 -11.99
N LYS E 365 20.28 27.75 -11.95
CA LYS E 365 21.60 27.56 -11.36
C LYS E 365 21.48 27.28 -9.87
N VAL E 366 20.42 27.79 -9.27
CA VAL E 366 20.16 27.68 -7.84
C VAL E 366 19.62 26.34 -7.34
N GLU E 367 18.93 25.60 -8.20
CA GLU E 367 18.39 24.31 -7.81
C GLU E 367 19.49 23.35 -7.39
N GLY E 368 19.25 22.61 -6.30
CA GLY E 368 20.25 21.68 -5.84
C GLY E 368 20.25 21.38 -4.34
N ARG E 369 21.23 20.57 -3.93
CA ARG E 369 21.39 20.16 -2.55
C ARG E 369 22.34 21.11 -1.82
N TYR E 370 21.93 21.57 -0.64
CA TYR E 370 22.76 22.50 0.14
C TYR E 370 23.03 21.97 1.56
N MET E 371 24.26 22.13 2.04
CA MET E 371 24.61 21.68 3.38
C MET E 371 25.41 22.73 4.15
N GLY E 372 25.27 22.73 5.47
CA GLY E 372 25.99 23.67 6.30
C GLY E 372 27.41 23.20 6.61
N TYR E 373 28.03 23.86 7.60
CA TYR E 373 29.39 23.54 8.02
C TYR E 373 29.57 22.05 8.21
N LYS E 374 30.48 21.46 7.44
CA LYS E 374 30.77 20.04 7.48
C LYS E 374 29.55 19.12 7.52
N GLY E 375 28.55 19.47 6.69
CA GLY E 375 27.33 18.68 6.58
C GLY E 375 26.40 18.51 7.76
N THR E 376 26.35 19.49 8.65
CA THR E 376 25.47 19.41 9.82
C THR E 376 23.99 19.41 9.43
N ILE E 377 23.58 20.41 8.65
CA ILE E 377 22.19 20.51 8.23
C ILE E 377 22.07 20.43 6.70
N LYS E 378 20.95 19.87 6.24
CA LYS E 378 20.70 19.71 4.82
C LYS E 378 19.42 20.43 4.42
N PHE E 379 19.42 20.99 3.22
CA PHE E 379 18.27 21.69 2.67
C PHE E 379 18.14 21.31 1.20
N GLU E 380 16.98 21.57 0.60
CA GLU E 380 16.79 21.29 -0.82
C GLU E 380 16.19 22.53 -1.48
N VAL E 381 16.73 22.91 -2.63
CA VAL E 381 16.20 24.08 -3.32
C VAL E 381 15.63 23.64 -4.67
N LYS E 382 14.33 23.87 -4.84
CA LYS E 382 13.62 23.50 -6.06
C LYS E 382 12.81 24.70 -6.55
N VAL E 383 12.92 25.01 -7.84
CA VAL E 383 12.20 26.14 -8.43
C VAL E 383 10.86 25.70 -9.01
N ASP E 384 9.85 26.58 -8.90
CA ASP E 384 8.52 26.30 -9.43
C ASP E 384 7.91 27.57 -9.99
N GLY E 385 8.16 27.83 -11.27
CA GLY E 385 7.65 29.03 -11.88
C GLY E 385 8.58 30.17 -11.50
N ASP E 386 8.06 31.15 -10.75
CA ASP E 386 8.84 32.30 -10.31
C ASP E 386 9.32 32.15 -8.87
N VAL E 387 8.68 31.25 -8.12
CA VAL E 387 9.02 31.05 -6.72
C VAL E 387 10.04 29.96 -6.41
N VAL E 388 11.02 30.33 -5.59
CA VAL E 388 12.09 29.43 -5.17
C VAL E 388 11.74 28.85 -3.81
N TYR E 389 11.62 27.54 -3.72
CA TYR E 389 11.30 26.90 -2.44
C TYR E 389 12.54 26.33 -1.76
N LEU E 390 12.68 26.60 -0.46
CA LEU E 390 13.80 26.11 0.36
C LEU E 390 13.26 25.20 1.47
N ARG E 391 13.57 23.91 1.37
CA ARG E 391 13.09 22.94 2.35
C ARG E 391 14.20 22.28 3.16
N ALA E 392 14.00 22.19 4.47
CA ALA E 392 14.96 21.56 5.36
C ALA E 392 14.77 20.06 5.23
N LEU E 393 15.80 19.36 4.78
CA LEU E 393 15.72 17.91 4.62
C LEU E 393 15.59 17.22 5.98
N GLY E 394 15.39 15.91 5.97
CA GLY E 394 15.23 15.17 7.22
C GLY E 394 13.81 14.63 7.33
N ARG E 395 13.63 13.34 7.07
CA ARG E 395 12.31 12.69 7.09
C ARG E 395 11.32 13.04 8.21
N ALA E 396 11.76 12.98 9.46
CA ALA E 396 10.86 13.30 10.58
C ALA E 396 10.27 14.68 10.37
N PHE E 397 11.12 15.61 9.95
CA PHE E 397 10.72 17.00 9.71
C PHE E 397 10.89 17.29 8.21
N THR E 398 11.09 18.56 7.87
CA THR E 398 11.31 19.02 6.48
C THR E 398 10.41 20.19 6.05
N TYR E 399 10.35 21.23 6.89
CA TYR E 399 9.50 22.38 6.55
C TYR E 399 9.87 23.00 5.21
N THR E 400 9.09 24.01 4.83
CA THR E 400 9.27 24.69 3.56
C THR E 400 9.20 26.19 3.73
N ILE E 401 9.85 26.89 2.81
CA ILE E 401 9.89 28.34 2.80
C ILE E 401 9.83 28.81 1.36
N PRO E 402 8.87 29.71 1.06
CA PRO E 402 8.71 30.26 -0.30
C PRO E 402 9.62 31.47 -0.40
N LEU E 403 10.35 31.59 -1.51
CA LEU E 403 11.25 32.72 -1.69
C LEU E 403 10.95 33.47 -2.99
N PHE E 404 10.61 34.74 -2.85
CA PHE E 404 10.29 35.60 -3.97
C PHE E 404 11.51 36.40 -4.37
N PRO E 405 12.10 36.11 -5.54
CA PRO E 405 13.29 36.82 -6.03
C PRO E 405 13.07 38.34 -6.17
N GLU E 406 13.84 39.14 -5.44
CA GLU E 406 13.70 40.60 -5.53
C GLU E 406 14.71 41.18 -6.52
N VAL E 407 15.95 40.71 -6.45
CA VAL E 407 17.01 41.16 -7.36
C VAL E 407 17.52 39.90 -8.05
N LEU E 408 17.88 40.00 -9.32
CA LEU E 408 18.34 38.82 -10.03
C LEU E 408 19.36 39.20 -11.09
N GLU E 409 20.57 38.70 -10.91
CA GLU E 409 21.66 38.94 -11.85
C GLU E 409 22.25 37.60 -12.25
N GLU E 410 23.26 37.64 -13.11
CA GLU E 410 23.89 36.43 -13.61
C GLU E 410 24.44 35.52 -12.53
N ASP E 411 25.20 36.08 -11.60
CA ASP E 411 25.79 35.29 -10.53
C ASP E 411 25.38 35.77 -9.13
N PHE E 412 24.12 36.17 -8.99
CA PHE E 412 23.60 36.65 -7.72
C PHE E 412 22.06 36.78 -7.73
N ILE E 413 21.43 36.38 -6.63
CA ILE E 413 19.97 36.44 -6.51
C ILE E 413 19.54 36.74 -5.07
N LYS E 414 18.78 37.80 -4.87
CA LYS E 414 18.32 38.12 -3.52
C LYS E 414 16.81 37.86 -3.43
N CYS E 415 16.42 37.00 -2.50
CA CYS E 415 15.01 36.67 -2.31
C CYS E 415 14.55 37.04 -0.91
N TYR E 416 13.25 36.96 -0.69
CA TYR E 416 12.68 37.27 0.61
C TYR E 416 11.43 36.45 0.87
N THR E 417 11.34 35.87 2.06
CA THR E 417 10.16 35.11 2.42
C THR E 417 9.46 36.04 3.39
N LEU E 418 8.43 35.56 4.07
CA LEU E 418 7.73 36.44 5.00
C LEU E 418 7.88 35.87 6.40
N SER E 419 8.35 36.73 7.31
CA SER E 419 8.60 36.36 8.69
C SER E 419 7.39 36.63 9.59
N ASN E 420 7.57 37.53 10.56
CA ASN E 420 6.52 37.92 11.50
C ASN E 420 6.02 39.28 10.99
N GLY E 421 5.58 39.32 9.75
CA GLY E 421 5.07 40.58 9.21
C GLY E 421 6.09 41.41 8.42
N ARG E 422 7.37 41.02 8.51
CA ARG E 422 8.44 41.72 7.80
C ARG E 422 9.14 40.71 6.87
N LYS E 423 9.86 41.22 5.88
CA LYS E 423 10.55 40.35 4.93
C LYS E 423 11.96 39.94 5.41
N MET E 424 12.16 38.62 5.43
CA MET E 424 13.42 38.01 5.83
C MET E 424 14.11 37.72 4.51
N TYR E 425 15.37 38.12 4.37
CA TYR E 425 16.11 37.93 3.12
C TYR E 425 17.08 36.75 3.04
N ALA E 426 17.18 36.20 1.83
CA ALA E 426 18.08 35.09 1.51
C ALA E 426 18.90 35.52 0.30
N GLU E 427 20.18 35.18 0.27
CA GLU E 427 21.05 35.55 -0.86
C GLU E 427 21.79 34.35 -1.43
N PHE E 428 21.81 34.25 -2.74
CA PHE E 428 22.52 33.16 -3.43
C PHE E 428 23.70 33.77 -4.18
N TYR E 429 24.89 33.21 -3.97
CA TYR E 429 26.09 33.66 -4.67
C TYR E 429 26.55 32.53 -5.59
N ILE E 430 26.59 32.80 -6.89
CA ILE E 430 26.95 31.81 -7.90
C ILE E 430 28.33 32.02 -8.51
N LYS E 431 29.25 31.08 -8.28
CA LYS E 431 30.59 31.23 -8.85
C LYS E 431 31.39 29.96 -9.12
N ASP E 432 31.38 29.51 -10.36
CA ASP E 432 32.15 28.33 -10.77
C ASP E 432 31.63 27.01 -10.21
N ASN E 433 30.54 26.52 -10.79
CA ASN E 433 29.96 25.26 -10.35
C ASN E 433 29.91 25.22 -8.83
N LYS E 434 29.38 26.29 -8.24
CA LYS E 434 29.24 26.44 -6.81
C LYS E 434 28.27 27.56 -6.48
N VAL E 435 27.51 27.38 -5.40
CA VAL E 435 26.54 28.39 -4.99
C VAL E 435 26.50 28.49 -3.47
N ASP E 436 26.73 29.70 -2.95
CA ASP E 436 26.69 29.92 -1.52
C ASP E 436 25.37 30.58 -1.17
N LEU E 437 24.72 30.04 -0.14
CA LEU E 437 23.44 30.58 0.28
C LEU E 437 23.49 31.14 1.70
N ILE E 438 23.16 32.42 1.83
CA ILE E 438 23.12 33.08 3.12
C ILE E 438 21.65 33.32 3.42
N PHE E 439 21.13 32.60 4.41
CA PHE E 439 19.73 32.70 4.80
C PHE E 439 19.69 32.93 6.32
N GLU E 440 19.36 34.16 6.71
CA GLU E 440 19.32 34.55 8.12
C GLU E 440 20.64 34.22 8.82
N ARG E 441 20.59 33.37 9.84
CA ARG E 441 21.79 33.01 10.59
C ARG E 441 22.69 31.99 9.89
N TYR E 442 22.11 31.22 8.97
CA TYR E 442 22.85 30.17 8.28
C TYR E 442 23.57 30.52 6.99
N ARG E 443 24.59 29.72 6.70
CA ARG E 443 25.36 29.80 5.48
C ARG E 443 25.31 28.37 4.96
N LEU E 444 24.81 28.18 3.74
CA LEU E 444 24.71 26.83 3.16
C LEU E 444 25.41 26.81 1.81
N ILE E 445 26.07 25.71 1.51
CA ILE E 445 26.79 25.56 0.25
C ILE E 445 26.26 24.38 -0.54
N LYS E 446 26.08 24.60 -1.84
CA LYS E 446 25.61 23.55 -2.74
C LYS E 446 26.79 22.85 -3.37
N MET F 1 -44.16 28.87 -20.67
CA MET F 1 -43.39 28.05 -19.69
C MET F 1 -42.09 28.78 -19.43
N ASP F 2 -41.56 28.66 -18.23
CA ASP F 2 -40.30 29.31 -17.89
C ASP F 2 -39.15 28.40 -18.34
N VAL F 3 -38.79 28.50 -19.61
CA VAL F 3 -37.72 27.67 -20.17
C VAL F 3 -36.36 27.96 -19.54
N GLY F 4 -36.16 29.20 -19.11
CA GLY F 4 -34.89 29.59 -18.50
C GLY F 4 -34.65 28.84 -17.20
N LYS F 5 -35.67 28.73 -16.37
CA LYS F 5 -35.54 28.02 -15.10
C LYS F 5 -35.32 26.53 -15.37
N LEU F 6 -36.04 26.00 -16.37
CA LEU F 6 -35.92 24.60 -16.73
C LEU F 6 -34.51 24.26 -17.22
N GLU F 7 -33.99 25.05 -18.15
CA GLU F 7 -32.67 24.75 -18.69
C GLU F 7 -31.55 24.90 -17.66
N SER F 8 -31.71 25.83 -16.72
CA SER F 8 -30.71 26.03 -15.67
C SER F 8 -30.69 24.80 -14.77
N PHE F 9 -31.88 24.34 -14.40
CA PHE F 9 -31.99 23.17 -13.55
C PHE F 9 -31.28 21.98 -14.21
N ILE F 10 -31.57 21.74 -15.48
CA ILE F 10 -30.97 20.61 -16.20
C ILE F 10 -29.46 20.63 -16.27
N VAL F 11 -28.87 21.74 -16.75
CA VAL F 11 -27.42 21.83 -16.84
C VAL F 11 -26.78 21.74 -15.47
N GLU F 12 -27.41 22.38 -14.50
CA GLU F 12 -26.90 22.38 -13.12
C GLU F 12 -26.86 20.96 -12.53
N LYS F 13 -27.93 20.19 -12.73
CA LYS F 13 -27.98 18.83 -12.21
C LYS F 13 -27.01 17.92 -12.96
N MET F 14 -26.83 18.15 -14.26
CA MET F 14 -25.91 17.36 -15.07
C MET F 14 -24.48 17.54 -14.59
N ALA F 15 -24.14 18.78 -14.24
CA ALA F 15 -22.79 19.08 -13.75
C ALA F 15 -22.62 18.40 -12.39
N GLU F 16 -23.59 18.65 -11.51
CA GLU F 16 -23.59 18.09 -10.16
C GLU F 16 -23.48 16.58 -10.09
N ARG F 17 -24.21 15.88 -10.95
CA ARG F 17 -24.21 14.41 -10.92
C ARG F 17 -23.35 13.74 -12.00
N LYS F 18 -22.71 14.55 -12.84
CA LYS F 18 -21.86 14.05 -13.92
C LYS F 18 -22.61 13.22 -14.95
N VAL F 19 -23.68 13.80 -15.49
CA VAL F 19 -24.49 13.15 -16.52
C VAL F 19 -23.92 13.60 -17.86
N PRO F 20 -23.73 12.66 -18.80
CA PRO F 20 -23.17 13.03 -20.11
C PRO F 20 -24.13 13.76 -21.04
N GLY F 21 -25.31 13.19 -21.23
CA GLY F 21 -26.27 13.81 -22.14
C GLY F 21 -27.73 13.57 -21.79
N ILE F 22 -28.56 14.53 -22.20
CA ILE F 22 -29.98 14.49 -21.96
C ILE F 22 -30.76 15.09 -23.12
N SER F 23 -31.92 14.52 -23.41
CA SER F 23 -32.79 15.01 -24.46
C SER F 23 -34.17 15.10 -23.84
N ILE F 24 -34.96 16.07 -24.27
CA ILE F 24 -36.29 16.23 -23.72
C ILE F 24 -37.25 16.83 -24.72
N SER F 25 -38.50 16.40 -24.67
CA SER F 25 -39.53 16.91 -25.56
C SER F 25 -40.77 17.21 -24.73
N ILE F 26 -41.50 18.25 -25.13
CA ILE F 26 -42.70 18.67 -24.40
C ILE F 26 -43.90 18.88 -25.33
N ILE F 27 -45.01 18.23 -25.00
CA ILE F 27 -46.22 18.35 -25.78
C ILE F 27 -47.24 19.25 -25.09
N LYS F 28 -47.84 20.16 -25.85
CA LYS F 28 -48.87 21.06 -25.33
C LYS F 28 -49.96 21.17 -26.38
N ASP F 29 -51.18 20.86 -25.98
CA ASP F 29 -52.33 20.90 -26.88
C ASP F 29 -52.06 20.23 -28.23
N GLY F 30 -51.65 18.98 -28.19
CA GLY F 30 -51.40 18.24 -29.43
C GLY F 30 -50.19 18.62 -30.28
N ASP F 31 -49.33 19.48 -29.76
CA ASP F 31 -48.15 19.90 -30.49
C ASP F 31 -46.87 19.80 -29.65
N VAL F 32 -45.77 19.52 -30.33
CA VAL F 32 -44.46 19.46 -29.67
C VAL F 32 -44.04 20.93 -29.65
N VAL F 33 -44.08 21.54 -28.47
CA VAL F 33 -43.73 22.95 -28.33
C VAL F 33 -42.28 23.19 -27.90
N TYR F 34 -41.63 22.14 -27.42
CA TYR F 34 -40.24 22.23 -26.96
C TYR F 34 -39.49 20.91 -27.10
N ALA F 35 -38.28 20.96 -27.65
CA ALA F 35 -37.44 19.78 -27.84
C ALA F 35 -35.98 20.21 -27.89
N LYS F 36 -35.20 19.76 -26.91
CA LYS F 36 -33.80 20.14 -26.85
C LYS F 36 -32.89 18.99 -26.44
N GLY F 37 -31.61 19.15 -26.77
CA GLY F 37 -30.61 18.17 -26.42
C GLY F 37 -29.61 18.89 -25.54
N PHE F 38 -29.11 18.21 -24.52
CA PHE F 38 -28.13 18.80 -23.60
C PHE F 38 -26.95 17.86 -23.44
N GLY F 39 -25.75 18.44 -23.36
CA GLY F 39 -24.57 17.61 -23.19
C GLY F 39 -24.18 16.76 -24.39
N TYR F 40 -23.53 15.63 -24.10
CA TYR F 40 -23.01 14.72 -25.12
C TYR F 40 -23.63 13.32 -25.20
N ARG F 41 -23.87 12.86 -26.42
CA ARG F 41 -24.43 11.53 -26.62
C ARG F 41 -23.25 10.56 -26.66
N ASN F 42 -22.10 11.08 -27.03
CA ASN F 42 -20.88 10.29 -27.11
C ASN F 42 -19.74 11.22 -26.68
N VAL F 43 -19.26 11.04 -25.46
CA VAL F 43 -18.18 11.88 -24.92
C VAL F 43 -16.85 11.74 -25.67
N GLU F 44 -16.44 10.51 -25.94
CA GLU F 44 -15.18 10.26 -26.64
C GLU F 44 -15.12 10.94 -28.01
N ALA F 45 -16.20 10.84 -28.78
CA ALA F 45 -16.25 11.43 -30.11
C ALA F 45 -16.78 12.86 -30.10
N ARG F 46 -17.10 13.38 -28.92
CA ARG F 46 -17.62 14.74 -28.76
C ARG F 46 -18.89 14.97 -29.58
N LEU F 47 -19.77 13.98 -29.62
CA LEU F 47 -21.02 14.11 -30.37
C LEU F 47 -22.09 14.64 -29.41
N PRO F 48 -22.79 15.73 -29.79
CA PRO F 48 -23.82 16.29 -28.93
C PRO F 48 -25.09 15.44 -28.89
N SER F 49 -25.87 15.57 -27.82
CA SER F 49 -27.12 14.82 -27.76
C SER F 49 -28.11 15.83 -28.38
N THR F 50 -29.14 15.32 -29.05
CA THR F 50 -30.14 16.18 -29.70
C THR F 50 -31.55 15.63 -29.54
N PRO F 51 -32.56 16.34 -30.07
CA PRO F 51 -33.94 15.85 -29.95
C PRO F 51 -34.10 14.52 -30.69
N GLU F 52 -33.28 14.31 -31.71
CA GLU F 52 -33.31 13.09 -32.51
C GLU F 52 -32.54 11.91 -31.89
N THR F 53 -31.56 12.20 -31.03
CA THR F 53 -30.74 11.15 -30.41
C THR F 53 -31.50 9.96 -29.80
N ILE F 54 -31.03 8.77 -30.13
CA ILE F 54 -31.64 7.53 -29.66
C ILE F 54 -31.03 6.98 -28.38
N TYR F 55 -31.91 6.64 -27.43
CA TYR F 55 -31.50 6.09 -26.13
C TYR F 55 -32.33 4.85 -25.84
N GLY F 56 -31.86 4.01 -24.92
CA GLY F 56 -32.65 2.86 -24.53
C GLY F 56 -33.67 3.46 -23.59
N ILE F 57 -34.94 3.06 -23.68
CA ILE F 57 -35.96 3.63 -22.82
C ILE F 57 -36.35 2.74 -21.62
N GLY F 58 -35.73 1.57 -21.54
CA GLY F 58 -36.02 0.66 -20.45
C GLY F 58 -37.48 0.31 -20.24
N SER F 59 -37.90 0.30 -18.98
CA SER F 59 -39.25 -0.06 -18.61
C SER F 59 -40.39 0.76 -19.20
N ILE F 60 -40.07 1.82 -19.92
CA ILE F 60 -41.11 2.63 -20.55
C ILE F 60 -41.71 1.71 -21.63
N THR F 61 -40.96 0.66 -21.95
CA THR F 61 -41.37 -0.34 -22.94
C THR F 61 -42.60 -1.11 -22.43
N LYS F 62 -42.75 -1.21 -21.11
CA LYS F 62 -43.88 -1.93 -20.53
C LYS F 62 -45.22 -1.37 -21.01
N SER F 63 -45.34 -0.05 -21.07
CA SER F 63 -46.59 0.55 -21.53
C SER F 63 -46.91 0.09 -22.96
N PHE F 64 -45.88 -0.25 -23.74
CA PHE F 64 -46.08 -0.72 -25.12
C PHE F 64 -46.62 -2.14 -25.04
N THR F 65 -46.00 -2.94 -24.19
CA THR F 65 -46.42 -4.33 -23.99
C THR F 65 -47.89 -4.37 -23.57
N ALA F 66 -48.26 -3.51 -22.62
CA ALA F 66 -49.64 -3.45 -22.14
C ALA F 66 -50.58 -3.03 -23.25
N LEU F 67 -50.20 -1.99 -24.00
CA LEU F 67 -51.03 -1.52 -25.12
C LEU F 67 -51.25 -2.67 -26.11
N ALA F 68 -50.21 -3.44 -26.37
CA ALA F 68 -50.31 -4.57 -27.28
C ALA F 68 -51.31 -5.58 -26.72
N ILE F 69 -51.31 -5.76 -25.41
CA ILE F 69 -52.24 -6.68 -24.78
C ILE F 69 -53.66 -6.16 -24.93
N MET F 70 -53.83 -4.84 -24.86
CA MET F 70 -55.15 -4.23 -24.99
C MET F 70 -55.73 -4.49 -26.39
N LYS F 71 -54.89 -4.36 -27.42
CA LYS F 71 -55.33 -4.58 -28.79
C LYS F 71 -55.81 -6.03 -28.95
N LEU F 72 -55.06 -6.97 -28.41
CA LEU F 72 -55.44 -8.39 -28.49
C LEU F 72 -56.75 -8.68 -27.74
N VAL F 73 -56.93 -8.04 -26.60
CA VAL F 73 -58.18 -8.22 -25.83
C VAL F 73 -59.36 -7.71 -26.65
N GLU F 74 -59.25 -6.45 -27.09
CA GLU F 74 -60.31 -5.84 -27.89
C GLU F 74 -60.68 -6.71 -29.09
N GLU F 75 -59.73 -7.48 -29.60
CA GLU F 75 -59.99 -8.34 -30.74
C GLU F 75 -60.52 -9.73 -30.36
N GLY F 76 -60.67 -9.97 -29.07
CA GLY F 76 -61.17 -11.25 -28.62
C GLY F 76 -60.14 -12.36 -28.64
N GLY F 77 -58.87 -11.99 -28.78
CA GLY F 77 -57.81 -12.99 -28.81
C GLY F 77 -57.56 -13.64 -27.46
N LEU F 78 -57.93 -12.94 -26.40
CA LEU F 78 -57.76 -13.44 -25.04
C LEU F 78 -58.45 -12.50 -24.05
N SER F 79 -58.57 -12.93 -22.80
CA SER F 79 -59.22 -12.12 -21.76
C SER F 79 -58.25 -11.74 -20.66
N LEU F 80 -58.51 -10.61 -20.01
CA LEU F 80 -57.65 -10.14 -18.92
C LEU F 80 -57.74 -11.05 -17.71
N ASP F 81 -58.79 -11.87 -17.64
CA ASP F 81 -58.95 -12.80 -16.53
C ASP F 81 -58.45 -14.21 -16.83
N ASP F 82 -57.97 -14.42 -18.05
CA ASP F 82 -57.43 -15.72 -18.45
C ASP F 82 -56.20 -16.10 -17.64
N PRO F 83 -56.11 -17.37 -17.21
CA PRO F 83 -54.93 -17.76 -16.43
C PRO F 83 -53.74 -17.75 -17.40
N VAL F 84 -52.57 -17.28 -16.95
CA VAL F 84 -51.42 -17.23 -17.85
C VAL F 84 -50.98 -18.65 -18.22
N GLU F 85 -51.31 -19.62 -17.37
CA GLU F 85 -50.94 -21.01 -17.63
C GLU F 85 -51.59 -21.49 -18.93
N LYS F 86 -52.71 -20.86 -19.28
CA LYS F 86 -53.43 -21.17 -20.50
C LYS F 86 -52.62 -20.86 -21.75
N PHE F 87 -51.73 -19.87 -21.64
CA PHE F 87 -50.92 -19.46 -22.78
C PHE F 87 -49.45 -19.87 -22.69
N VAL F 88 -48.91 -19.83 -21.48
CA VAL F 88 -47.51 -20.17 -21.25
C VAL F 88 -47.32 -21.49 -20.50
N ASN F 89 -46.35 -22.27 -20.96
CA ASN F 89 -46.06 -23.56 -20.35
C ASN F 89 -45.18 -23.41 -19.09
N ILE F 90 -45.78 -22.85 -18.05
CA ILE F 90 -45.08 -22.62 -16.79
C ILE F 90 -46.08 -22.72 -15.64
N LYS F 91 -45.59 -23.04 -14.44
CA LYS F 91 -46.45 -23.16 -13.27
C LYS F 91 -46.66 -21.81 -12.59
N LEU F 92 -47.87 -21.27 -12.71
CA LEU F 92 -48.18 -19.98 -12.09
C LEU F 92 -49.54 -19.99 -11.39
N ARG F 93 -49.60 -20.70 -10.25
CA ARG F 93 -50.83 -20.78 -9.48
C ARG F 93 -50.44 -20.88 -8.00
N PRO F 94 -49.69 -19.88 -7.50
CA PRO F 94 -49.26 -19.85 -6.11
C PRO F 94 -50.39 -19.94 -5.09
N PHE F 95 -50.21 -20.80 -4.09
CA PHE F 95 -51.19 -21.02 -3.04
C PHE F 95 -52.52 -21.49 -3.61
N GLY F 96 -52.46 -22.12 -4.78
CA GLY F 96 -53.67 -22.63 -5.41
C GLY F 96 -54.42 -21.63 -6.25
N GLU F 97 -54.10 -20.34 -6.11
CA GLU F 97 -54.79 -19.29 -6.86
C GLU F 97 -54.10 -18.91 -8.17
N PRO F 98 -54.86 -18.88 -9.28
CA PRO F 98 -54.37 -18.55 -10.61
C PRO F 98 -53.89 -17.12 -10.85
N VAL F 99 -52.74 -16.99 -11.49
CA VAL F 99 -52.18 -15.70 -11.84
C VAL F 99 -52.76 -15.43 -13.22
N THR F 100 -53.49 -14.32 -13.35
CA THR F 100 -54.13 -13.96 -14.61
C THR F 100 -53.30 -12.92 -15.37
N VAL F 101 -53.71 -12.62 -16.60
CA VAL F 101 -53.02 -11.62 -17.41
C VAL F 101 -53.05 -10.30 -16.63
N HIS F 102 -54.21 -10.01 -16.04
CA HIS F 102 -54.43 -8.80 -15.26
C HIS F 102 -53.38 -8.68 -14.15
N HIS F 103 -53.09 -9.79 -13.48
CA HIS F 103 -52.11 -9.81 -12.39
C HIS F 103 -50.70 -9.46 -12.86
N LEU F 104 -50.32 -9.99 -14.02
CA LEU F 104 -49.00 -9.73 -14.58
C LEU F 104 -48.87 -8.26 -14.95
N LEU F 105 -49.92 -7.74 -15.58
CA LEU F 105 -50.00 -6.36 -16.01
C LEU F 105 -49.86 -5.38 -14.84
N THR F 106 -50.40 -5.76 -13.69
CA THR F 106 -50.38 -4.91 -12.50
C THR F 106 -49.34 -5.28 -11.43
N HIS F 107 -48.44 -6.19 -11.74
CA HIS F 107 -47.42 -6.63 -10.80
C HIS F 107 -48.04 -7.12 -9.49
N SER F 108 -49.11 -7.90 -9.61
CA SER F 108 -49.80 -8.40 -8.42
C SER F 108 -49.92 -9.91 -8.31
N SER F 109 -49.17 -10.65 -9.13
CA SER F 109 -49.25 -12.11 -9.11
C SER F 109 -48.97 -12.68 -7.73
N GLY F 110 -48.31 -11.89 -6.88
CA GLY F 110 -47.98 -12.33 -5.55
C GLY F 110 -46.52 -12.78 -5.47
N ILE F 111 -45.81 -12.63 -6.58
CA ILE F 111 -44.41 -13.05 -6.67
C ILE F 111 -43.44 -11.89 -6.63
N PRO F 112 -42.55 -11.86 -5.62
CA PRO F 112 -41.58 -10.78 -5.51
C PRO F 112 -40.54 -10.88 -6.63
N SER F 113 -39.85 -9.78 -6.88
CA SER F 113 -38.85 -9.72 -7.93
C SER F 113 -37.85 -10.87 -7.86
N LEU F 114 -37.47 -11.37 -9.03
CA LEU F 114 -36.52 -12.45 -9.13
C LEU F 114 -35.11 -11.86 -9.20
N GLY F 115 -35.03 -10.55 -9.39
CA GLY F 115 -33.74 -9.87 -9.49
C GLY F 115 -32.99 -10.26 -10.74
N TYR F 116 -33.72 -10.74 -11.75
CA TYR F 116 -33.09 -11.17 -12.99
C TYR F 116 -32.46 -10.02 -13.78
N ALA F 117 -33.21 -8.94 -13.96
CA ALA F 117 -32.70 -7.80 -14.71
C ALA F 117 -31.51 -7.18 -13.99
N GLU F 118 -31.56 -7.15 -12.67
CA GLU F 118 -30.48 -6.58 -11.87
C GLU F 118 -29.16 -7.31 -12.09
N ALA F 119 -29.20 -8.64 -11.99
CA ALA F 119 -28.02 -9.47 -12.18
C ALA F 119 -27.50 -9.45 -13.63
N PHE F 120 -28.42 -9.46 -14.59
CA PHE F 120 -28.08 -9.44 -16.01
C PHE F 120 -27.32 -8.17 -16.42
N ILE F 121 -27.87 -7.02 -16.05
CA ILE F 121 -27.26 -5.74 -16.41
C ILE F 121 -25.97 -5.47 -15.65
N ASP F 122 -25.93 -5.82 -14.37
CA ASP F 122 -24.71 -5.62 -13.60
C ASP F 122 -23.60 -6.43 -14.26
N GLY F 123 -23.94 -7.62 -14.70
CA GLY F 123 -22.97 -8.48 -15.36
C GLY F 123 -22.51 -7.90 -16.69
N MET F 124 -23.43 -7.36 -17.46
CA MET F 124 -23.11 -6.78 -18.77
C MET F 124 -22.33 -5.48 -18.66
N VAL F 125 -22.21 -4.94 -17.46
CA VAL F 125 -21.46 -3.70 -17.27
C VAL F 125 -20.16 -3.88 -16.48
N GLY F 126 -19.70 -5.12 -16.36
CA GLY F 126 -18.47 -5.40 -15.65
C GLY F 126 -18.59 -5.62 -14.15
N GLY F 127 -19.82 -5.76 -13.67
CA GLY F 127 -20.04 -5.98 -12.26
C GLY F 127 -19.77 -7.41 -11.83
N ASP F 128 -20.14 -7.72 -10.59
CA ASP F 128 -19.96 -9.04 -10.00
C ASP F 128 -20.95 -10.08 -10.49
N ASN F 129 -22.24 -9.74 -10.41
CA ASN F 129 -23.29 -10.66 -10.82
C ASN F 129 -23.07 -11.15 -12.25
N TRP F 130 -23.91 -12.11 -12.64
CA TRP F 130 -23.86 -12.69 -13.99
C TRP F 130 -25.07 -13.58 -14.22
N LEU F 131 -25.87 -13.22 -15.22
CA LEU F 131 -27.06 -13.97 -15.61
C LEU F 131 -27.16 -13.76 -17.11
N PRO F 132 -26.46 -14.58 -17.90
CA PRO F 132 -26.42 -14.51 -19.36
C PRO F 132 -27.69 -14.91 -20.12
N VAL F 133 -28.78 -14.18 -19.92
CA VAL F 133 -30.03 -14.47 -20.62
C VAL F 133 -30.15 -13.55 -21.84
N SER F 134 -29.53 -13.99 -22.94
CA SER F 134 -29.52 -13.23 -24.18
C SER F 134 -30.86 -13.27 -24.91
N THR F 135 -31.75 -14.14 -24.45
CA THR F 135 -33.07 -14.32 -25.04
C THR F 135 -34.15 -14.43 -23.97
N PRO F 136 -35.37 -13.94 -24.24
CA PRO F 136 -36.47 -14.00 -23.28
C PRO F 136 -36.79 -15.45 -22.90
N GLU F 137 -36.65 -16.35 -23.86
CA GLU F 137 -36.91 -17.77 -23.62
C GLU F 137 -36.00 -18.32 -22.53
N GLU F 138 -34.77 -17.81 -22.46
CA GLU F 138 -33.83 -18.27 -21.44
C GLU F 138 -34.23 -17.70 -20.07
N THR F 139 -34.75 -16.47 -20.06
CA THR F 139 -35.19 -15.86 -18.82
C THR F 139 -36.35 -16.69 -18.27
N ILE F 140 -37.24 -17.10 -19.17
CA ILE F 140 -38.38 -17.91 -18.78
C ILE F 140 -37.87 -19.23 -18.21
N ALA F 141 -36.91 -19.86 -18.87
CA ALA F 141 -36.33 -21.11 -18.41
C ALA F 141 -35.77 -20.91 -17.00
N PHE F 142 -35.02 -19.83 -16.82
CA PHE F 142 -34.43 -19.50 -15.54
C PHE F 142 -35.52 -19.27 -14.49
N ALA F 143 -36.70 -18.82 -14.93
CA ALA F 143 -37.81 -18.54 -14.03
C ALA F 143 -38.75 -19.73 -13.81
N ARG F 144 -38.31 -20.93 -14.19
CA ARG F 144 -39.15 -22.12 -14.06
C ARG F 144 -39.78 -22.32 -12.69
N ASP F 145 -39.04 -22.00 -11.63
CA ASP F 145 -39.54 -22.18 -10.27
C ASP F 145 -40.02 -20.90 -9.58
N MET F 146 -40.37 -19.88 -10.36
CA MET F 146 -40.80 -18.61 -9.77
C MET F 146 -42.03 -18.72 -8.87
N GLU F 147 -42.85 -19.73 -9.11
CA GLU F 147 -44.07 -19.95 -8.32
C GLU F 147 -43.75 -20.24 -6.85
N LYS F 148 -42.65 -20.94 -6.62
CA LYS F 148 -42.23 -21.30 -5.27
C LYS F 148 -41.74 -20.08 -4.49
N TRP F 149 -41.51 -18.99 -5.21
CA TRP F 149 -41.01 -17.75 -4.65
C TRP F 149 -42.10 -16.84 -4.10
N ALA F 150 -43.35 -17.12 -4.45
CA ALA F 150 -44.48 -16.29 -4.00
C ALA F 150 -44.60 -16.18 -2.49
N VAL F 151 -45.11 -15.04 -2.01
CA VAL F 151 -45.30 -14.81 -0.59
C VAL F 151 -46.69 -14.22 -0.35
N ALA F 152 -47.52 -14.22 -1.39
CA ALA F 152 -48.86 -13.68 -1.27
C ALA F 152 -49.77 -14.23 -2.37
N LYS F 153 -51.07 -14.26 -2.10
CA LYS F 153 -52.02 -14.73 -3.10
C LYS F 153 -52.18 -13.62 -4.14
N PRO F 154 -52.43 -14.01 -5.41
CA PRO F 154 -52.60 -13.06 -6.50
C PRO F 154 -53.63 -11.98 -6.19
N GLY F 155 -53.30 -10.74 -6.51
CA GLY F 155 -54.21 -9.64 -6.30
C GLY F 155 -54.17 -8.91 -4.97
N GLU F 156 -53.42 -9.40 -3.99
CA GLU F 156 -53.41 -8.69 -2.72
C GLU F 156 -52.23 -7.77 -2.46
N ARG F 157 -51.09 -8.03 -3.09
CA ARG F 157 -49.92 -7.18 -2.90
C ARG F 157 -49.18 -6.84 -4.20
N PHE F 158 -48.46 -5.72 -4.17
CA PHE F 158 -47.71 -5.24 -5.34
C PHE F 158 -46.20 -5.48 -5.17
N PHE F 159 -45.60 -6.10 -6.17
CA PHE F 159 -44.17 -6.37 -6.20
C PHE F 159 -43.70 -6.19 -7.65
N TYR F 160 -42.97 -5.11 -7.93
CA TYR F 160 -42.48 -4.87 -9.29
C TYR F 160 -41.69 -6.09 -9.77
N LEU F 161 -42.22 -6.75 -10.81
CA LEU F 161 -41.62 -7.97 -11.36
C LEU F 161 -41.38 -7.90 -12.87
N ASN F 162 -40.13 -7.73 -13.28
CA ASN F 162 -39.80 -7.66 -14.72
C ASN F 162 -40.18 -8.95 -15.46
N THR F 163 -40.05 -10.09 -14.77
CA THR F 163 -40.39 -11.38 -15.35
C THR F 163 -41.85 -11.39 -15.80
N GLY F 164 -42.69 -10.67 -15.06
CA GLY F 164 -44.09 -10.60 -15.41
C GLY F 164 -44.32 -10.11 -16.82
N TYR F 165 -43.63 -9.03 -17.22
CA TYR F 165 -43.77 -8.50 -18.56
C TYR F 165 -43.04 -9.34 -19.61
N VAL F 166 -42.09 -10.17 -19.16
CA VAL F 166 -41.39 -11.05 -20.07
C VAL F 166 -42.41 -12.11 -20.49
N LEU F 167 -43.27 -12.48 -19.54
CA LEU F 167 -44.32 -13.47 -19.78
C LEU F 167 -45.39 -12.87 -20.70
N LEU F 168 -45.80 -11.64 -20.41
CA LEU F 168 -46.80 -10.97 -21.24
C LEU F 168 -46.30 -10.95 -22.67
N GLY F 169 -44.99 -10.79 -22.83
CA GLY F 169 -44.41 -10.78 -24.17
C GLY F 169 -44.62 -12.12 -24.81
N LYS F 170 -44.37 -13.18 -24.05
CA LYS F 170 -44.54 -14.53 -24.58
C LYS F 170 -46.01 -14.77 -24.90
N ILE F 171 -46.90 -14.22 -24.09
CA ILE F 171 -48.34 -14.37 -24.29
C ILE F 171 -48.76 -13.71 -25.61
N ILE F 172 -48.13 -12.58 -25.91
CA ILE F 172 -48.41 -11.84 -27.12
C ILE F 172 -48.03 -12.62 -28.37
N GLU F 173 -46.96 -13.40 -28.28
CA GLU F 173 -46.52 -14.21 -29.41
C GLU F 173 -47.44 -15.41 -29.63
N LYS F 174 -47.97 -15.92 -28.52
CA LYS F 174 -48.85 -17.07 -28.60
C LYS F 174 -50.14 -16.71 -29.33
N VAL F 175 -50.81 -15.67 -28.86
CA VAL F 175 -52.08 -15.21 -29.44
C VAL F 175 -51.98 -14.56 -30.81
N SER F 176 -50.89 -13.86 -31.10
CA SER F 176 -50.75 -13.19 -32.40
C SER F 176 -50.14 -14.08 -33.47
N GLY F 177 -49.27 -15.00 -33.08
CA GLY F 177 -48.64 -15.87 -34.06
C GLY F 177 -47.35 -15.29 -34.62
N VAL F 178 -46.94 -14.13 -34.10
CA VAL F 178 -45.69 -13.51 -34.55
C VAL F 178 -44.85 -13.12 -33.34
N SER F 179 -43.59 -12.78 -33.58
CA SER F 179 -42.69 -12.39 -32.51
C SER F 179 -43.21 -11.15 -31.81
N TYR F 180 -42.79 -10.94 -30.58
CA TYR F 180 -43.19 -9.76 -29.81
C TYR F 180 -42.73 -8.49 -30.53
N GLU F 181 -41.51 -8.49 -31.06
CA GLU F 181 -40.99 -7.32 -31.74
C GLU F 181 -41.70 -6.95 -33.04
N GLU F 182 -42.03 -7.95 -33.85
CA GLU F 182 -42.72 -7.69 -35.11
C GLU F 182 -44.10 -7.11 -34.84
N TYR F 183 -44.73 -7.59 -33.76
CA TYR F 183 -46.06 -7.15 -33.38
C TYR F 183 -46.03 -5.69 -32.98
N ILE F 184 -45.21 -5.36 -31.99
CA ILE F 184 -45.10 -3.97 -31.53
C ILE F 184 -44.81 -3.06 -32.74
N LYS F 185 -43.94 -3.54 -33.61
CA LYS F 185 -43.53 -2.80 -34.80
C LYS F 185 -44.64 -2.58 -35.83
N LYS F 186 -45.34 -3.66 -36.21
CA LYS F 186 -46.40 -3.54 -37.20
C LYS F 186 -47.68 -2.92 -36.64
N LYS F 187 -48.05 -3.31 -35.42
CA LYS F 187 -49.27 -2.85 -34.78
C LYS F 187 -49.21 -1.55 -33.96
N ILE F 188 -48.03 -1.03 -33.67
CA ILE F 188 -47.92 0.19 -32.87
C ILE F 188 -46.97 1.25 -33.46
N LEU F 189 -45.68 0.92 -33.52
CA LEU F 189 -44.67 1.84 -34.03
C LEU F 189 -45.01 2.40 -35.42
N GLU F 190 -45.12 1.54 -36.43
CA GLU F 190 -45.43 1.96 -37.79
C GLU F 190 -46.70 2.83 -37.89
N PRO F 191 -47.83 2.31 -37.39
CA PRO F 191 -49.07 3.10 -37.46
C PRO F 191 -48.98 4.44 -36.73
N LEU F 192 -48.05 4.55 -35.79
CA LEU F 192 -47.90 5.79 -35.03
C LEU F 192 -46.89 6.71 -35.69
N GLY F 193 -46.21 6.21 -36.72
CA GLY F 193 -45.22 7.02 -37.40
C GLY F 193 -43.91 7.06 -36.62
N MET F 194 -43.73 6.10 -35.70
CA MET F 194 -42.51 6.02 -34.89
C MET F 194 -41.49 5.16 -35.63
N ASN F 195 -40.82 5.78 -36.60
CA ASN F 195 -39.86 5.08 -37.42
C ASN F 195 -38.42 5.07 -36.93
N ARG F 196 -38.16 5.70 -35.79
CA ARG F 196 -36.82 5.69 -35.22
C ARG F 196 -36.83 5.07 -33.83
N SER F 197 -37.68 4.05 -33.68
CA SER F 197 -37.81 3.30 -32.44
C SER F 197 -37.47 1.86 -32.82
N TYR F 198 -36.37 1.34 -32.26
CA TYR F 198 -35.89 -0.01 -32.60
C TYR F 198 -35.79 -1.03 -31.46
N PHE F 199 -35.43 -2.25 -31.86
CA PHE F 199 -35.22 -3.38 -30.95
C PHE F 199 -33.87 -4.02 -31.29
N PHE F 200 -33.61 -4.17 -32.59
CA PHE F 200 -32.39 -4.82 -33.07
C PHE F 200 -31.19 -3.91 -33.33
N LYS F 201 -30.03 -4.34 -32.86
CA LYS F 201 -28.80 -3.58 -33.03
C LYS F 201 -28.54 -3.31 -34.51
N GLU F 202 -28.88 -4.29 -35.36
CA GLU F 202 -28.70 -4.13 -36.79
C GLU F 202 -29.36 -2.83 -37.25
N GLU F 203 -30.56 -2.57 -36.71
CA GLU F 203 -31.29 -1.36 -37.05
C GLU F 203 -30.63 -0.12 -36.44
N VAL F 204 -30.23 -0.24 -35.17
CA VAL F 204 -29.62 0.88 -34.47
C VAL F 204 -28.26 1.35 -35.02
N GLU F 205 -27.41 0.40 -35.43
CA GLU F 205 -26.10 0.79 -35.95
C GLU F 205 -26.14 1.47 -37.31
N LYS F 206 -27.31 1.50 -37.93
CA LYS F 206 -27.47 2.15 -39.21
C LYS F 206 -27.85 3.63 -39.00
N ASP F 207 -28.50 3.90 -37.87
CA ASP F 207 -28.93 5.25 -37.54
C ASP F 207 -27.72 6.11 -37.21
N LYS F 208 -27.73 7.36 -37.67
CA LYS F 208 -26.60 8.27 -37.44
C LYS F 208 -26.61 9.07 -36.13
N ASP F 209 -27.73 9.08 -35.42
CA ASP F 209 -27.81 9.83 -34.17
C ASP F 209 -28.21 8.92 -33.02
N VAL F 210 -27.22 8.25 -32.45
CA VAL F 210 -27.43 7.32 -31.35
C VAL F 210 -26.49 7.66 -30.20
N ALA F 211 -26.99 7.53 -28.97
CA ALA F 211 -26.19 7.82 -27.80
C ALA F 211 -25.47 6.58 -27.26
N MET F 212 -24.25 6.80 -26.78
CA MET F 212 -23.46 5.74 -26.17
C MET F 212 -23.88 5.79 -24.70
N GLY F 213 -23.98 4.62 -24.06
CA GLY F 213 -24.36 4.58 -22.65
C GLY F 213 -23.16 4.74 -21.75
N TYR F 214 -23.36 5.19 -20.52
CA TYR F 214 -22.26 5.39 -19.58
C TYR F 214 -22.57 4.99 -18.14
N ILE F 215 -21.54 4.49 -17.47
CA ILE F 215 -21.64 4.10 -16.06
C ILE F 215 -20.53 4.81 -15.28
N LEU F 216 -20.88 5.31 -14.12
CA LEU F 216 -19.94 6.01 -13.27
C LEU F 216 -19.32 4.99 -12.31
N ASP F 217 -18.01 4.77 -12.43
CA ASP F 217 -17.32 3.81 -11.58
C ASP F 217 -17.01 4.40 -10.20
N LYS F 218 -16.27 3.67 -9.36
CA LYS F 218 -15.97 4.13 -8.01
C LYS F 218 -14.99 5.30 -7.93
N GLU F 219 -14.23 5.51 -8.99
CA GLU F 219 -13.27 6.60 -9.06
C GLU F 219 -13.94 7.89 -9.56
N GLY F 220 -15.16 7.76 -10.09
CA GLY F 220 -15.88 8.93 -10.56
C GLY F 220 -15.67 9.16 -12.04
N ARG F 221 -15.26 8.12 -12.75
CA ARG F 221 -15.03 8.22 -14.18
C ARG F 221 -16.18 7.61 -14.99
N LEU F 222 -16.53 8.27 -16.09
CA LEU F 222 -17.60 7.83 -16.96
C LEU F 222 -17.07 6.79 -17.92
N VAL F 223 -17.55 5.56 -17.76
CA VAL F 223 -17.14 4.44 -18.59
C VAL F 223 -18.25 4.10 -19.60
N PRO F 224 -17.93 4.13 -20.89
CA PRO F 224 -18.93 3.82 -21.92
C PRO F 224 -19.36 2.35 -21.87
N GLN F 225 -20.66 2.11 -22.08
CA GLN F 225 -21.23 0.77 -22.07
C GLN F 225 -22.36 0.69 -23.08
N PRO F 226 -22.24 -0.21 -24.08
CA PRO F 226 -23.28 -0.37 -25.11
C PRO F 226 -24.57 -0.92 -24.51
N PHE F 227 -25.68 -0.74 -25.23
CA PHE F 227 -26.98 -1.26 -24.81
C PHE F 227 -26.86 -2.77 -24.64
N PRO F 228 -27.45 -3.35 -23.57
CA PRO F 228 -27.38 -4.79 -23.34
C PRO F 228 -28.46 -5.54 -24.12
N TYR F 229 -28.29 -5.61 -25.44
CA TYR F 229 -29.26 -6.31 -26.28
C TYR F 229 -29.58 -7.70 -25.75
N GLY F 230 -30.86 -8.05 -25.79
CA GLY F 230 -31.30 -9.35 -25.31
C GLY F 230 -32.62 -9.22 -24.59
N ILE F 231 -32.80 -8.12 -23.87
CA ILE F 231 -34.01 -7.84 -23.10
C ILE F 231 -35.10 -7.33 -24.05
N THR F 232 -36.36 -7.72 -23.86
CA THR F 232 -37.39 -7.25 -24.79
C THR F 232 -38.70 -6.64 -24.26
N ALA F 233 -39.69 -7.47 -23.93
CA ALA F 233 -40.99 -6.96 -23.48
C ALA F 233 -41.01 -6.21 -22.15
N ASP F 234 -39.95 -6.30 -21.36
CA ASP F 234 -39.92 -5.61 -20.10
C ASP F 234 -39.16 -4.28 -20.17
N GLY F 235 -38.35 -4.12 -21.21
CA GLY F 235 -37.60 -2.88 -21.37
C GLY F 235 -36.48 -2.90 -22.39
N GLY F 236 -36.72 -3.44 -23.57
CA GLY F 236 -35.69 -3.49 -24.59
C GLY F 236 -35.78 -2.52 -25.76
N LEU F 237 -36.78 -1.64 -25.76
CA LEU F 237 -36.95 -0.71 -26.87
C LEU F 237 -36.02 0.50 -26.79
N LEU F 238 -35.57 0.97 -27.95
CA LEU F 238 -34.71 2.14 -28.02
C LEU F 238 -35.47 3.20 -28.83
N SER F 239 -35.46 4.44 -28.36
CA SER F 239 -36.18 5.49 -29.07
C SER F 239 -35.58 6.88 -28.83
N SER F 240 -36.31 7.91 -29.23
CA SER F 240 -35.87 9.30 -29.04
C SER F 240 -37.06 10.04 -28.44
N VAL F 241 -36.84 11.26 -27.98
CA VAL F 241 -37.94 12.01 -27.38
C VAL F 241 -38.95 12.52 -28.42
N LEU F 242 -38.54 12.58 -29.69
CA LEU F 242 -39.43 13.03 -30.75
C LEU F 242 -40.41 11.91 -31.07
N ASP F 243 -39.91 10.67 -31.08
CA ASP F 243 -40.74 9.49 -31.32
C ASP F 243 -41.69 9.27 -30.12
N LEU F 244 -41.13 9.38 -28.91
CA LEU F 244 -41.94 9.19 -27.72
C LEU F 244 -42.98 10.29 -27.61
N ALA F 245 -42.79 11.39 -28.33
CA ALA F 245 -43.74 12.49 -28.32
C ALA F 245 -44.99 12.06 -29.09
N LYS F 246 -44.78 11.35 -30.19
CA LYS F 246 -45.88 10.86 -31.03
C LYS F 246 -46.68 9.85 -30.22
N TYR F 247 -45.96 9.12 -29.37
CA TYR F 247 -46.54 8.09 -28.52
C TYR F 247 -47.44 8.72 -27.46
N LEU F 248 -46.95 9.77 -26.80
CA LEU F 248 -47.72 10.46 -25.77
C LEU F 248 -48.96 11.12 -26.37
N LYS F 249 -48.81 11.71 -27.55
CA LYS F 249 -49.91 12.38 -28.25
C LYS F 249 -51.09 11.41 -28.38
N MET F 250 -50.83 10.15 -28.72
CA MET F 250 -51.91 9.17 -28.84
C MET F 250 -52.67 9.07 -27.53
N TYR F 251 -51.95 8.94 -26.42
CA TYR F 251 -52.58 8.82 -25.12
C TYR F 251 -53.35 10.08 -24.70
N ILE F 252 -52.70 11.23 -24.81
CA ILE F 252 -53.30 12.52 -24.41
C ILE F 252 -54.63 12.88 -25.06
N GLU F 253 -54.75 12.69 -26.36
CA GLU F 253 -56.01 13.04 -27.02
C GLU F 253 -56.84 11.81 -27.34
N ARG F 254 -56.53 10.71 -26.66
CA ARG F 254 -57.26 9.46 -26.84
C ARG F 254 -57.43 9.03 -28.29
N ASP F 255 -56.37 9.21 -29.08
CA ASP F 255 -56.40 8.80 -30.48
C ASP F 255 -56.71 7.30 -30.50
N GLU F 256 -57.56 6.87 -31.42
CA GLU F 256 -57.95 5.46 -31.52
C GLU F 256 -57.33 4.73 -32.72
N SER F 257 -56.12 5.10 -33.08
CA SER F 257 -55.42 4.47 -34.20
C SER F 257 -55.06 3.03 -33.91
N ILE F 258 -54.84 2.71 -32.64
CA ILE F 258 -54.46 1.35 -32.27
C ILE F 258 -55.48 0.61 -31.40
N VAL F 259 -56.08 1.31 -30.43
CA VAL F 259 -57.10 0.72 -29.56
C VAL F 259 -58.18 1.76 -29.27
N SER F 260 -59.39 1.29 -28.97
CA SER F 260 -60.51 2.18 -28.66
C SER F 260 -60.22 2.93 -27.36
N LYS F 261 -60.78 4.13 -27.22
CA LYS F 261 -60.56 4.96 -26.05
C LYS F 261 -60.87 4.26 -24.72
N GLU F 262 -61.82 3.33 -24.74
CA GLU F 262 -62.18 2.59 -23.53
C GLU F 262 -61.00 1.79 -23.00
N TYR F 263 -60.13 1.33 -23.89
CA TYR F 263 -58.97 0.55 -23.48
C TYR F 263 -57.87 1.41 -22.89
N ILE F 264 -57.73 2.64 -23.37
CA ILE F 264 -56.73 3.54 -22.85
C ILE F 264 -57.15 3.88 -21.42
N GLU F 265 -58.45 4.06 -21.22
CA GLU F 265 -58.98 4.38 -19.89
C GLU F 265 -58.67 3.23 -18.93
N LYS F 266 -58.68 2.00 -19.45
CA LYS F 266 -58.38 0.83 -18.65
C LYS F 266 -56.94 0.87 -18.14
N MET F 267 -56.02 1.28 -19.02
CA MET F 267 -54.61 1.37 -18.68
C MET F 267 -54.31 2.47 -17.67
N GLU F 268 -55.08 3.56 -17.69
CA GLU F 268 -54.85 4.67 -16.76
C GLU F 268 -55.60 4.50 -15.44
N THR F 269 -56.14 3.30 -15.21
CA THR F 269 -56.89 3.03 -13.99
C THR F 269 -55.99 2.46 -12.90
N SER F 270 -56.04 3.07 -11.71
CA SER F 270 -55.23 2.57 -10.60
C SER F 270 -55.90 1.33 -10.02
N TYR F 271 -55.25 0.18 -10.16
CA TYR F 271 -55.78 -1.08 -9.68
C TYR F 271 -55.22 -1.50 -8.34
N ILE F 272 -54.01 -1.06 -8.06
CA ILE F 272 -53.37 -1.43 -6.81
C ILE F 272 -52.41 -0.33 -6.39
N LYS F 273 -52.27 -0.16 -5.08
CA LYS F 273 -51.41 0.85 -4.48
C LYS F 273 -49.96 0.40 -4.50
N VAL F 274 -49.04 1.33 -4.74
CA VAL F 274 -47.62 1.02 -4.76
C VAL F 274 -46.94 1.61 -3.52
N PRO F 275 -45.80 1.02 -3.10
CA PRO F 275 -45.02 1.44 -1.92
C PRO F 275 -44.35 2.80 -1.97
N TRP F 276 -44.08 3.32 -3.17
CA TRP F 276 -43.43 4.62 -3.28
C TRP F 276 -44.39 5.80 -3.41
N GLU F 277 -44.97 6.18 -2.28
CA GLU F 277 -45.90 7.30 -2.23
C GLU F 277 -45.13 8.62 -2.29
N ILE F 278 -45.28 9.36 -3.39
CA ILE F 278 -44.58 10.62 -3.56
C ILE F 278 -45.48 11.80 -3.22
N PHE F 279 -46.63 11.88 -3.89
CA PHE F 279 -47.59 12.96 -3.66
C PHE F 279 -48.79 12.46 -2.85
N GLY F 280 -49.05 11.16 -2.94
CA GLY F 280 -50.16 10.58 -2.20
C GLY F 280 -51.08 9.69 -3.01
N GLY F 281 -51.31 8.47 -2.52
CA GLY F 281 -52.21 7.53 -3.18
C GLY F 281 -51.73 6.92 -4.50
N GLU F 282 -50.43 7.01 -4.77
CA GLU F 282 -49.86 6.47 -6.01
C GLU F 282 -50.21 5.00 -6.24
N GLY F 283 -50.63 4.67 -7.46
CA GLY F 283 -50.98 3.31 -7.80
C GLY F 283 -50.40 2.87 -9.13
N TYR F 284 -50.77 1.67 -9.57
CA TYR F 284 -50.29 1.13 -10.85
C TYR F 284 -51.47 0.70 -11.72
N GLY F 285 -51.43 1.08 -13.00
CA GLY F 285 -52.47 0.71 -13.92
C GLY F 285 -51.95 -0.41 -14.81
N TYR F 286 -51.99 -0.22 -16.12
CA TYR F 286 -51.48 -1.23 -17.05
C TYR F 286 -50.19 -0.70 -17.71
N GLY F 287 -49.05 -1.01 -17.10
CA GLY F 287 -47.77 -0.57 -17.62
C GLY F 287 -47.53 0.90 -17.42
N LEU F 288 -48.26 1.49 -16.47
CA LEU F 288 -48.18 2.92 -16.18
C LEU F 288 -48.42 3.20 -14.69
N ILE F 289 -47.72 4.18 -14.15
CA ILE F 289 -47.89 4.56 -12.74
C ILE F 289 -48.93 5.70 -12.75
N ILE F 290 -49.81 5.67 -11.75
CA ILE F 290 -50.87 6.66 -11.62
C ILE F 290 -50.63 7.52 -10.37
N TYR F 291 -50.54 8.84 -10.57
CA TYR F 291 -50.34 9.78 -9.47
C TYR F 291 -51.61 10.61 -9.41
N PRO F 292 -52.57 10.23 -8.55
CA PRO F 292 -53.84 10.95 -8.42
C PRO F 292 -53.77 12.36 -7.84
N ASN F 293 -52.75 12.65 -7.05
CA ASN F 293 -52.62 13.97 -6.44
C ASN F 293 -51.40 14.74 -6.89
N PHE F 294 -51.13 14.76 -8.20
CA PHE F 294 -49.95 15.49 -8.68
C PHE F 294 -50.27 16.95 -8.94
N LEU F 295 -49.97 17.80 -7.96
CA LEU F 295 -50.21 19.23 -8.09
C LEU F 295 -51.63 19.57 -8.54
N GLY F 296 -52.60 18.82 -8.04
CA GLY F 296 -53.99 19.08 -8.40
C GLY F 296 -54.48 18.36 -9.65
N GLU F 297 -53.60 17.62 -10.31
CA GLU F 297 -53.98 16.90 -11.51
C GLU F 297 -53.66 15.42 -11.37
N LYS F 298 -54.24 14.61 -12.25
CA LYS F 298 -53.95 13.18 -12.27
C LYS F 298 -52.85 12.99 -13.31
N LEU F 299 -51.70 12.50 -12.86
CA LEU F 299 -50.55 12.28 -13.73
C LEU F 299 -50.39 10.79 -14.04
N VAL F 300 -50.06 10.48 -15.29
CA VAL F 300 -49.85 9.11 -15.71
C VAL F 300 -48.47 9.01 -16.34
N GLY F 301 -47.67 8.06 -15.88
CA GLY F 301 -46.34 7.90 -16.43
C GLY F 301 -45.55 6.69 -15.95
N HIS F 302 -44.33 6.56 -16.46
CA HIS F 302 -43.47 5.45 -16.10
C HIS F 302 -42.01 5.82 -16.37
N SER F 303 -41.12 5.30 -15.55
CA SER F 303 -39.70 5.55 -15.69
C SER F 303 -39.05 4.34 -16.36
N GLY F 304 -37.77 4.47 -16.67
CA GLY F 304 -37.06 3.37 -17.29
C GLY F 304 -35.58 3.37 -16.98
N SER F 305 -35.00 2.18 -16.93
CA SER F 305 -33.57 2.07 -16.64
C SER F 305 -32.99 0.73 -17.07
N VAL F 306 -31.86 0.81 -17.74
CA VAL F 306 -31.15 -0.36 -18.22
C VAL F 306 -29.69 -0.21 -17.77
N GLY F 307 -29.47 0.71 -16.84
CA GLY F 307 -28.12 0.94 -16.34
C GLY F 307 -27.40 2.11 -16.96
N MET F 308 -26.98 1.96 -18.22
CA MET F 308 -26.26 3.02 -18.92
C MET F 308 -27.19 4.00 -19.64
N TYR F 309 -28.50 3.77 -19.51
CA TYR F 309 -29.55 4.61 -20.09
C TYR F 309 -30.72 4.63 -19.10
N THR F 310 -31.44 5.74 -19.07
CA THR F 310 -32.60 5.89 -18.19
C THR F 310 -33.56 6.85 -18.86
N GLY F 311 -34.83 6.78 -18.49
CA GLY F 311 -35.79 7.67 -19.09
C GLY F 311 -37.11 7.79 -18.36
N TYR F 312 -37.99 8.64 -18.88
CA TYR F 312 -39.29 8.84 -18.28
C TYR F 312 -40.25 9.52 -19.23
N ILE F 313 -41.50 9.07 -19.21
CA ILE F 313 -42.55 9.70 -20.00
C ILE F 313 -43.70 9.94 -19.03
N GLY F 314 -44.32 11.11 -19.16
CA GLY F 314 -45.42 11.45 -18.29
C GLY F 314 -46.36 12.41 -18.99
N TYR F 315 -47.66 12.20 -18.80
CA TYR F 315 -48.67 13.07 -19.40
C TYR F 315 -49.85 13.27 -18.45
N ILE F 316 -50.58 14.36 -18.66
CA ILE F 316 -51.74 14.71 -17.85
C ILE F 316 -52.91 14.95 -18.79
N PRO F 317 -53.79 13.95 -18.97
CA PRO F 317 -54.97 14.03 -19.85
C PRO F 317 -55.74 15.35 -19.75
N GLU F 318 -56.11 15.72 -18.52
CA GLU F 318 -56.86 16.95 -18.25
C GLU F 318 -56.26 18.22 -18.86
N LYS F 319 -54.94 18.41 -18.72
CA LYS F 319 -54.30 19.60 -19.25
C LYS F 319 -53.69 19.47 -20.64
N LYS F 320 -53.89 18.32 -21.27
CA LYS F 320 -53.36 18.06 -22.61
C LYS F 320 -51.84 18.31 -22.72
N ILE F 321 -51.09 17.93 -21.69
CA ILE F 321 -49.64 18.11 -21.73
C ILE F 321 -48.87 16.83 -21.42
N GLY F 322 -47.72 16.68 -22.07
CA GLY F 322 -46.89 15.50 -21.88
C GLY F 322 -45.41 15.84 -21.97
N VAL F 323 -44.59 15.06 -21.27
CA VAL F 323 -43.14 15.26 -21.27
C VAL F 323 -42.39 13.94 -21.39
N ALA F 324 -41.30 13.97 -22.17
CA ALA F 324 -40.45 12.80 -22.38
C ALA F 324 -38.99 13.18 -22.17
N VAL F 325 -38.30 12.42 -21.33
CA VAL F 325 -36.89 12.66 -21.02
C VAL F 325 -36.08 11.36 -21.17
N LEU F 326 -34.94 11.46 -21.85
CA LEU F 326 -34.05 10.31 -22.04
C LEU F 326 -32.63 10.71 -21.65
N GLU F 327 -31.94 9.83 -20.94
CA GLU F 327 -30.61 10.10 -20.44
C GLU F 327 -29.67 8.93 -20.69
N ASN F 328 -28.38 9.19 -20.91
CA ASN F 328 -27.45 8.11 -21.17
C ASN F 328 -26.52 7.73 -20.01
N SER F 329 -27.15 7.57 -18.84
CA SER F 329 -26.50 7.17 -17.60
C SER F 329 -27.60 7.24 -16.55
N SER F 330 -27.27 6.94 -15.30
CA SER F 330 -28.26 6.98 -14.21
C SER F 330 -27.91 8.14 -13.27
N GLY F 331 -27.23 9.14 -13.80
CA GLY F 331 -26.80 10.27 -13.01
C GLY F 331 -27.86 10.91 -12.15
N TYR F 332 -28.92 11.41 -12.79
CA TYR F 332 -30.01 12.06 -12.09
C TYR F 332 -31.31 11.48 -12.64
N PRO F 333 -32.28 11.19 -11.77
CA PRO F 333 -33.56 10.63 -12.22
C PRO F 333 -34.27 11.45 -13.28
N PRO F 334 -34.48 10.86 -14.47
CA PRO F 334 -35.16 11.55 -15.58
C PRO F 334 -36.55 12.03 -15.16
N SER F 335 -37.21 11.25 -14.31
CA SER F 335 -38.56 11.59 -13.85
C SER F 335 -38.58 12.93 -13.15
N TYR F 336 -37.50 13.21 -12.40
CA TYR F 336 -37.40 14.48 -11.68
C TYR F 336 -37.40 15.65 -12.66
N ILE F 337 -36.65 15.51 -13.76
CA ILE F 337 -36.59 16.55 -14.78
C ILE F 337 -37.96 16.71 -15.43
N ALA F 338 -38.56 15.60 -15.83
CA ALA F 338 -39.88 15.62 -16.46
C ALA F 338 -40.89 16.31 -15.53
N MET F 339 -40.88 15.94 -14.25
CA MET F 339 -41.79 16.53 -13.29
C MET F 339 -41.53 18.02 -13.08
N TYR F 340 -40.26 18.42 -13.16
CA TYR F 340 -39.87 19.81 -13.01
C TYR F 340 -40.56 20.56 -14.16
N ALA F 341 -40.42 20.04 -15.36
CA ALA F 341 -41.03 20.63 -16.54
C ALA F 341 -42.55 20.64 -16.43
N LEU F 342 -43.13 19.55 -15.95
CA LEU F 342 -44.60 19.47 -15.80
C LEU F 342 -45.09 20.50 -14.79
N ALA F 343 -44.36 20.65 -13.70
CA ALA F 343 -44.73 21.60 -12.68
C ALA F 343 -44.77 23.00 -13.32
N LEU F 344 -43.73 23.34 -14.08
CA LEU F 344 -43.66 24.64 -14.73
C LEU F 344 -44.83 24.85 -15.69
N LEU F 345 -45.21 23.81 -16.41
CA LEU F 345 -46.33 23.91 -17.36
C LEU F 345 -47.65 24.16 -16.65
N LEU F 346 -47.81 23.60 -15.45
CA LEU F 346 -49.03 23.75 -14.68
C LEU F 346 -49.08 25.09 -13.93
N GLY F 347 -47.99 25.85 -13.96
CA GLY F 347 -47.95 27.13 -13.28
C GLY F 347 -47.58 26.99 -11.83
N LYS F 348 -46.88 25.91 -11.50
CA LYS F 348 -46.43 25.63 -10.14
C LYS F 348 -44.91 25.75 -10.07
N ASN F 349 -44.41 26.11 -8.88
CA ASN F 349 -42.97 26.26 -8.65
C ASN F 349 -42.38 24.92 -8.24
N PRO F 350 -41.71 24.25 -9.17
CA PRO F 350 -41.12 22.94 -8.87
C PRO F 350 -40.21 22.95 -7.64
N GLU F 351 -39.45 24.03 -7.46
CA GLU F 351 -38.54 24.17 -6.32
C GLU F 351 -39.24 24.04 -4.97
N LYS F 352 -40.48 24.47 -4.90
CA LYS F 352 -41.22 24.40 -3.65
C LYS F 352 -42.27 23.29 -3.62
N GLU F 353 -42.81 22.95 -4.78
CA GLU F 353 -43.87 21.93 -4.87
C GLU F 353 -43.48 20.47 -5.00
N LEU F 354 -42.29 20.20 -5.52
CA LEU F 354 -41.86 18.81 -5.67
C LEU F 354 -41.02 18.42 -4.45
N PRO F 355 -41.52 17.46 -3.65
CA PRO F 355 -40.84 16.96 -2.44
C PRO F 355 -39.36 16.64 -2.63
N PHE F 356 -39.01 15.88 -3.67
CA PHE F 356 -37.61 15.53 -3.88
C PHE F 356 -36.70 16.74 -4.17
N ILE F 357 -37.23 17.77 -4.82
CA ILE F 357 -36.45 18.96 -5.12
C ILE F 357 -36.33 19.83 -3.87
N TYR F 358 -37.47 20.04 -3.21
CA TYR F 358 -37.57 20.83 -1.99
C TYR F 358 -36.60 20.33 -0.90
N ARG F 359 -36.64 19.02 -0.63
CA ARG F 359 -35.79 18.41 0.39
C ARG F 359 -34.30 18.27 0.06
N GLU F 360 -33.94 17.96 -1.18
CA GLU F 360 -32.53 17.83 -1.54
C GLU F 360 -31.80 19.17 -1.36
N ARG F 361 -32.56 20.25 -1.46
CA ARG F 361 -32.03 21.60 -1.34
C ARG F 361 -31.77 22.00 0.11
N ILE F 362 -32.77 21.77 0.95
CA ILE F 362 -32.66 22.11 2.37
C ILE F 362 -31.60 21.26 3.07
N LEU F 363 -31.62 19.95 2.79
CA LEU F 363 -30.67 19.03 3.40
C LEU F 363 -29.23 19.31 2.97
N LYS F 364 -29.05 19.78 1.73
CA LYS F 364 -27.70 20.06 1.24
C LYS F 364 -27.04 21.21 1.98
N LYS F 365 -27.84 22.06 2.59
CA LYS F 365 -27.32 23.21 3.33
C LYS F 365 -26.79 22.82 4.70
N VAL F 366 -27.10 21.61 5.13
CA VAL F 366 -26.70 21.09 6.43
C VAL F 366 -25.40 20.28 6.45
N GLU F 367 -24.90 19.88 5.28
CA GLU F 367 -23.65 19.11 5.23
C GLU F 367 -22.44 19.98 5.57
N GLY F 368 -21.45 19.37 6.21
CA GLY F 368 -20.24 20.10 6.58
C GLY F 368 -19.67 19.68 7.93
N ARG F 369 -18.58 20.34 8.33
CA ARG F 369 -17.93 20.05 9.61
C ARG F 369 -18.55 20.90 10.71
N TYR F 370 -18.75 20.31 11.88
CA TYR F 370 -19.34 21.02 13.02
C TYR F 370 -18.41 20.95 14.22
N MET F 371 -18.47 21.96 15.07
CA MET F 371 -17.61 22.01 16.26
C MET F 371 -18.35 22.51 17.49
N GLY F 372 -17.94 21.99 18.65
CA GLY F 372 -18.56 22.38 19.91
C GLY F 372 -17.90 23.63 20.45
N TYR F 373 -18.35 24.07 21.63
CA TYR F 373 -17.82 25.26 22.29
C TYR F 373 -16.31 25.36 22.16
N LYS F 374 -15.85 26.43 21.49
CA LYS F 374 -14.44 26.70 21.26
C LYS F 374 -13.65 25.54 20.67
N GLY F 375 -14.31 24.79 19.79
CA GLY F 375 -13.66 23.67 19.12
C GLY F 375 -13.22 22.47 19.95
N THR F 376 -13.98 22.11 20.98
CA THR F 376 -13.65 20.95 21.80
C THR F 376 -13.85 19.66 21.01
N ILE F 377 -15.08 19.42 20.56
CA ILE F 377 -15.39 18.23 19.77
C ILE F 377 -15.75 18.57 18.32
N LYS F 378 -15.52 17.63 17.42
CA LYS F 378 -15.80 17.85 16.02
C LYS F 378 -16.67 16.75 15.43
N PHE F 379 -17.65 17.15 14.62
CA PHE F 379 -18.56 16.21 13.96
C PHE F 379 -18.63 16.50 12.46
N GLU F 380 -19.02 15.47 11.70
CA GLU F 380 -19.15 15.58 10.26
C GLU F 380 -20.58 15.20 9.91
N VAL F 381 -21.24 16.02 9.11
CA VAL F 381 -22.61 15.76 8.70
C VAL F 381 -22.67 15.54 7.19
N LYS F 382 -23.12 14.36 6.77
CA LYS F 382 -23.22 14.07 5.34
C LYS F 382 -24.58 13.49 5.01
N VAL F 383 -25.16 14.00 3.93
CA VAL F 383 -26.47 13.55 3.49
C VAL F 383 -26.34 12.49 2.41
N ASP F 384 -27.22 11.50 2.46
CA ASP F 384 -27.23 10.41 1.49
C ASP F 384 -28.69 10.03 1.28
N GLY F 385 -29.20 10.24 0.07
CA GLY F 385 -30.60 9.95 -0.16
C GLY F 385 -31.31 10.99 0.67
N ASP F 386 -32.21 10.58 1.56
CA ASP F 386 -32.85 11.58 2.40
C ASP F 386 -32.53 11.34 3.86
N VAL F 387 -31.43 10.64 4.11
CA VAL F 387 -30.98 10.38 5.46
C VAL F 387 -29.76 11.25 5.79
N VAL F 388 -29.80 11.91 6.94
CA VAL F 388 -28.68 12.76 7.35
C VAL F 388 -27.79 11.96 8.31
N TYR F 389 -26.48 11.93 8.03
CA TYR F 389 -25.56 11.20 8.88
C TYR F 389 -24.70 12.08 9.75
N LEU F 390 -24.45 11.63 10.97
CA LEU F 390 -23.64 12.38 11.93
C LEU F 390 -22.51 11.53 12.48
N ARG F 391 -21.28 11.87 12.10
CA ARG F 391 -20.11 11.14 12.57
C ARG F 391 -19.16 12.10 13.28
N ALA F 392 -18.84 11.79 14.53
CA ALA F 392 -17.93 12.64 15.29
C ALA F 392 -16.55 12.35 14.69
N LEU F 393 -15.84 13.41 14.32
CA LEU F 393 -14.53 13.26 13.72
C LEU F 393 -13.59 12.50 14.65
N GLY F 394 -12.30 12.53 14.33
CA GLY F 394 -11.30 11.84 15.13
C GLY F 394 -10.59 10.78 14.31
N ARG F 395 -9.30 11.00 14.00
CA ARG F 395 -8.50 10.06 13.21
C ARG F 395 -8.81 8.61 13.55
N ALA F 396 -9.20 8.39 14.80
CA ALA F 396 -9.55 7.06 15.28
C ALA F 396 -10.34 7.22 16.58
N PHE F 397 -11.67 7.32 16.47
CA PHE F 397 -12.56 7.44 17.64
C PHE F 397 -13.99 7.92 17.43
N THR F 398 -14.92 7.25 18.13
CA THR F 398 -16.36 7.55 18.18
C THR F 398 -17.36 6.85 17.25
N TYR F 399 -18.62 7.27 17.38
CA TYR F 399 -19.78 6.71 16.66
C TYR F 399 -20.25 7.40 15.37
N THR F 400 -21.31 6.83 14.79
CA THR F 400 -21.95 7.32 13.57
C THR F 400 -23.47 7.18 13.74
N ILE F 401 -24.21 8.25 13.48
CA ILE F 401 -25.66 8.21 13.67
C ILE F 401 -26.51 8.66 12.47
N PRO F 402 -27.53 7.85 12.12
CA PRO F 402 -28.44 8.15 11.01
C PRO F 402 -29.66 8.88 11.55
N LEU F 403 -29.95 10.04 10.98
CA LEU F 403 -31.09 10.85 11.41
C LEU F 403 -32.14 10.93 10.31
N PHE F 404 -33.39 10.65 10.65
CA PHE F 404 -34.47 10.74 9.66
C PHE F 404 -35.21 12.07 9.87
N PRO F 405 -35.29 12.90 8.82
CA PRO F 405 -36.00 14.18 8.96
C PRO F 405 -37.47 13.96 9.30
N GLU F 406 -38.02 14.81 10.17
CA GLU F 406 -39.43 14.70 10.59
C GLU F 406 -40.15 15.99 10.29
N VAL F 407 -39.37 17.05 10.09
CA VAL F 407 -39.89 18.38 9.78
C VAL F 407 -38.81 19.04 8.94
N LEU F 408 -39.21 19.60 7.80
CA LEU F 408 -38.27 20.25 6.88
C LEU F 408 -38.78 21.63 6.48
N GLU F 409 -37.95 22.63 6.72
CA GLU F 409 -38.26 24.02 6.40
C GLU F 409 -37.00 24.74 5.92
N GLU F 410 -37.20 25.88 5.28
CA GLU F 410 -36.07 26.66 4.77
C GLU F 410 -34.99 26.92 5.80
N ASP F 411 -35.40 27.23 7.02
CA ASP F 411 -34.46 27.55 8.10
C ASP F 411 -34.41 26.57 9.29
N PHE F 412 -35.10 25.44 9.18
CA PHE F 412 -35.14 24.52 10.29
C PHE F 412 -35.41 23.09 9.83
N ILE F 413 -34.77 22.14 10.51
CA ILE F 413 -34.95 20.72 10.19
C ILE F 413 -34.92 19.90 11.48
N LYS F 414 -36.01 19.20 11.77
CA LYS F 414 -36.01 18.35 12.96
C LYS F 414 -35.84 16.90 12.49
N CYS F 415 -34.81 16.24 13.02
CA CYS F 415 -34.52 14.85 12.69
C CYS F 415 -34.54 13.99 13.94
N TYR F 416 -34.51 12.68 13.75
CA TYR F 416 -34.49 11.78 14.90
C TYR F 416 -33.74 10.52 14.56
N THR F 417 -33.04 9.99 15.55
CA THR F 417 -32.29 8.76 15.40
C THR F 417 -32.92 7.82 16.41
N LEU F 418 -32.49 6.57 16.46
CA LEU F 418 -33.10 5.63 17.40
C LEU F 418 -32.18 5.23 18.53
N SER F 419 -32.56 5.64 19.74
CA SER F 419 -31.80 5.32 20.95
C SER F 419 -32.73 4.52 21.85
N ASN F 420 -32.41 3.24 22.02
CA ASN F 420 -33.23 2.32 22.81
C ASN F 420 -34.50 2.08 22.02
N GLY F 421 -35.65 2.11 22.71
CA GLY F 421 -36.91 1.89 22.00
C GLY F 421 -37.51 3.21 21.55
N ARG F 422 -36.81 4.32 21.82
CA ARG F 422 -37.33 5.63 21.46
C ARG F 422 -36.49 6.40 20.45
N LYS F 423 -37.02 7.56 20.07
CA LYS F 423 -36.33 8.41 19.11
C LYS F 423 -35.68 9.62 19.75
N MET F 424 -34.37 9.68 19.61
CA MET F 424 -33.55 10.79 20.12
C MET F 424 -33.59 11.86 19.02
N TYR F 425 -33.88 13.10 19.39
CA TYR F 425 -34.00 14.18 18.42
C TYR F 425 -32.80 15.08 18.17
N ALA F 426 -32.70 15.55 16.94
CA ALA F 426 -31.63 16.45 16.51
C ALA F 426 -32.26 17.62 15.76
N GLU F 427 -31.82 18.84 16.06
CA GLU F 427 -32.36 20.03 15.41
C GLU F 427 -31.31 20.87 14.70
N PHE F 428 -31.61 21.25 13.46
CA PHE F 428 -30.72 22.07 12.66
C PHE F 428 -31.38 23.43 12.49
N TYR F 429 -30.65 24.49 12.83
CA TYR F 429 -31.16 25.84 12.68
C TYR F 429 -30.28 26.54 11.65
N ILE F 430 -30.86 26.83 10.49
CA ILE F 430 -30.15 27.46 9.38
C ILE F 430 -30.49 28.96 9.33
N LYS F 431 -29.48 29.80 9.46
CA LYS F 431 -29.70 31.25 9.46
C LYS F 431 -28.47 32.07 9.10
N ASP F 432 -28.58 32.85 8.03
CA ASP F 432 -27.50 33.72 7.57
C ASP F 432 -26.14 33.04 7.41
N ASN F 433 -26.04 32.12 6.45
CA ASN F 433 -24.80 31.41 6.18
C ASN F 433 -24.19 30.80 7.43
N LYS F 434 -24.98 30.01 8.14
CA LYS F 434 -24.51 29.37 9.37
C LYS F 434 -25.54 28.34 9.81
N VAL F 435 -25.08 27.29 10.48
CA VAL F 435 -26.00 26.27 10.92
C VAL F 435 -25.74 25.87 12.36
N ASP F 436 -26.79 25.88 13.16
CA ASP F 436 -26.69 25.47 14.55
C ASP F 436 -27.33 24.12 14.66
N LEU F 437 -26.61 23.19 15.24
CA LEU F 437 -27.11 21.84 15.41
C LEU F 437 -27.22 21.55 16.90
N ILE F 438 -28.37 21.05 17.31
CA ILE F 438 -28.59 20.69 18.70
C ILE F 438 -28.90 19.21 18.65
N PHE F 439 -28.06 18.41 19.29
CA PHE F 439 -28.26 16.97 19.33
C PHE F 439 -28.07 16.47 20.76
N GLU F 440 -29.18 16.09 21.38
CA GLU F 440 -29.22 15.63 22.76
C GLU F 440 -28.63 16.69 23.71
N ARG F 441 -27.48 16.40 24.32
CA ARG F 441 -26.86 17.33 25.27
C ARG F 441 -25.96 18.38 24.61
N TYR F 442 -25.51 18.10 23.38
CA TYR F 442 -24.58 18.97 22.68
C TYR F 442 -25.17 20.07 21.80
N ARG F 443 -24.33 21.06 21.56
CA ARG F 443 -24.64 22.17 20.66
C ARG F 443 -23.40 22.23 19.79
N LEU F 444 -23.58 22.13 18.48
CA LEU F 444 -22.47 22.15 17.56
C LEU F 444 -22.72 23.25 16.52
N ILE F 445 -21.66 23.96 16.14
CA ILE F 445 -21.78 25.04 15.17
C ILE F 445 -21.11 24.69 13.85
N LYS F 446 -21.89 24.79 12.79
CA LYS F 446 -21.47 24.47 11.43
C LYS F 446 -20.17 25.16 11.01
N SER F 447 -19.33 24.38 10.35
CA SER F 447 -18.01 24.79 9.89
C SER F 447 -17.18 24.78 11.16
N MET G 1 -37.13 -36.08 -24.27
CA MET G 1 -36.43 -35.76 -22.99
C MET G 1 -37.09 -34.56 -22.33
N ASP G 2 -36.67 -34.28 -21.10
CA ASP G 2 -37.22 -33.16 -20.35
C ASP G 2 -36.35 -31.93 -20.64
N VAL G 3 -36.60 -31.27 -21.76
CA VAL G 3 -35.84 -30.10 -22.16
C VAL G 3 -35.87 -28.99 -21.12
N GLY G 4 -37.05 -28.70 -20.61
CA GLY G 4 -37.17 -27.68 -19.59
C GLY G 4 -36.17 -27.87 -18.46
N LYS G 5 -35.93 -29.13 -18.09
CA LYS G 5 -35.01 -29.47 -17.02
C LYS G 5 -33.55 -29.27 -17.45
N LEU G 6 -33.26 -29.57 -18.70
CA LEU G 6 -31.92 -29.39 -19.24
C LEU G 6 -31.62 -27.89 -19.38
N GLU G 7 -32.63 -27.12 -19.78
CA GLU G 7 -32.44 -25.69 -19.97
C GLU G 7 -32.25 -24.94 -18.66
N SER G 8 -32.98 -25.30 -17.61
CA SER G 8 -32.80 -24.61 -16.33
C SER G 8 -31.38 -24.89 -15.84
N PHE G 9 -30.97 -26.15 -15.91
CA PHE G 9 -29.64 -26.58 -15.49
C PHE G 9 -28.55 -25.71 -16.14
N ILE G 10 -28.52 -25.67 -17.46
CA ILE G 10 -27.54 -24.90 -18.22
C ILE G 10 -27.50 -23.43 -17.79
N VAL G 11 -28.62 -22.74 -17.89
CA VAL G 11 -28.70 -21.33 -17.50
C VAL G 11 -28.22 -21.16 -16.05
N GLU G 12 -28.67 -22.05 -15.15
CA GLU G 12 -28.27 -21.97 -13.76
C GLU G 12 -26.74 -22.12 -13.61
N LYS G 13 -26.14 -23.05 -14.35
CA LYS G 13 -24.69 -23.24 -14.28
C LYS G 13 -23.90 -22.10 -14.86
N MET G 14 -24.38 -21.52 -15.96
CA MET G 14 -23.70 -20.39 -16.59
C MET G 14 -23.63 -19.20 -15.64
N ALA G 15 -24.71 -18.96 -14.91
CA ALA G 15 -24.72 -17.84 -13.97
C ALA G 15 -23.68 -18.11 -12.88
N GLU G 16 -23.80 -19.27 -12.25
CA GLU G 16 -22.90 -19.68 -11.17
C GLU G 16 -21.40 -19.67 -11.48
N ARG G 17 -21.04 -20.09 -12.69
CA ARG G 17 -19.63 -20.18 -13.09
C ARG G 17 -19.17 -19.05 -13.98
N LYS G 18 -20.03 -18.08 -14.19
CA LYS G 18 -19.71 -16.93 -15.03
C LYS G 18 -19.27 -17.33 -16.45
N VAL G 19 -20.04 -18.20 -17.08
CA VAL G 19 -19.75 -18.64 -18.45
C VAL G 19 -20.53 -17.72 -19.39
N PRO G 20 -19.83 -17.09 -20.35
CA PRO G 20 -20.48 -16.18 -21.31
C PRO G 20 -21.55 -16.81 -22.22
N GLY G 21 -21.15 -17.81 -22.99
CA GLY G 21 -22.07 -18.45 -23.90
C GLY G 21 -21.83 -19.94 -24.10
N ILE G 22 -22.88 -20.62 -24.57
CA ILE G 22 -22.85 -22.06 -24.81
C ILE G 22 -23.82 -22.46 -25.92
N SER G 23 -23.40 -23.44 -26.71
CA SER G 23 -24.22 -23.99 -27.80
C SER G 23 -24.27 -25.51 -27.65
N ILE G 24 -25.42 -26.11 -27.96
CA ILE G 24 -25.57 -27.55 -27.82
C ILE G 24 -26.43 -28.17 -28.92
N SER G 25 -26.06 -29.38 -29.35
CA SER G 25 -26.84 -30.10 -30.36
C SER G 25 -27.03 -31.53 -29.86
N ILE G 26 -28.21 -32.09 -30.13
CA ILE G 26 -28.55 -33.46 -29.70
C ILE G 26 -29.09 -34.30 -30.87
N ILE G 27 -28.47 -35.44 -31.09
CA ILE G 27 -28.86 -36.36 -32.15
C ILE G 27 -29.54 -37.62 -31.59
N LYS G 28 -30.62 -38.03 -32.24
CA LYS G 28 -31.38 -39.22 -31.86
C LYS G 28 -32.03 -39.77 -33.12
N ASP G 29 -31.59 -40.96 -33.52
CA ASP G 29 -32.11 -41.64 -34.71
C ASP G 29 -31.76 -40.99 -36.05
N GLY G 30 -30.53 -40.50 -36.18
CA GLY G 30 -30.11 -39.87 -37.41
C GLY G 30 -30.66 -38.48 -37.61
N ASP G 31 -31.38 -37.97 -36.61
CA ASP G 31 -31.96 -36.63 -36.66
C ASP G 31 -31.45 -35.72 -35.55
N VAL G 32 -31.20 -34.46 -35.88
CA VAL G 32 -30.79 -33.47 -34.88
C VAL G 32 -32.14 -33.03 -34.31
N VAL G 33 -32.45 -33.48 -33.10
CA VAL G 33 -33.73 -33.18 -32.48
C VAL G 33 -33.75 -31.98 -31.57
N TYR G 34 -32.56 -31.45 -31.28
CA TYR G 34 -32.41 -30.29 -30.41
C TYR G 34 -31.08 -29.59 -30.66
N ALA G 35 -31.15 -28.28 -30.82
CA ALA G 35 -29.96 -27.46 -31.05
C ALA G 35 -30.32 -26.07 -30.53
N LYS G 36 -29.54 -25.57 -29.58
CA LYS G 36 -29.84 -24.27 -29.00
C LYS G 36 -28.61 -23.55 -28.43
N GLY G 37 -28.60 -22.23 -28.54
CA GLY G 37 -27.52 -21.44 -28.02
C GLY G 37 -27.96 -20.65 -26.79
N PHE G 38 -27.06 -20.50 -25.82
CA PHE G 38 -27.36 -19.79 -24.59
C PHE G 38 -26.33 -18.69 -24.34
N GLY G 39 -26.78 -17.56 -23.80
CA GLY G 39 -25.85 -16.49 -23.51
C GLY G 39 -25.31 -15.72 -24.70
N TYR G 40 -24.08 -15.25 -24.58
CA TYR G 40 -23.44 -14.44 -25.61
C TYR G 40 -22.16 -15.02 -26.18
N ARG G 41 -22.02 -14.91 -27.50
CA ARG G 41 -20.83 -15.39 -28.18
C ARG G 41 -19.79 -14.26 -28.10
N ASN G 42 -20.28 -13.05 -27.87
CA ASN G 42 -19.44 -11.87 -27.75
C ASN G 42 -20.15 -10.92 -26.78
N VAL G 43 -19.60 -10.79 -25.57
CA VAL G 43 -20.19 -9.92 -24.56
C VAL G 43 -20.14 -8.44 -24.93
N GLU G 44 -18.95 -7.92 -25.22
CA GLU G 44 -18.78 -6.51 -25.58
C GLU G 44 -19.70 -6.06 -26.72
N ALA G 45 -19.82 -6.90 -27.75
CA ALA G 45 -20.67 -6.58 -28.90
C ALA G 45 -22.14 -6.99 -28.69
N ARG G 46 -22.41 -7.69 -27.59
CA ARG G 46 -23.75 -8.15 -27.24
C ARG G 46 -24.38 -9.13 -28.23
N LEU G 47 -23.57 -9.97 -28.86
CA LEU G 47 -24.09 -10.95 -29.83
C LEU G 47 -24.31 -12.29 -29.13
N PRO G 48 -25.51 -12.88 -29.28
CA PRO G 48 -25.86 -14.16 -28.66
C PRO G 48 -25.21 -15.39 -29.31
N SER G 49 -25.14 -16.47 -28.53
CA SER G 49 -24.61 -17.73 -29.03
C SER G 49 -25.80 -18.41 -29.73
N THR G 50 -25.53 -19.13 -30.82
CA THR G 50 -26.57 -19.82 -31.58
C THR G 50 -26.08 -21.21 -32.02
N PRO G 51 -26.97 -22.05 -32.56
CA PRO G 51 -26.56 -23.38 -33.01
C PRO G 51 -25.44 -23.31 -34.06
N GLU G 52 -25.34 -22.18 -34.75
CA GLU G 52 -24.32 -22.01 -35.77
C GLU G 52 -23.05 -21.33 -35.31
N THR G 53 -23.04 -20.80 -34.08
CA THR G 53 -21.86 -20.12 -33.57
C THR G 53 -20.61 -21.01 -33.66
N ILE G 54 -19.50 -20.40 -34.05
CA ILE G 54 -18.24 -21.10 -34.17
C ILE G 54 -17.39 -20.89 -32.91
N TYR G 55 -16.78 -21.98 -32.44
CA TYR G 55 -15.93 -21.96 -31.25
C TYR G 55 -14.71 -22.82 -31.55
N GLY G 56 -13.65 -22.68 -30.75
CA GLY G 56 -12.51 -23.54 -30.94
C GLY G 56 -12.94 -24.83 -30.27
N ILE G 57 -12.68 -25.99 -30.88
CA ILE G 57 -13.11 -27.25 -30.28
C ILE G 57 -12.01 -27.99 -29.52
N GLY G 58 -10.79 -27.46 -29.56
CA GLY G 58 -9.69 -28.08 -28.85
C GLY G 58 -9.37 -29.51 -29.24
N SER G 59 -9.11 -30.34 -28.23
CA SER G 59 -8.76 -31.74 -28.44
C SER G 59 -9.82 -32.64 -29.08
N ILE G 60 -10.96 -32.08 -29.42
CA ILE G 60 -11.98 -32.87 -30.09
C ILE G 60 -11.42 -33.05 -31.51
N THR G 61 -10.42 -32.23 -31.84
CA THR G 61 -9.75 -32.30 -33.14
C THR G 61 -8.96 -33.61 -33.28
N LYS G 62 -8.54 -34.18 -32.15
CA LYS G 62 -7.77 -35.41 -32.17
C LYS G 62 -8.47 -36.56 -32.87
N SER G 63 -9.78 -36.69 -32.67
CA SER G 63 -10.53 -37.75 -33.32
C SER G 63 -10.48 -37.58 -34.85
N PHE G 64 -10.40 -36.32 -35.30
CA PHE G 64 -10.31 -36.04 -36.75
C PHE G 64 -8.95 -36.53 -37.25
N THR G 65 -7.90 -36.26 -36.48
CA THR G 65 -6.55 -36.68 -36.86
C THR G 65 -6.49 -38.22 -36.90
N ALA G 66 -7.14 -38.86 -35.94
CA ALA G 66 -7.16 -40.33 -35.89
C ALA G 66 -7.92 -40.89 -37.09
N LEU G 67 -9.05 -40.27 -37.43
CA LEU G 67 -9.87 -40.70 -38.56
C LEU G 67 -9.06 -40.62 -39.86
N ALA G 68 -8.25 -39.58 -39.97
CA ALA G 68 -7.41 -39.41 -41.15
C ALA G 68 -6.37 -40.53 -41.24
N ILE G 69 -5.78 -40.87 -40.08
CA ILE G 69 -4.78 -41.93 -40.03
C ILE G 69 -5.40 -43.26 -40.43
N MET G 70 -6.66 -43.46 -40.03
CA MET G 70 -7.39 -44.68 -40.35
C MET G 70 -7.55 -44.84 -41.87
N LYS G 71 -7.90 -43.74 -42.54
CA LYS G 71 -8.09 -43.76 -43.98
C LYS G 71 -6.77 -44.10 -44.68
N LEU G 72 -5.72 -43.36 -44.36
CA LEU G 72 -4.41 -43.61 -44.94
C LEU G 72 -3.99 -45.06 -44.74
N VAL G 73 -4.33 -45.62 -43.58
CA VAL G 73 -3.99 -47.00 -43.30
C VAL G 73 -4.86 -47.93 -44.14
N GLU G 74 -6.17 -47.67 -44.15
CA GLU G 74 -7.09 -48.48 -44.93
C GLU G 74 -6.69 -48.43 -46.40
N GLU G 75 -5.93 -47.41 -46.78
CA GLU G 75 -5.51 -47.29 -48.15
C GLU G 75 -4.09 -47.83 -48.38
N GLY G 76 -3.52 -48.44 -47.34
CA GLY G 76 -2.19 -49.00 -47.45
C GLY G 76 -1.08 -47.98 -47.56
N GLY G 77 -1.34 -46.78 -47.04
CA GLY G 77 -0.34 -45.73 -47.09
C GLY G 77 0.70 -45.93 -46.02
N LEU G 78 0.31 -46.63 -44.97
CA LEU G 78 1.19 -46.91 -43.84
C LEU G 78 0.52 -47.94 -42.95
N SER G 79 1.27 -48.45 -41.97
CA SER G 79 0.79 -49.44 -41.02
C SER G 79 0.75 -48.83 -39.63
N LEU G 80 -0.23 -49.26 -38.83
CA LEU G 80 -0.36 -48.76 -37.48
C LEU G 80 0.85 -49.13 -36.62
N ASP G 81 1.64 -50.11 -37.07
CA ASP G 81 2.82 -50.52 -36.31
C ASP G 81 4.14 -49.95 -36.84
N ASP G 82 4.06 -49.04 -37.79
CA ASP G 82 5.28 -48.41 -38.34
C ASP G 82 5.90 -47.43 -37.35
N PRO G 83 7.23 -47.51 -37.15
CA PRO G 83 7.84 -46.56 -36.22
C PRO G 83 7.66 -45.16 -36.81
N VAL G 84 7.33 -44.18 -35.97
CA VAL G 84 7.11 -42.84 -36.50
C VAL G 84 8.38 -42.31 -37.18
N GLU G 85 9.53 -42.88 -36.84
CA GLU G 85 10.78 -42.46 -37.45
C GLU G 85 10.82 -42.72 -38.95
N LYS G 86 9.89 -43.53 -39.43
CA LYS G 86 9.84 -43.85 -40.86
C LYS G 86 9.25 -42.68 -41.66
N PHE G 87 8.54 -41.80 -40.96
CA PHE G 87 7.88 -40.67 -41.58
C PHE G 87 8.39 -39.31 -41.10
N VAL G 88 8.86 -39.23 -39.86
CA VAL G 88 9.37 -37.96 -39.35
C VAL G 88 10.85 -38.04 -39.02
N ASN G 89 11.54 -36.95 -39.31
CA ASN G 89 12.97 -36.82 -39.07
C ASN G 89 13.25 -36.47 -37.60
N ILE G 90 12.97 -37.40 -36.71
CA ILE G 90 13.18 -37.20 -35.28
C ILE G 90 13.50 -38.52 -34.58
N LYS G 91 14.33 -38.47 -33.54
CA LYS G 91 14.70 -39.65 -32.79
C LYS G 91 13.58 -40.02 -31.83
N LEU G 92 12.97 -41.18 -32.04
CA LEU G 92 11.87 -41.66 -31.18
C LEU G 92 11.98 -43.15 -30.87
N ARG G 93 13.08 -43.55 -30.24
CA ARG G 93 13.31 -44.93 -29.83
C ARG G 93 13.68 -44.98 -28.35
N PRO G 94 12.78 -44.53 -27.47
CA PRO G 94 13.10 -44.56 -26.04
C PRO G 94 13.41 -45.97 -25.55
N PHE G 95 14.55 -46.11 -24.88
CA PHE G 95 15.00 -47.39 -24.34
C PHE G 95 15.34 -48.41 -25.44
N GLY G 96 15.59 -47.93 -26.65
CA GLY G 96 15.92 -48.81 -27.74
C GLY G 96 14.69 -49.38 -28.44
N GLU G 97 13.53 -48.84 -28.13
CA GLU G 97 12.28 -49.32 -28.74
C GLU G 97 11.53 -48.18 -29.45
N PRO G 98 11.39 -48.30 -30.77
CA PRO G 98 10.71 -47.29 -31.59
C PRO G 98 9.25 -47.06 -31.26
N VAL G 99 8.86 -45.79 -31.22
CA VAL G 99 7.47 -45.44 -30.98
C VAL G 99 6.77 -45.61 -32.33
N THR G 100 5.61 -46.27 -32.34
CA THR G 100 4.88 -46.48 -33.59
C THR G 100 3.67 -45.55 -33.65
N VAL G 101 3.02 -45.52 -34.81
CA VAL G 101 1.84 -44.69 -35.01
C VAL G 101 0.79 -45.03 -33.94
N HIS G 102 0.65 -46.32 -33.68
CA HIS G 102 -0.30 -46.82 -32.68
C HIS G 102 -0.02 -46.24 -31.29
N HIS G 103 1.26 -46.13 -30.90
CA HIS G 103 1.60 -45.58 -29.59
C HIS G 103 1.16 -44.13 -29.46
N LEU G 104 1.36 -43.36 -30.53
CA LEU G 104 0.97 -41.95 -30.51
C LEU G 104 -0.54 -41.80 -30.39
N LEU G 105 -1.28 -42.57 -31.19
CA LEU G 105 -2.74 -42.53 -31.18
C LEU G 105 -3.30 -42.76 -29.77
N THR G 106 -2.68 -43.68 -29.05
CA THR G 106 -3.11 -44.06 -27.71
C THR G 106 -2.38 -43.39 -26.55
N HIS G 107 -1.51 -42.44 -26.86
CA HIS G 107 -0.75 -41.72 -25.83
C HIS G 107 0.09 -42.67 -24.96
N SER G 108 0.68 -43.70 -25.56
CA SER G 108 1.48 -44.65 -24.82
C SER G 108 2.93 -44.78 -25.31
N SER G 109 3.47 -43.71 -25.88
CA SER G 109 4.84 -43.73 -26.38
C SER G 109 5.84 -43.98 -25.27
N GLY G 110 5.46 -43.60 -24.05
CA GLY G 110 6.34 -43.75 -22.90
C GLY G 110 6.85 -42.38 -22.50
N ILE G 111 6.48 -41.37 -23.29
CA ILE G 111 6.91 -40.00 -23.02
C ILE G 111 5.82 -39.16 -22.36
N PRO G 112 6.06 -38.71 -21.12
CA PRO G 112 5.05 -37.90 -20.44
C PRO G 112 4.92 -36.56 -21.13
N SER G 113 3.81 -35.86 -20.88
CA SER G 113 3.55 -34.55 -21.47
C SER G 113 4.74 -33.59 -21.42
N LEU G 114 4.95 -32.85 -22.50
CA LEU G 114 6.04 -31.87 -22.58
C LEU G 114 5.54 -30.52 -22.07
N GLY G 115 4.23 -30.44 -21.82
CA GLY G 115 3.64 -29.19 -21.34
C GLY G 115 3.69 -28.05 -22.35
N TYR G 116 3.96 -28.38 -23.61
CA TYR G 116 4.06 -27.35 -24.64
C TYR G 116 2.79 -26.52 -24.80
N ALA G 117 1.64 -27.18 -24.92
CA ALA G 117 0.37 -26.48 -25.10
C ALA G 117 0.04 -25.58 -23.91
N GLU G 118 0.32 -26.07 -22.71
CA GLU G 118 0.05 -25.29 -21.50
C GLU G 118 0.83 -23.98 -21.48
N ALA G 119 2.14 -24.06 -21.74
CA ALA G 119 2.99 -22.88 -21.75
C ALA G 119 2.65 -21.92 -22.90
N PHE G 120 2.36 -22.50 -24.07
CA PHE G 120 2.01 -21.73 -25.26
C PHE G 120 0.77 -20.86 -25.02
N ILE G 121 -0.31 -21.51 -24.62
CA ILE G 121 -1.57 -20.82 -24.39
C ILE G 121 -1.54 -19.88 -23.19
N ASP G 122 -0.78 -20.25 -22.15
CA ASP G 122 -0.67 -19.40 -20.96
C ASP G 122 -0.06 -18.08 -21.43
N GLY G 123 0.96 -18.20 -22.29
CA GLY G 123 1.63 -17.03 -22.81
C GLY G 123 0.73 -16.16 -23.67
N MET G 124 -0.03 -16.78 -24.58
CA MET G 124 -0.92 -16.06 -25.48
C MET G 124 -2.09 -15.39 -24.77
N VAL G 125 -2.28 -15.73 -23.49
CA VAL G 125 -3.40 -15.17 -22.73
C VAL G 125 -2.96 -14.16 -21.67
N GLY G 126 -1.69 -13.76 -21.71
CA GLY G 126 -1.18 -12.81 -20.76
C GLY G 126 -0.55 -13.44 -19.52
N GLY G 127 -0.47 -14.77 -19.50
CA GLY G 127 0.12 -15.44 -18.35
C GLY G 127 1.62 -15.17 -18.24
N ASP G 128 2.26 -15.76 -17.23
CA ASP G 128 3.70 -15.55 -17.03
C ASP G 128 4.74 -16.30 -17.86
N ASN G 129 4.44 -17.48 -18.42
CA ASN G 129 5.50 -18.07 -19.24
C ASN G 129 5.34 -17.71 -20.71
N TRP G 130 6.11 -18.39 -21.56
CA TRP G 130 6.11 -18.07 -22.97
C TRP G 130 6.78 -19.17 -23.81
N LEU G 131 6.07 -19.65 -24.83
CA LEU G 131 6.61 -20.66 -25.74
C LEU G 131 6.01 -20.29 -27.09
N PRO G 132 6.70 -19.41 -27.82
CA PRO G 132 6.28 -18.92 -29.14
C PRO G 132 6.34 -19.89 -30.32
N VAL G 133 5.59 -20.99 -30.23
CA VAL G 133 5.56 -21.98 -31.31
C VAL G 133 4.37 -21.72 -32.23
N SER G 134 4.56 -20.81 -33.18
CA SER G 134 3.54 -20.41 -34.13
C SER G 134 3.12 -21.44 -35.18
N THR G 135 3.92 -22.50 -35.35
CA THR G 135 3.57 -23.55 -36.31
C THR G 135 3.95 -24.93 -35.78
N PRO G 136 3.31 -26.01 -36.30
CA PRO G 136 3.57 -27.39 -35.91
C PRO G 136 5.03 -27.76 -36.14
N GLU G 137 5.60 -27.22 -37.21
CA GLU G 137 7.01 -27.49 -37.51
C GLU G 137 7.89 -26.98 -36.39
N GLU G 138 7.52 -25.83 -35.83
CA GLU G 138 8.29 -25.22 -34.73
C GLU G 138 8.18 -26.07 -33.46
N THR G 139 6.97 -26.52 -33.15
CA THR G 139 6.75 -27.35 -31.97
C THR G 139 7.58 -28.63 -32.09
N ILE G 140 7.57 -29.24 -33.26
CA ILE G 140 8.34 -30.45 -33.50
C ILE G 140 9.82 -30.18 -33.24
N ALA G 141 10.33 -29.04 -33.72
CA ALA G 141 11.72 -28.68 -33.49
C ALA G 141 11.97 -28.59 -31.99
N PHE G 142 11.10 -27.87 -31.29
CA PHE G 142 11.20 -27.71 -29.83
C PHE G 142 11.25 -29.08 -29.16
N ALA G 143 10.50 -30.03 -29.73
CA ALA G 143 10.41 -31.39 -29.20
C ALA G 143 11.52 -32.33 -29.68
N ARG G 144 12.58 -31.77 -30.26
CA ARG G 144 13.71 -32.55 -30.77
C ARG G 144 14.30 -33.55 -29.78
N ASP G 145 14.25 -33.24 -28.48
CA ASP G 145 14.82 -34.13 -27.47
C ASP G 145 13.79 -34.90 -26.63
N MET G 146 12.55 -34.99 -27.12
CA MET G 146 11.51 -35.67 -26.36
C MET G 146 11.83 -37.12 -25.97
N GLU G 147 12.65 -37.81 -26.76
CA GLU G 147 12.98 -39.19 -26.46
C GLU G 147 13.63 -39.33 -25.08
N LYS G 148 14.45 -38.36 -24.72
CA LYS G 148 15.16 -38.33 -23.43
C LYS G 148 14.22 -38.07 -22.26
N TRP G 149 12.99 -37.66 -22.57
CA TRP G 149 11.99 -37.35 -21.56
C TRP G 149 11.24 -38.63 -21.14
N ALA G 150 11.34 -39.66 -21.97
CA ALA G 150 10.67 -40.93 -21.73
C ALA G 150 11.00 -41.52 -20.34
N VAL G 151 9.99 -42.07 -19.68
CA VAL G 151 10.16 -42.67 -18.36
C VAL G 151 9.69 -44.12 -18.37
N ALA G 152 9.21 -44.57 -19.52
CA ALA G 152 8.71 -45.94 -19.66
C ALA G 152 8.84 -46.44 -21.10
N LYS G 153 8.82 -47.77 -21.26
CA LYS G 153 8.91 -48.39 -22.58
C LYS G 153 7.61 -48.16 -23.33
N PRO G 154 7.69 -47.94 -24.65
CA PRO G 154 6.47 -47.71 -25.44
C PRO G 154 5.43 -48.81 -25.21
N GLY G 155 4.17 -48.41 -25.11
CA GLY G 155 3.07 -49.35 -24.91
C GLY G 155 2.71 -49.79 -23.50
N GLU G 156 3.47 -49.36 -22.50
CA GLU G 156 3.17 -49.78 -21.13
C GLU G 156 2.29 -48.82 -20.35
N ARG G 157 2.55 -47.53 -20.45
CA ARG G 157 1.80 -46.55 -19.68
C ARG G 157 1.20 -45.38 -20.47
N PHE G 158 0.09 -44.86 -19.96
CA PHE G 158 -0.63 -43.74 -20.58
C PHE G 158 -0.24 -42.36 -20.02
N PHE G 159 0.15 -41.47 -20.92
CA PHE G 159 0.50 -40.10 -20.58
C PHE G 159 -0.11 -39.25 -21.70
N TYR G 160 -1.08 -38.41 -21.37
CA TYR G 160 -1.72 -37.55 -22.37
C TYR G 160 -0.66 -36.60 -22.94
N LEU G 161 -0.31 -36.82 -24.21
CA LEU G 161 0.73 -36.06 -24.86
C LEU G 161 0.26 -35.32 -26.13
N ASN G 162 0.14 -33.99 -26.07
CA ASN G 162 -0.29 -33.23 -27.23
C ASN G 162 0.69 -33.30 -28.41
N THR G 163 1.98 -33.30 -28.11
CA THR G 163 3.00 -33.38 -29.16
C THR G 163 2.80 -34.65 -30.00
N GLY G 164 2.32 -35.71 -29.36
CA GLY G 164 2.07 -36.94 -30.07
C GLY G 164 1.16 -36.75 -31.28
N TYR G 165 0.11 -35.97 -31.13
CA TYR G 165 -0.80 -35.72 -32.24
C TYR G 165 -0.24 -34.72 -33.24
N VAL G 166 0.68 -33.88 -32.77
CA VAL G 166 1.33 -32.92 -33.64
C VAL G 166 2.14 -33.77 -34.63
N LEU G 167 2.82 -34.79 -34.09
CA LEU G 167 3.61 -35.71 -34.91
C LEU G 167 2.71 -36.45 -35.91
N LEU G 168 1.56 -36.94 -35.44
CA LEU G 168 0.63 -37.65 -36.30
C LEU G 168 0.21 -36.73 -37.45
N GLY G 169 0.11 -35.45 -37.16
CA GLY G 169 -0.25 -34.50 -38.19
C GLY G 169 0.81 -34.53 -39.27
N LYS G 170 2.07 -34.53 -38.83
CA LYS G 170 3.19 -34.55 -39.76
C LYS G 170 3.22 -35.85 -40.57
N ILE G 171 2.76 -36.94 -39.94
CA ILE G 171 2.73 -38.23 -40.61
C ILE G 171 1.72 -38.19 -41.76
N ILE G 172 0.62 -37.48 -41.54
CA ILE G 172 -0.42 -37.35 -42.54
C ILE G 172 0.07 -36.60 -43.79
N GLU G 173 0.92 -35.59 -43.58
CA GLU G 173 1.44 -34.81 -44.71
C GLU G 173 2.46 -35.62 -45.52
N LYS G 174 3.32 -36.34 -44.81
CA LYS G 174 4.35 -37.17 -45.45
C LYS G 174 3.71 -38.26 -46.32
N VAL G 175 2.70 -38.92 -45.80
CA VAL G 175 2.03 -39.98 -46.54
C VAL G 175 1.09 -39.47 -47.63
N SER G 176 0.32 -38.41 -47.35
CA SER G 176 -0.63 -37.89 -48.33
C SER G 176 -0.03 -36.93 -49.37
N GLY G 177 1.09 -36.30 -49.03
CA GLY G 177 1.70 -35.37 -49.97
C GLY G 177 1.09 -33.98 -49.88
N VAL G 178 0.00 -33.86 -49.12
CA VAL G 178 -0.66 -32.56 -48.96
C VAL G 178 -0.57 -32.14 -47.49
N SER G 179 -0.87 -30.89 -47.20
CA SER G 179 -0.82 -30.41 -45.83
C SER G 179 -1.94 -31.04 -45.01
N TYR G 180 -1.72 -31.14 -43.70
CA TYR G 180 -2.70 -31.69 -42.79
C TYR G 180 -4.05 -30.97 -42.94
N GLU G 181 -4.01 -29.64 -42.98
CA GLU G 181 -5.25 -28.87 -43.11
C GLU G 181 -6.03 -29.25 -44.36
N GLU G 182 -5.33 -29.49 -45.46
CA GLU G 182 -6.02 -29.84 -46.70
C GLU G 182 -6.59 -31.25 -46.65
N TYR G 183 -5.83 -32.19 -46.10
CA TYR G 183 -6.29 -33.56 -46.01
C TYR G 183 -7.60 -33.62 -45.24
N ILE G 184 -7.63 -33.04 -44.05
CA ILE G 184 -8.82 -33.02 -43.21
C ILE G 184 -9.98 -32.37 -43.96
N LYS G 185 -9.72 -31.22 -44.57
CA LYS G 185 -10.75 -30.50 -45.31
C LYS G 185 -11.32 -31.32 -46.47
N LYS G 186 -10.45 -31.90 -47.29
CA LYS G 186 -10.89 -32.67 -48.44
C LYS G 186 -11.40 -34.08 -48.15
N LYS G 187 -10.78 -34.78 -47.19
CA LYS G 187 -11.17 -36.15 -46.88
C LYS G 187 -12.20 -36.35 -45.78
N ILE G 188 -12.52 -35.28 -45.04
CA ILE G 188 -13.47 -35.39 -43.95
C ILE G 188 -14.55 -34.32 -43.93
N LEU G 189 -14.15 -33.06 -43.73
CA LEU G 189 -15.11 -31.97 -43.67
C LEU G 189 -16.06 -31.96 -44.86
N GLU G 190 -15.50 -31.84 -46.05
CA GLU G 190 -16.31 -31.80 -47.27
C GLU G 190 -17.20 -33.01 -47.48
N PRO G 191 -16.61 -34.21 -47.48
CA PRO G 191 -17.48 -35.38 -47.69
C PRO G 191 -18.65 -35.44 -46.71
N LEU G 192 -18.44 -34.92 -45.49
CA LEU G 192 -19.46 -34.93 -44.45
C LEU G 192 -20.36 -33.71 -44.48
N GLY G 193 -20.10 -32.80 -45.41
CA GLY G 193 -20.91 -31.60 -45.52
C GLY G 193 -20.68 -30.59 -44.41
N MET G 194 -19.53 -30.66 -43.74
CA MET G 194 -19.19 -29.73 -42.67
C MET G 194 -18.51 -28.53 -43.31
N ASN G 195 -19.30 -27.57 -43.77
CA ASN G 195 -18.78 -26.40 -44.46
C ASN G 195 -18.49 -25.15 -43.62
N ARG G 196 -18.68 -25.25 -42.31
CA ARG G 196 -18.36 -24.12 -41.45
C ARG G 196 -17.41 -24.59 -40.33
N SER G 197 -16.49 -25.47 -40.73
CA SER G 197 -15.46 -26.03 -39.85
C SER G 197 -14.14 -25.57 -40.46
N TYR G 198 -13.40 -24.71 -39.75
CA TYR G 198 -12.16 -24.14 -40.28
C TYR G 198 -10.89 -24.35 -39.44
N PHE G 199 -9.76 -23.98 -40.05
CA PHE G 199 -8.47 -24.04 -39.39
C PHE G 199 -7.86 -22.64 -39.49
N PHE G 200 -7.92 -22.08 -40.70
CA PHE G 200 -7.35 -20.76 -40.99
C PHE G 200 -8.14 -19.54 -40.53
N LYS G 201 -7.42 -18.59 -39.95
CA LYS G 201 -8.03 -17.35 -39.47
C LYS G 201 -8.69 -16.60 -40.63
N GLU G 202 -8.05 -16.64 -41.80
CA GLU G 202 -8.60 -15.96 -42.99
C GLU G 202 -10.10 -16.26 -43.13
N GLU G 203 -10.44 -17.54 -43.11
CA GLU G 203 -11.81 -18.01 -43.24
C GLU G 203 -12.72 -17.64 -42.07
N VAL G 204 -12.24 -17.82 -40.85
CA VAL G 204 -13.03 -17.52 -39.65
C VAL G 204 -13.47 -16.06 -39.65
N GLU G 205 -12.52 -15.15 -39.88
CA GLU G 205 -12.80 -13.72 -39.90
C GLU G 205 -13.82 -13.32 -40.98
N LYS G 206 -14.14 -14.23 -41.91
CA LYS G 206 -15.13 -13.97 -42.96
C LYS G 206 -16.52 -14.47 -42.56
N ASP G 207 -16.58 -15.40 -41.61
CA ASP G 207 -17.85 -15.96 -41.15
C ASP G 207 -18.47 -14.94 -40.20
N LYS G 208 -19.79 -14.77 -40.23
CA LYS G 208 -20.42 -13.79 -39.34
C LYS G 208 -20.92 -14.29 -37.98
N ASP G 209 -20.92 -15.60 -37.75
CA ASP G 209 -21.37 -16.11 -36.46
C ASP G 209 -20.20 -16.80 -35.77
N VAL G 210 -19.33 -16.00 -35.17
CA VAL G 210 -18.14 -16.50 -34.48
C VAL G 210 -18.09 -15.98 -33.05
N ALA G 211 -17.72 -16.85 -32.12
CA ALA G 211 -17.65 -16.48 -30.72
C ALA G 211 -16.25 -15.99 -30.33
N MET G 212 -16.22 -15.01 -29.45
CA MET G 212 -14.98 -14.47 -28.93
C MET G 212 -14.67 -15.37 -27.74
N GLY G 213 -13.38 -15.57 -27.44
CA GLY G 213 -13.02 -16.41 -26.32
C GLY G 213 -12.91 -15.57 -25.06
N TYR G 214 -13.03 -16.18 -23.89
CA TYR G 214 -12.94 -15.45 -22.62
C TYR G 214 -12.18 -16.19 -21.54
N ILE G 215 -11.46 -15.41 -20.73
CA ILE G 215 -10.68 -15.92 -19.60
C ILE G 215 -11.17 -15.18 -18.35
N LEU G 216 -11.39 -15.93 -17.29
CA LEU G 216 -11.84 -15.35 -16.03
C LEU G 216 -10.61 -14.97 -15.22
N ASP G 217 -10.30 -13.68 -15.14
CA ASP G 217 -9.12 -13.20 -14.43
C ASP G 217 -9.19 -13.34 -12.91
N LYS G 218 -8.18 -12.77 -12.26
CA LYS G 218 -8.03 -12.79 -10.82
C LYS G 218 -9.17 -12.13 -10.05
N GLU G 219 -9.63 -10.97 -10.50
CA GLU G 219 -10.72 -10.29 -9.82
C GLU G 219 -12.10 -10.79 -10.22
N GLY G 220 -12.15 -11.83 -11.05
CA GLY G 220 -13.45 -12.36 -11.45
C GLY G 220 -14.05 -11.67 -12.66
N ARG G 221 -13.20 -11.04 -13.46
CA ARG G 221 -13.67 -10.35 -14.66
C ARG G 221 -13.43 -11.25 -15.88
N LEU G 222 -14.35 -11.19 -16.84
CA LEU G 222 -14.24 -11.98 -18.07
C LEU G 222 -13.42 -11.18 -19.06
N VAL G 223 -12.25 -11.70 -19.40
CA VAL G 223 -11.36 -11.02 -20.32
C VAL G 223 -11.36 -11.66 -21.71
N PRO G 224 -11.80 -10.91 -22.73
CA PRO G 224 -11.81 -11.47 -24.08
C PRO G 224 -10.40 -11.85 -24.52
N GLN G 225 -10.30 -12.97 -25.23
CA GLN G 225 -9.02 -13.49 -25.75
C GLN G 225 -9.30 -14.22 -27.06
N PRO G 226 -8.70 -13.77 -28.16
CA PRO G 226 -8.92 -14.43 -29.45
C PRO G 226 -8.20 -15.79 -29.54
N PHE G 227 -8.64 -16.62 -30.49
CA PHE G 227 -8.06 -17.94 -30.68
C PHE G 227 -6.56 -17.88 -30.91
N PRO G 228 -5.79 -18.80 -30.27
CA PRO G 228 -4.34 -18.88 -30.38
C PRO G 228 -3.91 -19.64 -31.64
N TYR G 229 -4.12 -19.02 -32.80
CA TYR G 229 -3.76 -19.64 -34.07
C TYR G 229 -2.30 -20.09 -34.06
N GLY G 230 -2.07 -21.25 -34.67
CA GLY G 230 -0.74 -21.82 -34.71
C GLY G 230 -0.80 -23.32 -34.47
N ILE G 231 -1.69 -23.75 -33.60
CA ILE G 231 -1.85 -25.17 -33.28
C ILE G 231 -2.75 -25.85 -34.34
N THR G 232 -2.42 -27.10 -34.71
CA THR G 232 -3.22 -27.77 -35.73
C THR G 232 -3.82 -29.17 -35.45
N ALA G 233 -3.04 -30.23 -35.69
CA ALA G 233 -3.53 -31.61 -35.52
C ALA G 233 -3.89 -32.06 -34.11
N ASP G 234 -3.39 -31.38 -33.09
CA ASP G 234 -3.71 -31.76 -31.71
C ASP G 234 -4.91 -30.99 -31.15
N GLY G 235 -5.33 -29.93 -31.85
CA GLY G 235 -6.49 -29.17 -31.39
C GLY G 235 -6.70 -27.80 -31.98
N GLY G 236 -6.43 -27.64 -33.27
CA GLY G 236 -6.59 -26.34 -33.90
C GLY G 236 -7.81 -26.10 -34.77
N LEU G 237 -8.81 -26.97 -34.67
CA LEU G 237 -10.01 -26.82 -35.48
C LEU G 237 -11.12 -26.04 -34.79
N LEU G 238 -11.85 -25.24 -35.56
CA LEU G 238 -12.98 -24.46 -35.05
C LEU G 238 -14.23 -24.89 -35.83
N SER G 239 -15.35 -25.04 -35.13
CA SER G 239 -16.59 -25.47 -35.76
C SER G 239 -17.82 -25.09 -34.91
N SER G 240 -18.99 -25.61 -35.30
CA SER G 240 -20.23 -25.35 -34.56
C SER G 240 -20.84 -26.68 -34.13
N VAL G 241 -21.82 -26.64 -33.24
CA VAL G 241 -22.47 -27.87 -32.79
C VAL G 241 -23.29 -28.53 -33.89
N LEU G 242 -23.69 -27.76 -34.89
CA LEU G 242 -24.46 -28.31 -35.99
C LEU G 242 -23.54 -29.13 -36.91
N ASP G 243 -22.34 -28.63 -37.14
CA ASP G 243 -21.35 -29.33 -37.97
C ASP G 243 -20.87 -30.58 -37.22
N LEU G 244 -20.64 -30.44 -35.92
CA LEU G 244 -20.19 -31.56 -35.11
C LEU G 244 -21.30 -32.61 -35.02
N ALA G 245 -22.54 -32.16 -35.20
CA ALA G 245 -23.68 -33.08 -35.17
C ALA G 245 -23.55 -33.98 -36.40
N LYS G 246 -23.18 -33.36 -37.52
CA LYS G 246 -22.98 -34.09 -38.77
C LYS G 246 -21.87 -35.13 -38.59
N TYR G 247 -20.83 -34.73 -37.85
CA TYR G 247 -19.68 -35.58 -37.57
C TYR G 247 -20.12 -36.78 -36.73
N LEU G 248 -20.82 -36.51 -35.64
CA LEU G 248 -21.29 -37.56 -34.75
C LEU G 248 -22.19 -38.57 -35.46
N LYS G 249 -22.98 -38.09 -36.42
CA LYS G 249 -23.88 -38.95 -37.18
C LYS G 249 -23.12 -40.05 -37.88
N MET G 250 -21.95 -39.72 -38.42
CA MET G 250 -21.15 -40.69 -39.14
C MET G 250 -20.76 -41.85 -38.24
N TYR G 251 -20.27 -41.55 -37.05
CA TYR G 251 -19.86 -42.58 -36.12
C TYR G 251 -21.01 -43.44 -35.65
N ILE G 252 -22.10 -42.79 -35.25
CA ILE G 252 -23.28 -43.47 -34.74
C ILE G 252 -23.93 -44.43 -35.73
N GLU G 253 -24.11 -44.00 -36.97
CA GLU G 253 -24.74 -44.86 -37.97
C GLU G 253 -23.69 -45.72 -38.67
N ARG G 254 -22.44 -45.61 -38.24
CA ARG G 254 -21.36 -46.37 -38.86
C ARG G 254 -21.37 -46.14 -40.37
N ASP G 255 -21.57 -44.90 -40.78
CA ASP G 255 -21.58 -44.52 -42.19
C ASP G 255 -20.16 -44.78 -42.71
N GLU G 256 -20.05 -45.37 -43.89
CA GLU G 256 -18.74 -45.70 -44.44
C GLU G 256 -18.29 -44.82 -45.60
N SER G 257 -18.63 -43.54 -45.57
CA SER G 257 -18.24 -42.63 -46.65
C SER G 257 -16.82 -42.08 -46.50
N ILE G 258 -16.12 -42.51 -45.45
CA ILE G 258 -14.74 -42.07 -45.18
C ILE G 258 -13.85 -43.29 -44.94
N VAL G 259 -14.32 -44.18 -44.07
CA VAL G 259 -13.60 -45.40 -43.72
C VAL G 259 -14.63 -46.49 -43.45
N SER G 260 -14.24 -47.75 -43.58
CA SER G 260 -15.14 -48.87 -43.35
C SER G 260 -15.51 -48.96 -41.88
N LYS G 261 -16.60 -49.68 -41.57
CA LYS G 261 -17.03 -49.81 -40.19
C LYS G 261 -15.97 -50.46 -39.31
N GLU G 262 -15.16 -51.33 -39.92
CA GLU G 262 -14.10 -52.00 -39.18
C GLU G 262 -13.11 -50.99 -38.60
N TYR G 263 -12.87 -49.90 -39.33
CA TYR G 263 -11.94 -48.88 -38.85
C TYR G 263 -12.55 -47.99 -37.76
N ILE G 264 -13.87 -47.83 -37.80
CA ILE G 264 -14.55 -47.04 -36.79
C ILE G 264 -14.47 -47.84 -35.47
N GLU G 265 -14.51 -49.17 -35.59
CA GLU G 265 -14.43 -50.05 -34.41
C GLU G 265 -13.04 -49.95 -33.79
N LYS G 266 -12.01 -49.99 -34.63
CA LYS G 266 -10.64 -49.89 -34.14
C LYS G 266 -10.54 -48.65 -33.24
N MET G 267 -11.07 -47.54 -33.73
CA MET G 267 -11.06 -46.27 -33.01
C MET G 267 -11.83 -46.33 -31.69
N GLU G 268 -12.94 -47.08 -31.68
CA GLU G 268 -13.79 -47.20 -30.50
C GLU G 268 -13.33 -48.26 -29.49
N THR G 269 -12.22 -48.92 -29.81
CA THR G 269 -11.69 -49.96 -28.93
C THR G 269 -10.80 -49.37 -27.86
N SER G 270 -10.98 -49.83 -26.62
CA SER G 270 -10.17 -49.35 -25.51
C SER G 270 -8.85 -50.14 -25.50
N TYR G 271 -7.74 -49.45 -25.73
CA TYR G 271 -6.42 -50.10 -25.78
C TYR G 271 -5.60 -50.02 -24.49
N ILE G 272 -5.91 -49.05 -23.64
CA ILE G 272 -5.16 -48.87 -22.41
C ILE G 272 -5.98 -48.00 -21.45
N LYS G 273 -5.79 -48.19 -20.15
CA LYS G 273 -6.53 -47.42 -19.15
C LYS G 273 -6.00 -46.00 -18.97
N VAL G 274 -6.90 -45.08 -18.65
CA VAL G 274 -6.53 -43.69 -18.40
C VAL G 274 -6.79 -43.43 -16.92
N PRO G 275 -6.12 -42.41 -16.34
CA PRO G 275 -6.31 -42.12 -14.92
C PRO G 275 -7.54 -41.27 -14.60
N TRP G 276 -8.46 -41.14 -15.55
CA TRP G 276 -9.67 -40.35 -15.33
C TRP G 276 -10.88 -41.24 -15.06
N GLU G 277 -10.80 -42.10 -14.04
CA GLU G 277 -11.93 -42.96 -13.74
C GLU G 277 -13.06 -42.20 -13.07
N ILE G 278 -14.18 -42.10 -13.78
CA ILE G 278 -15.37 -41.41 -13.31
C ILE G 278 -16.43 -42.46 -12.99
N PHE G 279 -16.74 -43.25 -14.01
CA PHE G 279 -17.75 -44.29 -13.92
C PHE G 279 -17.14 -45.69 -13.75
N GLY G 280 -15.82 -45.78 -13.85
CA GLY G 280 -15.14 -47.06 -13.73
C GLY G 280 -14.83 -47.71 -15.07
N GLY G 281 -13.57 -48.12 -15.24
CA GLY G 281 -13.15 -48.77 -16.48
C GLY G 281 -12.74 -47.88 -17.64
N GLU G 282 -12.76 -46.56 -17.45
CA GLU G 282 -12.39 -45.64 -18.52
C GLU G 282 -11.10 -46.02 -19.26
N GLY G 283 -11.10 -45.86 -20.58
CA GLY G 283 -9.92 -46.17 -21.37
C GLY G 283 -9.76 -45.23 -22.54
N TYR G 284 -8.78 -45.48 -23.40
CA TYR G 284 -8.53 -44.62 -24.56
C TYR G 284 -8.36 -45.45 -25.82
N GLY G 285 -9.07 -45.07 -26.89
CA GLY G 285 -8.95 -45.78 -28.15
C GLY G 285 -8.08 -44.95 -29.06
N TYR G 286 -8.63 -44.49 -30.18
CA TYR G 286 -7.89 -43.64 -31.11
C TYR G 286 -8.50 -42.23 -31.10
N GLY G 287 -7.90 -41.33 -30.32
CA GLY G 287 -8.38 -39.97 -30.23
C GLY G 287 -9.78 -39.90 -29.66
N LEU G 288 -10.13 -40.93 -28.92
CA LEU G 288 -11.45 -41.03 -28.31
C LEU G 288 -11.31 -41.70 -26.94
N ILE G 289 -12.06 -41.21 -25.97
CA ILE G 289 -12.04 -41.78 -24.62
C ILE G 289 -13.20 -42.80 -24.59
N ILE G 290 -12.95 -43.95 -23.98
CA ILE G 290 -13.96 -45.01 -23.90
C ILE G 290 -14.51 -45.17 -22.49
N TYR G 291 -15.83 -45.20 -22.34
CA TYR G 291 -16.47 -45.35 -21.03
C TYR G 291 -17.36 -46.59 -21.02
N PRO G 292 -16.83 -47.73 -20.51
CA PRO G 292 -17.64 -48.96 -20.48
C PRO G 292 -18.86 -48.96 -19.56
N ASN G 293 -18.85 -48.14 -18.52
CA ASN G 293 -19.97 -48.10 -17.60
C ASN G 293 -20.64 -46.74 -17.42
N PHE G 294 -21.15 -46.17 -18.50
CA PHE G 294 -21.85 -44.90 -18.38
C PHE G 294 -23.32 -45.24 -18.27
N LEU G 295 -23.84 -45.25 -17.05
CA LEU G 295 -25.25 -45.54 -16.82
C LEU G 295 -25.68 -46.80 -17.58
N GLY G 296 -24.88 -47.85 -17.48
CA GLY G 296 -25.19 -49.09 -18.15
C GLY G 296 -25.12 -49.03 -19.67
N GLU G 297 -24.28 -48.14 -20.18
CA GLU G 297 -24.10 -47.98 -21.62
C GLU G 297 -22.62 -47.77 -21.90
N LYS G 298 -22.19 -48.01 -23.14
CA LYS G 298 -20.81 -47.77 -23.52
C LYS G 298 -20.78 -46.42 -24.21
N LEU G 299 -20.15 -45.44 -23.56
CA LEU G 299 -20.04 -44.10 -24.12
C LEU G 299 -18.71 -43.88 -24.78
N VAL G 300 -18.71 -43.09 -25.86
CA VAL G 300 -17.50 -42.76 -26.60
C VAL G 300 -17.48 -41.24 -26.79
N GLY G 301 -16.41 -40.59 -26.34
CA GLY G 301 -16.32 -39.15 -26.50
C GLY G 301 -14.93 -38.59 -26.22
N HIS G 302 -14.83 -37.26 -26.24
CA HIS G 302 -13.58 -36.58 -25.99
C HIS G 302 -13.83 -35.10 -25.76
N SER G 303 -13.14 -34.53 -24.79
CA SER G 303 -13.29 -33.13 -24.49
C SER G 303 -12.20 -32.35 -25.22
N GLY G 304 -12.28 -31.02 -25.12
CA GLY G 304 -11.30 -30.16 -25.75
C GLY G 304 -11.20 -28.87 -24.98
N SER G 305 -10.04 -28.23 -25.07
CA SER G 305 -9.83 -26.97 -24.38
C SER G 305 -8.60 -26.25 -24.88
N VAL G 306 -8.76 -24.96 -25.11
CA VAL G 306 -7.67 -24.14 -25.56
C VAL G 306 -7.64 -22.90 -24.67
N GLY G 307 -8.12 -23.06 -23.44
CA GLY G 307 -8.15 -21.96 -22.49
C GLY G 307 -9.38 -21.08 -22.59
N MET G 308 -9.51 -20.33 -23.69
CA MET G 308 -10.66 -19.44 -23.84
C MET G 308 -11.88 -20.09 -24.51
N TYR G 309 -11.74 -21.35 -24.94
CA TYR G 309 -12.84 -22.12 -25.54
C TYR G 309 -12.72 -23.53 -24.99
N THR G 310 -13.85 -24.20 -24.81
CA THR G 310 -13.86 -25.58 -24.34
C THR G 310 -15.01 -26.27 -25.03
N GLY G 311 -14.97 -27.59 -25.08
CA GLY G 311 -16.03 -28.33 -25.71
C GLY G 311 -16.02 -29.82 -25.38
N TYR G 312 -17.05 -30.51 -25.86
CA TYR G 312 -17.16 -31.94 -25.64
C TYR G 312 -18.13 -32.60 -26.61
N ILE G 313 -17.76 -33.76 -27.11
CA ILE G 313 -18.63 -34.54 -27.99
C ILE G 313 -18.70 -35.95 -27.40
N GLY G 314 -19.86 -36.58 -27.50
CA GLY G 314 -20.05 -37.91 -26.96
C GLY G 314 -21.23 -38.61 -27.61
N TYR G 315 -21.13 -39.92 -27.79
CA TYR G 315 -22.21 -40.69 -28.40
C TYR G 315 -22.23 -42.15 -27.93
N ILE G 316 -23.42 -42.75 -27.92
CA ILE G 316 -23.60 -44.13 -27.50
C ILE G 316 -24.16 -44.88 -28.71
N PRO G 317 -23.31 -45.63 -29.43
CA PRO G 317 -23.72 -46.39 -30.62
C PRO G 317 -25.04 -47.18 -30.50
N GLU G 318 -25.16 -47.99 -29.44
CA GLU G 318 -26.35 -48.81 -29.24
C GLU G 318 -27.67 -48.05 -29.02
N LYS G 319 -27.59 -46.87 -28.39
CA LYS G 319 -28.79 -46.07 -28.15
C LYS G 319 -29.02 -45.07 -29.27
N LYS G 320 -28.14 -45.10 -30.27
CA LYS G 320 -28.21 -44.20 -31.42
C LYS G 320 -28.37 -42.72 -31.03
N ILE G 321 -27.67 -42.28 -30.00
CA ILE G 321 -27.77 -40.89 -29.58
C ILE G 321 -26.41 -40.24 -29.36
N GLY G 322 -26.34 -38.94 -29.66
CA GLY G 322 -25.12 -38.17 -29.52
C GLY G 322 -25.39 -36.76 -29.04
N VAL G 323 -24.36 -36.11 -28.49
CA VAL G 323 -24.49 -34.74 -28.01
C VAL G 323 -23.19 -33.98 -28.23
N ALA G 324 -23.32 -32.72 -28.65
CA ALA G 324 -22.17 -31.84 -28.87
C ALA G 324 -22.41 -30.55 -28.08
N VAL G 325 -21.38 -30.12 -27.34
CA VAL G 325 -21.48 -28.90 -26.53
C VAL G 325 -20.22 -28.05 -26.68
N LEU G 326 -20.40 -26.76 -27.00
CA LEU G 326 -19.27 -25.85 -27.14
C LEU G 326 -19.44 -24.69 -26.16
N GLU G 327 -18.31 -24.15 -25.70
CA GLU G 327 -18.31 -23.07 -24.72
C GLU G 327 -17.18 -22.07 -24.97
N ASN G 328 -17.49 -20.78 -24.89
CA ASN G 328 -16.45 -19.77 -25.09
C ASN G 328 -15.81 -19.35 -23.77
N SER G 329 -15.47 -20.35 -22.96
CA SER G 329 -14.86 -20.14 -21.64
C SER G 329 -14.55 -21.49 -21.01
N SER G 330 -14.02 -21.49 -19.79
CA SER G 330 -13.69 -22.72 -19.06
C SER G 330 -14.45 -22.86 -17.76
N GLY G 331 -15.49 -22.04 -17.57
CA GLY G 331 -16.27 -22.05 -16.34
C GLY G 331 -16.91 -23.34 -15.89
N TYR G 332 -17.59 -24.04 -16.79
CA TYR G 332 -18.23 -25.31 -16.44
C TYR G 332 -17.87 -26.35 -17.49
N PRO G 333 -17.43 -27.54 -17.04
CA PRO G 333 -17.05 -28.61 -17.97
C PRO G 333 -18.14 -28.96 -18.97
N PRO G 334 -17.93 -28.63 -20.25
CA PRO G 334 -18.96 -28.97 -21.23
C PRO G 334 -19.35 -30.45 -21.22
N SER G 335 -18.43 -31.31 -20.79
CA SER G 335 -18.71 -32.74 -20.73
C SER G 335 -19.78 -33.04 -19.67
N TYR G 336 -19.86 -32.19 -18.65
CA TYR G 336 -20.86 -32.34 -17.59
C TYR G 336 -22.25 -32.02 -18.13
N ILE G 337 -22.33 -30.98 -18.95
CA ILE G 337 -23.59 -30.58 -19.57
C ILE G 337 -23.99 -31.69 -20.54
N ALA G 338 -23.04 -32.12 -21.36
CA ALA G 338 -23.29 -33.17 -22.34
C ALA G 338 -23.82 -34.44 -21.69
N MET G 339 -23.17 -34.86 -20.62
CA MET G 339 -23.56 -36.06 -19.88
C MET G 339 -24.93 -35.89 -19.25
N TYR G 340 -25.23 -34.67 -18.81
CA TYR G 340 -26.53 -34.37 -18.21
C TYR G 340 -27.58 -34.73 -19.27
N ALA G 341 -27.39 -34.21 -20.48
CA ALA G 341 -28.31 -34.45 -21.59
C ALA G 341 -28.41 -35.94 -21.94
N LEU G 342 -27.26 -36.60 -22.03
CA LEU G 342 -27.25 -38.03 -22.33
C LEU G 342 -28.06 -38.80 -21.28
N ALA G 343 -27.95 -38.39 -20.03
CA ALA G 343 -28.68 -39.04 -18.94
C ALA G 343 -30.19 -38.89 -19.13
N LEU G 344 -30.63 -37.70 -19.50
CA LEU G 344 -32.05 -37.48 -19.71
C LEU G 344 -32.55 -38.29 -20.90
N LEU G 345 -31.77 -38.32 -21.97
CA LEU G 345 -32.12 -39.09 -23.18
C LEU G 345 -32.26 -40.58 -22.89
N LEU G 346 -31.60 -41.05 -21.84
CA LEU G 346 -31.64 -42.46 -21.45
C LEU G 346 -32.74 -42.76 -20.42
N GLY G 347 -33.49 -41.71 -20.05
CA GLY G 347 -34.55 -41.87 -19.07
C GLY G 347 -34.06 -42.00 -17.64
N LYS G 348 -32.84 -41.53 -17.40
CA LYS G 348 -32.22 -41.57 -16.07
C LYS G 348 -32.29 -40.20 -15.41
N ASN G 349 -32.08 -40.14 -14.10
CA ASN G 349 -32.11 -38.88 -13.38
C ASN G 349 -30.68 -38.39 -13.16
N PRO G 350 -30.25 -37.40 -13.96
CA PRO G 350 -28.89 -36.87 -13.83
C PRO G 350 -28.56 -36.37 -12.41
N GLU G 351 -29.51 -35.66 -11.79
CA GLU G 351 -29.30 -35.15 -10.43
C GLU G 351 -28.95 -36.26 -9.45
N LYS G 352 -29.41 -37.48 -9.73
CA LYS G 352 -29.12 -38.61 -8.84
C LYS G 352 -28.06 -39.58 -9.36
N GLU G 353 -27.93 -39.69 -10.68
CA GLU G 353 -26.96 -40.61 -11.26
C GLU G 353 -25.61 -40.07 -11.71
N LEU G 354 -25.45 -38.76 -11.78
CA LEU G 354 -24.16 -38.22 -12.19
C LEU G 354 -23.41 -37.74 -10.94
N PRO G 355 -22.31 -38.42 -10.59
CA PRO G 355 -21.49 -38.09 -9.42
C PRO G 355 -21.15 -36.61 -9.25
N PHE G 356 -20.61 -36.00 -10.31
CA PHE G 356 -20.24 -34.60 -10.27
C PHE G 356 -21.40 -33.64 -10.10
N ILE G 357 -22.62 -34.14 -10.16
CA ILE G 357 -23.78 -33.27 -10.01
C ILE G 357 -24.28 -33.18 -8.59
N TYR G 358 -24.55 -34.32 -7.95
CA TYR G 358 -25.05 -34.29 -6.58
C TYR G 358 -23.93 -34.00 -5.58
N ARG G 359 -22.72 -34.42 -5.92
CA ARG G 359 -21.56 -34.20 -5.06
C ARG G 359 -21.33 -32.70 -4.84
N GLU G 360 -21.45 -31.91 -5.91
CA GLU G 360 -21.28 -30.46 -5.81
C GLU G 360 -22.41 -29.88 -4.98
N ARG G 361 -23.61 -30.45 -5.16
CA ARG G 361 -24.79 -29.98 -4.44
C ARG G 361 -24.74 -30.36 -2.96
N ILE G 362 -24.28 -31.57 -2.64
CA ILE G 362 -24.21 -31.98 -1.24
C ILE G 362 -23.14 -31.18 -0.51
N LEU G 363 -21.95 -31.07 -1.11
CA LEU G 363 -20.83 -30.34 -0.52
C LEU G 363 -21.08 -28.87 -0.23
N LYS G 364 -21.67 -28.16 -1.19
CA LYS G 364 -21.92 -26.74 -1.00
C LYS G 364 -22.73 -26.45 0.26
N LYS G 365 -23.46 -27.46 0.74
CA LYS G 365 -24.29 -27.34 1.95
C LYS G 365 -23.44 -27.20 3.21
N VAL G 366 -22.21 -27.66 3.10
CA VAL G 366 -21.24 -27.66 4.19
C VAL G 366 -20.53 -26.32 4.35
N GLU G 367 -20.50 -25.53 3.28
CA GLU G 367 -19.83 -24.24 3.32
C GLU G 367 -20.48 -23.24 4.27
N GLY G 368 -19.64 -22.46 4.95
CA GLY G 368 -20.11 -21.46 5.89
C GLY G 368 -19.17 -21.39 7.09
N ARG G 369 -19.53 -20.59 8.09
CA ARG G 369 -18.70 -20.48 9.28
C ARG G 369 -19.29 -21.24 10.46
N TYR G 370 -18.44 -21.93 11.20
CA TYR G 370 -18.88 -22.72 12.35
C TYR G 370 -18.38 -22.13 13.67
N MET G 371 -19.14 -22.38 14.74
CA MET G 371 -18.77 -21.87 16.08
C MET G 371 -18.90 -22.98 17.12
N GLY G 372 -17.98 -22.99 18.10
CA GLY G 372 -18.04 -23.99 19.15
C GLY G 372 -19.03 -23.57 20.24
N TYR G 373 -18.98 -24.21 21.41
CA TYR G 373 -19.89 -23.89 22.51
C TYR G 373 -19.93 -22.38 22.78
N LYS G 374 -21.13 -21.81 22.74
CA LYS G 374 -21.33 -20.39 22.97
C LYS G 374 -20.37 -19.45 22.27
N GLY G 375 -19.95 -19.81 21.05
CA GLY G 375 -19.05 -18.98 20.29
C GLY G 375 -17.61 -18.79 20.77
N THR G 376 -17.07 -19.77 21.47
CA THR G 376 -15.70 -19.68 21.96
C THR G 376 -14.69 -19.65 20.80
N ILE G 377 -14.78 -20.62 19.90
CA ILE G 377 -13.85 -20.67 18.77
C ILE G 377 -14.61 -20.65 17.43
N LYS G 378 -14.08 -19.88 16.48
CA LYS G 378 -14.72 -19.78 15.17
C LYS G 378 -13.94 -20.45 14.06
N PHE G 379 -14.67 -21.02 13.10
CA PHE G 379 -14.07 -21.71 11.96
C PHE G 379 -14.77 -21.30 10.68
N GLU G 380 -14.14 -21.63 9.56
CA GLU G 380 -14.68 -21.33 8.25
C GLU G 380 -14.53 -22.56 7.38
N VAL G 381 -15.54 -22.85 6.59
CA VAL G 381 -15.50 -24.00 5.70
C VAL G 381 -15.81 -23.56 4.28
N LYS G 382 -14.89 -23.87 3.37
CA LYS G 382 -15.03 -23.53 1.96
C LYS G 382 -14.66 -24.78 1.17
N VAL G 383 -15.38 -25.05 0.09
CA VAL G 383 -15.08 -26.21 -0.74
C VAL G 383 -14.27 -25.76 -1.96
N ASP G 384 -13.31 -26.59 -2.34
CA ASP G 384 -12.46 -26.33 -3.48
C ASP G 384 -12.34 -27.63 -4.22
N GLY G 385 -13.02 -27.73 -5.34
CA GLY G 385 -12.98 -28.96 -6.11
C GLY G 385 -13.73 -30.00 -5.31
N ASP G 386 -13.08 -31.13 -5.06
CA ASP G 386 -13.69 -32.22 -4.30
C ASP G 386 -13.14 -32.20 -2.87
N VAL G 387 -12.31 -31.22 -2.57
CA VAL G 387 -11.68 -31.08 -1.24
C VAL G 387 -12.30 -30.00 -0.34
N VAL G 388 -12.61 -30.39 0.90
CA VAL G 388 -13.21 -29.50 1.89
C VAL G 388 -12.13 -28.94 2.82
N TYR G 389 -12.02 -27.60 2.87
CA TYR G 389 -11.02 -26.96 3.73
C TYR G 389 -11.60 -26.35 5.02
N LEU G 390 -11.00 -26.70 6.15
CA LEU G 390 -11.41 -26.22 7.46
C LEU G 390 -10.34 -25.25 7.94
N ARG G 391 -10.69 -23.97 8.01
CA ARG G 391 -9.75 -22.94 8.44
C ARG G 391 -10.16 -22.23 9.72
N ALA G 392 -9.31 -22.30 10.74
CA ALA G 392 -9.58 -21.63 12.01
C ALA G 392 -9.55 -20.12 11.78
N LEU G 393 -10.46 -19.41 12.43
CA LEU G 393 -10.53 -17.95 12.29
C LEU G 393 -9.79 -17.20 13.38
N GLY G 394 -9.30 -16.02 13.03
CA GLY G 394 -8.55 -15.21 13.97
C GLY G 394 -7.27 -14.70 13.34
N ARG G 395 -7.27 -13.43 12.96
CA ARG G 395 -6.12 -12.76 12.36
C ARG G 395 -4.86 -13.11 13.16
N ALA G 396 -5.08 -13.63 14.37
CA ALA G 396 -3.98 -14.01 15.24
C ALA G 396 -3.12 -15.11 14.64
N PHE G 397 -3.34 -16.33 15.12
CA PHE G 397 -2.60 -17.52 14.71
C PHE G 397 -3.63 -18.59 14.32
N THR G 398 -3.23 -19.57 13.51
CA THR G 398 -4.21 -20.55 13.05
C THR G 398 -3.69 -21.86 12.42
N TYR G 399 -4.48 -22.34 11.44
CA TYR G 399 -4.19 -23.55 10.66
C TYR G 399 -5.31 -23.78 9.65
N THR G 400 -5.04 -24.62 8.64
CA THR G 400 -6.05 -24.94 7.63
C THR G 400 -5.94 -26.42 7.30
N ILE G 401 -6.99 -27.16 7.63
CA ILE G 401 -7.01 -28.60 7.42
C ILE G 401 -7.65 -29.00 6.08
N PRO G 402 -6.95 -29.83 5.29
CA PRO G 402 -7.44 -30.32 3.99
C PRO G 402 -8.25 -31.59 4.28
N LEU G 403 -9.55 -31.56 3.98
CA LEU G 403 -10.40 -32.74 4.23
C LEU G 403 -10.82 -33.45 2.96
N PHE G 404 -10.70 -34.77 2.96
CA PHE G 404 -11.07 -35.60 1.82
C PHE G 404 -12.31 -36.43 2.16
N PRO G 405 -13.45 -36.12 1.51
CA PRO G 405 -14.65 -36.90 1.83
C PRO G 405 -14.50 -38.37 1.48
N GLU G 406 -15.06 -39.23 2.34
CA GLU G 406 -15.00 -40.66 2.14
C GLU G 406 -16.40 -41.24 2.01
N VAL G 407 -17.37 -40.57 2.63
CA VAL G 407 -18.75 -41.00 2.54
C VAL G 407 -19.61 -39.77 2.29
N LEU G 408 -20.45 -39.84 1.27
CA LEU G 408 -21.30 -38.71 0.91
C LEU G 408 -22.76 -39.12 0.87
N GLU G 409 -23.56 -38.50 1.74
CA GLU G 409 -25.00 -38.77 1.83
C GLU G 409 -25.71 -37.42 1.77
N GLU G 410 -27.00 -37.46 1.45
CA GLU G 410 -27.80 -36.24 1.38
C GLU G 410 -27.65 -35.33 2.59
N ASP G 411 -27.61 -35.93 3.77
CA ASP G 411 -27.51 -35.15 5.01
C ASP G 411 -26.38 -35.67 5.92
N PHE G 412 -25.32 -36.19 5.31
CA PHE G 412 -24.20 -36.68 6.07
C PHE G 412 -22.97 -36.74 5.17
N ILE G 413 -21.81 -36.45 5.73
CA ILE G 413 -20.57 -36.46 4.98
C ILE G 413 -19.42 -36.78 5.94
N LYS G 414 -18.64 -37.79 5.60
CA LYS G 414 -17.50 -38.18 6.42
C LYS G 414 -16.21 -37.89 5.67
N CYS G 415 -15.31 -37.14 6.30
CA CYS G 415 -14.05 -36.78 5.68
C CYS G 415 -12.87 -37.16 6.56
N TYR G 416 -11.69 -37.24 5.95
CA TYR G 416 -10.47 -37.57 6.67
C TYR G 416 -9.37 -36.62 6.21
N THR G 417 -8.45 -36.32 7.12
CA THR G 417 -7.34 -35.42 6.81
C THR G 417 -6.05 -35.88 7.47
N LEU G 418 -5.77 -37.18 7.42
CA LEU G 418 -4.57 -37.74 8.03
C LEU G 418 -3.66 -36.70 8.70
N SER G 419 -3.42 -36.89 9.99
CA SER G 419 -2.56 -35.97 10.72
C SER G 419 -1.61 -36.69 11.65
N ASN G 420 -0.55 -35.98 12.02
CA ASN G 420 0.49 -36.50 12.90
C ASN G 420 0.59 -38.03 12.81
N GLY G 421 0.66 -38.53 11.58
CA GLY G 421 0.77 -39.97 11.38
C GLY G 421 -0.25 -40.61 10.43
N ARG G 422 -1.43 -40.94 10.97
CA ARG G 422 -2.47 -41.59 10.16
C ARG G 422 -3.71 -40.75 9.86
N LYS G 423 -4.84 -41.42 9.64
CA LYS G 423 -6.09 -40.73 9.35
C LYS G 423 -6.70 -40.05 10.57
N MET G 424 -7.57 -39.08 10.32
CA MET G 424 -8.29 -38.33 11.35
C MET G 424 -9.58 -37.85 10.66
N TYR G 425 -10.72 -38.31 11.14
CA TYR G 425 -11.99 -37.98 10.50
C TYR G 425 -12.79 -36.80 11.04
N ALA G 426 -13.58 -36.21 10.13
CA ALA G 426 -14.45 -35.09 10.45
C ALA G 426 -15.84 -35.60 10.09
N GLU G 427 -16.87 -35.06 10.74
CA GLU G 427 -18.24 -35.49 10.46
C GLU G 427 -19.24 -34.34 10.37
N PHE G 428 -19.89 -34.23 9.22
CA PHE G 428 -20.91 -33.21 8.98
C PHE G 428 -22.30 -33.86 8.96
N TYR G 429 -23.21 -33.33 9.78
CA TYR G 429 -24.58 -33.83 9.81
C TYR G 429 -25.46 -32.67 9.39
N ILE G 430 -26.01 -32.76 8.17
CA ILE G 430 -26.86 -31.71 7.63
C ILE G 430 -28.30 -31.87 8.10
N LYS G 431 -28.91 -30.76 8.54
CA LYS G 431 -30.28 -30.83 9.04
C LYS G 431 -30.86 -29.45 9.33
N ASP G 432 -32.16 -29.33 9.11
CA ASP G 432 -32.92 -28.10 9.34
C ASP G 432 -32.13 -26.82 9.13
N ASN G 433 -31.60 -26.63 7.92
CA ASN G 433 -30.82 -25.41 7.65
C ASN G 433 -29.78 -25.24 8.75
N LYS G 434 -29.03 -26.31 9.02
CA LYS G 434 -27.98 -26.30 10.04
C LYS G 434 -27.03 -27.48 9.81
N VAL G 435 -25.76 -27.28 10.12
CA VAL G 435 -24.79 -28.35 9.97
C VAL G 435 -23.99 -28.50 11.24
N ASP G 436 -23.99 -29.72 11.79
CA ASP G 436 -23.27 -30.06 13.01
C ASP G 436 -21.94 -30.66 12.57
N LEU G 437 -20.84 -30.06 13.00
CA LEU G 437 -19.53 -30.59 12.64
C LEU G 437 -18.83 -31.22 13.83
N ILE G 438 -18.40 -32.47 13.65
CA ILE G 438 -17.69 -33.17 14.70
C ILE G 438 -16.30 -33.47 14.14
N PHE G 439 -15.29 -32.81 14.71
CA PHE G 439 -13.92 -33.00 14.29
C PHE G 439 -13.05 -33.25 15.52
N GLU G 440 -12.57 -34.48 15.65
CA GLU G 440 -11.76 -34.88 16.80
C GLU G 440 -12.47 -34.48 18.10
N ARG G 441 -11.82 -33.67 18.92
CA ARG G 441 -12.38 -33.26 20.21
C ARG G 441 -13.48 -32.20 20.13
N TYR G 442 -13.51 -31.49 19.01
CA TYR G 442 -14.46 -30.39 18.80
C TYR G 442 -15.82 -30.69 18.17
N ARG G 443 -16.78 -29.84 18.51
CA ARG G 443 -18.13 -29.86 17.95
C ARG G 443 -18.38 -28.40 17.56
N LEU G 444 -18.64 -28.16 16.29
CA LEU G 444 -18.88 -26.80 15.81
C LEU G 444 -20.20 -26.79 15.06
N ILE G 445 -20.94 -25.70 15.21
CA ILE G 445 -22.24 -25.57 14.55
C ILE G 445 -22.23 -24.45 13.50
N LYS G 446 -22.63 -24.80 12.27
CA LYS G 446 -22.64 -23.85 11.15
C LYS G 446 -23.33 -22.53 11.38
N SER G 447 -22.71 -21.49 10.84
CA SER G 447 -23.20 -20.12 10.94
C SER G 447 -23.16 -19.66 12.38
N MET H 1 25.00 -28.28 -42.33
CA MET H 1 24.82 -27.58 -41.03
C MET H 1 23.82 -28.31 -40.14
N ASP H 2 24.02 -28.23 -38.83
CA ASP H 2 23.14 -28.90 -37.87
C ASP H 2 21.90 -28.04 -37.60
N VAL H 3 20.92 -28.11 -38.49
CA VAL H 3 19.69 -27.33 -38.33
C VAL H 3 18.93 -27.65 -37.03
N GLY H 4 18.94 -28.91 -36.62
CA GLY H 4 18.27 -29.29 -35.39
C GLY H 4 18.78 -28.53 -34.18
N LYS H 5 20.10 -28.44 -34.06
CA LYS H 5 20.73 -27.75 -32.95
C LYS H 5 20.44 -26.24 -32.99
N LEU H 6 20.51 -25.66 -34.18
CA LEU H 6 20.24 -24.24 -34.34
C LEU H 6 18.79 -23.87 -34.00
N GLU H 7 17.84 -24.64 -34.52
CA GLU H 7 16.44 -24.34 -34.25
C GLU H 7 16.07 -24.50 -32.77
N SER H 8 16.65 -25.47 -32.09
CA SER H 8 16.36 -25.64 -30.67
C SER H 8 16.89 -24.44 -29.90
N PHE H 9 18.11 -24.03 -30.25
CA PHE H 9 18.74 -22.89 -29.61
C PHE H 9 17.84 -21.66 -29.70
N ILE H 10 17.34 -21.39 -30.90
CA ILE H 10 16.46 -20.24 -31.13
C ILE H 10 15.18 -20.31 -30.30
N VAL H 11 14.47 -21.43 -30.36
CA VAL H 11 13.24 -21.57 -29.60
C VAL H 11 13.53 -21.50 -28.09
N GLU H 12 14.64 -22.09 -27.67
CA GLU H 12 15.03 -22.08 -26.27
C GLU H 12 15.18 -20.66 -25.76
N LYS H 13 15.94 -19.84 -26.48
CA LYS H 13 16.16 -18.47 -26.09
C LYS H 13 14.91 -17.60 -26.17
N MET H 14 14.06 -17.83 -27.17
CA MET H 14 12.84 -17.06 -27.30
C MET H 14 11.93 -17.29 -26.09
N ALA H 15 11.87 -18.52 -25.59
CA ALA H 15 11.05 -18.82 -24.42
C ALA H 15 11.71 -18.22 -23.17
N GLU H 16 12.99 -18.53 -22.99
CA GLU H 16 13.80 -18.03 -21.86
C GLU H 16 13.59 -16.52 -21.67
N ARG H 17 13.86 -15.74 -22.71
CA ARG H 17 13.61 -14.32 -22.65
C ARG H 17 12.19 -14.28 -23.19
N LYS H 18 11.55 -13.14 -23.29
CA LYS H 18 10.20 -13.20 -23.80
C LYS H 18 10.15 -12.59 -25.20
N VAL H 19 10.84 -13.23 -26.13
CA VAL H 19 10.89 -12.75 -27.51
C VAL H 19 9.66 -13.23 -28.28
N PRO H 20 8.96 -12.30 -28.95
CA PRO H 20 7.76 -12.64 -29.72
C PRO H 20 8.06 -13.36 -31.03
N GLY H 21 8.90 -12.75 -31.85
CA GLY H 21 9.21 -13.35 -33.13
C GLY H 21 10.61 -13.11 -33.65
N ILE H 22 11.04 -14.01 -34.54
CA ILE H 22 12.36 -13.94 -35.14
C ILE H 22 12.33 -14.55 -36.53
N SER H 23 13.13 -13.97 -37.42
CA SER H 23 13.25 -14.46 -38.79
C SER H 23 14.73 -14.59 -39.06
N ILE H 24 15.12 -15.58 -39.88
CA ILE H 24 16.53 -15.79 -40.19
C ILE H 24 16.77 -16.32 -41.60
N SER H 25 17.82 -15.82 -42.25
CA SER H 25 18.16 -16.26 -43.59
C SER H 25 19.64 -16.59 -43.61
N ILE H 26 20.03 -17.58 -44.41
CA ILE H 26 21.42 -18.01 -44.51
C ILE H 26 21.85 -18.20 -45.96
N ILE H 27 22.95 -17.54 -46.32
CA ILE H 27 23.51 -17.63 -47.67
C ILE H 27 24.72 -18.55 -47.66
N LYS H 28 24.90 -19.31 -48.74
CA LYS H 28 26.07 -20.18 -48.86
C LYS H 28 26.36 -20.50 -50.31
N ASP H 29 27.56 -20.12 -50.77
CA ASP H 29 28.00 -20.36 -52.14
C ASP H 29 27.12 -19.68 -53.18
N GLY H 30 26.55 -18.53 -52.82
CA GLY H 30 25.71 -17.83 -53.78
C GLY H 30 24.21 -18.04 -53.68
N ASP H 31 23.78 -19.00 -52.87
CA ASP H 31 22.35 -19.21 -52.74
C ASP H 31 21.86 -19.14 -51.30
N VAL H 32 20.59 -18.81 -51.14
CA VAL H 32 19.96 -18.77 -49.85
C VAL H 32 19.64 -20.25 -49.67
N VAL H 33 20.23 -20.87 -48.65
CA VAL H 33 20.00 -22.28 -48.42
C VAL H 33 19.07 -22.54 -47.25
N TYR H 34 18.79 -21.51 -46.48
CA TYR H 34 17.93 -21.65 -45.31
C TYR H 34 17.30 -20.32 -44.95
N ALA H 35 15.98 -20.33 -44.76
CA ALA H 35 15.24 -19.14 -44.38
C ALA H 35 13.97 -19.58 -43.64
N LYS H 36 13.85 -19.18 -42.38
CA LYS H 36 12.69 -19.57 -41.57
C LYS H 36 12.18 -18.44 -40.67
N GLY H 37 10.97 -18.63 -40.17
CA GLY H 37 10.36 -17.68 -39.27
C GLY H 37 10.02 -18.42 -37.99
N PHE H 38 10.15 -17.75 -36.86
CA PHE H 38 9.88 -18.31 -35.54
C PHE H 38 9.02 -17.34 -34.72
N GLY H 39 8.04 -17.89 -34.01
CA GLY H 39 7.18 -17.05 -33.19
C GLY H 39 6.17 -16.20 -33.96
N TYR H 40 5.77 -15.07 -33.36
CA TYR H 40 4.76 -14.20 -33.96
C TYR H 40 5.22 -12.80 -34.37
N ARG H 41 4.75 -12.34 -35.52
CA ARG H 41 5.08 -11.01 -36.05
C ARG H 41 4.15 -10.02 -35.34
N ASN H 42 3.01 -10.54 -34.87
CA ASN H 42 2.00 -9.77 -34.15
C ASN H 42 1.29 -10.72 -33.20
N VAL H 43 1.55 -10.59 -31.90
CA VAL H 43 0.94 -11.46 -30.89
C VAL H 43 -0.58 -11.29 -30.79
N GLU H 44 -1.03 -10.05 -30.85
CA GLU H 44 -2.46 -9.73 -30.77
C GLU H 44 -3.30 -10.42 -31.86
N ALA H 45 -2.82 -10.38 -33.10
CA ALA H 45 -3.54 -10.99 -34.21
C ALA H 45 -3.13 -12.44 -34.50
N ARG H 46 -2.16 -12.95 -33.75
CA ARG H 46 -1.68 -14.31 -33.94
C ARG H 46 -1.11 -14.49 -35.35
N LEU H 47 -0.36 -13.51 -35.82
CA LEU H 47 0.26 -13.57 -37.13
C LEU H 47 1.68 -14.08 -36.93
N PRO H 48 2.08 -15.12 -37.69
CA PRO H 48 3.42 -15.69 -37.57
C PRO H 48 4.53 -14.89 -38.23
N SER H 49 5.75 -15.09 -37.76
CA SER H 49 6.90 -14.43 -38.35
C SER H 49 7.28 -15.37 -39.49
N THR H 50 7.53 -14.81 -40.66
CA THR H 50 7.90 -15.59 -41.85
C THR H 50 9.20 -15.03 -42.41
N PRO H 51 9.82 -15.73 -43.38
CA PRO H 51 11.07 -15.26 -43.98
C PRO H 51 10.89 -13.91 -44.66
N GLU H 52 9.64 -13.58 -44.98
CA GLU H 52 9.35 -12.33 -45.66
C GLU H 52 8.92 -11.19 -44.72
N THR H 53 8.79 -11.50 -43.43
CA THR H 53 8.39 -10.51 -42.45
C THR H 53 9.32 -9.31 -42.42
N ILE H 54 8.73 -8.12 -42.40
CA ILE H 54 9.50 -6.87 -42.36
C ILE H 54 9.69 -6.37 -40.91
N TYR H 55 10.94 -6.05 -40.58
CA TYR H 55 11.31 -5.55 -39.25
C TYR H 55 12.19 -4.32 -39.42
N GLY H 56 12.27 -3.49 -38.38
CA GLY H 56 13.17 -2.36 -38.44
C GLY H 56 14.55 -2.99 -38.31
N ILE H 57 15.53 -2.51 -39.08
CA ILE H 57 16.87 -3.09 -39.03
C ILE H 57 17.91 -2.25 -38.29
N GLY H 58 17.49 -1.13 -37.74
CA GLY H 58 18.41 -0.27 -36.99
C GLY H 58 19.72 0.12 -37.67
N SER H 59 20.80 0.12 -36.90
CA SER H 59 22.11 0.49 -37.41
C SER H 59 22.68 -0.34 -38.54
N ILE H 60 21.94 -1.36 -38.98
CA ILE H 60 22.40 -2.16 -40.11
C ILE H 60 22.29 -1.21 -41.31
N THR H 61 21.47 -0.18 -41.13
CA THR H 61 21.26 0.84 -42.16
C THR H 61 22.58 1.60 -42.42
N LYS H 62 23.47 1.63 -41.43
CA LYS H 62 24.74 2.34 -41.59
C LYS H 62 25.59 1.85 -42.77
N SER H 63 25.64 0.54 -42.98
CA SER H 63 26.43 0.01 -44.09
C SER H 63 25.86 0.49 -45.44
N PHE H 64 24.56 0.75 -45.50
CA PHE H 64 23.92 1.25 -46.73
C PHE H 64 24.39 2.68 -46.99
N THR H 65 24.47 3.46 -45.91
CA THR H 65 24.91 4.84 -45.96
C THR H 65 26.36 4.90 -46.47
N ALA H 66 27.18 3.99 -45.95
CA ALA H 66 28.60 3.90 -46.34
C ALA H 66 28.74 3.47 -47.79
N LEU H 67 27.90 2.56 -48.24
CA LEU H 67 27.95 2.06 -49.62
C LEU H 67 27.60 3.19 -50.58
N ALA H 68 26.66 4.04 -50.18
CA ALA H 68 26.24 5.17 -51.00
C ALA H 68 27.39 6.18 -51.06
N ILE H 69 28.12 6.30 -49.94
CA ILE H 69 29.25 7.22 -49.88
C ILE H 69 30.36 6.72 -50.80
N MET H 70 30.56 5.40 -50.83
CA MET H 70 31.59 4.82 -51.68
C MET H 70 31.31 5.13 -53.16
N LYS H 71 30.05 4.97 -53.56
CA LYS H 71 29.63 5.21 -54.93
C LYS H 71 29.89 6.66 -55.37
N LEU H 72 29.51 7.60 -54.51
CA LEU H 72 29.71 9.02 -54.78
C LEU H 72 31.19 9.38 -54.87
N VAL H 73 32.02 8.69 -54.10
CA VAL H 73 33.48 8.92 -54.13
C VAL H 73 34.04 8.41 -55.45
N GLU H 74 33.59 7.21 -55.82
CA GLU H 74 34.04 6.57 -57.05
C GLU H 74 33.66 7.38 -58.29
N GLU H 75 32.52 8.08 -58.24
CA GLU H 75 32.09 8.87 -59.38
C GLU H 75 32.71 10.27 -59.34
N GLY H 76 33.55 10.48 -58.33
CA GLY H 76 34.24 11.76 -58.18
C GLY H 76 33.43 12.91 -57.58
N GLY H 77 32.34 12.58 -56.89
CA GLY H 77 31.49 13.61 -56.29
C GLY H 77 32.10 14.24 -55.05
N LEU H 78 32.97 13.49 -54.38
CA LEU H 78 33.64 14.00 -53.19
C LEU H 78 34.82 13.10 -52.87
N SER H 79 35.53 13.43 -51.79
CA SER H 79 36.69 12.66 -51.36
C SER H 79 36.60 12.32 -49.88
N LEU H 80 36.99 11.11 -49.53
CA LEU H 80 36.96 10.66 -48.14
C LEU H 80 37.74 11.59 -47.21
N ASP H 81 38.63 12.40 -47.78
CA ASP H 81 39.42 13.33 -46.96
C ASP H 81 38.81 14.73 -46.88
N ASP H 82 37.69 14.93 -47.57
CA ASP H 82 37.00 16.22 -47.54
C ASP H 82 36.42 16.51 -46.17
N PRO H 83 36.59 17.74 -45.69
CA PRO H 83 36.05 18.09 -44.37
C PRO H 83 34.52 18.13 -44.49
N VAL H 84 33.81 17.76 -43.43
CA VAL H 84 32.35 17.77 -43.50
C VAL H 84 31.78 19.19 -43.65
N GLU H 85 32.52 20.21 -43.20
CA GLU H 85 32.03 21.58 -43.29
C GLU H 85 31.89 22.02 -44.76
N LYS H 86 32.59 21.33 -45.64
CA LYS H 86 32.52 21.65 -47.06
C LYS H 86 31.15 21.29 -47.62
N PHE H 87 30.47 20.38 -46.97
CA PHE H 87 29.16 19.93 -47.43
C PHE H 87 27.99 20.26 -46.50
N VAL H 88 28.25 20.41 -45.21
CA VAL H 88 27.19 20.71 -44.26
C VAL H 88 27.42 22.01 -43.50
N ASN H 89 26.35 22.76 -43.24
CA ASN H 89 26.47 24.01 -42.52
C ASN H 89 26.53 23.78 -41.01
N ILE H 90 27.64 23.22 -40.54
CA ILE H 90 27.81 22.93 -39.12
C ILE H 90 29.29 23.06 -38.71
N LYS H 91 29.53 23.48 -37.47
CA LYS H 91 30.89 23.64 -36.96
C LYS H 91 31.49 22.29 -36.56
N LEU H 92 32.42 21.76 -37.37
CA LEU H 92 33.06 20.49 -37.05
C LEU H 92 34.57 20.50 -37.23
N ARG H 93 35.27 21.16 -36.31
CA ARG H 93 36.73 21.26 -36.32
C ARG H 93 37.25 21.27 -34.88
N PRO H 94 36.89 20.26 -34.08
CA PRO H 94 37.35 20.23 -32.68
C PRO H 94 38.86 20.35 -32.55
N PHE H 95 39.28 21.22 -31.62
CA PHE H 95 40.68 21.49 -31.34
C PHE H 95 41.41 21.98 -32.60
N GLY H 96 40.64 22.56 -33.52
CA GLY H 96 41.21 23.08 -34.76
C GLY H 96 41.42 22.06 -35.86
N GLU H 97 41.18 20.79 -35.54
CA GLU H 97 41.38 19.70 -36.50
C GLU H 97 40.11 19.34 -37.25
N PRO H 98 40.16 19.37 -38.60
CA PRO H 98 39.01 19.05 -39.47
C PRO H 98 38.48 17.61 -39.39
N VAL H 99 37.22 17.46 -39.00
CA VAL H 99 36.63 16.11 -38.98
C VAL H 99 36.21 15.85 -40.42
N THR H 100 36.75 14.80 -41.04
CA THR H 100 36.41 14.50 -42.42
C THR H 100 35.31 13.46 -42.58
N VAL H 101 35.05 13.09 -43.83
CA VAL H 101 34.04 12.10 -44.16
C VAL H 101 34.52 10.77 -43.57
N HIS H 102 35.81 10.49 -43.74
CA HIS H 102 36.42 9.28 -43.23
C HIS H 102 36.23 9.16 -41.71
N HIS H 103 36.40 10.26 -41.00
CA HIS H 103 36.24 10.25 -39.54
C HIS H 103 34.82 9.87 -39.15
N LEU H 104 33.84 10.39 -39.90
CA LEU H 104 32.44 10.10 -39.61
C LEU H 104 32.09 8.62 -39.84
N LEU H 105 32.55 8.08 -40.96
CA LEU H 105 32.29 6.68 -41.30
C LEU H 105 32.86 5.71 -40.27
N THR H 106 33.95 6.12 -39.61
CA THR H 106 34.62 5.29 -38.63
C THR H 106 34.39 5.69 -37.17
N HIS H 107 33.44 6.59 -36.93
CA HIS H 107 33.16 7.05 -35.57
C HIS H 107 34.45 7.51 -34.87
N SER H 108 35.34 8.18 -35.60
CA SER H 108 36.59 8.64 -35.00
C SER H 108 36.73 10.17 -35.01
N SER H 109 35.59 10.88 -35.05
CA SER H 109 35.61 12.34 -35.06
C SER H 109 36.22 12.96 -33.81
N GLY H 110 36.12 12.25 -32.69
CA GLY H 110 36.65 12.73 -31.43
C GLY H 110 35.52 13.22 -30.53
N ILE H 111 34.30 13.10 -31.04
CA ILE H 111 33.11 13.52 -30.31
C ILE H 111 32.32 12.32 -29.78
N PRO H 112 32.23 12.17 -28.45
CA PRO H 112 31.48 11.03 -27.90
C PRO H 112 29.99 11.13 -28.25
N SER H 113 29.27 10.02 -28.08
CA SER H 113 27.84 9.95 -28.38
C SER H 113 27.05 11.09 -27.76
N LEU H 114 26.09 11.63 -28.50
CA LEU H 114 25.27 12.71 -27.99
C LEU H 114 24.06 12.15 -27.25
N GLY H 115 23.90 10.83 -27.31
CA GLY H 115 22.78 10.18 -26.64
C GLY H 115 21.43 10.60 -27.21
N TYR H 116 21.43 11.08 -28.47
CA TYR H 116 20.19 11.52 -29.08
C TYR H 116 19.25 10.37 -29.41
N ALA H 117 19.76 9.30 -29.99
CA ALA H 117 18.95 8.15 -30.34
C ALA H 117 18.37 7.50 -29.09
N GLU H 118 19.17 7.47 -28.02
CA GLU H 118 18.72 6.88 -26.76
C GLU H 118 17.55 7.67 -26.18
N ALA H 119 17.68 8.99 -26.13
CA ALA H 119 16.62 9.85 -25.60
C ALA H 119 15.38 9.84 -26.47
N PHE H 120 15.58 9.86 -27.78
CA PHE H 120 14.48 9.86 -28.73
C PHE H 120 13.63 8.59 -28.65
N ILE H 121 14.25 7.44 -28.83
CA ILE H 121 13.51 6.19 -28.79
C ILE H 121 12.87 5.88 -27.43
N ASP H 122 13.55 6.21 -26.33
CA ASP H 122 12.99 5.93 -25.00
C ASP H 122 11.67 6.69 -24.87
N GLY H 123 11.68 7.94 -25.30
CA GLY H 123 10.49 8.75 -25.23
C GLY H 123 9.37 8.20 -26.10
N MET H 124 9.71 7.68 -27.28
CA MET H 124 8.73 7.14 -28.21
C MET H 124 8.12 5.83 -27.76
N VAL H 125 8.54 5.31 -26.61
CA VAL H 125 8.00 4.06 -26.09
C VAL H 125 7.47 4.20 -24.67
N GLY H 126 7.24 5.45 -24.25
CA GLY H 126 6.71 5.68 -22.92
C GLY H 126 7.74 5.84 -21.81
N GLY H 127 8.99 6.10 -22.17
CA GLY H 127 10.03 6.27 -21.17
C GLY H 127 9.95 7.66 -20.54
N ASP H 128 10.90 7.97 -19.65
CA ASP H 128 10.94 9.27 -18.99
C ASP H 128 11.48 10.43 -19.82
N ASN H 129 12.45 10.18 -20.70
CA ASN H 129 12.96 11.30 -21.49
C ASN H 129 12.13 11.62 -22.70
N TRP H 130 12.61 12.61 -23.45
CA TRP H 130 11.92 13.08 -24.62
C TRP H 130 12.88 13.88 -25.49
N LEU H 131 12.86 13.59 -26.78
CA LEU H 131 13.69 14.28 -27.76
C LEU H 131 12.96 14.10 -29.08
N PRO H 132 11.97 14.95 -29.35
CA PRO H 132 11.14 14.92 -30.56
C PRO H 132 11.79 15.36 -31.88
N VAL H 133 12.82 14.65 -32.30
CA VAL H 133 13.48 14.97 -33.56
C VAL H 133 12.83 14.13 -34.66
N SER H 134 11.74 14.67 -35.20
CA SER H 134 10.95 14.01 -36.24
C SER H 134 11.62 13.89 -37.61
N THR H 135 12.69 14.63 -37.82
CA THR H 135 13.43 14.59 -39.07
C THR H 135 14.93 14.73 -38.77
N PRO H 136 15.79 14.28 -39.71
CA PRO H 136 17.22 14.40 -39.46
C PRO H 136 17.64 15.87 -39.38
N GLU H 137 16.90 16.74 -40.06
CA GLU H 137 17.19 18.17 -40.05
C GLU H 137 17.06 18.74 -38.62
N GLU H 138 16.09 18.24 -37.87
CA GLU H 138 15.89 18.70 -36.51
C GLU H 138 16.99 18.13 -35.61
N THR H 139 17.50 16.95 -35.98
CA THR H 139 18.56 16.31 -35.20
C THR H 139 19.84 17.13 -35.38
N ILE H 140 20.13 17.50 -36.61
CA ILE H 140 21.30 18.31 -36.90
C ILE H 140 21.22 19.63 -36.12
N ALA H 141 20.04 20.25 -36.10
CA ALA H 141 19.83 21.51 -35.38
C ALA H 141 20.17 21.35 -33.89
N PHE H 142 19.66 20.27 -33.30
CA PHE H 142 19.90 19.94 -31.90
C PHE H 142 21.41 19.76 -31.68
N ALA H 143 22.09 19.19 -32.67
CA ALA H 143 23.53 18.94 -32.60
C ALA H 143 24.40 20.14 -33.02
N ARG H 144 23.81 21.32 -33.08
CA ARG H 144 24.55 22.52 -33.48
C ARG H 144 25.86 22.69 -32.71
N ASP H 145 25.87 22.32 -31.44
CA ASP H 145 27.07 22.46 -30.61
C ASP H 145 27.87 21.18 -30.37
N MET H 146 27.72 20.16 -31.21
CA MET H 146 28.43 18.91 -31.01
C MET H 146 29.95 19.07 -30.98
N GLU H 147 30.46 20.13 -31.58
CA GLU H 147 31.89 20.41 -31.63
C GLU H 147 32.50 20.64 -30.24
N LYS H 148 31.73 21.27 -29.37
CA LYS H 148 32.18 21.57 -28.02
C LYS H 148 32.20 20.32 -27.13
N TRP H 149 31.58 19.24 -27.61
CA TRP H 149 31.49 17.99 -26.85
C TRP H 149 32.70 17.09 -27.10
N ALA H 150 33.54 17.45 -28.06
CA ALA H 150 34.71 16.65 -28.40
C ALA H 150 35.70 16.49 -27.25
N VAL H 151 36.35 15.34 -27.18
CA VAL H 151 37.33 15.09 -26.11
C VAL H 151 38.64 14.56 -26.68
N ALA H 152 38.72 14.49 -28.00
CA ALA H 152 39.94 13.99 -28.64
C ALA H 152 40.01 14.48 -30.09
N LYS H 153 41.24 14.64 -30.59
CA LYS H 153 41.41 15.06 -31.97
C LYS H 153 40.89 13.97 -32.91
N PRO H 154 40.38 14.38 -34.09
CA PRO H 154 39.86 13.45 -35.10
C PRO H 154 40.87 12.38 -35.51
N GLY H 155 40.45 11.12 -35.41
CA GLY H 155 41.31 10.01 -35.79
C GLY H 155 42.01 9.29 -34.65
N GLU H 156 41.87 9.78 -33.42
CA GLU H 156 42.55 9.16 -32.29
C GLU H 156 41.74 8.13 -31.53
N ARG H 157 40.47 8.42 -31.30
CA ARG H 157 39.58 7.53 -30.54
C ARG H 157 38.34 7.09 -31.31
N PHE H 158 37.70 6.05 -30.79
CA PHE H 158 36.46 5.54 -31.37
C PHE H 158 35.32 5.77 -30.37
N PHE H 159 34.26 6.39 -30.85
CA PHE H 159 33.09 6.62 -30.03
C PHE H 159 31.90 6.41 -30.96
N TYR H 160 31.15 5.34 -30.74
CA TYR H 160 29.99 5.05 -31.56
C TYR H 160 29.07 6.28 -31.50
N LEU H 161 28.92 6.96 -32.63
CA LEU H 161 28.12 8.19 -32.71
C LEU H 161 27.04 8.19 -33.78
N ASN H 162 25.77 8.04 -33.38
CA ASN H 162 24.69 8.03 -34.35
C ASN H 162 24.57 9.32 -35.16
N THR H 163 24.73 10.46 -34.51
CA THR H 163 24.66 11.76 -35.18
C THR H 163 25.63 11.80 -36.36
N GLY H 164 26.76 11.10 -36.21
CA GLY H 164 27.76 11.05 -37.25
C GLY H 164 27.24 10.57 -38.58
N TYR H 165 26.44 9.51 -38.56
CA TYR H 165 25.87 8.98 -39.80
C TYR H 165 24.69 9.84 -40.28
N VAL H 166 24.07 10.58 -39.37
CA VAL H 166 22.98 11.47 -39.74
C VAL H 166 23.56 12.57 -40.64
N LEU H 167 24.79 12.98 -40.33
CA LEU H 167 25.50 14.00 -41.10
C LEU H 167 25.91 13.43 -42.46
N LEU H 168 26.22 12.13 -42.49
CA LEU H 168 26.61 11.49 -43.75
C LEU H 168 25.40 11.43 -44.67
N GLY H 169 24.22 11.30 -44.08
CA GLY H 169 23.01 11.27 -44.88
C GLY H 169 22.87 12.60 -45.60
N LYS H 170 23.07 13.67 -44.86
CA LYS H 170 22.98 15.02 -45.39
C LYS H 170 24.06 15.24 -46.45
N ILE H 171 25.23 14.65 -46.25
CA ILE H 171 26.31 14.79 -47.21
C ILE H 171 25.91 14.13 -48.52
N ILE H 172 25.16 13.04 -48.43
CA ILE H 172 24.71 12.33 -49.63
C ILE H 172 23.71 13.19 -50.39
N GLU H 173 22.83 13.87 -49.66
CA GLU H 173 21.83 14.71 -50.32
C GLU H 173 22.48 15.94 -50.97
N LYS H 174 23.47 16.50 -50.31
CA LYS H 174 24.16 17.67 -50.85
C LYS H 174 24.87 17.31 -52.15
N VAL H 175 25.69 16.28 -52.10
CA VAL H 175 26.42 15.89 -53.29
C VAL H 175 25.54 15.38 -54.43
N SER H 176 24.59 14.49 -54.14
CA SER H 176 23.73 13.89 -55.18
C SER H 176 22.60 14.73 -55.77
N GLY H 177 21.99 15.59 -54.95
CA GLY H 177 20.89 16.41 -55.44
C GLY H 177 19.49 15.92 -55.10
N VAL H 178 19.39 14.68 -54.61
CA VAL H 178 18.10 14.10 -54.24
C VAL H 178 18.12 13.78 -52.76
N SER H 179 16.99 13.31 -52.23
CA SER H 179 16.90 12.96 -50.82
C SER H 179 17.64 11.66 -50.52
N TYR H 180 18.16 11.56 -49.30
CA TYR H 180 18.87 10.36 -48.89
C TYR H 180 18.04 9.10 -49.20
N GLU H 181 16.78 9.11 -48.79
CA GLU H 181 15.93 7.94 -49.04
C GLU H 181 15.81 7.61 -50.51
N GLU H 182 15.80 8.64 -51.34
CA GLU H 182 15.69 8.48 -52.79
C GLU H 182 16.96 7.84 -53.33
N TYR H 183 18.10 8.39 -52.95
CA TYR H 183 19.38 7.87 -53.41
C TYR H 183 19.53 6.39 -53.06
N ILE H 184 19.23 6.03 -51.82
CA ILE H 184 19.35 4.63 -51.38
C ILE H 184 18.42 3.70 -52.15
N LYS H 185 17.24 4.18 -52.49
CA LYS H 185 16.28 3.35 -53.21
C LYS H 185 16.65 3.14 -54.68
N LYS H 186 17.14 4.18 -55.33
CA LYS H 186 17.47 4.07 -56.74
C LYS H 186 18.87 3.54 -57.05
N LYS H 187 19.83 3.82 -56.18
CA LYS H 187 21.22 3.38 -56.40
C LYS H 187 21.60 2.09 -55.69
N ILE H 188 20.74 1.55 -54.83
CA ILE H 188 21.07 0.32 -54.11
C ILE H 188 19.92 -0.70 -54.06
N LEU H 189 18.79 -0.32 -53.49
CA LEU H 189 17.65 -1.22 -53.36
C LEU H 189 17.15 -1.77 -54.69
N GLU H 190 16.79 -0.89 -55.62
CA GLU H 190 16.28 -1.34 -56.92
C GLU H 190 17.28 -2.18 -57.70
N PRO H 191 18.51 -1.68 -57.90
CA PRO H 191 19.48 -2.49 -58.65
C PRO H 191 19.80 -3.84 -58.00
N LEU H 192 19.44 -4.02 -56.73
CA LEU H 192 19.68 -5.28 -56.04
C LEU H 192 18.41 -6.11 -55.90
N GLY H 193 17.31 -5.60 -56.46
CA GLY H 193 16.05 -6.31 -56.40
C GLY H 193 15.43 -6.41 -55.02
N MET H 194 15.79 -5.48 -54.14
CA MET H 194 15.25 -5.46 -52.78
C MET H 194 13.96 -4.64 -52.78
N ASN H 195 12.87 -5.29 -53.18
CA ASN H 195 11.58 -4.61 -53.26
C ASN H 195 10.79 -4.46 -51.97
N ARG H 196 11.13 -5.25 -50.96
CA ARG H 196 10.43 -5.17 -49.67
C ARG H 196 11.25 -4.43 -48.60
N SER H 197 12.08 -3.48 -49.01
CA SER H 197 12.90 -2.67 -48.08
C SER H 197 12.40 -1.21 -48.16
N TYR H 198 11.94 -0.69 -47.02
CA TYR H 198 11.39 0.66 -47.00
C TYR H 198 11.89 1.63 -45.92
N PHE H 199 11.52 2.89 -46.11
CA PHE H 199 11.83 3.98 -45.19
C PHE H 199 10.50 4.60 -44.71
N PHE H 200 9.55 4.72 -45.64
CA PHE H 200 8.28 5.37 -45.35
C PHE H 200 7.12 4.61 -44.73
N LYS H 201 6.52 5.24 -43.74
CA LYS H 201 5.38 4.70 -43.02
C LYS H 201 4.26 4.36 -44.00
N GLU H 202 4.07 5.21 -44.99
CA GLU H 202 3.04 5.04 -46.01
C GLU H 202 3.08 3.71 -46.75
N GLU H 203 4.28 3.23 -47.07
CA GLU H 203 4.42 1.97 -47.79
C GLU H 203 4.47 0.73 -46.89
N VAL H 204 5.01 0.89 -45.68
CA VAL H 204 5.11 -0.22 -44.76
C VAL H 204 3.76 -0.72 -44.26
N GLU H 205 2.94 0.19 -43.73
CA GLU H 205 1.65 -0.20 -43.19
C GLU H 205 0.69 -0.73 -44.25
N LYS H 206 1.11 -0.68 -45.51
CA LYS H 206 0.29 -1.20 -46.60
C LYS H 206 0.67 -2.65 -46.85
N ASP H 207 1.90 -3.01 -46.52
CA ASP H 207 2.39 -4.37 -46.72
C ASP H 207 1.59 -5.30 -45.80
N LYS H 208 1.49 -6.58 -46.17
CA LYS H 208 0.72 -7.53 -45.37
C LYS H 208 1.53 -8.43 -44.46
N ASP H 209 2.85 -8.37 -44.57
CA ASP H 209 3.72 -9.20 -43.76
C ASP H 209 4.75 -8.35 -43.01
N VAL H 210 4.25 -7.49 -42.12
CA VAL H 210 5.11 -6.62 -41.33
C VAL H 210 5.00 -6.95 -39.83
N ALA H 211 6.13 -6.86 -39.14
CA ALA H 211 6.15 -7.15 -37.72
C ALA H 211 5.83 -5.94 -36.85
N MET H 212 5.11 -6.19 -35.76
CA MET H 212 4.77 -5.16 -34.79
C MET H 212 5.90 -5.21 -33.74
N GLY H 213 6.41 -4.05 -33.33
CA GLY H 213 7.48 -4.02 -32.35
C GLY H 213 6.95 -4.32 -30.95
N TYR H 214 7.84 -4.74 -30.05
CA TYR H 214 7.44 -5.09 -28.69
C TYR H 214 8.49 -4.75 -27.65
N ILE H 215 8.02 -4.33 -26.48
CA ILE H 215 8.90 -4.00 -25.37
C ILE H 215 8.34 -4.67 -24.14
N LEU H 216 9.22 -5.29 -23.36
CA LEU H 216 8.79 -5.97 -22.14
C LEU H 216 8.85 -4.97 -20.99
N ASP H 217 7.71 -4.76 -20.31
CA ASP H 217 7.65 -3.83 -19.19
C ASP H 217 8.27 -4.46 -17.94
N LYS H 218 8.36 -3.69 -16.87
CA LYS H 218 8.95 -4.17 -15.62
C LYS H 218 8.15 -5.33 -15.06
N GLU H 219 6.92 -5.46 -15.52
CA GLU H 219 6.01 -6.50 -15.07
C GLU H 219 6.11 -7.80 -15.91
N GLY H 220 6.89 -7.77 -16.99
CA GLY H 220 7.04 -8.96 -17.80
C GLY H 220 6.04 -9.10 -18.95
N ARG H 221 5.26 -8.06 -19.18
CA ARG H 221 4.28 -8.06 -20.26
C ARG H 221 4.87 -7.51 -21.55
N LEU H 222 4.50 -8.11 -22.68
CA LEU H 222 4.97 -7.66 -23.97
C LEU H 222 4.03 -6.54 -24.43
N VAL H 223 4.55 -5.32 -24.52
CA VAL H 223 3.74 -4.20 -24.95
C VAL H 223 4.09 -3.82 -26.39
N PRO H 224 3.08 -3.78 -27.27
CA PRO H 224 3.32 -3.42 -28.67
C PRO H 224 3.69 -1.95 -28.86
N GLN H 225 4.65 -1.71 -29.74
CA GLN H 225 5.11 -0.36 -30.07
C GLN H 225 5.46 -0.29 -31.56
N PRO H 226 4.85 0.66 -32.28
CA PRO H 226 5.13 0.80 -33.71
C PRO H 226 6.55 1.33 -33.94
N PHE H 227 7.02 1.24 -35.18
CA PHE H 227 8.35 1.75 -35.52
C PHE H 227 8.40 3.23 -35.18
N PRO H 228 9.58 3.74 -34.77
CA PRO H 228 9.74 5.15 -34.42
C PRO H 228 10.21 5.97 -35.62
N TYR H 229 9.33 6.15 -36.59
CA TYR H 229 9.64 6.89 -37.80
C TYR H 229 10.26 8.25 -37.51
N GLY H 230 11.26 8.60 -38.31
CA GLY H 230 11.95 9.87 -38.16
C GLY H 230 13.44 9.70 -38.39
N ILE H 231 13.96 8.55 -37.96
CA ILE H 231 15.38 8.24 -38.12
C ILE H 231 15.59 7.76 -39.55
N THR H 232 16.73 8.12 -40.15
CA THR H 232 16.99 7.75 -41.53
C THR H 232 18.35 7.09 -41.82
N ALA H 233 19.35 7.91 -42.13
CA ALA H 233 20.70 7.45 -42.48
C ALA H 233 21.48 6.69 -41.40
N ASP H 234 21.15 6.88 -40.13
CA ASP H 234 21.84 6.18 -39.07
C ASP H 234 21.17 4.85 -38.67
N GLY H 235 19.90 4.69 -39.00
CA GLY H 235 19.22 3.45 -38.67
C GLY H 235 17.71 3.43 -38.83
N GLY H 236 17.21 3.85 -39.99
CA GLY H 236 15.77 3.88 -40.18
C GLY H 236 15.18 2.97 -41.24
N LEU H 237 16.01 2.13 -41.84
CA LEU H 237 15.53 1.23 -42.89
C LEU H 237 14.81 0.00 -42.33
N LEU H 238 13.72 -0.40 -42.97
CA LEU H 238 12.97 -1.59 -42.55
C LEU H 238 13.12 -2.63 -43.66
N SER H 239 13.31 -3.89 -43.28
CA SER H 239 13.49 -4.91 -44.31
C SER H 239 13.24 -6.33 -43.81
N SER H 240 13.49 -7.31 -44.67
CA SER H 240 13.29 -8.71 -44.35
C SER H 240 14.60 -9.49 -44.48
N VAL H 241 14.68 -10.67 -43.89
CA VAL H 241 15.90 -11.47 -43.99
C VAL H 241 16.16 -11.88 -45.45
N LEU H 242 15.09 -12.09 -46.23
CA LEU H 242 15.24 -12.46 -47.63
C LEU H 242 15.82 -11.31 -48.46
N ASP H 243 15.44 -10.07 -48.13
CA ASP H 243 15.97 -8.91 -48.85
C ASP H 243 17.40 -8.63 -48.41
N LEU H 244 17.72 -8.93 -47.15
CA LEU H 244 19.07 -8.72 -46.63
C LEU H 244 19.99 -9.81 -47.19
N ALA H 245 19.40 -10.90 -47.67
CA ALA H 245 20.19 -11.98 -48.26
C ALA H 245 20.75 -11.51 -49.59
N LYS H 246 19.94 -10.78 -50.36
CA LYS H 246 20.38 -10.25 -51.65
C LYS H 246 21.49 -9.23 -51.40
N TYR H 247 21.35 -8.49 -50.32
CA TYR H 247 22.31 -7.46 -49.92
C TYR H 247 23.62 -8.11 -49.52
N LEU H 248 23.56 -9.15 -48.70
CA LEU H 248 24.77 -9.84 -48.26
C LEU H 248 25.46 -10.52 -49.45
N LYS H 249 24.65 -11.07 -50.36
CA LYS H 249 25.17 -11.74 -51.55
C LYS H 249 26.11 -10.82 -52.36
N MET H 250 25.75 -9.53 -52.44
CA MET H 250 26.56 -8.58 -53.21
C MET H 250 27.95 -8.48 -52.64
N TYR H 251 28.05 -8.37 -51.31
CA TYR H 251 29.32 -8.25 -50.65
C TYR H 251 30.16 -9.52 -50.80
N ILE H 252 29.56 -10.65 -50.44
CA ILE H 252 30.24 -11.94 -50.51
C ILE H 252 30.81 -12.28 -51.88
N GLU H 253 29.98 -12.18 -52.92
CA GLU H 253 30.42 -12.47 -54.27
C GLU H 253 31.17 -11.29 -54.90
N ARG H 254 31.43 -10.26 -54.11
CA ARG H 254 32.10 -9.05 -54.59
C ARG H 254 31.49 -8.52 -55.87
N ASP H 255 30.17 -8.58 -55.95
CA ASP H 255 29.42 -8.09 -57.11
C ASP H 255 29.71 -6.61 -57.28
N GLU H 256 30.08 -6.20 -58.49
CA GLU H 256 30.39 -4.80 -58.75
C GLU H 256 29.26 -3.99 -59.38
N SER H 257 28.01 -4.36 -59.13
CA SER H 257 26.86 -3.65 -59.69
C SER H 257 26.62 -2.29 -59.05
N ILE H 258 27.18 -2.08 -57.86
CA ILE H 258 26.99 -0.81 -57.17
C ILE H 258 28.30 -0.02 -57.15
N VAL H 259 29.39 -0.70 -56.77
CA VAL H 259 30.74 -0.12 -56.71
C VAL H 259 31.75 -1.21 -57.07
N SER H 260 32.97 -0.81 -57.41
CA SER H 260 34.04 -1.77 -57.75
C SER H 260 34.48 -2.50 -56.49
N LYS H 261 35.09 -3.67 -56.68
CA LYS H 261 35.57 -4.50 -55.57
C LYS H 261 36.56 -3.74 -54.68
N GLU H 262 37.32 -2.83 -55.26
CA GLU H 262 38.29 -2.06 -54.50
C GLU H 262 37.58 -1.25 -53.41
N TYR H 263 36.35 -0.82 -53.70
CA TYR H 263 35.57 -0.05 -52.75
C TYR H 263 34.90 -0.90 -51.68
N ILE H 264 34.48 -2.12 -52.04
CA ILE H 264 33.87 -3.01 -51.06
C ILE H 264 34.94 -3.37 -50.04
N GLU H 265 36.18 -3.47 -50.51
CA GLU H 265 37.30 -3.80 -49.65
C GLU H 265 37.65 -2.63 -48.72
N LYS H 266 37.43 -1.40 -49.17
CA LYS H 266 37.69 -0.24 -48.32
C LYS H 266 36.77 -0.31 -47.09
N MET H 267 35.54 -0.77 -47.32
CA MET H 267 34.55 -0.89 -46.25
C MET H 267 34.88 -1.98 -45.27
N GLU H 268 35.54 -3.04 -45.76
CA GLU H 268 35.90 -4.19 -44.91
C GLU H 268 37.26 -4.06 -44.24
N THR H 269 37.92 -2.91 -44.43
CA THR H 269 39.23 -2.65 -43.82
C THR H 269 39.07 -2.13 -42.38
N SER H 270 39.77 -2.74 -41.43
CA SER H 270 39.69 -2.29 -40.05
C SER H 270 40.55 -1.02 -39.90
N TYR H 271 39.91 0.10 -39.61
CA TYR H 271 40.61 1.38 -39.47
C TYR H 271 40.90 1.81 -38.04
N ILE H 272 40.11 1.33 -37.10
CA ILE H 272 40.30 1.71 -35.71
C ILE H 272 39.70 0.66 -34.79
N LYS H 273 40.33 0.49 -33.62
CA LYS H 273 39.89 -0.50 -32.65
C LYS H 273 38.66 -0.04 -31.87
N VAL H 274 37.74 -0.97 -31.60
CA VAL H 274 36.52 -0.68 -30.85
C VAL H 274 36.68 -1.29 -29.45
N PRO H 275 35.94 -0.76 -28.45
CA PRO H 275 36.00 -1.25 -27.07
C PRO H 275 35.30 -2.60 -26.83
N TRP H 276 34.64 -3.12 -27.86
CA TRP H 276 33.93 -4.39 -27.73
C TRP H 276 34.71 -5.58 -28.27
N GLU H 277 35.86 -5.87 -27.64
CA GLU H 277 36.70 -6.98 -28.06
C GLU H 277 36.08 -8.29 -27.60
N ILE H 278 35.56 -9.09 -28.53
CA ILE H 278 34.93 -10.36 -28.21
C ILE H 278 35.86 -11.53 -28.52
N PHE H 279 36.32 -11.60 -29.76
CA PHE H 279 37.23 -12.66 -30.19
C PHE H 279 38.68 -12.13 -30.25
N GLY H 280 38.83 -10.82 -30.09
CA GLY H 280 40.17 -10.24 -30.11
C GLY H 280 40.50 -9.46 -31.36
N GLY H 281 40.85 -8.19 -31.18
CA GLY H 281 41.21 -7.35 -32.32
C GLY H 281 40.05 -6.74 -33.10
N GLU H 282 38.85 -6.76 -32.52
CA GLU H 282 37.69 -6.17 -33.20
C GLU H 282 37.97 -4.69 -33.55
N GLY H 283 37.54 -4.28 -34.73
CA GLY H 283 37.73 -2.91 -35.17
C GLY H 283 36.54 -2.43 -35.96
N TYR H 284 36.73 -1.33 -36.69
CA TYR H 284 35.64 -0.77 -37.48
C TYR H 284 36.09 -0.27 -38.85
N GLY H 285 35.31 -0.58 -39.88
CA GLY H 285 35.61 -0.13 -41.23
C GLY H 285 34.61 0.96 -41.55
N TYR H 286 33.92 0.82 -42.68
CA TYR H 286 32.91 1.80 -43.06
C TYR H 286 31.50 1.25 -42.86
N GLY H 287 30.92 1.53 -41.69
CA GLY H 287 29.58 1.06 -41.39
C GLY H 287 29.50 -0.43 -41.14
N LEU H 288 30.65 -1.06 -40.90
CA LEU H 288 30.76 -2.48 -40.63
C LEU H 288 31.78 -2.73 -39.51
N ILE H 289 31.51 -3.73 -38.69
CA ILE H 289 32.43 -4.10 -37.62
C ILE H 289 33.31 -5.18 -38.23
N ILE H 290 34.57 -5.25 -37.82
CA ILE H 290 35.48 -6.24 -38.36
C ILE H 290 35.99 -7.15 -37.23
N TYR H 291 35.84 -8.45 -37.41
CA TYR H 291 36.30 -9.44 -36.42
C TYR H 291 37.35 -10.28 -37.13
N PRO H 292 38.63 -9.89 -37.05
CA PRO H 292 39.68 -10.66 -37.73
C PRO H 292 39.98 -12.02 -37.11
N ASN H 293 39.42 -12.28 -35.92
CA ASN H 293 39.66 -13.54 -35.23
C ASN H 293 38.39 -14.29 -34.86
N PHE H 294 37.47 -14.45 -35.81
CA PHE H 294 36.22 -15.17 -35.55
C PHE H 294 36.34 -16.62 -35.99
N LEU H 295 36.68 -17.49 -35.04
CA LEU H 295 36.79 -18.91 -35.36
C LEU H 295 37.67 -19.22 -36.56
N GLY H 296 38.82 -18.55 -36.66
CA GLY H 296 39.74 -18.81 -37.76
C GLY H 296 39.46 -18.03 -39.04
N GLU H 297 38.40 -17.24 -39.05
CA GLU H 297 38.07 -16.47 -40.24
C GLU H 297 37.91 -15.00 -39.89
N LYS H 298 37.97 -14.17 -40.92
CA LYS H 298 37.75 -12.74 -40.74
C LYS H 298 36.25 -12.60 -40.95
N LEU H 299 35.58 -12.05 -39.95
CA LEU H 299 34.13 -11.86 -40.02
C LEU H 299 33.83 -10.38 -40.21
N VAL H 300 32.80 -10.09 -40.99
CA VAL H 300 32.37 -8.72 -41.24
C VAL H 300 30.86 -8.65 -40.97
N GLY H 301 30.45 -7.68 -40.15
CA GLY H 301 29.02 -7.54 -39.86
C GLY H 301 28.67 -6.32 -39.03
N HIS H 302 27.38 -6.20 -38.68
CA HIS H 302 26.91 -5.07 -37.88
C HIS H 302 25.57 -5.40 -37.22
N SER H 303 25.35 -4.82 -36.05
CA SER H 303 24.10 -5.04 -35.34
C SER H 303 23.17 -3.82 -35.47
N GLY H 304 21.90 -4.04 -35.14
CA GLY H 304 20.94 -2.95 -35.22
C GLY H 304 19.92 -3.01 -34.09
N SER H 305 19.39 -1.85 -33.72
CA SER H 305 18.40 -1.80 -32.67
C SER H 305 17.72 -0.45 -32.53
N VAL H 306 16.39 -0.47 -32.65
CA VAL H 306 15.58 0.73 -32.49
C VAL H 306 14.67 0.53 -31.29
N GLY H 307 15.08 -0.34 -30.38
CA GLY H 307 14.31 -0.60 -29.17
C GLY H 307 13.33 -1.75 -29.28
N MET H 308 12.27 -1.56 -30.07
CA MET H 308 11.26 -2.61 -30.25
C MET H 308 11.61 -3.55 -31.42
N TYR H 309 12.73 -3.30 -32.08
CA TYR H 309 13.23 -4.13 -33.20
C TYR H 309 14.75 -4.21 -33.09
N THR H 310 15.30 -5.37 -33.42
CA THR H 310 16.75 -5.58 -33.40
C THR H 310 17.12 -6.48 -34.57
N GLY H 311 18.40 -6.49 -34.92
CA GLY H 311 18.83 -7.32 -36.01
C GLY H 311 20.34 -7.43 -36.11
N TYR H 312 20.78 -8.26 -37.04
CA TYR H 312 22.20 -8.44 -37.27
C TYR H 312 22.45 -9.13 -38.60
N ILE H 313 23.46 -8.65 -39.32
CA ILE H 313 23.83 -9.29 -40.57
C ILE H 313 25.31 -9.56 -40.44
N GLY H 314 25.78 -10.58 -41.14
CA GLY H 314 27.19 -10.90 -41.03
C GLY H 314 27.59 -11.86 -42.12
N TYR H 315 28.82 -11.70 -42.60
CA TYR H 315 29.34 -12.58 -43.64
C TYR H 315 30.85 -12.80 -43.53
N ILE H 316 31.30 -13.87 -44.17
CA ILE H 316 32.71 -14.24 -44.18
C ILE H 316 33.03 -14.57 -45.63
N PRO H 317 33.58 -13.57 -46.36
CA PRO H 317 33.95 -13.70 -47.78
C PRO H 317 34.81 -14.91 -48.14
N GLU H 318 35.76 -15.28 -47.28
CA GLU H 318 36.60 -16.44 -47.61
C GLU H 318 35.86 -17.77 -47.52
N LYS H 319 34.65 -17.75 -46.93
CA LYS H 319 33.86 -18.96 -46.81
C LYS H 319 32.56 -18.90 -47.62
N LYS H 320 32.34 -17.76 -48.26
CA LYS H 320 31.15 -17.56 -49.09
C LYS H 320 29.84 -17.75 -48.32
N ILE H 321 29.86 -17.48 -47.02
CA ILE H 321 28.65 -17.63 -46.22
C ILE H 321 28.25 -16.34 -45.50
N GLY H 322 26.94 -16.17 -45.35
CA GLY H 322 26.39 -15.01 -44.67
C GLY H 322 25.12 -15.38 -43.92
N VAL H 323 24.72 -14.53 -42.97
CA VAL H 323 23.52 -14.76 -42.18
C VAL H 323 22.85 -13.46 -41.77
N ALA H 324 21.52 -13.46 -41.77
CA ALA H 324 20.75 -12.30 -41.38
C ALA H 324 19.69 -12.71 -40.37
N VAL H 325 19.56 -11.94 -39.30
CA VAL H 325 18.58 -12.23 -38.27
C VAL H 325 17.86 -10.95 -37.87
N LEU H 326 16.53 -11.01 -37.82
CA LEU H 326 15.69 -9.88 -37.46
C LEU H 326 14.77 -10.30 -36.31
N GLU H 327 14.56 -9.39 -35.36
CA GLU H 327 13.75 -9.67 -34.17
C GLU H 327 12.82 -8.51 -33.83
N ASN H 328 11.62 -8.82 -33.34
CA ASN H 328 10.69 -7.74 -33.00
C ASN H 328 10.61 -7.42 -31.51
N SER H 329 11.80 -7.29 -30.90
CA SER H 329 12.01 -6.93 -29.50
C SER H 329 13.52 -7.00 -29.27
N SER H 330 13.96 -6.74 -28.04
CA SER H 330 15.39 -6.81 -27.75
C SER H 330 15.65 -7.78 -26.61
N GLY H 331 14.86 -8.85 -26.58
CA GLY H 331 15.00 -9.86 -25.55
C GLY H 331 16.30 -10.64 -25.63
N TYR H 332 16.71 -11.02 -26.84
CA TYR H 332 17.96 -11.77 -27.01
C TYR H 332 18.74 -11.21 -28.21
N PRO H 333 20.04 -10.92 -28.02
CA PRO H 333 20.90 -10.37 -29.08
C PRO H 333 20.94 -11.18 -30.38
N PRO H 334 20.44 -10.59 -31.47
CA PRO H 334 20.40 -11.20 -32.81
C PRO H 334 21.77 -11.69 -33.27
N SER H 335 22.80 -10.93 -32.91
CA SER H 335 24.17 -11.26 -33.27
C SER H 335 24.53 -12.65 -32.71
N TYR H 336 24.07 -12.94 -31.50
CA TYR H 336 24.35 -14.23 -30.87
C TYR H 336 23.74 -15.38 -31.71
N ILE H 337 22.50 -15.19 -32.15
CA ILE H 337 21.82 -16.18 -32.97
C ILE H 337 22.56 -16.33 -34.29
N ALA H 338 22.95 -15.19 -34.87
CA ALA H 338 23.67 -15.17 -36.13
C ALA H 338 25.03 -15.89 -36.01
N MET H 339 25.76 -15.58 -34.95
CA MET H 339 27.06 -16.20 -34.73
C MET H 339 26.94 -17.70 -34.40
N TYR H 340 25.80 -18.08 -33.83
CA TYR H 340 25.55 -19.47 -33.48
C TYR H 340 25.47 -20.23 -34.82
N ALA H 341 24.67 -19.70 -35.74
CA ALA H 341 24.50 -20.30 -37.06
C ALA H 341 25.81 -20.29 -37.85
N LEU H 342 26.57 -19.20 -37.77
CA LEU H 342 27.84 -19.12 -38.48
C LEU H 342 28.83 -20.15 -37.95
N ALA H 343 28.87 -20.31 -36.63
CA ALA H 343 29.75 -21.30 -36.02
C ALA H 343 29.42 -22.69 -36.57
N LEU H 344 28.14 -23.03 -36.61
CA LEU H 344 27.72 -24.34 -37.14
C LEU H 344 28.09 -24.49 -38.61
N LEU H 345 28.00 -23.41 -39.37
CA LEU H 345 28.35 -23.43 -40.79
C LEU H 345 29.84 -23.68 -40.98
N LEU H 346 30.65 -23.19 -40.06
CA LEU H 346 32.09 -23.37 -40.14
C LEU H 346 32.52 -24.71 -39.52
N GLY H 347 31.57 -25.42 -38.92
CA GLY H 347 31.90 -26.70 -38.32
C GLY H 347 32.50 -26.58 -36.92
N LYS H 348 32.13 -25.53 -36.21
CA LYS H 348 32.63 -25.31 -34.86
C LYS H 348 31.45 -25.44 -33.90
N ASN H 349 31.72 -25.83 -32.66
CA ASN H 349 30.65 -25.98 -31.66
C ASN H 349 30.38 -24.63 -31.00
N PRO H 350 29.23 -24.01 -31.30
CA PRO H 350 28.88 -22.71 -30.72
C PRO H 350 28.81 -22.69 -29.19
N GLU H 351 28.41 -23.83 -28.60
CA GLU H 351 28.31 -23.94 -27.16
C GLU H 351 29.69 -23.87 -26.49
N LYS H 352 30.74 -24.17 -27.26
CA LYS H 352 32.11 -24.13 -26.76
C LYS H 352 32.95 -22.96 -27.29
N GLU H 353 32.77 -22.63 -28.57
CA GLU H 353 33.55 -21.57 -29.21
C GLU H 353 33.06 -20.12 -29.12
N LEU H 354 31.85 -19.91 -28.61
CA LEU H 354 31.32 -18.55 -28.48
C LEU H 354 31.27 -18.17 -26.99
N PRO H 355 32.16 -17.26 -26.57
CA PRO H 355 32.27 -16.77 -25.18
C PRO H 355 30.95 -16.47 -24.48
N PHE H 356 30.13 -15.63 -25.11
CA PHE H 356 28.84 -15.24 -24.55
C PHE H 356 27.87 -16.41 -24.40
N ILE H 357 28.19 -17.55 -25.00
CA ILE H 357 27.30 -18.71 -24.86
C ILE H 357 27.91 -19.57 -23.77
N TYR H 358 29.17 -19.90 -23.95
CA TYR H 358 29.94 -20.71 -23.01
C TYR H 358 29.86 -20.11 -21.60
N ARG H 359 30.18 -18.82 -21.45
CA ARG H 359 30.14 -18.15 -20.15
C ARG H 359 28.76 -18.16 -19.49
N GLU H 360 27.73 -17.89 -20.28
CA GLU H 360 26.37 -17.84 -19.76
C GLU H 360 25.87 -19.15 -19.15
N ARG H 361 26.19 -20.27 -19.81
CA ARG H 361 25.78 -21.58 -19.33
C ARG H 361 26.37 -21.91 -17.96
N ILE H 362 27.68 -21.78 -17.84
CA ILE H 362 28.36 -22.07 -16.59
C ILE H 362 27.89 -21.18 -15.45
N LEU H 363 27.79 -19.87 -15.71
CA LEU H 363 27.34 -18.93 -14.68
C LEU H 363 25.92 -19.21 -14.20
N LYS H 364 25.08 -19.73 -15.07
CA LYS H 364 23.71 -20.03 -14.66
C LYS H 364 23.63 -21.15 -13.62
N LYS H 365 24.60 -22.07 -13.66
CA LYS H 365 24.64 -23.19 -12.73
C LYS H 365 24.91 -22.75 -11.28
N VAL H 366 25.64 -21.67 -11.15
CA VAL H 366 26.04 -21.08 -9.87
C VAL H 366 24.92 -20.34 -9.14
N GLU H 367 23.87 -19.96 -9.86
CA GLU H 367 22.78 -19.23 -9.25
C GLU H 367 21.97 -20.08 -8.27
N GLY H 368 21.48 -19.42 -7.22
CA GLY H 368 20.70 -20.14 -6.23
C GLY H 368 20.92 -19.65 -4.81
N ARG H 369 20.40 -20.44 -3.87
CA ARG H 369 20.49 -20.12 -2.45
C ARG H 369 21.63 -20.95 -1.85
N TYR H 370 22.37 -20.36 -0.92
CA TYR H 370 23.50 -21.07 -0.31
C TYR H 370 23.45 -21.06 1.21
N MET H 371 23.74 -22.23 1.80
CA MET H 371 23.70 -22.39 3.26
C MET H 371 25.07 -22.78 3.82
N GLY H 372 25.37 -22.29 5.02
CA GLY H 372 26.62 -22.64 5.69
C GLY H 372 26.41 -23.90 6.53
N TYR H 373 27.39 -24.24 7.35
CA TYR H 373 27.33 -25.42 8.22
C TYR H 373 25.96 -25.61 8.87
N LYS H 374 25.35 -26.76 8.62
CA LYS H 374 24.02 -27.09 9.17
C LYS H 374 23.02 -25.94 9.11
N GLY H 375 23.06 -25.18 8.03
CA GLY H 375 22.13 -24.07 7.84
C GLY H 375 22.23 -22.82 8.71
N THR H 376 23.41 -22.48 9.20
CA THR H 376 23.56 -21.28 10.03
C THR H 376 23.29 -19.98 9.27
N ILE H 377 24.21 -19.64 8.35
CA ILE H 377 24.11 -18.43 7.55
C ILE H 377 23.62 -18.75 6.14
N LYS H 378 22.73 -17.91 5.63
CA LYS H 378 22.14 -18.12 4.31
C LYS H 378 22.58 -17.05 3.32
N PHE H 379 22.70 -17.42 2.04
CA PHE H 379 23.11 -16.48 0.99
C PHE H 379 22.30 -16.64 -0.29
N GLU H 380 22.35 -15.61 -1.12
CA GLU H 380 21.65 -15.60 -2.40
C GLU H 380 22.65 -15.24 -3.49
N VAL H 381 22.65 -16.02 -4.57
CA VAL H 381 23.55 -15.77 -5.70
C VAL H 381 22.76 -15.54 -6.98
N LYS H 382 22.91 -14.36 -7.57
CA LYS H 382 22.22 -14.00 -8.80
C LYS H 382 23.19 -13.45 -9.83
N VAL H 383 23.02 -13.85 -11.08
CA VAL H 383 23.90 -13.37 -12.14
C VAL H 383 23.24 -12.24 -12.92
N ASP H 384 24.04 -11.22 -13.25
CA ASP H 384 23.52 -10.08 -14.01
C ASP H 384 24.57 -9.75 -15.07
N GLY H 385 24.54 -10.50 -16.18
CA GLY H 385 25.48 -10.31 -17.26
C GLY H 385 26.77 -11.06 -16.99
N ASP H 386 27.89 -10.34 -17.02
CA ASP H 386 29.20 -10.93 -16.76
C ASP H 386 29.48 -11.00 -15.27
N VAL H 387 28.64 -10.36 -14.47
CA VAL H 387 28.85 -10.29 -13.02
C VAL H 387 27.98 -11.22 -12.17
N VAL H 388 28.59 -11.70 -11.07
CA VAL H 388 27.93 -12.59 -10.10
C VAL H 388 27.70 -11.87 -8.76
N TYR H 389 26.45 -11.71 -8.37
CA TYR H 389 26.15 -11.04 -7.11
C TYR H 389 25.92 -11.97 -5.91
N LEU H 390 26.71 -11.76 -4.86
CA LEU H 390 26.60 -12.56 -3.63
C LEU H 390 25.90 -11.72 -2.56
N ARG H 391 24.68 -12.11 -2.20
CA ARG H 391 23.93 -11.36 -1.20
C ARG H 391 23.44 -12.21 -0.03
N ALA H 392 23.99 -11.92 1.15
CA ALA H 392 23.63 -12.63 2.37
C ALA H 392 22.16 -12.37 2.71
N LEU H 393 21.40 -13.44 2.95
CA LEU H 393 19.98 -13.33 3.26
C LEU H 393 19.64 -12.86 4.66
N GLY H 394 18.74 -11.88 4.72
CA GLY H 394 18.29 -11.32 5.97
C GLY H 394 17.43 -10.11 5.70
N ARG H 395 16.21 -10.08 6.24
CA ARG H 395 15.31 -8.95 6.02
C ARG H 395 15.88 -7.65 6.58
N ALA H 396 16.68 -7.77 7.64
CA ALA H 396 17.25 -6.60 8.30
C ALA H 396 18.76 -6.43 8.22
N PHE H 397 19.48 -7.44 7.72
CA PHE H 397 20.93 -7.31 7.67
C PHE H 397 21.68 -7.79 6.43
N THR H 398 23.00 -7.84 6.60
CA THR H 398 23.97 -8.28 5.61
C THR H 398 24.32 -7.28 4.50
N TYR H 399 25.19 -7.72 3.59
CA TYR H 399 25.67 -6.90 2.48
C TYR H 399 25.45 -7.51 1.10
N THR H 400 26.18 -6.99 0.12
CA THR H 400 26.10 -7.48 -1.25
C THR H 400 27.42 -7.30 -1.97
N ILE H 401 27.91 -8.37 -2.57
CA ILE H 401 29.18 -8.30 -3.24
C ILE H 401 29.13 -8.68 -4.71
N PRO H 402 29.66 -7.80 -5.58
CA PRO H 402 29.68 -8.08 -7.02
C PRO H 402 30.97 -8.86 -7.26
N LEU H 403 30.90 -9.97 -7.99
CA LEU H 403 32.10 -10.75 -8.25
C LEU H 403 32.41 -10.86 -9.73
N PHE H 404 33.67 -10.61 -10.08
CA PHE H 404 34.10 -10.70 -11.46
C PHE H 404 34.79 -12.04 -11.70
N PRO H 405 34.35 -12.79 -12.72
CA PRO H 405 34.96 -14.09 -13.04
C PRO H 405 36.35 -13.94 -13.63
N GLU H 406 37.33 -14.62 -13.04
CA GLU H 406 38.69 -14.57 -13.54
C GLU H 406 39.03 -15.86 -14.28
N VAL H 407 38.37 -16.95 -13.87
CA VAL H 407 38.56 -18.26 -14.48
C VAL H 407 37.21 -18.97 -14.64
N LEU H 408 36.91 -19.38 -15.87
CA LEU H 408 35.65 -20.06 -16.14
C LEU H 408 35.88 -21.44 -16.74
N GLU H 409 35.33 -22.44 -16.07
CA GLU H 409 35.44 -23.83 -16.49
C GLU H 409 34.12 -24.52 -16.22
N GLU H 410 33.89 -25.67 -16.85
CA GLU H 410 32.65 -26.40 -16.69
C GLU H 410 32.36 -26.77 -15.24
N ASP H 411 33.42 -26.97 -14.45
CA ASP H 411 33.28 -27.35 -13.04
C ASP H 411 33.99 -26.43 -12.05
N PHE H 412 34.40 -25.24 -12.47
CA PHE H 412 35.12 -24.36 -11.56
C PHE H 412 35.11 -22.91 -12.02
N ILE H 413 34.81 -22.03 -11.08
CA ILE H 413 34.78 -20.60 -11.33
C ILE H 413 35.52 -19.90 -10.22
N LYS H 414 36.45 -19.01 -10.57
CA LYS H 414 37.17 -18.22 -9.59
C LYS H 414 36.87 -16.77 -9.92
N CYS H 415 36.36 -16.05 -8.94
CA CYS H 415 36.01 -14.64 -9.07
C CYS H 415 36.70 -13.86 -7.96
N TYR H 416 36.79 -12.55 -8.14
CA TYR H 416 37.38 -11.69 -7.14
C TYR H 416 36.47 -10.48 -7.01
N THR H 417 36.52 -9.85 -5.86
CA THR H 417 35.73 -8.65 -5.61
C THR H 417 36.74 -7.66 -5.09
N LEU H 418 36.35 -6.41 -4.90
CA LEU H 418 37.32 -5.45 -4.41
C LEU H 418 37.11 -5.03 -2.98
N SER H 419 38.08 -5.38 -2.13
CA SER H 419 38.04 -5.03 -0.72
C SER H 419 39.40 -4.46 -0.35
N ASN H 420 39.41 -3.21 0.11
CA ASN H 420 40.64 -2.54 0.49
C ASN H 420 41.70 -2.65 -0.61
N GLY H 421 41.51 -1.89 -1.68
CA GLY H 421 42.47 -1.86 -2.78
C GLY H 421 42.80 -3.12 -3.58
N ARG H 422 42.96 -4.26 -2.89
CA ARG H 422 43.26 -5.51 -3.57
C ARG H 422 42.09 -6.50 -3.63
N LYS H 423 42.13 -7.39 -4.63
CA LYS H 423 41.08 -8.37 -4.86
C LYS H 423 40.98 -9.53 -3.84
N MET H 424 39.73 -9.83 -3.47
CA MET H 424 39.38 -10.89 -2.52
C MET H 424 38.66 -11.97 -3.34
N TYR H 425 39.14 -13.21 -3.28
CA TYR H 425 38.57 -14.30 -4.08
C TYR H 425 37.44 -15.19 -3.56
N ALA H 426 36.65 -15.70 -4.50
CA ALA H 426 35.54 -16.59 -4.23
C ALA H 426 35.60 -17.70 -5.29
N GLU H 427 35.57 -18.95 -4.85
CA GLU H 427 35.63 -20.08 -5.76
C GLU H 427 34.33 -20.90 -5.75
N PHE H 428 33.89 -21.31 -6.94
CA PHE H 428 32.69 -22.13 -7.09
C PHE H 428 33.11 -23.48 -7.65
N TYR H 429 32.72 -24.56 -6.98
CA TYR H 429 33.06 -25.89 -7.44
C TYR H 429 31.75 -26.56 -7.83
N ILE H 430 31.62 -26.87 -9.13
CA ILE H 430 30.40 -27.46 -9.67
C ILE H 430 30.51 -28.94 -10.00
N LYS H 431 29.78 -29.76 -9.26
CA LYS H 431 29.79 -31.21 -9.49
C LYS H 431 28.37 -31.76 -9.51
N ASP H 432 28.24 -33.06 -9.22
CA ASP H 432 26.97 -33.82 -9.17
C ASP H 432 25.73 -32.97 -8.87
N ASN H 433 25.38 -32.04 -9.76
CA ASN H 433 24.24 -31.15 -9.53
C ASN H 433 24.27 -30.58 -8.11
N LYS H 434 25.46 -30.11 -7.73
CA LYS H 434 25.70 -29.51 -6.42
C LYS H 434 26.78 -28.44 -6.62
N VAL H 435 26.79 -27.42 -5.78
CA VAL H 435 27.78 -26.35 -5.89
C VAL H 435 28.34 -25.92 -4.55
N ASP H 436 29.67 -26.03 -4.41
CA ASP H 436 30.36 -25.62 -3.19
C ASP H 436 30.97 -24.25 -3.45
N LEU H 437 30.71 -23.32 -2.54
CA LEU H 437 31.24 -21.97 -2.66
C LEU H 437 32.18 -21.69 -1.50
N ILE H 438 33.37 -21.23 -1.84
CA ILE H 438 34.38 -20.89 -0.85
C ILE H 438 34.62 -19.39 -1.02
N PHE H 439 34.36 -18.63 0.03
CA PHE H 439 34.54 -17.19 -0.02
C PHE H 439 35.09 -16.70 1.30
N GLU H 440 36.31 -16.16 1.27
CA GLU H 440 36.98 -15.65 2.45
C GLU H 440 37.04 -16.78 3.50
N ARG H 441 36.44 -16.55 4.67
CA ARG H 441 36.45 -17.53 5.76
C ARG H 441 35.35 -18.58 5.63
N TYR H 442 34.35 -18.30 4.82
CA TYR H 442 33.20 -19.18 4.68
C TYR H 442 33.21 -20.30 3.64
N ARG H 443 32.34 -21.27 3.88
CA ARG H 443 32.09 -22.38 2.99
C ARG H 443 30.56 -22.43 2.94
N LEU H 444 30.01 -22.40 1.74
CA LEU H 444 28.56 -22.41 1.57
C LEU H 444 28.20 -23.41 0.48
N ILE H 445 27.18 -24.23 0.74
CA ILE H 445 26.74 -25.23 -0.22
C ILE H 445 25.38 -24.86 -0.82
N LYS H 446 25.31 -24.87 -2.15
CA LYS H 446 24.09 -24.55 -2.91
C LYS H 446 22.84 -25.18 -2.34
N SER H 447 21.88 -24.32 -1.99
CA SER H 447 20.57 -24.65 -1.43
C SER H 447 20.54 -24.47 0.10
LU LU I . 34.93 49.81 22.02
LU LU J . 31.05 44.80 45.69
LU LU K . 57.30 -26.25 15.05
LU LU L . 58.56 -16.62 37.08
LU LU M . -16.76 -50.45 36.87
LU LU N . -1.19 -46.54 53.66
LU LU O . -39.01 25.62 44.78
LU LU P . -26.73 16.21 63.42
LU LU Q . -17.07 56.15 -25.95
LU LU R . -15.79 47.51 -49.28
N1 DO3 S . -16.70 57.96 -24.08
N2 DO3 S . -16.88 55.00 -23.63
N3 DO3 S . -14.84 54.45 -25.61
N4 DO3 S . -14.61 57.17 -26.25
O1 DO3 S . -17.70 58.72 -26.58
O3 DO3 S . -19.12 55.92 -25.22
O5 DO3 S . -17.43 54.04 -26.77
O7 DO3 S . -16.41 56.89 -28.56
C1 DO3 S . -16.76 57.44 -22.69
C2 DO3 S . -16.38 55.97 -22.53
C3 DO3 S . -16.05 53.80 -23.52
C4 DO3 S . -14.83 53.69 -24.43
C5 DO3 S . -13.51 55.06 -25.72
C6 DO3 S . -13.42 56.55 -25.70
C7 DO3 S . -14.69 58.51 -25.59
C8 DO3 S . -15.38 58.58 -24.20
C9 DO3 S . -18.24 59.35 -25.61
C10 DO3 S . -17.76 58.98 -24.22
C11 DO3 S . -19.37 55.43 -24.05
C12 DO3 S . -18.33 54.63 -23.37
C13 DO3 S . -16.56 53.21 -27.11
C14 DO3 S . -15.11 53.57 -26.79
C15 DO3 S . -15.39 57.76 -28.58
C16 DO3 S . -14.38 57.22 -27.74
C17 DO3 S . -14.92 57.93 -29.91
O2 DO3 S . -19.08 60.22 -25.74
O4 DO3 S . -20.44 55.60 -23.46
O6 DO3 S . -16.78 52.16 -27.68
LU LU T . -62.83 -7.88 -12.71
LU LU U . -61.04 0.60 -36.12
LU LU V . -30.93 29.09 -8.63
N1 DO3 W . -64.47 -6.67 -11.05
N2 DO3 W . -61.98 -7.74 -10.02
N3 DO3 W . -60.79 -6.10 -12.19
N4 DO3 W . -63.10 -5.85 -13.76
O1 DO3 W . -64.62 -9.47 -11.48
O3 DO3 W . -62.07 -10.33 -11.70
O5 DO3 W . -60.36 -8.73 -13.82
O7 DO3 W . -63.09 -8.46 -15.00
C1 DO3 W . -64.03 -6.19 -9.73
C2 DO3 W . -63.03 -7.11 -9.07
C3 DO3 W . -60.72 -7.00 -9.85
C4 DO3 W . -60.46 -5.87 -10.85
C5 DO3 W . -61.10 -4.80 -12.80
C6 DO3 W . -62.36 -4.63 -13.57
C7 DO3 W . -64.50 -5.54 -13.34
C8 DO3 W . -64.77 -5.46 -11.82
C9 DO3 W . -65.69 -8.81 -11.57
C10 DO3 W . -65.69 -7.47 -10.89
C11 DO3 W . -61.31 -10.06 -10.70
C12 DO3 W . -61.83 -9.18 -9.64
C13 DO3 W . -59.86 -7.60 -14.06
C14 DO3 W . -59.62 -6.71 -12.87
C15 DO3 W . -63.57 -7.42 -15.72
C16 DO3 W . -62.95 -6.21 -15.23
C17 DO3 W . -63.28 -7.62 -17.10
O2 DO3 W . -66.69 -9.19 -12.14
O4 DO3 W . -60.14 -10.50 -10.58
O6 DO3 W . -59.58 -7.18 -15.16
LU LU X . -1.02 -55.72 -32.55
LU LU Y . -15.30 -47.41 -50.70
LU LU Z . 20.62 -28.93 -25.11
N1 DO3 AA . -0.16 -57.60 -30.95
N2 DO3 AA . 0.32 -54.67 -30.41
N3 DO3 AA . -2.46 -54.02 -31.11
N4 DO3 AA . -3.08 -56.77 -31.78
O1 DO3 AA . -0.17 -57.86 -33.79
O3 DO3 AA . 1.34 -55.51 -32.86
O5 DO3 AA . -2.02 -51.79 -34.04
O7 DO3 AA . -2.48 -56.64 -34.64
C1 DO3 AA . 0.67 -57.17 -29.77
C2 DO3 AA . 0.45 -55.75 -29.31
C3 DO3 AA . -0.38 -53.53 -29.81
C4 DO3 AA . -1.90 -53.47 -29.95
C5 DO3 AA . -3.73 -54.66 -30.70
C6 DO3 AA . -3.86 -56.15 -30.72
C7 DO3 AA . -2.67 -58.11 -31.24
C8 DO3 AA . -1.39 -58.17 -30.38
C9 DO3 AA . 0.27 -58.85 -33.15
C10 DO3 AA . 0.60 -58.61 -31.68
C11 DO3 AA . 2.18 -54.94 -32.09
C12 DO3 AA . 1.69 -54.24 -30.89
C13 DO3 AA . -1.71 -52.67 -33.18
C14 DO3 AA . -2.74 -52.94 -32.09
C15 DO3 AA . -3.50 -57.41 -34.21
C16 DO3 AA . -4.01 -56.84 -32.99
C17 DO3 AA . -4.51 -57.46 -35.20
O2 DO3 AA . 0.43 -59.95 -33.62
O4 DO3 AA . 3.40 -54.94 -32.31
O6 DO3 AA . -0.66 -53.29 -33.16
LU LU BA . 44.62 8.16 -46.00
N1 DO3 CA . 45.79 5.78 -45.92
N2 DO3 CA . 47.12 8.41 -45.61
N3 DO3 CA . 45.18 8.72 -43.38
N4 DO3 CA . 43.49 6.65 -44.34
O1 DO3 CA . 44.62 7.11 -48.25
O3 DO3 CA . 45.30 9.77 -47.54
O5 DO3 CA . 42.90 10.20 -44.70
O7 DO3 CA . 42.45 8.14 -46.72
C1 DO3 CA . 47.16 5.84 -45.39
C2 DO3 CA . 47.91 7.09 -45.76
C3 DO3 CA . 47.50 9.00 -44.31
C4 DO3 CA . 46.57 8.68 -43.13
C5 DO3 CA . 44.54 7.81 -42.43
C6 DO3 CA . 43.61 6.76 -42.91
C7 DO3 CA . 43.70 5.21 -44.63
C8 DO3 CA . 45.10 4.80 -45.11
C9 DO3 CA . 44.73 5.85 -48.21
C10 DO3 CA . 45.82 5.33 -47.31
C11 DO3 CA . 46.43 10.26 -47.17
C12 DO3 CA . 47.49 9.32 -46.75
C13 DO3 CA . 43.98 10.76 -44.34
C14 DO3 CA . 44.70 10.11 -43.18
C15 DO3 CA . 41.75 7.17 -46.11
C16 DO3 CA . 42.12 7.15 -44.72
C17 DO3 CA . 40.36 7.43 -46.26
O2 DO3 CA . 44.05 5.07 -48.82
O4 DO3 CA . 46.69 11.48 -47.17
O6 DO3 CA . 44.47 11.74 -44.85
#